data_3HDY
#
_entry.id   3HDY
#
_cell.length_a   132.820
_cell.length_b   174.628
_cell.length_c   218.192
_cell.angle_alpha   90.00
_cell.angle_beta   90.00
_cell.angle_gamma   90.00
#
_symmetry.space_group_name_H-M   'P 21 21 21'
#
loop_
_entity.id
_entity.type
_entity.pdbx_description
1 polymer 'UDP-galactopyranose mutase'
2 non-polymer "GALACTOSE-URIDINE-5'-DIPHOSPHATE"
3 non-polymer 'FLAVIN-ADENINE DINUCLEOTIDE'
4 non-polymer 'DIHYDROFLAVINE-ADENINE DINUCLEOTIDE'
5 water water
#
_entity_poly.entity_id   1
_entity_poly.type   'polypeptide(L)'
_entity_poly.pdbx_seq_one_letter_code
;MPMTDLPSAVTNERTEQTNTTNEQQESKGFDYLIVGAGFAGSVLAERLASSGQRVLIVDRRPHIGGNAYDCYDDAGVLIH
PYGPHIFHTNSKDVFEYLSRFTEWRPYQHRVLASVDGQLLPIPINLDTVNRLYGLNLTSFQVEEFFASVAEKVEQVRTSE
DVVVSKVGRDLYNKFFRGYTRKQWGLDPSELDASVTARVPTRTNRDNRYFADTYQAMPLHGYTRMFQNMLSSPNIKVMLN
TDYREIADFIPFQHMIYTGPVDAFFDFCYGKLPYRSLEFRHETHDTEQLLPTGTVNYPNDYAYTRVSEFKHITGQRHHQT
SVVYEYPRAEGDPYYPVPRPENAELYKKYEALADAAQDVTFVGRLATYRYYNMDQVVAQALATFRRLQGQPEQGNAE
;
_entity_poly.pdbx_strand_id   A,B,C,D,E,F,G,H,I,J
#
loop_
_chem_comp.id
_chem_comp.type
_chem_comp.name
_chem_comp.formula
FAD non-polymer 'FLAVIN-ADENINE DINUCLEOTIDE' 'C27 H33 N9 O15 P2'
FDA non-polymer 'DIHYDROFLAVINE-ADENINE DINUCLEOTIDE' 'C27 H35 N9 O15 P2'
GDU non-polymer GALACTOSE-URIDINE-5'-DIPHOSPHATE 'C15 H24 N2 O17 P2'
#
# COMPACT_ATOMS: atom_id res chain seq x y z
N GLN A 25 4.56 76.89 -5.61
CA GLN A 25 3.78 75.66 -5.51
C GLN A 25 4.69 74.43 -5.42
N GLU A 26 4.21 73.42 -4.71
CA GLU A 26 5.00 72.21 -4.43
C GLU A 26 4.95 71.18 -5.55
N SER A 27 5.51 70.00 -5.26
CA SER A 27 5.64 68.92 -6.24
C SER A 27 4.31 68.45 -6.80
N LYS A 28 4.35 67.86 -7.99
CA LYS A 28 3.17 67.26 -8.61
C LYS A 28 3.03 65.82 -8.10
N GLY A 29 4.16 65.13 -8.02
CA GLY A 29 4.21 63.79 -7.47
C GLY A 29 3.39 62.77 -8.23
N PHE A 30 2.88 61.79 -7.50
CA PHE A 30 2.06 60.72 -8.08
C PHE A 30 0.75 61.26 -8.64
N ASP A 31 0.36 60.77 -9.81
CA ASP A 31 -0.91 61.16 -10.40
C ASP A 31 -2.07 60.68 -9.52
N TYR A 32 -1.90 59.50 -8.92
CA TYR A 32 -2.92 58.91 -8.07
C TYR A 32 -2.30 58.24 -6.85
N LEU A 33 -2.79 58.61 -5.67
CA LEU A 33 -2.48 57.88 -4.45
C LEU A 33 -3.68 57.02 -4.10
N ILE A 34 -3.51 55.71 -4.18
CA ILE A 34 -4.62 54.79 -3.96
C ILE A 34 -4.48 54.06 -2.63
N VAL A 35 -5.53 54.17 -1.81
CA VAL A 35 -5.52 53.58 -0.47
C VAL A 35 -6.28 52.28 -0.44
N GLY A 36 -5.54 51.18 -0.23
CA GLY A 36 -6.11 49.85 -0.25
C GLY A 36 -5.58 49.02 -1.40
N ALA A 37 -5.14 47.80 -1.10
CA ALA A 37 -4.61 46.92 -2.13
C ALA A 37 -5.55 45.76 -2.43
N GLY A 38 -6.83 45.97 -2.13
CA GLY A 38 -7.85 44.98 -2.43
C GLY A 38 -8.24 45.07 -3.89
N PHE A 39 -9.35 44.42 -4.26
CA PHE A 39 -9.80 44.49 -5.65
C PHE A 39 -10.05 45.93 -6.07
N ALA A 40 -10.58 46.74 -5.15
CA ALA A 40 -10.93 48.11 -5.47
C ALA A 40 -9.69 48.92 -5.83
N GLY A 41 -8.66 48.80 -5.01
CA GLY A 41 -7.42 49.51 -5.27
C GLY A 41 -6.66 48.96 -6.45
N SER A 42 -6.40 47.66 -6.42
CA SER A 42 -5.57 47.00 -7.43
C SER A 42 -6.12 47.17 -8.84
N VAL A 43 -7.43 47.01 -9.00
CA VAL A 43 -8.02 47.13 -10.34
C VAL A 43 -7.83 48.53 -10.89
N LEU A 44 -8.01 49.54 -10.05
CA LEU A 44 -7.83 50.92 -10.48
C LEU A 44 -6.35 51.26 -10.72
N ALA A 45 -5.46 50.62 -9.97
CA ALA A 45 -4.03 50.81 -10.15
C ALA A 45 -3.60 50.29 -11.52
N GLU A 46 -3.96 49.05 -11.81
CA GLU A 46 -3.63 48.44 -13.10
C GLU A 46 -4.18 49.27 -14.25
N ARG A 47 -5.45 49.66 -14.15
CA ARG A 47 -6.10 50.43 -15.19
C ARG A 47 -5.44 51.80 -15.37
N LEU A 48 -5.15 52.46 -14.27
CA LEU A 48 -4.49 53.77 -14.29
C LEU A 48 -3.07 53.72 -14.86
N ALA A 49 -2.28 52.76 -14.37
CA ALA A 49 -0.91 52.58 -14.83
C ALA A 49 -0.86 52.23 -16.31
N SER A 50 -1.74 51.34 -16.74
CA SER A 50 -1.78 50.91 -18.13
C SER A 50 -2.08 52.10 -19.03
N SER A 51 -2.71 53.12 -18.47
CA SER A 51 -3.08 54.29 -19.24
C SER A 51 -1.98 55.33 -19.19
N GLY A 52 -0.99 55.11 -18.34
CA GLY A 52 0.19 55.96 -18.32
C GLY A 52 0.35 56.82 -17.08
N GLN A 53 -0.51 56.62 -16.09
CA GLN A 53 -0.47 57.38 -14.85
C GLN A 53 0.52 56.77 -13.86
N ARG A 54 1.17 57.62 -13.08
CA ARG A 54 2.04 57.14 -12.01
C ARG A 54 1.25 56.93 -10.74
N VAL A 55 1.26 55.69 -10.26
CA VAL A 55 0.41 55.31 -9.15
C VAL A 55 1.21 54.89 -7.93
N LEU A 56 0.80 55.38 -6.76
CA LEU A 56 1.30 54.86 -5.51
C LEU A 56 0.14 54.20 -4.78
N ILE A 57 0.16 52.87 -4.73
CA ILE A 57 -0.86 52.13 -4.02
C ILE A 57 -0.32 51.74 -2.64
N VAL A 58 -1.09 52.06 -1.60
CA VAL A 58 -0.63 51.90 -0.23
C VAL A 58 -1.64 51.08 0.56
N ASP A 59 -1.16 50.35 1.57
CA ASP A 59 -2.05 49.56 2.42
C ASP A 59 -1.44 49.37 3.81
N ARG A 60 -2.28 49.47 4.84
CA ARG A 60 -1.82 49.38 6.22
C ARG A 60 -1.37 47.96 6.56
N ARG A 61 -1.93 46.97 5.86
CA ARG A 61 -1.51 45.59 6.03
C ARG A 61 -0.18 45.37 5.31
N PRO A 62 0.52 44.27 5.65
CA PRO A 62 1.84 43.96 5.08
C PRO A 62 1.75 43.14 3.79
N HIS A 63 0.58 43.15 3.15
CA HIS A 63 0.37 42.36 1.95
C HIS A 63 -0.71 42.98 1.08
N ILE A 64 -0.72 42.59 -0.19
CA ILE A 64 -1.72 43.05 -1.14
C ILE A 64 -2.95 42.14 -1.13
N GLY A 65 -4.02 42.56 -1.81
CA GLY A 65 -5.19 41.72 -1.99
C GLY A 65 -6.33 41.88 -1.00
N GLY A 66 -6.17 42.77 -0.02
CA GLY A 66 -7.20 42.99 0.97
C GLY A 66 -7.69 41.70 1.61
N ASN A 67 -9.00 41.50 1.60
CA ASN A 67 -9.61 40.28 2.15
C ASN A 67 -9.31 39.04 1.33
N ALA A 68 -9.02 39.23 0.05
CA ALA A 68 -8.86 38.12 -0.88
C ALA A 68 -7.45 37.56 -0.86
N TYR A 69 -6.60 38.09 0.02
CA TYR A 69 -5.23 37.63 0.13
C TYR A 69 -5.20 36.14 0.48
N ASP A 70 -4.27 35.42 -0.12
CA ASP A 70 -4.07 34.01 0.22
C ASP A 70 -2.60 33.66 0.32
N CYS A 71 -2.30 32.66 1.14
CA CYS A 71 -0.92 32.28 1.38
C CYS A 71 -0.83 30.82 1.84
N TYR A 72 0.36 30.26 1.77
CA TYR A 72 0.60 28.94 2.33
C TYR A 72 0.83 29.08 3.82
N ASP A 73 0.37 28.10 4.59
CA ASP A 73 0.58 28.12 6.04
C ASP A 73 1.83 27.30 6.40
N ASP A 74 2.01 27.03 7.68
CA ASP A 74 3.22 26.34 8.13
C ASP A 74 3.27 24.90 7.62
N ALA A 75 2.11 24.37 7.27
CA ALA A 75 2.01 22.99 6.82
C ALA A 75 2.16 22.87 5.31
N GLY A 76 2.13 24.01 4.62
CA GLY A 76 2.26 24.00 3.17
C GLY A 76 0.91 23.93 2.50
N VAL A 77 -0.13 24.38 3.20
CA VAL A 77 -1.48 24.41 2.66
C VAL A 77 -1.85 25.82 2.25
N LEU A 78 -2.24 25.98 0.99
CA LEU A 78 -2.72 27.26 0.51
C LEU A 78 -4.04 27.58 1.21
N ILE A 79 -4.12 28.73 1.87
CA ILE A 79 -5.31 29.10 2.63
C ILE A 79 -5.69 30.57 2.47
N HIS A 80 -6.91 30.92 2.89
CA HIS A 80 -7.33 32.30 2.91
C HIS A 80 -7.41 32.79 4.35
N PRO A 81 -6.41 33.57 4.77
CA PRO A 81 -6.35 34.06 6.15
C PRO A 81 -7.63 34.79 6.57
N TYR A 82 -8.29 35.46 5.64
CA TYR A 82 -9.48 36.26 5.98
C TYR A 82 -10.81 35.59 5.64
N GLY A 83 -10.83 34.26 5.61
CA GLY A 83 -12.06 33.53 5.33
C GLY A 83 -12.13 33.03 3.91
N PRO A 84 -13.11 32.18 3.61
CA PRO A 84 -13.25 31.53 2.30
C PRO A 84 -13.66 32.53 1.25
N HIS A 85 -12.90 32.61 0.15
CA HIS A 85 -13.24 33.51 -0.95
C HIS A 85 -13.44 32.73 -2.26
N ILE A 86 -14.69 32.52 -2.62
CA ILE A 86 -15.00 31.82 -3.86
C ILE A 86 -15.38 32.84 -4.93
N PHE A 87 -14.68 32.79 -6.05
CA PHE A 87 -14.98 33.73 -7.13
C PHE A 87 -16.10 33.25 -8.06
N HIS A 88 -17.09 34.11 -8.27
CA HIS A 88 -18.20 33.82 -9.17
C HIS A 88 -18.67 35.10 -9.83
N THR A 89 -19.04 35.01 -11.11
CA THR A 89 -19.59 36.17 -11.79
C THR A 89 -20.43 35.76 -12.99
N ASN A 90 -21.34 36.64 -13.38
CA ASN A 90 -22.12 36.47 -14.59
C ASN A 90 -21.68 37.46 -15.63
N SER A 91 -20.81 38.38 -15.22
CA SER A 91 -20.26 39.39 -16.11
C SER A 91 -19.10 38.83 -16.93
N LYS A 92 -19.31 38.70 -18.23
CA LYS A 92 -18.24 38.24 -19.10
C LYS A 92 -17.09 39.23 -19.01
N ASP A 93 -17.43 40.51 -19.03
CA ASP A 93 -16.46 41.59 -18.95
C ASP A 93 -15.47 41.35 -17.82
N VAL A 94 -15.99 41.20 -16.61
CA VAL A 94 -15.16 41.01 -15.41
C VAL A 94 -14.28 39.77 -15.52
N PHE A 95 -14.87 38.66 -15.96
CA PHE A 95 -14.13 37.41 -16.06
C PHE A 95 -12.94 37.53 -17.01
N GLU A 96 -13.17 38.13 -18.17
CA GLU A 96 -12.08 38.28 -19.14
C GLU A 96 -11.01 39.23 -18.61
N TYR A 97 -11.42 40.26 -17.88
CA TYR A 97 -10.45 41.18 -17.29
C TYR A 97 -9.50 40.43 -16.35
N LEU A 98 -10.04 39.80 -15.31
CA LEU A 98 -9.22 39.01 -14.39
C LEU A 98 -8.44 37.90 -15.10
N SER A 99 -8.95 37.46 -16.25
CA SER A 99 -8.28 36.40 -17.00
C SER A 99 -6.94 36.87 -17.54
N ARG A 100 -6.76 38.18 -17.61
CA ARG A 100 -5.50 38.75 -18.06
C ARG A 100 -4.39 38.58 -17.03
N PHE A 101 -4.77 38.20 -15.81
CA PHE A 101 -3.79 38.13 -14.73
C PHE A 101 -3.70 36.76 -14.06
N THR A 102 -4.41 35.78 -14.59
CA THR A 102 -4.39 34.44 -14.00
C THR A 102 -5.13 33.40 -14.82
N GLU A 103 -4.68 32.16 -14.73
CA GLU A 103 -5.40 31.04 -15.31
C GLU A 103 -6.45 30.60 -14.29
N TRP A 104 -7.37 29.72 -14.70
CA TRP A 104 -8.50 29.38 -13.86
C TRP A 104 -8.61 27.88 -13.56
N ARG A 105 -9.08 27.57 -12.36
CA ARG A 105 -9.47 26.21 -11.98
C ARG A 105 -10.98 26.18 -11.80
N PRO A 106 -11.71 25.54 -12.72
CA PRO A 106 -13.17 25.49 -12.62
C PRO A 106 -13.62 24.91 -11.29
N TYR A 107 -14.38 25.70 -10.53
CA TYR A 107 -14.89 25.25 -9.24
C TYR A 107 -16.29 25.82 -8.96
N GLN A 108 -17.19 24.95 -8.52
CA GLN A 108 -18.54 25.37 -8.17
C GLN A 108 -18.84 25.07 -6.70
N HIS A 109 -18.64 26.10 -5.86
CA HIS A 109 -18.79 25.99 -4.41
C HIS A 109 -20.13 25.41 -3.99
N ARG A 110 -20.10 24.54 -2.99
CA ARG A 110 -21.30 23.90 -2.47
C ARG A 110 -21.31 23.90 -0.95
N VAL A 111 -22.30 24.56 -0.37
CA VAL A 111 -22.40 24.66 1.08
C VAL A 111 -23.39 23.64 1.64
N LEU A 112 -23.08 23.13 2.83
CA LEU A 112 -24.01 22.31 3.58
C LEU A 112 -24.34 23.01 4.90
N ALA A 113 -25.62 22.97 5.29
CA ALA A 113 -26.04 23.57 6.54
C ALA A 113 -26.40 22.48 7.56
N SER A 114 -25.88 22.62 8.78
CA SER A 114 -26.18 21.65 9.83
C SER A 114 -27.49 21.98 10.55
N VAL A 115 -28.56 21.31 10.13
CA VAL A 115 -29.87 21.52 10.74
C VAL A 115 -30.44 20.19 11.22
N ASP A 116 -31.00 20.18 12.43
CA ASP A 116 -31.53 18.96 13.02
C ASP A 116 -30.52 17.81 12.93
N GLY A 117 -29.26 18.10 13.21
CA GLY A 117 -28.22 17.09 13.18
C GLY A 117 -27.82 16.60 11.80
N GLN A 118 -28.48 17.11 10.77
CA GLN A 118 -28.19 16.68 9.41
C GLN A 118 -27.33 17.71 8.68
N LEU A 119 -26.83 17.33 7.51
CA LEU A 119 -26.18 18.25 6.61
C LEU A 119 -27.05 18.43 5.38
N LEU A 120 -27.84 19.50 5.38
CA LEU A 120 -28.79 19.73 4.30
C LEU A 120 -28.27 20.84 3.39
N PRO A 121 -28.68 20.80 2.11
CA PRO A 121 -28.27 21.78 1.12
C PRO A 121 -28.82 23.17 1.44
N ILE A 122 -28.01 24.19 1.20
CA ILE A 122 -28.42 25.58 1.33
C ILE A 122 -27.67 26.35 0.26
N PRO A 123 -28.38 27.12 -0.58
CA PRO A 123 -29.80 27.44 -0.63
C PRO A 123 -30.76 26.29 -0.36
N ILE A 124 -31.88 26.61 0.27
CA ILE A 124 -32.96 25.64 0.48
C ILE A 124 -33.49 25.19 -0.87
N ASN A 125 -33.64 23.88 -1.05
CA ASN A 125 -34.16 23.33 -2.29
C ASN A 125 -35.00 22.10 -2.05
N LEU A 126 -35.35 21.41 -3.13
CA LEU A 126 -36.23 20.24 -3.05
C LEU A 126 -35.66 19.19 -2.10
N ASP A 127 -34.37 18.92 -2.23
CA ASP A 127 -33.72 17.91 -1.41
C ASP A 127 -33.67 18.34 0.06
N THR A 128 -33.49 19.64 0.29
CA THR A 128 -33.46 20.16 1.65
C THR A 128 -34.79 19.89 2.36
N VAL A 129 -35.89 20.15 1.66
CA VAL A 129 -37.21 19.96 2.22
C VAL A 129 -37.52 18.48 2.43
N ASN A 130 -37.37 17.70 1.36
CA ASN A 130 -37.61 16.27 1.42
C ASN A 130 -36.82 15.58 2.53
N ARG A 131 -35.53 15.85 2.60
CA ARG A 131 -34.67 15.19 3.58
C ARG A 131 -34.97 15.62 5.01
N LEU A 132 -35.30 16.88 5.20
CA LEU A 132 -35.56 17.40 6.55
C LEU A 132 -36.84 16.83 7.14
N TYR A 133 -37.91 16.86 6.37
CA TYR A 133 -39.22 16.44 6.84
C TYR A 133 -39.55 15.01 6.46
N GLY A 134 -38.60 14.34 5.80
CA GLY A 134 -38.83 12.98 5.34
C GLY A 134 -39.98 12.93 4.36
N LEU A 135 -40.03 13.90 3.46
CA LEU A 135 -41.08 13.97 2.45
C LEU A 135 -40.62 13.37 1.13
N ASN A 136 -41.55 13.28 0.19
CA ASN A 136 -41.26 12.79 -1.16
C ASN A 136 -41.89 13.69 -2.21
N LEU A 137 -41.79 14.99 -1.98
CA LEU A 137 -42.36 15.95 -2.92
C LEU A 137 -41.60 15.96 -4.24
N THR A 138 -42.33 16.15 -5.33
CA THR A 138 -41.72 16.45 -6.61
C THR A 138 -41.44 17.95 -6.63
N SER A 139 -40.65 18.40 -7.59
CA SER A 139 -40.39 19.83 -7.73
C SER A 139 -41.70 20.61 -7.78
N PHE A 140 -42.64 20.11 -8.56
CA PHE A 140 -43.94 20.77 -8.75
C PHE A 140 -44.71 20.84 -7.44
N GLN A 141 -44.42 19.90 -6.54
CA GLN A 141 -45.14 19.82 -5.28
C GLN A 141 -44.56 20.76 -4.24
N VAL A 142 -43.23 20.83 -4.19
CA VAL A 142 -42.55 21.67 -3.22
C VAL A 142 -42.88 23.14 -3.46
N GLU A 143 -43.37 23.45 -4.65
CA GLU A 143 -43.81 24.81 -4.97
C GLU A 143 -45.15 25.08 -4.29
N GLU A 144 -46.06 24.13 -4.39
CA GLU A 144 -47.34 24.22 -3.71
C GLU A 144 -47.11 24.15 -2.21
N PHE A 145 -46.14 23.32 -1.80
CA PHE A 145 -45.80 23.19 -0.40
C PHE A 145 -45.39 24.52 0.21
N PHE A 146 -44.41 25.17 -0.41
CA PHE A 146 -43.96 26.50 0.04
C PHE A 146 -45.14 27.47 0.09
N ALA A 147 -45.93 27.50 -0.97
CA ALA A 147 -47.09 28.36 -1.04
C ALA A 147 -47.97 28.20 0.20
N SER A 148 -48.13 26.96 0.65
CA SER A 148 -49.06 26.64 1.72
C SER A 148 -48.56 27.00 3.11
N VAL A 149 -47.28 27.33 3.23
CA VAL A 149 -46.71 27.67 4.53
C VAL A 149 -46.17 29.10 4.56
N ALA A 150 -46.16 29.74 3.40
CA ALA A 150 -45.63 31.09 3.31
C ALA A 150 -46.51 32.08 4.06
N GLU A 151 -45.89 32.98 4.81
CA GLU A 151 -46.61 34.08 5.43
C GLU A 151 -46.67 35.24 4.44
N LYS A 152 -47.85 35.82 4.26
CA LYS A 152 -47.99 36.94 3.35
C LYS A 152 -47.53 38.25 3.95
N VAL A 153 -46.93 39.08 3.11
CA VAL A 153 -46.41 40.37 3.54
C VAL A 153 -46.87 41.44 2.56
N GLU A 154 -47.54 42.47 3.08
CA GLU A 154 -48.02 43.59 2.27
C GLU A 154 -46.88 44.15 1.43
N GLN A 155 -45.73 44.36 2.06
CA GLN A 155 -44.56 44.86 1.38
C GLN A 155 -43.30 44.38 2.10
N VAL A 156 -42.45 43.67 1.37
CA VAL A 156 -41.23 43.11 1.93
C VAL A 156 -40.18 44.19 2.21
N ARG A 157 -39.68 44.23 3.44
CA ARG A 157 -38.67 45.23 3.80
C ARG A 157 -37.50 44.64 4.58
N THR A 158 -37.80 43.75 5.53
CA THR A 158 -36.77 43.16 6.38
C THR A 158 -36.26 41.83 5.84
N SER A 159 -35.17 41.34 6.43
CA SER A 159 -34.65 40.02 6.10
C SER A 159 -35.62 38.93 6.53
N GLU A 160 -36.50 39.26 7.47
CA GLU A 160 -37.53 38.33 7.91
C GLU A 160 -38.61 38.20 6.85
N ASP A 161 -38.92 39.31 6.16
CA ASP A 161 -39.93 39.31 5.13
C ASP A 161 -39.56 38.49 3.89
N VAL A 162 -38.35 38.70 3.37
CA VAL A 162 -37.93 38.00 2.16
C VAL A 162 -38.00 36.48 2.31
N VAL A 163 -37.60 35.99 3.47
CA VAL A 163 -37.58 34.55 3.74
C VAL A 163 -38.97 34.02 4.04
N VAL A 164 -39.54 34.48 5.14
CA VAL A 164 -40.83 34.03 5.62
C VAL A 164 -41.93 34.05 4.54
N SER A 165 -41.85 35.00 3.62
CA SER A 165 -42.88 35.13 2.59
C SER A 165 -42.70 34.11 1.47
N LYS A 166 -41.61 33.36 1.53
CA LYS A 166 -41.28 32.40 0.48
C LYS A 166 -41.28 30.95 0.96
N VAL A 167 -40.67 30.69 2.11
CA VAL A 167 -40.55 29.32 2.61
C VAL A 167 -41.19 29.09 3.99
N GLY A 168 -41.78 30.13 4.55
CA GLY A 168 -42.53 29.99 5.80
C GLY A 168 -41.72 30.13 7.08
N ARG A 169 -42.44 30.22 8.19
CA ARG A 169 -41.84 30.49 9.50
C ARG A 169 -40.89 29.39 9.99
N ASP A 170 -41.25 28.13 9.75
CA ASP A 170 -40.50 27.00 10.29
C ASP A 170 -39.13 26.85 9.61
N LEU A 171 -39.12 26.94 8.30
CA LEU A 171 -37.87 26.88 7.56
C LEU A 171 -37.01 28.10 7.87
N TYR A 172 -37.66 29.27 7.91
CA TYR A 172 -37.00 30.51 8.33
C TYR A 172 -36.26 30.29 9.64
N ASN A 173 -36.98 29.86 10.67
CA ASN A 173 -36.38 29.64 11.98
C ASN A 173 -35.18 28.70 11.95
N LYS A 174 -35.22 27.71 11.06
CA LYS A 174 -34.24 26.64 11.07
C LYS A 174 -32.97 26.95 10.29
N PHE A 175 -33.10 27.77 9.25
CA PHE A 175 -31.97 28.04 8.36
C PHE A 175 -31.45 29.47 8.42
N PHE A 176 -32.30 30.42 8.79
CA PHE A 176 -31.95 31.84 8.70
C PHE A 176 -31.88 32.58 10.04
N ARG A 177 -32.94 32.49 10.84
CA ARG A 177 -33.06 33.32 12.03
C ARG A 177 -31.87 33.18 12.98
N GLY A 178 -31.47 31.95 13.26
CA GLY A 178 -30.36 31.70 14.15
C GLY A 178 -29.03 32.15 13.58
N TYR A 179 -28.82 31.84 12.31
CA TYR A 179 -27.57 32.19 11.63
C TYR A 179 -27.40 33.70 11.57
N THR A 180 -28.45 34.38 11.08
CA THR A 180 -28.46 35.83 10.96
C THR A 180 -28.19 36.51 12.31
N ARG A 181 -28.92 36.10 13.34
CA ARG A 181 -28.73 36.66 14.67
C ARG A 181 -27.28 36.55 15.12
N LYS A 182 -26.64 35.43 14.77
CA LYS A 182 -25.27 35.18 15.19
C LYS A 182 -24.27 36.02 14.40
N GLN A 183 -24.47 36.10 13.10
CA GLN A 183 -23.56 36.82 12.21
C GLN A 183 -23.57 38.33 12.46
N TRP A 184 -24.76 38.90 12.58
CA TRP A 184 -24.89 40.36 12.66
C TRP A 184 -25.13 40.86 14.08
N GLY A 185 -25.63 39.98 14.94
CA GLY A 185 -26.05 40.40 16.27
C GLY A 185 -27.38 41.12 16.19
N LEU A 186 -28.11 40.89 15.10
CA LEU A 186 -29.41 41.50 14.87
C LEU A 186 -30.41 40.45 14.40
N ASP A 187 -31.67 40.61 14.78
CA ASP A 187 -32.75 39.77 14.24
C ASP A 187 -32.90 40.13 12.76
N PRO A 188 -33.31 39.16 11.94
CA PRO A 188 -33.52 39.40 10.50
C PRO A 188 -34.48 40.55 10.26
N SER A 189 -35.35 40.82 11.24
CA SER A 189 -36.26 41.95 11.16
C SER A 189 -35.53 43.28 11.31
N GLU A 190 -34.35 43.23 11.93
CA GLU A 190 -33.54 44.43 12.12
C GLU A 190 -32.52 44.63 11.00
N LEU A 191 -32.68 43.88 9.92
CA LEU A 191 -31.81 44.01 8.74
C LEU A 191 -32.65 44.21 7.49
N ASP A 192 -32.09 44.92 6.53
CA ASP A 192 -32.74 45.14 5.24
C ASP A 192 -32.98 43.82 4.51
N ALA A 193 -34.02 43.78 3.69
CA ALA A 193 -34.35 42.59 2.91
C ALA A 193 -33.16 42.06 2.11
N SER A 194 -32.30 42.95 1.65
CA SER A 194 -31.21 42.58 0.75
C SER A 194 -30.24 41.57 1.37
N VAL A 195 -30.20 41.48 2.70
CA VAL A 195 -29.21 40.64 3.36
C VAL A 195 -29.47 39.15 3.15
N THR A 196 -30.65 38.68 3.55
CA THR A 196 -30.95 37.25 3.41
C THR A 196 -31.46 36.92 2.00
N ALA A 197 -31.84 37.95 1.25
CA ALA A 197 -32.27 37.76 -0.12
C ALA A 197 -31.10 37.37 -1.02
N ARG A 198 -29.89 37.38 -0.44
CA ARG A 198 -28.69 36.94 -1.15
C ARG A 198 -28.73 35.43 -1.41
N VAL A 199 -29.34 34.71 -0.48
CA VAL A 199 -29.46 33.26 -0.60
C VAL A 199 -30.82 32.92 -1.19
N PRO A 200 -30.84 32.46 -2.44
CA PRO A 200 -32.08 32.11 -3.14
C PRO A 200 -32.77 30.91 -2.50
N THR A 201 -34.07 30.78 -2.73
CA THR A 201 -34.79 29.60 -2.32
C THR A 201 -35.21 28.88 -3.60
N ARG A 202 -35.03 27.56 -3.62
CA ARG A 202 -35.23 26.82 -4.85
C ARG A 202 -36.31 25.75 -4.77
N THR A 203 -36.90 25.45 -5.92
CA THR A 203 -37.84 24.35 -6.03
C THR A 203 -37.21 23.20 -6.81
N ASN A 204 -36.09 23.49 -7.47
CA ASN A 204 -35.34 22.46 -8.20
C ASN A 204 -34.34 21.75 -7.29
N ARG A 205 -33.43 20.99 -7.87
CA ARG A 205 -32.50 20.22 -7.05
C ARG A 205 -31.07 20.72 -7.14
N ASP A 206 -30.92 22.00 -7.48
CA ASP A 206 -29.61 22.64 -7.54
C ASP A 206 -29.06 22.87 -6.14
N ASN A 207 -27.86 22.33 -5.88
CA ASN A 207 -27.23 22.49 -4.58
C ASN A 207 -25.98 23.37 -4.64
N ARG A 208 -25.73 23.97 -5.80
CA ARG A 208 -24.68 24.98 -5.91
C ARG A 208 -25.04 26.20 -5.05
N TYR A 209 -24.03 26.89 -4.53
CA TYR A 209 -24.29 28.09 -3.77
C TYR A 209 -24.49 29.26 -4.73
N PHE A 210 -23.90 29.15 -5.91
CA PHE A 210 -24.01 30.18 -6.93
C PHE A 210 -24.45 29.56 -8.24
N ALA A 211 -25.29 30.28 -8.99
CA ALA A 211 -25.77 29.78 -10.28
C ALA A 211 -25.15 30.58 -11.42
N ASP A 212 -24.10 31.33 -11.12
CA ASP A 212 -23.46 32.23 -12.07
C ASP A 212 -22.78 31.49 -13.23
N THR A 213 -22.67 32.19 -14.37
CA THR A 213 -22.07 31.64 -15.56
C THR A 213 -20.62 31.24 -15.33
N TYR A 214 -19.85 32.16 -14.77
CA TYR A 214 -18.42 31.96 -14.60
C TYR A 214 -18.05 31.74 -13.13
N GLN A 215 -17.75 30.48 -12.80
CA GLN A 215 -17.35 30.13 -11.44
C GLN A 215 -16.04 29.38 -11.49
N ALA A 216 -14.99 30.01 -10.97
CA ALA A 216 -13.68 29.38 -10.96
C ALA A 216 -12.75 30.07 -9.97
N MET A 217 -11.77 29.33 -9.49
CA MET A 217 -10.76 29.88 -8.61
C MET A 217 -9.50 30.19 -9.39
N PRO A 218 -8.82 31.29 -9.04
CA PRO A 218 -7.52 31.61 -9.63
C PRO A 218 -6.54 30.46 -9.43
N LEU A 219 -6.09 29.87 -10.53
CA LEU A 219 -5.32 28.62 -10.51
C LEU A 219 -4.20 28.54 -9.47
N HIS A 220 -3.51 29.65 -9.22
CA HIS A 220 -2.42 29.64 -8.24
C HIS A 220 -2.68 30.59 -7.08
N GLY A 221 -3.95 30.90 -6.86
CA GLY A 221 -4.34 31.76 -5.75
C GLY A 221 -4.58 33.20 -6.16
N TYR A 222 -5.18 33.96 -5.26
CA TYR A 222 -5.45 35.38 -5.50
C TYR A 222 -4.18 36.20 -5.48
N THR A 223 -3.29 35.92 -4.54
CA THR A 223 -2.08 36.71 -4.38
C THR A 223 -1.26 36.76 -5.66
N ARG A 224 -1.14 35.61 -6.31
CA ARG A 224 -0.41 35.52 -7.56
C ARG A 224 -1.06 36.42 -8.60
N MET A 225 -2.37 36.41 -8.63
CA MET A 225 -3.14 37.23 -9.56
C MET A 225 -2.93 38.71 -9.29
N PHE A 226 -2.91 39.08 -8.02
CA PHE A 226 -2.72 40.48 -7.64
C PHE A 226 -1.33 40.98 -8.01
N GLN A 227 -0.33 40.12 -7.82
CA GLN A 227 1.03 40.49 -8.17
C GLN A 227 1.13 40.85 -9.65
N ASN A 228 0.53 40.04 -10.50
CA ASN A 228 0.48 40.35 -11.93
C ASN A 228 -0.24 41.67 -12.17
N MET A 229 -1.23 41.93 -11.31
CA MET A 229 -2.10 43.09 -11.47
C MET A 229 -1.38 44.40 -11.13
N LEU A 230 -0.47 44.33 -10.17
CA LEU A 230 0.26 45.51 -9.72
C LEU A 230 1.71 45.50 -10.20
N SER A 231 1.97 44.72 -11.26
CA SER A 231 3.34 44.46 -11.67
C SER A 231 3.94 45.56 -12.54
N SER A 232 3.09 46.43 -13.08
CA SER A 232 3.54 47.51 -13.97
C SER A 232 4.54 48.45 -13.31
N PRO A 233 5.53 48.91 -14.08
CA PRO A 233 6.53 49.88 -13.62
C PRO A 233 5.89 51.19 -13.17
N ASN A 234 4.70 51.49 -13.68
CA ASN A 234 3.99 52.70 -13.30
C ASN A 234 3.43 52.66 -11.89
N ILE A 235 3.46 51.50 -11.27
CA ILE A 235 2.87 51.33 -9.95
C ILE A 235 3.90 51.13 -8.85
N LYS A 236 3.82 51.94 -7.80
CA LYS A 236 4.65 51.76 -6.61
C LYS A 236 3.78 51.22 -5.46
N VAL A 237 4.20 50.11 -4.89
CA VAL A 237 3.42 49.44 -3.84
C VAL A 237 4.00 49.71 -2.47
N MET A 238 3.19 50.26 -1.58
CA MET A 238 3.62 50.58 -0.23
C MET A 238 2.83 49.79 0.81
N LEU A 239 3.54 49.00 1.61
CA LEU A 239 2.90 48.11 2.57
C LEU A 239 3.18 48.50 4.03
N ASN A 240 2.30 48.08 4.93
CA ASN A 240 2.42 48.38 6.35
C ASN A 240 2.30 49.88 6.63
N THR A 241 1.48 50.55 5.84
CA THR A 241 1.42 52.00 5.85
C THR A 241 0.00 52.54 5.75
N ASP A 242 -0.49 53.16 6.83
CA ASP A 242 -1.76 53.87 6.80
C ASP A 242 -1.54 55.15 5.98
N TYR A 243 -2.45 55.43 5.07
CA TYR A 243 -2.27 56.56 4.15
C TYR A 243 -2.06 57.86 4.91
N ARG A 244 -2.61 57.93 6.12
CA ARG A 244 -2.45 59.11 6.96
C ARG A 244 -1.00 59.30 7.40
N GLU A 245 -0.24 58.21 7.43
CA GLU A 245 1.17 58.26 7.81
C GLU A 245 2.05 58.91 6.76
N ILE A 246 1.50 59.15 5.57
CA ILE A 246 2.30 59.65 4.45
C ILE A 246 1.64 60.77 3.66
N ALA A 247 0.31 60.85 3.75
CA ALA A 247 -0.46 61.79 2.95
C ALA A 247 -0.13 63.25 3.28
N ASP A 248 0.71 63.45 4.29
CA ASP A 248 1.15 64.79 4.65
C ASP A 248 2.35 65.26 3.84
N PHE A 249 3.20 64.34 3.39
CA PHE A 249 4.43 64.72 2.71
C PHE A 249 4.69 64.06 1.36
N ILE A 250 3.83 63.15 0.94
CA ILE A 250 3.97 62.55 -0.39
C ILE A 250 3.01 63.25 -1.34
N PRO A 251 3.54 63.85 -2.40
CA PRO A 251 2.75 64.60 -3.37
C PRO A 251 1.86 63.71 -4.23
N PHE A 252 0.59 64.08 -4.38
CA PHE A 252 -0.31 63.38 -5.29
C PHE A 252 -1.40 64.31 -5.82
N GLN A 253 -1.79 64.08 -7.08
CA GLN A 253 -2.81 64.90 -7.73
C GLN A 253 -4.21 64.50 -7.28
N HIS A 254 -4.50 63.20 -7.33
CA HIS A 254 -5.81 62.69 -6.99
C HIS A 254 -5.70 61.47 -6.08
N MET A 255 -6.71 61.24 -5.25
CA MET A 255 -6.71 60.08 -4.36
C MET A 255 -7.88 59.16 -4.62
N ILE A 256 -7.61 57.86 -4.61
CA ILE A 256 -8.64 56.85 -4.67
C ILE A 256 -8.69 56.14 -3.32
N TYR A 257 -9.80 56.30 -2.60
CA TYR A 257 -9.92 55.74 -1.26
C TYR A 257 -10.87 54.55 -1.21
N THR A 258 -10.43 53.47 -0.58
CA THR A 258 -11.20 52.23 -0.56
C THR A 258 -11.42 51.66 0.85
N GLY A 259 -11.04 52.42 1.88
CA GLY A 259 -11.27 52.01 3.25
C GLY A 259 -12.67 52.42 3.71
N PRO A 260 -12.92 52.40 5.03
CA PRO A 260 -14.22 52.80 5.59
C PRO A 260 -14.47 54.30 5.45
N VAL A 261 -15.66 54.70 5.00
CA VAL A 261 -15.95 56.12 4.76
C VAL A 261 -15.89 56.98 6.01
N ASP A 262 -16.48 56.50 7.10
CA ASP A 262 -16.52 57.31 8.31
C ASP A 262 -15.12 57.69 8.79
N ALA A 263 -14.22 56.71 8.81
CA ALA A 263 -12.84 56.95 9.22
C ALA A 263 -12.11 57.97 8.35
N PHE A 264 -12.50 58.06 7.08
CA PHE A 264 -11.89 59.02 6.18
C PHE A 264 -12.24 60.45 6.59
N PHE A 265 -13.47 60.63 7.07
CA PHE A 265 -13.92 61.93 7.53
C PHE A 265 -13.86 62.06 9.05
N ASP A 266 -12.98 61.27 9.67
CA ASP A 266 -12.75 61.37 11.11
C ASP A 266 -14.00 61.14 11.96
N PHE A 267 -14.88 60.27 11.48
CA PHE A 267 -16.11 59.95 12.20
C PHE A 267 -16.84 61.22 12.64
N CYS A 268 -16.81 62.24 11.78
CA CYS A 268 -17.44 63.51 12.11
C CYS A 268 -18.96 63.39 12.24
N TYR A 269 -19.52 62.28 11.77
CA TYR A 269 -20.94 62.00 11.93
C TYR A 269 -21.18 60.81 12.84
N GLY A 270 -20.09 60.29 13.41
CA GLY A 270 -20.18 59.16 14.30
C GLY A 270 -19.78 57.86 13.62
N LYS A 271 -19.54 56.83 14.43
CA LYS A 271 -19.08 55.55 13.93
C LYS A 271 -20.13 54.88 13.04
N LEU A 272 -19.74 54.57 11.81
CA LEU A 272 -20.60 53.80 10.92
C LEU A 272 -20.37 52.34 11.25
N PRO A 273 -21.46 51.60 11.53
CA PRO A 273 -21.35 50.18 11.90
C PRO A 273 -20.74 49.33 10.80
N TYR A 274 -19.69 48.59 11.14
CA TYR A 274 -19.15 47.55 10.27
C TYR A 274 -19.00 46.29 11.11
N ARG A 275 -19.46 45.16 10.58
CA ARG A 275 -19.31 43.90 11.30
C ARG A 275 -17.92 43.31 11.03
N SER A 276 -17.34 42.71 12.05
CA SER A 276 -15.99 42.14 11.95
C SER A 276 -16.02 40.63 12.16
N LEU A 277 -14.85 40.01 12.09
CA LEU A 277 -14.74 38.57 12.27
C LEU A 277 -13.45 38.19 12.97
N GLU A 278 -13.49 37.10 13.74
CA GLU A 278 -12.27 36.47 14.24
C GLU A 278 -12.16 35.11 13.56
N PHE A 279 -10.98 34.81 13.04
CA PHE A 279 -10.76 33.57 12.30
C PHE A 279 -9.88 32.62 13.09
N ARG A 280 -10.32 31.38 13.26
CA ARG A 280 -9.49 30.37 13.91
C ARG A 280 -9.07 29.27 12.93
N HIS A 281 -7.83 29.36 12.47
CA HIS A 281 -7.29 28.40 11.52
C HIS A 281 -6.75 27.16 12.25
N GLU A 282 -7.03 25.98 11.71
CA GLU A 282 -6.48 24.75 12.25
C GLU A 282 -5.91 23.89 11.13
N THR A 283 -4.97 23.02 11.45
CA THR A 283 -4.49 22.03 10.51
C THR A 283 -4.63 20.63 11.12
N HIS A 284 -5.18 19.71 10.33
CA HIS A 284 -5.37 18.34 10.81
C HIS A 284 -4.57 17.34 10.00
N ASP A 285 -4.02 16.34 10.69
CA ASP A 285 -3.25 15.30 10.02
C ASP A 285 -4.14 14.28 9.30
N THR A 286 -5.01 14.80 8.44
CA THR A 286 -5.91 13.96 7.63
C THR A 286 -6.02 14.56 6.25
N GLU A 287 -6.54 13.80 5.30
CA GLU A 287 -6.69 14.30 3.94
C GLU A 287 -7.91 15.18 3.76
N GLN A 288 -8.94 14.94 4.57
CA GLN A 288 -10.20 15.63 4.36
C GLN A 288 -11.05 15.62 5.62
N LEU A 289 -11.57 16.78 5.98
CA LEU A 289 -12.37 16.91 7.19
C LEU A 289 -13.86 17.06 6.84
N LEU A 290 -14.14 17.77 5.75
CA LEU A 290 -15.51 18.12 5.40
C LEU A 290 -15.96 17.48 4.09
N PRO A 291 -17.27 17.21 3.98
CA PRO A 291 -17.89 16.70 2.75
C PRO A 291 -17.83 17.74 1.62
N THR A 292 -17.95 19.02 1.96
CA THR A 292 -17.90 20.07 0.95
C THR A 292 -16.98 21.21 1.38
N GLY A 293 -17.00 22.29 0.61
CA GLY A 293 -16.13 23.42 0.86
C GLY A 293 -16.42 24.06 2.20
N THR A 294 -17.69 24.32 2.44
CA THR A 294 -18.10 25.00 3.67
C THR A 294 -19.32 24.34 4.28
N VAL A 295 -19.33 24.27 5.61
CA VAL A 295 -20.47 23.78 6.38
C VAL A 295 -20.95 24.89 7.31
N ASN A 296 -22.23 25.24 7.19
CA ASN A 296 -22.84 26.29 8.02
C ASN A 296 -23.46 25.72 9.29
N TYR A 297 -23.43 26.51 10.36
CA TYR A 297 -24.08 26.13 11.61
C TYR A 297 -25.07 27.19 12.08
N PRO A 298 -26.26 27.24 11.47
CA PRO A 298 -27.29 28.23 11.81
C PRO A 298 -27.70 28.20 13.27
N ASN A 299 -27.69 27.04 13.90
CA ASN A 299 -28.25 26.90 15.23
C ASN A 299 -27.32 26.31 16.30
N ASP A 300 -26.03 26.29 16.02
CA ASP A 300 -25.05 25.64 16.88
C ASP A 300 -23.70 26.35 16.89
N TYR A 301 -23.07 26.38 18.04
CA TYR A 301 -21.73 26.89 18.24
C TYR A 301 -21.59 28.39 18.13
N ALA A 302 -20.44 28.90 18.54
CA ALA A 302 -20.18 30.33 18.42
C ALA A 302 -19.91 30.72 16.98
N TYR A 303 -19.24 29.85 16.24
CA TYR A 303 -18.85 30.14 14.86
C TYR A 303 -19.99 29.93 13.89
N THR A 304 -20.01 30.71 12.81
CA THR A 304 -21.09 30.60 11.83
C THR A 304 -20.85 29.43 10.89
N ARG A 305 -19.59 29.14 10.59
CA ARG A 305 -19.27 28.14 9.58
C ARG A 305 -17.82 27.66 9.65
N VAL A 306 -17.55 26.52 9.02
CA VAL A 306 -16.20 25.99 8.89
C VAL A 306 -15.92 25.78 7.41
N SER A 307 -14.69 26.02 6.98
CA SER A 307 -14.34 25.82 5.60
C SER A 307 -13.02 25.07 5.41
N GLU A 308 -13.01 24.17 4.43
CA GLU A 308 -11.81 23.41 4.10
C GLU A 308 -11.28 23.87 2.76
N PHE A 309 -10.08 24.43 2.75
CA PHE A 309 -9.55 25.10 1.57
C PHE A 309 -9.24 24.20 0.40
N LYS A 310 -8.78 22.97 0.66
CA LYS A 310 -8.45 22.06 -0.43
C LYS A 310 -9.64 21.83 -1.37
N HIS A 311 -10.85 21.84 -0.82
CA HIS A 311 -12.05 21.76 -1.66
C HIS A 311 -12.10 22.92 -2.65
N ILE A 312 -11.62 24.08 -2.19
CA ILE A 312 -11.73 25.32 -2.95
C ILE A 312 -10.53 25.56 -3.87
N THR A 313 -9.34 25.24 -3.39
CA THR A 313 -8.12 25.43 -4.16
C THR A 313 -7.87 24.29 -5.14
N GLY A 314 -8.27 23.08 -4.74
CA GLY A 314 -8.00 21.89 -5.53
C GLY A 314 -6.64 21.31 -5.20
N GLN A 315 -5.99 21.89 -4.20
CA GLN A 315 -4.64 21.48 -3.80
C GLN A 315 -4.58 20.03 -3.30
N ARG A 316 -3.49 19.35 -3.63
CA ARG A 316 -3.24 18.01 -3.12
C ARG A 316 -2.25 18.10 -1.96
N HIS A 317 -2.56 17.39 -0.88
CA HIS A 317 -1.74 17.47 0.34
C HIS A 317 -2.09 16.31 1.26
N HIS A 318 -1.12 15.87 2.06
CA HIS A 318 -1.36 14.75 2.97
C HIS A 318 -2.09 15.25 4.21
N GLN A 319 -2.13 16.55 4.38
CA GLN A 319 -2.86 17.17 5.47
C GLN A 319 -3.96 18.08 4.93
N THR A 320 -4.67 18.75 5.83
CA THR A 320 -5.72 19.66 5.41
C THR A 320 -5.86 20.79 6.43
N SER A 321 -6.20 21.99 5.94
CA SER A 321 -6.38 23.14 6.82
C SER A 321 -7.76 23.76 6.67
N VAL A 322 -8.37 24.08 7.80
CA VAL A 322 -9.71 24.65 7.80
C VAL A 322 -9.75 25.93 8.61
N VAL A 323 -10.79 26.73 8.40
CA VAL A 323 -10.97 27.97 9.14
C VAL A 323 -12.38 28.08 9.73
N TYR A 324 -12.44 28.46 11.00
CA TYR A 324 -13.70 28.73 11.68
C TYR A 324 -13.87 30.25 11.77
N GLU A 325 -15.09 30.73 11.55
CA GLU A 325 -15.37 32.17 11.61
C GLU A 325 -16.23 32.54 12.81
N TYR A 326 -15.79 33.56 13.54
CA TYR A 326 -16.54 34.04 14.70
C TYR A 326 -16.96 35.49 14.49
N PRO A 327 -18.27 35.74 14.34
CA PRO A 327 -18.74 37.12 14.19
C PRO A 327 -18.26 37.98 15.35
N ARG A 328 -17.88 39.22 15.07
CA ARG A 328 -17.37 40.12 16.10
C ARG A 328 -17.95 41.51 15.90
N ALA A 329 -18.12 42.23 17.01
CA ALA A 329 -18.51 43.63 16.93
C ALA A 329 -17.27 44.46 16.60
N GLU A 330 -16.25 44.32 17.42
CA GLU A 330 -15.03 45.10 17.28
C GLU A 330 -13.98 44.38 16.41
N GLY A 331 -13.23 45.16 15.64
CA GLY A 331 -12.19 44.62 14.77
C GLY A 331 -12.18 45.28 13.41
N ASP A 332 -11.41 44.72 12.47
CA ASP A 332 -11.38 45.22 11.10
C ASP A 332 -12.76 45.11 10.44
N PRO A 333 -13.17 46.16 9.72
CA PRO A 333 -14.46 46.20 9.05
C PRO A 333 -14.50 45.24 7.87
N TYR A 334 -15.37 44.24 7.93
CA TYR A 334 -15.52 43.29 6.84
C TYR A 334 -16.89 43.43 6.16
N TYR A 335 -17.92 43.69 6.96
CA TYR A 335 -19.28 43.79 6.44
C TYR A 335 -19.95 45.12 6.76
N PRO A 336 -20.47 45.80 5.73
CA PRO A 336 -21.43 46.86 5.98
C PRO A 336 -22.70 46.22 6.58
N VAL A 337 -23.45 46.97 7.39
CA VAL A 337 -24.64 46.41 8.04
C VAL A 337 -25.91 47.07 7.52
N PRO A 338 -26.46 46.54 6.42
CA PRO A 338 -27.60 47.14 5.72
C PRO A 338 -28.88 47.19 6.58
N ARG A 339 -29.25 48.39 7.00
CA ARG A 339 -30.48 48.63 7.74
C ARG A 339 -30.75 50.13 7.71
N PRO A 340 -32.02 50.55 7.88
CA PRO A 340 -32.41 51.96 7.75
C PRO A 340 -31.54 52.91 8.58
N GLU A 341 -31.30 52.57 9.84
CA GLU A 341 -30.47 53.40 10.70
C GLU A 341 -29.08 53.66 10.11
N ASN A 342 -28.43 52.62 9.63
CA ASN A 342 -27.10 52.75 9.04
C ASN A 342 -27.10 53.43 7.67
N ALA A 343 -28.09 53.11 6.85
CA ALA A 343 -28.20 53.72 5.53
C ALA A 343 -28.35 55.23 5.68
N GLU A 344 -28.93 55.64 6.79
CA GLU A 344 -29.16 57.05 7.08
C GLU A 344 -27.85 57.71 7.50
N LEU A 345 -27.05 57.00 8.28
CA LEU A 345 -25.75 57.51 8.69
C LEU A 345 -24.84 57.62 7.47
N TYR A 346 -24.81 56.56 6.65
CA TYR A 346 -23.93 56.57 5.48
C TYR A 346 -24.26 57.72 4.52
N LYS A 347 -25.54 57.96 4.28
CA LYS A 347 -25.96 59.02 3.38
C LYS A 347 -25.30 60.36 3.67
N LYS A 348 -25.08 60.66 4.94
CA LYS A 348 -24.43 61.91 5.31
C LYS A 348 -22.98 61.89 4.89
N TYR A 349 -22.31 60.78 5.16
CA TYR A 349 -20.94 60.61 4.71
C TYR A 349 -20.86 60.63 3.18
N GLU A 350 -21.86 60.04 2.53
CA GLU A 350 -21.92 60.01 1.07
C GLU A 350 -21.85 61.43 0.51
N ALA A 351 -22.55 62.35 1.14
CA ALA A 351 -22.55 63.75 0.72
C ALA A 351 -21.15 64.35 0.86
N LEU A 352 -20.48 64.01 1.96
CA LEU A 352 -19.11 64.46 2.17
C LEU A 352 -18.20 63.94 1.07
N ALA A 353 -18.35 62.66 0.74
CA ALA A 353 -17.54 62.04 -0.30
C ALA A 353 -17.82 62.69 -1.65
N ASP A 354 -19.11 62.90 -1.93
CA ASP A 354 -19.52 63.52 -3.20
C ASP A 354 -19.01 64.95 -3.28
N ALA A 355 -18.70 65.53 -2.14
CA ALA A 355 -18.15 66.88 -2.09
C ALA A 355 -16.63 66.84 -2.21
N ALA A 356 -16.02 65.73 -1.82
CA ALA A 356 -14.59 65.55 -1.94
C ALA A 356 -14.17 65.76 -3.39
N GLN A 357 -13.41 66.82 -3.62
CA GLN A 357 -13.00 67.20 -4.97
C GLN A 357 -12.00 66.19 -5.55
N ASP A 358 -10.83 66.11 -4.92
CA ASP A 358 -9.75 65.29 -5.42
C ASP A 358 -9.72 63.94 -4.71
N VAL A 359 -10.90 63.40 -4.40
CA VAL A 359 -11.00 62.09 -3.76
C VAL A 359 -12.11 61.25 -4.38
N THR A 360 -11.74 60.06 -4.82
CA THR A 360 -12.71 59.13 -5.41
C THR A 360 -12.90 57.90 -4.52
N PHE A 361 -14.14 57.64 -4.14
CA PHE A 361 -14.46 56.53 -3.25
C PHE A 361 -14.95 55.33 -4.04
N VAL A 362 -14.35 54.17 -3.80
CA VAL A 362 -14.75 52.95 -4.49
C VAL A 362 -14.36 51.72 -3.68
N GLY A 363 -15.18 50.67 -3.78
CA GLY A 363 -14.95 49.45 -3.03
C GLY A 363 -16.09 49.14 -2.08
N ARG A 364 -15.98 48.02 -1.37
CA ARG A 364 -17.03 47.57 -0.46
C ARG A 364 -17.11 48.41 0.82
N LEU A 365 -15.95 48.74 1.36
CA LEU A 365 -15.89 49.51 2.61
C LEU A 365 -16.14 51.00 2.37
N ALA A 366 -15.66 51.51 1.23
CA ALA A 366 -15.70 52.94 0.94
C ALA A 366 -17.02 53.47 0.40
N THR A 367 -17.85 52.59 -0.16
CA THR A 367 -19.18 52.99 -0.60
C THR A 367 -20.27 52.27 0.21
N TYR A 368 -19.86 51.63 1.29
CA TYR A 368 -20.77 50.95 2.20
C TYR A 368 -21.75 50.03 1.47
N ARG A 369 -21.22 49.16 0.61
CA ARG A 369 -22.05 48.25 -0.17
C ARG A 369 -21.65 46.80 0.00
N TYR A 370 -22.62 45.96 0.38
CA TYR A 370 -22.40 44.53 0.57
C TYR A 370 -22.11 43.87 -0.78
N TYR A 371 -20.91 44.11 -1.31
CA TYR A 371 -20.53 43.60 -2.63
C TYR A 371 -19.67 42.34 -2.59
N ASN A 372 -19.81 41.53 -3.62
CA ASN A 372 -18.92 40.39 -3.85
C ASN A 372 -17.70 40.81 -4.68
N MET A 373 -16.67 39.97 -4.67
CA MET A 373 -15.44 40.28 -5.39
C MET A 373 -15.71 40.77 -6.81
N ASP A 374 -16.49 40.01 -7.57
CA ASP A 374 -16.78 40.34 -8.96
C ASP A 374 -17.49 41.69 -9.10
N GLN A 375 -18.30 42.05 -8.10
CA GLN A 375 -19.01 43.33 -8.12
C GLN A 375 -18.07 44.51 -7.90
N VAL A 376 -17.17 44.39 -6.93
CA VAL A 376 -16.20 45.46 -6.68
C VAL A 376 -15.34 45.70 -7.91
N VAL A 377 -14.86 44.62 -8.53
CA VAL A 377 -14.09 44.73 -9.76
C VAL A 377 -14.88 45.54 -10.78
N ALA A 378 -16.15 45.20 -10.95
CA ALA A 378 -17.00 45.89 -11.91
C ALA A 378 -17.12 47.37 -11.58
N GLN A 379 -17.26 47.69 -10.30
CA GLN A 379 -17.38 49.06 -9.84
C GLN A 379 -16.08 49.84 -10.09
N ALA A 380 -14.94 49.21 -9.81
CA ALA A 380 -13.66 49.83 -10.11
C ALA A 380 -13.54 50.14 -11.61
N LEU A 381 -13.80 49.14 -12.45
CA LEU A 381 -13.74 49.31 -13.90
C LEU A 381 -14.61 50.47 -14.38
N ALA A 382 -15.80 50.61 -13.80
CA ALA A 382 -16.70 51.72 -14.16
C ALA A 382 -16.11 53.04 -13.69
N THR A 383 -15.71 53.09 -12.41
CA THR A 383 -15.01 54.24 -11.87
C THR A 383 -13.89 54.70 -12.80
N PHE A 384 -13.16 53.73 -13.35
CA PHE A 384 -12.04 54.06 -14.22
C PHE A 384 -12.49 54.76 -15.51
N ARG A 385 -13.55 54.24 -16.13
CA ARG A 385 -14.08 54.83 -17.36
C ARG A 385 -14.57 56.25 -17.12
N ARG A 386 -15.06 56.51 -15.91
CA ARG A 386 -15.51 57.85 -15.56
C ARG A 386 -14.31 58.79 -15.37
N LEU A 387 -13.30 58.31 -14.65
CA LEU A 387 -12.07 59.08 -14.48
C LEU A 387 -11.47 59.47 -15.83
N GLN A 388 -11.55 58.55 -16.78
CA GLN A 388 -11.04 58.78 -18.13
C GLN A 388 -12.03 59.59 -18.96
N GLY A 389 -12.85 60.39 -18.30
CA GLY A 389 -13.86 61.18 -18.99
C GLY A 389 -13.91 62.63 -18.53
N GLY B 29 -11.66 -45.43 45.86
CA GLY B 29 -11.26 -44.84 44.59
C GLY B 29 -11.89 -43.49 44.34
N PHE B 30 -12.66 -43.38 43.26
CA PHE B 30 -13.30 -42.12 42.89
C PHE B 30 -14.74 -42.04 43.37
N ASP B 31 -15.13 -40.87 43.87
CA ASP B 31 -16.50 -40.62 44.25
C ASP B 31 -17.40 -40.74 43.02
N TYR B 32 -16.89 -40.28 41.88
CA TYR B 32 -17.68 -40.26 40.67
C TYR B 32 -16.90 -40.70 39.43
N LEU B 33 -17.57 -41.47 38.57
CA LEU B 33 -17.07 -41.72 37.24
C LEU B 33 -18.02 -41.05 36.25
N ILE B 34 -17.49 -40.10 35.49
CA ILE B 34 -18.29 -39.37 34.53
C ILE B 34 -17.89 -39.75 33.11
N VAL B 35 -18.86 -40.23 32.34
CA VAL B 35 -18.60 -40.71 30.99
C VAL B 35 -19.01 -39.67 29.96
N GLY B 36 -18.01 -39.14 29.26
CA GLY B 36 -18.26 -38.10 28.27
C GLY B 36 -17.81 -36.73 28.77
N ALA B 37 -16.97 -36.07 27.99
CA ALA B 37 -16.39 -34.79 28.39
C ALA B 37 -17.00 -33.61 27.65
N GLY B 38 -18.26 -33.76 27.23
CA GLY B 38 -18.99 -32.65 26.64
C GLY B 38 -19.46 -31.72 27.74
N PHE B 39 -20.37 -30.80 27.39
CA PHE B 39 -20.90 -29.88 28.39
C PHE B 39 -21.51 -30.63 29.57
N ALA B 40 -22.32 -31.66 29.28
CA ALA B 40 -22.99 -32.42 30.32
C ALA B 40 -22.00 -32.98 31.35
N GLY B 41 -21.03 -33.76 30.87
CA GLY B 41 -20.05 -34.37 31.74
C GLY B 41 -19.13 -33.39 32.44
N SER B 42 -18.64 -32.39 31.70
CA SER B 42 -17.64 -31.47 32.24
C SER B 42 -18.20 -30.50 33.29
N VAL B 43 -19.37 -29.93 33.05
CA VAL B 43 -19.99 -29.06 34.03
C VAL B 43 -20.11 -29.78 35.37
N LEU B 44 -20.61 -31.00 35.33
CA LEU B 44 -20.77 -31.81 36.54
C LEU B 44 -19.41 -32.16 37.15
N ALA B 45 -18.41 -32.40 36.32
CA ALA B 45 -17.07 -32.69 36.80
C ALA B 45 -16.57 -31.53 37.65
N GLU B 46 -16.74 -30.32 37.13
CA GLU B 46 -16.27 -29.12 37.83
C GLU B 46 -17.06 -28.84 39.10
N ARG B 47 -18.38 -29.02 39.05
CA ARG B 47 -19.22 -28.79 40.22
C ARG B 47 -18.86 -29.72 41.36
N LEU B 48 -18.89 -31.03 41.10
CA LEU B 48 -18.59 -32.03 42.11
C LEU B 48 -17.20 -31.84 42.69
N ALA B 49 -16.23 -31.61 41.81
CA ALA B 49 -14.84 -31.44 42.24
C ALA B 49 -14.69 -30.21 43.12
N SER B 50 -15.44 -29.17 42.80
CA SER B 50 -15.38 -27.92 43.56
C SER B 50 -15.99 -28.11 44.95
N SER B 51 -16.67 -29.23 45.14
CA SER B 51 -17.26 -29.54 46.45
C SER B 51 -16.56 -30.76 47.06
N GLY B 52 -15.26 -30.88 46.82
CA GLY B 52 -14.45 -31.88 47.47
C GLY B 52 -14.49 -33.28 46.88
N GLN B 53 -15.35 -33.51 45.89
CA GLN B 53 -15.47 -34.84 45.29
C GLN B 53 -14.30 -35.17 44.38
N ARG B 54 -13.82 -36.40 44.46
CA ARG B 54 -12.78 -36.86 43.54
C ARG B 54 -13.42 -37.48 42.31
N VAL B 55 -13.13 -36.90 41.14
CA VAL B 55 -13.83 -37.25 39.91
C VAL B 55 -12.90 -37.84 38.86
N LEU B 56 -13.37 -38.92 38.23
CA LEU B 56 -12.72 -39.48 37.06
C LEU B 56 -13.64 -39.30 35.85
N ILE B 57 -13.19 -38.54 34.86
CA ILE B 57 -14.01 -38.28 33.67
C ILE B 57 -13.35 -38.85 32.44
N VAL B 58 -14.07 -39.72 31.73
CA VAL B 58 -13.51 -40.42 30.59
C VAL B 58 -14.31 -40.10 29.33
N ASP B 59 -13.61 -40.06 28.19
CA ASP B 59 -14.29 -39.91 26.91
C ASP B 59 -13.61 -40.79 25.86
N ARG B 60 -14.43 -41.41 25.01
CA ARG B 60 -13.91 -42.31 23.98
C ARG B 60 -13.14 -41.54 22.91
N ARG B 61 -13.38 -40.23 22.85
CA ARG B 61 -12.67 -39.37 21.92
C ARG B 61 -11.31 -38.95 22.48
N PRO B 62 -10.37 -38.59 21.59
CA PRO B 62 -9.02 -38.20 22.00
C PRO B 62 -8.96 -36.76 22.48
N HIS B 63 -10.11 -36.18 22.80
CA HIS B 63 -10.18 -34.79 23.20
C HIS B 63 -11.38 -34.49 24.08
N ILE B 64 -11.29 -33.42 24.87
CA ILE B 64 -12.41 -33.00 25.70
C ILE B 64 -13.33 -32.08 24.91
N GLY B 65 -14.41 -31.65 25.55
CA GLY B 65 -15.32 -30.69 24.93
C GLY B 65 -16.48 -31.27 24.15
N GLY B 66 -16.44 -32.57 23.87
CA GLY B 66 -17.49 -33.21 23.09
C GLY B 66 -17.69 -32.52 21.75
N ASN B 67 -18.94 -32.30 21.37
CA ASN B 67 -19.26 -31.68 20.08
C ASN B 67 -18.71 -30.27 19.95
N ALA B 68 -18.56 -29.59 21.08
CA ALA B 68 -18.18 -28.18 21.10
C ALA B 68 -16.66 -28.00 20.96
N TYR B 69 -15.94 -29.10 20.82
CA TYR B 69 -14.49 -29.04 20.76
C TYR B 69 -14.03 -28.26 19.53
N ASP B 70 -13.06 -27.38 19.74
CA ASP B 70 -12.50 -26.62 18.62
C ASP B 70 -10.98 -26.71 18.59
N CYS B 71 -10.39 -26.29 17.48
CA CYS B 71 -8.96 -26.42 17.28
C CYS B 71 -8.49 -25.66 16.04
N TYR B 72 -7.18 -25.52 15.90
CA TYR B 72 -6.61 -24.87 14.73
C TYR B 72 -6.32 -25.89 13.64
N ASP B 73 -6.73 -25.59 12.41
CA ASP B 73 -6.48 -26.48 11.30
C ASP B 73 -5.04 -26.30 10.79
N ASP B 74 -4.73 -26.94 9.68
CA ASP B 74 -3.39 -26.85 9.12
C ASP B 74 -3.04 -25.43 8.69
N ALA B 75 -4.08 -24.64 8.36
CA ALA B 75 -3.86 -23.27 7.92
C ALA B 75 -3.69 -22.29 9.08
N GLY B 76 -3.97 -22.76 10.30
CA GLY B 76 -3.86 -21.92 11.46
C GLY B 76 -5.14 -21.16 11.76
N VAL B 77 -6.23 -21.64 11.18
CA VAL B 77 -7.55 -21.06 11.41
C VAL B 77 -8.27 -21.82 12.51
N LEU B 78 -8.88 -21.09 13.44
CA LEU B 78 -9.65 -21.69 14.52
C LEU B 78 -10.98 -22.18 13.99
N ILE B 79 -11.24 -23.49 14.11
CA ILE B 79 -12.44 -24.10 13.55
C ILE B 79 -13.14 -25.02 14.54
N HIS B 80 -14.37 -25.40 14.21
CA HIS B 80 -15.09 -26.42 14.99
C HIS B 80 -15.29 -27.69 14.17
N PRO B 81 -14.52 -28.74 14.49
CA PRO B 81 -14.51 -29.99 13.72
C PRO B 81 -15.90 -30.59 13.52
N TYR B 82 -16.83 -30.34 14.45
CA TYR B 82 -18.13 -31.00 14.41
C TYR B 82 -19.26 -30.07 14.02
N GLY B 83 -18.95 -29.07 13.20
CA GLY B 83 -19.96 -28.11 12.79
C GLY B 83 -19.89 -26.81 13.59
N PRO B 84 -20.66 -25.81 13.15
CA PRO B 84 -20.65 -24.48 13.76
C PRO B 84 -21.36 -24.50 15.11
N HIS B 85 -20.63 -24.18 16.18
CA HIS B 85 -21.23 -24.11 17.51
C HIS B 85 -21.27 -22.67 18.00
N ILE B 86 -22.44 -22.05 17.90
CA ILE B 86 -22.64 -20.67 18.31
C ILE B 86 -23.35 -20.65 19.65
N PHE B 87 -22.70 -20.07 20.66
CA PHE B 87 -23.29 -20.08 22.00
C PHE B 87 -24.28 -18.95 22.22
N HIS B 88 -25.37 -19.27 22.90
CA HIS B 88 -26.44 -18.31 23.18
C HIS B 88 -27.34 -18.84 24.28
N THR B 89 -27.82 -17.95 25.14
CA THR B 89 -28.68 -18.36 26.24
C THR B 89 -29.55 -17.21 26.70
N ASN B 90 -30.72 -17.55 27.23
CA ASN B 90 -31.56 -16.56 27.89
C ASN B 90 -31.34 -16.61 29.38
N SER B 91 -30.56 -17.61 29.82
CA SER B 91 -30.28 -17.81 31.24
C SER B 91 -29.08 -17.00 31.72
N LYS B 92 -29.36 -15.98 32.52
CA LYS B 92 -28.30 -15.24 33.19
C LYS B 92 -27.51 -16.19 34.10
N ASP B 93 -28.18 -17.21 34.58
CA ASP B 93 -27.55 -18.18 35.47
C ASP B 93 -26.48 -18.97 34.72
N VAL B 94 -26.84 -19.45 33.53
CA VAL B 94 -25.89 -20.21 32.72
C VAL B 94 -24.71 -19.35 32.28
N PHE B 95 -25.01 -18.14 31.79
CA PHE B 95 -23.97 -17.28 31.25
C PHE B 95 -22.92 -16.97 32.30
N GLU B 96 -23.37 -16.60 33.50
CA GLU B 96 -22.45 -16.29 34.58
C GLU B 96 -21.59 -17.50 34.94
N TYR B 97 -22.20 -18.67 35.01
CA TYR B 97 -21.47 -19.88 35.32
C TYR B 97 -20.30 -20.09 34.35
N LEU B 98 -20.60 -20.01 33.06
CA LEU B 98 -19.57 -20.16 32.04
C LEU B 98 -18.54 -19.03 32.09
N SER B 99 -18.99 -17.83 32.44
CA SER B 99 -18.10 -16.68 32.55
C SER B 99 -16.95 -16.93 33.50
N ARG B 100 -17.10 -17.95 34.35
CA ARG B 100 -16.09 -18.27 35.34
C ARG B 100 -14.88 -18.98 34.75
N PHE B 101 -15.03 -19.51 33.53
CA PHE B 101 -13.98 -20.31 32.91
C PHE B 101 -13.52 -19.75 31.57
N THR B 102 -14.08 -18.61 31.16
CA THR B 102 -13.73 -18.03 29.88
C THR B 102 -14.20 -16.59 29.74
N GLU B 103 -13.48 -15.79 28.96
CA GLU B 103 -13.96 -14.48 28.56
C GLU B 103 -14.83 -14.63 27.32
N TRP B 104 -15.36 -13.52 26.84
CA TRP B 104 -16.33 -13.57 25.74
C TRP B 104 -16.06 -12.60 24.59
N ARG B 105 -16.24 -13.07 23.37
CA ARG B 105 -16.38 -12.18 22.23
C ARG B 105 -17.86 -12.08 21.87
N PRO B 106 -18.45 -10.90 22.07
CA PRO B 106 -19.85 -10.70 21.65
C PRO B 106 -20.05 -11.15 20.21
N TYR B 107 -21.18 -11.78 19.91
CA TYR B 107 -21.44 -12.23 18.55
C TYR B 107 -22.88 -12.67 18.34
N GLN B 108 -23.58 -11.98 17.47
CA GLN B 108 -24.95 -12.34 17.14
C GLN B 108 -25.01 -12.97 15.75
N HIS B 109 -25.14 -14.30 15.73
CA HIS B 109 -25.10 -15.10 14.52
C HIS B 109 -26.21 -14.71 13.55
N ARG B 110 -25.90 -14.71 12.26
CA ARG B 110 -26.89 -14.40 11.23
C ARG B 110 -26.77 -15.36 10.04
N VAL B 111 -27.92 -15.90 9.63
CA VAL B 111 -27.95 -16.91 8.60
C VAL B 111 -28.75 -16.42 7.39
N LEU B 112 -28.25 -16.72 6.20
CA LEU B 112 -28.99 -16.46 4.97
C LEU B 112 -29.37 -17.79 4.33
N ALA B 113 -30.54 -17.84 3.69
CA ALA B 113 -30.98 -19.05 3.01
C ALA B 113 -31.04 -18.81 1.50
N SER B 114 -30.51 -19.77 0.75
CA SER B 114 -30.49 -19.69 -0.70
C SER B 114 -31.82 -20.12 -1.30
N VAL B 115 -32.63 -19.15 -1.70
CA VAL B 115 -33.94 -19.42 -2.27
C VAL B 115 -34.16 -18.56 -3.52
N ASP B 116 -34.69 -19.17 -4.57
CA ASP B 116 -34.96 -18.45 -5.81
C ASP B 116 -33.76 -17.62 -6.26
N GLY B 117 -32.57 -18.17 -6.06
CA GLY B 117 -31.34 -17.50 -6.45
C GLY B 117 -31.03 -16.25 -5.64
N GLN B 118 -31.63 -16.13 -4.47
CA GLN B 118 -31.32 -15.01 -3.58
C GLN B 118 -30.85 -15.49 -2.21
N LEU B 119 -30.22 -14.59 -1.47
CA LEU B 119 -29.82 -14.88 -0.09
C LEU B 119 -30.74 -14.13 0.85
N LEU B 120 -31.71 -14.84 1.40
CA LEU B 120 -32.73 -14.23 2.24
C LEU B 120 -32.54 -14.54 3.72
N PRO B 121 -32.93 -13.60 4.59
CA PRO B 121 -32.83 -13.82 6.02
C PRO B 121 -33.68 -15.01 6.45
N ILE B 122 -33.17 -15.75 7.43
CA ILE B 122 -33.87 -16.88 8.01
C ILE B 122 -33.37 -16.94 9.45
N PRO B 123 -34.29 -16.93 10.43
CA PRO B 123 -35.76 -16.96 10.40
C PRO B 123 -36.40 -16.04 9.37
N ILE B 124 -37.49 -16.49 8.77
CA ILE B 124 -38.28 -15.65 7.88
C ILE B 124 -38.70 -14.38 8.61
N ASN B 125 -38.50 -13.22 7.99
CA ASN B 125 -38.99 -11.98 8.56
C ASN B 125 -39.62 -11.07 7.51
N LEU B 126 -39.86 -9.81 7.87
CA LEU B 126 -40.50 -8.87 6.95
C LEU B 126 -39.65 -8.75 5.69
N ASP B 127 -38.37 -8.47 5.88
CA ASP B 127 -37.42 -8.30 4.77
C ASP B 127 -37.43 -9.53 3.87
N THR B 128 -37.53 -10.71 4.48
CA THR B 128 -37.57 -11.96 3.74
C THR B 128 -38.77 -11.98 2.78
N VAL B 129 -39.92 -11.56 3.30
CA VAL B 129 -41.15 -11.57 2.51
C VAL B 129 -41.12 -10.50 1.42
N ASN B 130 -40.66 -9.31 1.78
CA ASN B 130 -40.60 -8.20 0.84
C ASN B 130 -39.63 -8.43 -0.31
N ARG B 131 -38.48 -9.02 -0.01
CA ARG B 131 -37.45 -9.24 -1.01
C ARG B 131 -37.81 -10.36 -1.97
N LEU B 132 -38.36 -11.43 -1.41
CA LEU B 132 -38.73 -12.61 -2.18
C LEU B 132 -39.81 -12.32 -3.23
N TYR B 133 -40.88 -11.67 -2.81
CA TYR B 133 -42.01 -11.42 -3.70
C TYR B 133 -41.95 -10.05 -4.33
N GLY B 134 -40.97 -9.24 -3.92
CA GLY B 134 -40.86 -7.88 -4.41
C GLY B 134 -41.98 -7.01 -3.88
N LEU B 135 -42.24 -7.13 -2.58
CA LEU B 135 -43.30 -6.37 -1.94
C LEU B 135 -42.74 -5.24 -1.08
N ASN B 136 -43.62 -4.35 -0.63
CA ASN B 136 -43.23 -3.27 0.26
C ASN B 136 -44.14 -3.20 1.48
N LEU B 137 -44.32 -4.34 2.15
CA LEU B 137 -45.16 -4.42 3.34
C LEU B 137 -44.46 -3.89 4.58
N THR B 138 -45.24 -3.31 5.48
CA THR B 138 -44.75 -2.90 6.79
C THR B 138 -44.92 -4.05 7.77
N SER B 139 -44.33 -3.92 8.96
CA SER B 139 -44.50 -4.93 10.01
C SER B 139 -45.96 -5.25 10.25
N PHE B 140 -46.78 -4.21 10.21
CA PHE B 140 -48.21 -4.36 10.50
C PHE B 140 -48.92 -5.15 9.41
N GLN B 141 -48.56 -4.88 8.16
CA GLN B 141 -49.20 -5.53 7.02
C GLN B 141 -48.80 -6.99 6.86
N VAL B 142 -47.53 -7.29 7.10
CA VAL B 142 -47.03 -8.65 6.93
C VAL B 142 -47.76 -9.61 7.86
N GLU B 143 -48.24 -9.10 8.98
CA GLU B 143 -49.01 -9.91 9.91
C GLU B 143 -50.31 -10.35 9.26
N GLU B 144 -50.89 -9.44 8.47
CA GLU B 144 -52.12 -9.73 7.76
C GLU B 144 -51.84 -10.62 6.55
N PHE B 145 -50.72 -10.38 5.90
CA PHE B 145 -50.31 -11.21 4.77
C PHE B 145 -50.15 -12.66 5.21
N PHE B 146 -49.47 -12.88 6.33
CA PHE B 146 -49.26 -14.23 6.84
C PHE B 146 -50.57 -14.95 7.12
N ALA B 147 -51.55 -14.22 7.62
CA ALA B 147 -52.85 -14.81 7.95
C ALA B 147 -53.65 -15.13 6.70
N SER B 148 -53.40 -14.40 5.63
CA SER B 148 -54.10 -14.62 4.37
C SER B 148 -53.57 -15.83 3.61
N VAL B 149 -52.49 -16.42 4.11
CA VAL B 149 -51.90 -17.59 3.45
C VAL B 149 -51.79 -18.80 4.38
N ALA B 150 -51.77 -18.53 5.68
CA ALA B 150 -51.65 -19.59 6.68
C ALA B 150 -52.79 -20.60 6.58
N GLU B 151 -52.46 -21.88 6.52
CA GLU B 151 -53.47 -22.93 6.53
C GLU B 151 -53.88 -23.23 7.96
N LYS B 152 -55.18 -23.37 8.19
CA LYS B 152 -55.67 -23.66 9.52
C LYS B 152 -55.49 -25.12 9.92
N VAL B 153 -54.91 -25.34 11.07
CA VAL B 153 -54.70 -26.70 11.57
C VAL B 153 -55.48 -26.89 12.86
N GLU B 154 -56.29 -27.95 12.90
CA GLU B 154 -57.10 -28.25 14.07
C GLU B 154 -56.23 -28.28 15.31
N GLN B 155 -55.21 -29.13 15.30
CA GLN B 155 -54.27 -29.22 16.39
C GLN B 155 -52.85 -29.44 15.87
N VAL B 156 -51.96 -28.48 16.15
CA VAL B 156 -50.59 -28.56 15.67
C VAL B 156 -49.82 -29.71 16.31
N ARG B 157 -49.25 -30.58 15.47
CA ARG B 157 -48.57 -31.78 15.95
C ARG B 157 -47.24 -32.02 15.27
N THR B 158 -47.20 -31.84 13.96
CA THR B 158 -46.00 -32.13 13.19
C THR B 158 -45.20 -30.87 12.84
N SER B 159 -43.97 -31.07 12.39
CA SER B 159 -43.13 -29.95 11.99
C SER B 159 -43.71 -29.22 10.79
N GLU B 160 -44.56 -29.91 10.03
CA GLU B 160 -45.25 -29.29 8.90
C GLU B 160 -46.38 -28.39 9.39
N ASP B 161 -47.08 -28.85 10.43
CA ASP B 161 -48.17 -28.06 11.01
C ASP B 161 -47.69 -26.69 11.46
N VAL B 162 -46.64 -26.66 12.29
CA VAL B 162 -46.11 -25.41 12.82
C VAL B 162 -45.90 -24.36 11.74
N VAL B 163 -45.21 -24.74 10.68
CA VAL B 163 -44.87 -23.78 9.63
C VAL B 163 -46.08 -23.42 8.79
N VAL B 164 -46.70 -24.44 8.21
CA VAL B 164 -47.85 -24.24 7.33
C VAL B 164 -48.93 -23.35 7.98
N SER B 165 -49.14 -23.52 9.28
CA SER B 165 -50.21 -22.82 9.98
C SER B 165 -49.86 -21.37 10.32
N LYS B 166 -48.63 -20.96 10.02
CA LYS B 166 -48.19 -19.60 10.32
C LYS B 166 -47.91 -18.77 9.07
N VAL B 167 -47.16 -19.33 8.13
CA VAL B 167 -46.74 -18.58 6.95
C VAL B 167 -47.28 -19.13 5.62
N GLY B 168 -48.05 -20.20 5.70
CA GLY B 168 -48.64 -20.78 4.51
C GLY B 168 -47.79 -21.86 3.86
N ARG B 169 -48.13 -22.20 2.63
CA ARG B 169 -47.53 -23.34 1.97
C ARG B 169 -46.32 -22.97 1.12
N ASP B 170 -46.41 -21.87 0.39
CA ASP B 170 -45.31 -21.45 -0.48
C ASP B 170 -44.00 -21.25 0.31
N LEU B 171 -44.05 -20.44 1.34
CA LEU B 171 -42.88 -20.19 2.18
C LEU B 171 -42.38 -21.48 2.83
N TYR B 172 -43.31 -22.29 3.33
CA TYR B 172 -42.95 -23.58 3.91
C TYR B 172 -42.16 -24.42 2.91
N ASN B 173 -42.60 -24.44 1.67
CA ASN B 173 -41.93 -25.20 0.63
C ASN B 173 -40.54 -24.67 0.30
N LYS B 174 -40.41 -23.34 0.22
CA LYS B 174 -39.15 -22.74 -0.16
C LYS B 174 -38.09 -22.84 0.93
N PHE B 175 -38.52 -22.76 2.18
CA PHE B 175 -37.58 -22.66 3.30
C PHE B 175 -37.46 -23.92 4.16
N PHE B 176 -38.57 -24.61 4.38
CA PHE B 176 -38.60 -25.66 5.38
C PHE B 176 -38.73 -27.10 4.86
N ARG B 177 -39.57 -27.30 3.84
CA ARG B 177 -39.80 -28.65 3.32
C ARG B 177 -38.51 -29.31 2.82
N GLY B 178 -37.85 -28.66 1.88
CA GLY B 178 -36.60 -29.19 1.34
C GLY B 178 -35.55 -29.43 2.42
N TYR B 179 -35.28 -28.40 3.21
CA TYR B 179 -34.24 -28.47 4.23
C TYR B 179 -34.45 -29.65 5.17
N THR B 180 -35.67 -29.76 5.71
CA THR B 180 -36.01 -30.82 6.64
C THR B 180 -35.80 -32.20 6.03
N ARG B 181 -36.35 -32.39 4.82
CA ARG B 181 -36.21 -33.67 4.14
C ARG B 181 -34.75 -34.08 4.01
N LYS B 182 -33.95 -33.21 3.42
CA LYS B 182 -32.52 -33.45 3.23
C LYS B 182 -31.82 -33.74 4.56
N GLN B 183 -32.12 -32.94 5.58
CA GLN B 183 -31.45 -33.02 6.89
C GLN B 183 -31.76 -34.27 7.70
N TRP B 184 -33.04 -34.64 7.78
CA TRP B 184 -33.48 -35.73 8.63
C TRP B 184 -33.74 -37.01 7.84
N GLY B 185 -34.02 -36.87 6.56
CA GLY B 185 -34.38 -38.01 5.74
C GLY B 185 -35.85 -38.30 5.85
N LEU B 186 -36.56 -37.44 6.57
CA LEU B 186 -38.00 -37.57 6.77
C LEU B 186 -38.70 -36.33 6.26
N ASP B 187 -40.01 -36.43 6.03
CA ASP B 187 -40.83 -35.27 5.73
C ASP B 187 -41.19 -34.60 7.06
N PRO B 188 -41.34 -33.26 7.07
CA PRO B 188 -41.72 -32.54 8.29
C PRO B 188 -42.98 -33.12 8.95
N SER B 189 -43.85 -33.72 8.15
CA SER B 189 -45.06 -34.37 8.67
C SER B 189 -44.70 -35.58 9.53
N GLU B 190 -43.53 -36.17 9.27
CA GLU B 190 -43.09 -37.36 9.99
C GLU B 190 -42.27 -37.00 11.21
N LEU B 191 -42.22 -35.71 11.51
CA LEU B 191 -41.45 -35.21 12.65
C LEU B 191 -42.32 -34.42 13.61
N ASP B 192 -41.94 -34.45 14.89
CA ASP B 192 -42.63 -33.67 15.90
C ASP B 192 -42.53 -32.16 15.61
N ALA B 193 -43.58 -31.43 15.94
CA ALA B 193 -43.62 -29.99 15.68
C ALA B 193 -42.48 -29.22 16.36
N SER B 194 -41.94 -29.77 17.43
CA SER B 194 -40.88 -29.10 18.18
C SER B 194 -39.64 -28.88 17.32
N VAL B 195 -39.50 -29.68 16.27
CA VAL B 195 -38.33 -29.60 15.40
C VAL B 195 -38.26 -28.28 14.63
N THR B 196 -39.14 -28.10 13.66
CA THR B 196 -39.12 -26.87 12.86
C THR B 196 -39.57 -25.66 13.68
N ALA B 197 -40.19 -25.93 14.83
CA ALA B 197 -40.60 -24.85 15.73
C ALA B 197 -39.36 -24.13 16.27
N ARG B 198 -38.23 -24.80 16.21
CA ARG B 198 -36.97 -24.21 16.65
C ARG B 198 -36.68 -22.90 15.93
N VAL B 199 -37.16 -22.80 14.69
CA VAL B 199 -36.90 -21.61 13.88
C VAL B 199 -38.14 -20.75 13.73
N PRO B 200 -38.24 -19.70 14.56
CA PRO B 200 -39.40 -18.80 14.61
C PRO B 200 -39.63 -18.10 13.29
N THR B 201 -40.86 -17.66 13.08
CA THR B 201 -41.18 -16.76 11.97
C THR B 201 -41.54 -15.41 12.57
N ARG B 202 -41.12 -14.32 11.93
CA ARG B 202 -41.29 -12.99 12.51
C ARG B 202 -42.11 -12.04 11.64
N THR B 203 -42.52 -10.91 12.23
CA THR B 203 -43.14 -9.83 11.47
C THR B 203 -42.28 -8.57 11.53
N ASN B 204 -41.26 -8.60 12.40
CA ASN B 204 -40.33 -7.49 12.49
C ASN B 204 -39.21 -7.64 11.46
N ARG B 205 -38.11 -6.94 11.67
CA ARG B 205 -37.00 -6.98 10.72
C ARG B 205 -35.73 -7.52 11.36
N ASP B 206 -35.90 -8.27 12.44
CA ASP B 206 -34.78 -8.92 13.10
C ASP B 206 -34.23 -10.04 12.21
N ASN B 207 -32.94 -9.99 11.90
CA ASN B 207 -32.32 -11.00 11.08
C ASN B 207 -31.32 -11.87 11.83
N ARG B 208 -31.29 -11.75 13.16
CA ARG B 208 -30.49 -12.64 13.99
C ARG B 208 -31.14 -14.02 14.07
N TYR B 209 -30.33 -15.06 14.11
CA TYR B 209 -30.85 -16.42 14.21
C TYR B 209 -31.44 -16.61 15.60
N PHE B 210 -30.82 -15.97 16.59
CA PHE B 210 -31.25 -16.08 17.96
C PHE B 210 -31.68 -14.72 18.51
N ALA B 211 -32.74 -14.72 19.31
CA ALA B 211 -33.18 -13.50 19.97
C ALA B 211 -32.68 -13.48 21.41
N ASP B 212 -31.95 -14.53 21.79
CA ASP B 212 -31.47 -14.68 23.16
C ASP B 212 -30.88 -13.41 23.76
N THR B 213 -30.97 -13.30 25.08
CA THR B 213 -30.42 -12.16 25.81
C THR B 213 -28.90 -12.16 25.73
N TYR B 214 -28.31 -13.34 25.87
CA TYR B 214 -26.86 -13.46 25.92
C TYR B 214 -26.27 -14.24 24.75
N GLN B 215 -25.66 -13.52 23.81
CA GLN B 215 -25.04 -14.15 22.64
C GLN B 215 -23.56 -13.78 22.54
N ALA B 216 -22.69 -14.76 22.78
CA ALA B 216 -21.25 -14.52 22.75
C ALA B 216 -20.46 -15.82 22.61
N MET B 217 -19.28 -15.73 21.99
CA MET B 217 -18.40 -16.87 21.79
C MET B 217 -17.28 -16.86 22.81
N PRO B 218 -16.88 -18.05 23.28
CA PRO B 218 -15.70 -18.12 24.17
C PRO B 218 -14.50 -17.47 23.50
N LEU B 219 -13.98 -16.40 24.10
CA LEU B 219 -12.94 -15.57 23.50
C LEU B 219 -11.78 -16.32 22.88
N HIS B 220 -11.36 -17.42 23.52
CA HIS B 220 -10.20 -18.16 23.03
C HIS B 220 -10.57 -19.58 22.61
N GLY B 221 -11.87 -19.83 22.44
CA GLY B 221 -12.34 -21.12 21.96
C GLY B 221 -12.96 -21.98 23.04
N TYR B 222 -13.78 -22.95 22.63
CA TYR B 222 -14.44 -23.86 23.58
C TYR B 222 -13.43 -24.72 24.32
N THR B 223 -12.43 -25.21 23.60
CA THR B 223 -11.45 -26.09 24.21
C THR B 223 -10.73 -25.41 25.38
N ARG B 224 -10.28 -24.18 25.15
CA ARG B 224 -9.63 -23.39 26.21
C ARG B 224 -10.57 -23.27 27.41
N MET B 225 -11.86 -23.11 27.14
CA MET B 225 -12.85 -22.99 28.21
C MET B 225 -12.97 -24.29 28.98
N PHE B 226 -13.12 -25.40 28.26
CA PHE B 226 -13.24 -26.69 28.91
C PHE B 226 -12.00 -27.00 29.76
N GLN B 227 -10.82 -26.65 29.25
CA GLN B 227 -9.58 -26.91 29.98
C GLN B 227 -9.56 -26.26 31.37
N ASN B 228 -10.11 -25.06 31.46
CA ASN B 228 -10.27 -24.41 32.76
C ASN B 228 -11.28 -25.20 33.59
N MET B 229 -12.42 -25.50 32.99
CA MET B 229 -13.50 -26.22 33.66
C MET B 229 -13.00 -27.50 34.32
N LEU B 230 -12.11 -28.22 33.65
CA LEU B 230 -11.61 -29.49 34.15
C LEU B 230 -10.23 -29.37 34.82
N SER B 231 -9.91 -28.19 35.33
CA SER B 231 -8.57 -27.94 35.84
C SER B 231 -8.36 -28.35 37.29
N SER B 232 -9.44 -28.63 38.02
CA SER B 232 -9.34 -28.98 39.44
C SER B 232 -8.49 -30.23 39.70
N PRO B 233 -7.66 -30.18 40.74
CA PRO B 233 -6.84 -31.33 41.14
C PRO B 233 -7.71 -32.54 41.45
N ASN B 234 -9.01 -32.30 41.65
CA ASN B 234 -9.96 -33.36 41.93
C ASN B 234 -10.51 -34.04 40.68
N ILE B 235 -10.04 -33.63 39.51
CA ILE B 235 -10.54 -34.17 38.25
C ILE B 235 -9.45 -34.83 37.42
N LYS B 236 -9.37 -36.15 37.48
CA LYS B 236 -8.50 -36.90 36.58
C LYS B 236 -9.19 -37.08 35.25
N VAL B 237 -8.45 -36.99 34.16
CA VAL B 237 -9.05 -37.02 32.84
C VAL B 237 -8.51 -38.17 32.01
N MET B 238 -9.42 -38.93 31.42
CA MET B 238 -9.06 -40.09 30.62
C MET B 238 -9.68 -40.00 29.24
N LEU B 239 -8.83 -40.00 28.21
CA LEU B 239 -9.29 -39.85 26.85
C LEU B 239 -9.03 -41.11 26.02
N ASN B 240 -9.69 -41.21 24.86
CA ASN B 240 -9.50 -42.34 23.97
C ASN B 240 -9.83 -43.65 24.67
N THR B 241 -10.83 -43.59 25.55
CA THR B 241 -11.20 -44.72 26.37
C THR B 241 -12.71 -44.81 26.49
N ASP B 242 -13.25 -45.98 26.13
CA ASP B 242 -14.66 -46.28 26.35
C ASP B 242 -14.83 -46.67 27.82
N TYR B 243 -15.84 -46.11 28.47
CA TYR B 243 -16.02 -46.35 29.91
C TYR B 243 -16.09 -47.83 30.23
N ARG B 244 -16.63 -48.62 29.31
CA ARG B 244 -16.71 -50.06 29.48
C ARG B 244 -15.33 -50.71 29.57
N GLU B 245 -14.33 -50.05 29.00
CA GLU B 245 -12.97 -50.58 29.01
C GLU B 245 -12.36 -50.56 30.41
N ILE B 246 -12.89 -49.73 31.28
CA ILE B 246 -12.32 -49.56 32.61
C ILE B 246 -13.35 -49.66 33.73
N ALA B 247 -14.62 -49.76 33.36
CA ALA B 247 -15.69 -49.81 34.34
C ALA B 247 -15.49 -50.94 35.35
N ASP B 248 -14.82 -52.00 34.92
CA ASP B 248 -14.66 -53.19 35.75
C ASP B 248 -13.67 -53.03 36.90
N PHE B 249 -12.54 -52.40 36.65
CA PHE B 249 -11.47 -52.38 37.64
C PHE B 249 -11.09 -51.00 38.16
N ILE B 250 -12.01 -50.04 38.04
CA ILE B 250 -11.79 -48.73 38.64
C ILE B 250 -12.93 -48.38 39.59
N PRO B 251 -12.62 -48.32 40.89
CA PRO B 251 -13.62 -48.09 41.94
C PRO B 251 -14.26 -46.72 41.86
N PHE B 252 -15.58 -46.69 41.73
CA PHE B 252 -16.34 -45.46 41.80
C PHE B 252 -17.64 -45.70 42.56
N GLN B 253 -18.14 -44.66 43.23
CA GLN B 253 -19.35 -44.81 44.03
C GLN B 253 -20.60 -44.42 43.25
N HIS B 254 -20.44 -43.64 42.19
CA HIS B 254 -21.56 -43.23 41.36
C HIS B 254 -21.10 -42.88 39.96
N MET B 255 -21.94 -43.17 38.97
CA MET B 255 -21.60 -42.89 37.58
C MET B 255 -22.53 -41.87 36.96
N ILE B 256 -21.96 -40.90 36.26
CA ILE B 256 -22.73 -39.97 35.46
C ILE B 256 -22.48 -40.30 33.99
N TYR B 257 -23.55 -40.70 33.29
CA TYR B 257 -23.44 -41.12 31.90
C TYR B 257 -24.03 -40.10 30.94
N THR B 258 -23.24 -39.66 29.98
CA THR B 258 -23.68 -38.67 29.00
C THR B 258 -23.58 -39.17 27.56
N GLY B 259 -23.49 -40.48 27.39
CA GLY B 259 -23.49 -41.07 26.06
C GLY B 259 -24.90 -41.43 25.62
N PRO B 260 -25.02 -42.15 24.50
CA PRO B 260 -26.33 -42.60 24.00
C PRO B 260 -26.97 -43.65 24.90
N VAL B 261 -28.21 -43.42 25.34
CA VAL B 261 -28.89 -44.34 26.26
C VAL B 261 -28.95 -45.78 25.78
N ASP B 262 -29.47 -45.98 24.57
CA ASP B 262 -29.68 -47.32 24.06
C ASP B 262 -28.40 -48.16 24.17
N ALA B 263 -27.26 -47.56 23.87
CA ALA B 263 -25.98 -48.26 23.95
C ALA B 263 -25.62 -48.67 25.37
N PHE B 264 -25.94 -47.80 26.33
CA PHE B 264 -25.64 -48.07 27.72
C PHE B 264 -26.29 -49.36 28.20
N PHE B 265 -27.48 -49.65 27.67
CA PHE B 265 -28.19 -50.89 28.01
C PHE B 265 -28.09 -51.93 26.90
N ASP B 266 -27.01 -51.86 26.12
CA ASP B 266 -26.73 -52.86 25.08
C ASP B 266 -27.83 -52.93 24.02
N PHE B 267 -28.59 -51.85 23.88
CA PHE B 267 -29.69 -51.82 22.92
C PHE B 267 -30.64 -52.99 23.14
N CYS B 268 -30.96 -53.27 24.40
CA CYS B 268 -31.82 -54.40 24.73
C CYS B 268 -33.25 -54.23 24.22
N TYR B 269 -33.58 -53.03 23.73
CA TYR B 269 -34.89 -52.79 23.15
C TYR B 269 -34.76 -52.44 21.67
N GLY B 270 -33.54 -52.53 21.15
CA GLY B 270 -33.28 -52.17 19.76
C GLY B 270 -32.58 -50.84 19.65
N LYS B 271 -32.18 -50.49 18.43
CA LYS B 271 -31.45 -49.25 18.19
C LYS B 271 -32.36 -48.03 18.31
N LEU B 272 -31.89 -47.03 19.05
CA LEU B 272 -32.60 -45.78 19.21
C LEU B 272 -32.05 -44.81 18.16
N PRO B 273 -32.90 -44.40 17.21
CA PRO B 273 -32.48 -43.54 16.10
C PRO B 273 -31.79 -42.24 16.51
N TYR B 274 -30.59 -42.05 15.99
CA TYR B 274 -29.85 -40.80 16.12
C TYR B 274 -29.35 -40.41 14.73
N ARG B 275 -29.73 -39.22 14.27
CA ARG B 275 -29.24 -38.73 12.98
C ARG B 275 -27.78 -38.30 13.09
N SER B 276 -27.03 -38.45 12.01
CA SER B 276 -25.60 -38.11 12.01
C SER B 276 -25.25 -37.11 10.90
N LEU B 277 -23.97 -36.81 10.78
CA LEU B 277 -23.49 -35.81 9.83
C LEU B 277 -22.08 -36.13 9.35
N GLU B 278 -21.81 -35.80 8.09
CA GLU B 278 -20.44 -35.83 7.58
C GLU B 278 -19.95 -34.40 7.36
N PHE B 279 -18.73 -34.11 7.81
CA PHE B 279 -18.21 -32.76 7.72
C PHE B 279 -17.06 -32.67 6.73
N ARG B 280 -17.22 -31.81 5.72
CA ARG B 280 -16.14 -31.57 4.76
C ARG B 280 -15.53 -30.17 4.94
N HIS B 281 -14.35 -30.12 5.55
CA HIS B 281 -13.69 -28.86 5.83
C HIS B 281 -12.79 -28.42 4.67
N GLU B 282 -12.80 -27.13 4.37
CA GLU B 282 -11.97 -26.59 3.29
C GLU B 282 -11.31 -25.29 3.70
N THR B 283 -10.13 -25.03 3.14
CA THR B 283 -9.46 -23.76 3.34
C THR B 283 -9.23 -23.08 1.98
N HIS B 284 -9.64 -21.81 1.88
CA HIS B 284 -9.50 -21.07 0.64
C HIS B 284 -8.51 -19.93 0.81
N ASP B 285 -7.84 -19.56 -0.28
CA ASP B 285 -6.83 -18.50 -0.21
C ASP B 285 -7.45 -17.12 -0.43
N THR B 286 -8.39 -16.77 0.45
CA THR B 286 -8.98 -15.45 0.46
C THR B 286 -9.46 -15.17 1.88
N GLU B 287 -9.66 -13.89 2.21
CA GLU B 287 -10.00 -13.52 3.59
C GLU B 287 -11.45 -13.82 3.95
N GLN B 288 -12.35 -13.68 2.98
CA GLN B 288 -13.76 -13.95 3.25
C GLN B 288 -14.46 -14.66 2.10
N LEU B 289 -15.10 -15.77 2.41
CA LEU B 289 -15.80 -16.57 1.40
C LEU B 289 -17.30 -16.31 1.42
N LEU B 290 -17.85 -16.05 2.61
CA LEU B 290 -19.30 -15.89 2.79
C LEU B 290 -19.68 -14.52 3.33
N PRO B 291 -20.91 -14.07 3.00
CA PRO B 291 -21.49 -12.81 3.47
C PRO B 291 -21.85 -12.82 4.96
N THR B 292 -22.08 -13.99 5.53
CA THR B 292 -22.30 -14.13 6.98
C THR B 292 -21.68 -15.43 7.48
N GLY B 293 -21.98 -15.78 8.72
CA GLY B 293 -21.41 -16.97 9.33
C GLY B 293 -21.86 -18.27 8.69
N THR B 294 -23.12 -18.33 8.26
CA THR B 294 -23.68 -19.54 7.69
C THR B 294 -24.67 -19.26 6.56
N VAL B 295 -24.64 -20.10 5.53
CA VAL B 295 -25.60 -20.05 4.44
C VAL B 295 -26.27 -21.41 4.31
N ASN B 296 -27.60 -21.43 4.44
CA ASN B 296 -28.37 -22.66 4.28
C ASN B 296 -28.82 -22.88 2.84
N TYR B 297 -28.97 -24.14 2.47
CA TYR B 297 -29.44 -24.51 1.15
C TYR B 297 -30.62 -25.48 1.23
N PRO B 298 -31.84 -24.94 1.33
CA PRO B 298 -33.06 -25.73 1.47
C PRO B 298 -33.38 -26.56 0.22
N ASN B 299 -32.92 -26.13 -0.93
CA ASN B 299 -33.36 -26.72 -2.15
C ASN B 299 -32.27 -27.04 -3.14
N ASP B 300 -31.02 -26.86 -2.78
CA ASP B 300 -29.95 -27.15 -3.71
C ASP B 300 -28.83 -27.97 -3.06
N TYR B 301 -28.08 -28.68 -3.87
CA TYR B 301 -26.87 -29.35 -3.43
C TYR B 301 -27.10 -30.38 -2.35
N ALA B 302 -26.09 -31.15 -2.05
CA ALA B 302 -26.20 -32.24 -1.07
C ALA B 302 -26.00 -31.81 0.35
N TYR B 303 -25.18 -30.80 0.57
CA TYR B 303 -24.97 -30.27 1.86
C TYR B 303 -26.10 -29.36 2.24
N THR B 304 -26.40 -29.29 3.53
CA THR B 304 -27.47 -28.45 4.04
C THR B 304 -27.06 -26.99 4.20
N ARG B 305 -25.80 -26.76 4.55
CA ARG B 305 -25.31 -25.41 4.80
C ARG B 305 -23.79 -25.31 4.75
N VAL B 306 -23.30 -24.08 4.62
CA VAL B 306 -21.88 -23.78 4.63
C VAL B 306 -21.59 -22.79 5.74
N SER B 307 -20.51 -23.00 6.48
CA SER B 307 -20.16 -22.10 7.56
C SER B 307 -18.71 -21.61 7.47
N GLU B 308 -18.51 -20.35 7.81
CA GLU B 308 -17.19 -19.74 7.77
C GLU B 308 -16.77 -19.34 9.18
N PHE B 309 -15.76 -20.03 9.70
CA PHE B 309 -15.42 -19.94 11.12
C PHE B 309 -14.94 -18.57 11.60
N LYS B 310 -14.27 -17.82 10.73
CA LYS B 310 -13.76 -16.52 11.12
C LYS B 310 -14.87 -15.54 11.52
N HIS B 311 -16.01 -15.59 10.82
CA HIS B 311 -17.17 -14.78 11.18
C HIS B 311 -17.51 -14.99 12.65
N ILE B 312 -17.31 -16.22 13.12
CA ILE B 312 -17.76 -16.62 14.44
C ILE B 312 -16.71 -16.35 15.51
N THR B 313 -15.47 -16.72 15.22
CA THR B 313 -14.38 -16.55 16.17
C THR B 313 -13.91 -15.11 16.23
N GLY B 314 -14.07 -14.40 15.12
CA GLY B 314 -13.53 -13.06 14.98
C GLY B 314 -12.04 -13.10 14.65
N GLN B 315 -11.56 -14.27 14.27
CA GLN B 315 -10.13 -14.44 13.99
C GLN B 315 -9.66 -13.68 12.74
N ARG B 316 -8.59 -12.93 12.90
CA ARG B 316 -7.96 -12.28 11.75
C ARG B 316 -6.99 -13.27 11.10
N HIS B 317 -7.10 -13.41 9.78
CA HIS B 317 -6.32 -14.39 9.04
C HIS B 317 -6.41 -14.07 7.56
N HIS B 318 -5.30 -14.20 6.84
CA HIS B 318 -5.29 -13.83 5.43
C HIS B 318 -5.92 -14.93 4.59
N GLN B 319 -6.28 -16.02 5.24
CA GLN B 319 -7.01 -17.10 4.59
C GLN B 319 -8.31 -17.35 5.36
N THR B 320 -9.11 -18.30 4.88
CA THR B 320 -10.36 -18.61 5.54
C THR B 320 -10.69 -20.10 5.43
N SER B 321 -11.34 -20.63 6.45
CA SER B 321 -11.71 -22.04 6.49
C SER B 321 -13.22 -22.20 6.64
N VAL B 322 -13.81 -23.07 5.82
CA VAL B 322 -15.24 -23.32 5.89
C VAL B 322 -15.56 -24.80 6.06
N VAL B 323 -16.77 -25.11 6.51
CA VAL B 323 -17.20 -26.50 6.60
C VAL B 323 -18.56 -26.73 5.95
N TYR B 324 -18.65 -27.78 5.13
CA TYR B 324 -19.88 -28.19 4.48
C TYR B 324 -20.46 -29.39 5.23
N GLU B 325 -21.75 -29.32 5.54
CA GLU B 325 -22.41 -30.39 6.30
C GLU B 325 -23.26 -31.29 5.41
N TYR B 326 -22.99 -32.60 5.47
CA TYR B 326 -23.80 -33.58 4.77
C TYR B 326 -24.54 -34.48 5.76
N PRO B 327 -25.88 -34.49 5.70
CA PRO B 327 -26.70 -35.38 6.54
C PRO B 327 -26.35 -36.85 6.32
N ARG B 328 -26.34 -37.63 7.40
CA ARG B 328 -26.01 -39.05 7.33
C ARG B 328 -26.84 -39.89 8.30
N ALA B 329 -27.25 -41.07 7.86
CA ALA B 329 -28.01 -41.97 8.71
C ALA B 329 -27.10 -42.79 9.62
N GLU B 330 -25.94 -43.17 9.11
CA GLU B 330 -24.95 -43.89 9.91
C GLU B 330 -23.84 -42.97 10.38
N GLY B 331 -23.25 -43.29 11.53
CA GLY B 331 -22.16 -42.50 12.08
C GLY B 331 -22.39 -42.11 13.53
N ASP B 332 -21.51 -41.26 14.06
CA ASP B 332 -21.63 -40.79 15.44
C ASP B 332 -22.96 -40.06 15.66
N PRO B 333 -23.60 -40.32 16.80
CA PRO B 333 -24.91 -39.75 17.14
C PRO B 333 -24.82 -38.24 17.39
N TYR B 334 -25.57 -37.46 16.64
CA TYR B 334 -25.59 -36.02 16.84
C TYR B 334 -26.97 -35.51 17.19
N TYR B 335 -27.99 -35.99 16.50
CA TYR B 335 -29.35 -35.56 16.75
C TYR B 335 -30.27 -36.66 17.26
N PRO B 336 -31.09 -36.34 18.26
CA PRO B 336 -32.22 -37.24 18.53
C PRO B 336 -33.21 -37.03 17.40
N VAL B 337 -33.96 -38.05 17.04
CA VAL B 337 -34.97 -37.90 16.02
C VAL B 337 -36.33 -37.84 16.70
N PRO B 338 -36.85 -36.63 16.88
CA PRO B 338 -38.09 -36.36 17.61
C PRO B 338 -39.35 -36.75 16.84
N ARG B 339 -39.87 -37.93 17.16
CA ARG B 339 -41.16 -38.39 16.64
C ARG B 339 -41.75 -39.50 17.53
N PRO B 340 -43.08 -39.67 17.47
CA PRO B 340 -43.81 -40.65 18.29
C PRO B 340 -43.11 -41.99 18.52
N GLU B 341 -42.79 -42.75 17.47
CA GLU B 341 -42.23 -44.07 17.68
C GLU B 341 -40.84 -44.02 18.34
N ASN B 342 -40.11 -42.95 18.09
CA ASN B 342 -38.81 -42.77 18.72
C ASN B 342 -38.97 -42.38 20.18
N ALA B 343 -39.95 -41.52 20.46
CA ALA B 343 -40.25 -41.14 21.83
C ALA B 343 -40.60 -42.39 22.60
N GLU B 344 -41.43 -43.24 22.01
CA GLU B 344 -41.90 -44.45 22.65
C GLU B 344 -40.73 -45.39 22.96
N LEU B 345 -39.73 -45.42 22.08
CA LEU B 345 -38.57 -46.25 22.32
C LEU B 345 -37.75 -45.70 23.49
N TYR B 346 -37.59 -44.39 23.53
CA TYR B 346 -36.81 -43.77 24.59
C TYR B 346 -37.45 -44.01 25.96
N LYS B 347 -38.77 -43.93 26.01
CA LYS B 347 -39.48 -44.11 27.26
C LYS B 347 -39.10 -45.43 27.92
N LYS B 348 -38.86 -46.46 27.11
CA LYS B 348 -38.41 -47.75 27.64
C LYS B 348 -37.08 -47.61 28.37
N TYR B 349 -36.11 -46.99 27.70
CA TYR B 349 -34.77 -46.80 28.26
C TYR B 349 -34.78 -45.82 29.42
N GLU B 350 -35.50 -44.71 29.25
CA GLU B 350 -35.62 -43.70 30.29
C GLU B 350 -36.09 -44.37 31.58
N ALA B 351 -37.05 -45.27 31.46
CA ALA B 351 -37.53 -46.06 32.58
C ALA B 351 -36.38 -46.83 33.22
N LEU B 352 -35.59 -47.52 32.40
CA LEU B 352 -34.44 -48.26 32.90
C LEU B 352 -33.41 -47.34 33.53
N ALA B 353 -33.20 -46.18 32.91
CA ALA B 353 -32.25 -45.19 33.41
C ALA B 353 -32.68 -44.66 34.78
N ASP B 354 -33.98 -44.42 34.93
CA ASP B 354 -34.51 -43.92 36.19
C ASP B 354 -34.44 -44.99 37.29
N ALA B 355 -34.44 -46.25 36.87
CA ALA B 355 -34.33 -47.36 37.82
C ALA B 355 -32.88 -47.68 38.10
N ALA B 356 -31.98 -46.98 37.42
CA ALA B 356 -30.55 -47.15 37.64
C ALA B 356 -30.16 -46.61 39.00
N GLN B 357 -29.69 -47.51 39.86
CA GLN B 357 -29.33 -47.15 41.22
C GLN B 357 -28.24 -46.06 41.26
N ASP B 358 -27.06 -46.42 40.79
CA ASP B 358 -25.88 -45.57 40.96
C ASP B 358 -25.51 -44.86 39.66
N VAL B 359 -26.49 -44.63 38.81
CA VAL B 359 -26.22 -43.98 37.53
C VAL B 359 -27.19 -42.84 37.23
N THR B 360 -26.63 -41.63 37.08
CA THR B 360 -27.42 -40.46 36.71
C THR B 360 -27.24 -40.17 35.22
N PHE B 361 -28.34 -39.91 34.54
CA PHE B 361 -28.31 -39.67 33.10
C PHE B 361 -28.54 -38.19 32.78
N VAL B 362 -27.65 -37.61 32.00
CA VAL B 362 -27.70 -36.18 31.70
C VAL B 362 -27.07 -35.87 30.34
N GLY B 363 -27.66 -34.92 29.62
CA GLY B 363 -27.12 -34.48 28.35
C GLY B 363 -28.04 -34.71 27.16
N ARG B 364 -27.62 -34.25 25.98
CA ARG B 364 -28.42 -34.36 24.77
C ARG B 364 -28.66 -35.82 24.37
N LEU B 365 -27.62 -36.62 24.44
CA LEU B 365 -27.68 -38.01 23.99
C LEU B 365 -28.20 -38.95 25.07
N ALA B 366 -27.82 -38.67 26.31
CA ALA B 366 -28.15 -39.57 27.42
C ALA B 366 -29.60 -39.44 27.86
N THR B 367 -30.23 -38.31 27.55
CA THR B 367 -31.64 -38.11 27.88
C THR B 367 -32.46 -37.95 26.61
N TYR B 368 -31.79 -38.08 25.47
CA TYR B 368 -32.46 -38.05 24.18
C TYR B 368 -33.28 -36.77 24.00
N ARG B 369 -32.60 -35.63 24.10
CA ARG B 369 -33.26 -34.34 23.94
C ARG B 369 -32.50 -33.45 22.96
N TYR B 370 -33.24 -32.74 22.12
CA TYR B 370 -32.66 -31.83 21.14
C TYR B 370 -32.22 -30.55 21.85
N TYR B 371 -31.17 -30.66 22.66
CA TYR B 371 -30.72 -29.54 23.48
C TYR B 371 -29.62 -28.70 22.84
N ASN B 372 -29.69 -27.38 23.08
CA ASN B 372 -28.56 -26.51 22.77
C ASN B 372 -27.59 -26.54 23.94
N MET B 373 -26.41 -25.97 23.73
CA MET B 373 -25.35 -25.99 24.74
C MET B 373 -25.81 -25.45 26.08
N ASP B 374 -26.37 -24.25 26.08
CA ASP B 374 -26.78 -23.63 27.33
C ASP B 374 -27.79 -24.49 28.09
N GLN B 375 -28.58 -25.26 27.34
CA GLN B 375 -29.62 -26.08 27.96
C GLN B 375 -29.01 -27.29 28.65
N VAL B 376 -27.98 -27.86 28.06
CA VAL B 376 -27.29 -28.98 28.66
C VAL B 376 -26.58 -28.50 29.92
N VAL B 377 -25.86 -27.39 29.80
CA VAL B 377 -25.23 -26.77 30.96
C VAL B 377 -26.25 -26.61 32.08
N ALA B 378 -27.39 -26.00 31.76
CA ALA B 378 -28.45 -25.81 32.75
C ALA B 378 -28.85 -27.14 33.37
N GLN B 379 -29.12 -28.12 32.50
CA GLN B 379 -29.54 -29.44 32.93
C GLN B 379 -28.48 -30.12 33.81
N ALA B 380 -27.22 -29.78 33.59
CA ALA B 380 -26.14 -30.34 34.39
C ALA B 380 -26.04 -29.65 35.75
N LEU B 381 -26.36 -28.36 35.77
CA LEU B 381 -26.36 -27.62 37.03
C LEU B 381 -27.51 -28.10 37.92
N ALA B 382 -28.70 -28.19 37.33
CA ALA B 382 -29.87 -28.69 38.05
C ALA B 382 -29.60 -30.09 38.62
N THR B 383 -28.90 -30.92 37.86
CA THR B 383 -28.56 -32.26 38.29
C THR B 383 -27.56 -32.24 39.45
N PHE B 384 -26.61 -31.32 39.38
CA PHE B 384 -25.63 -31.17 40.44
C PHE B 384 -26.31 -30.86 41.78
N ARG B 385 -27.31 -29.98 41.73
CA ARG B 385 -28.03 -29.60 42.95
C ARG B 385 -28.77 -30.78 43.57
N ARG B 386 -29.49 -31.55 42.74
CA ARG B 386 -30.18 -32.74 43.22
C ARG B 386 -29.22 -33.69 43.91
N LEU B 387 -28.09 -33.96 43.27
CA LEU B 387 -27.06 -34.82 43.85
C LEU B 387 -26.59 -34.29 45.21
N GLN B 388 -26.39 -32.99 45.31
CA GLN B 388 -25.96 -32.38 46.56
C GLN B 388 -27.05 -32.42 47.61
N GLY B 389 -28.22 -32.94 47.23
CA GLY B 389 -29.35 -33.02 48.13
C GLY B 389 -30.27 -31.83 48.01
N LEU C 33 -14.32 -49.32 -31.43
CA LEU C 33 -13.85 -48.10 -32.09
C LEU C 33 -14.83 -46.94 -31.94
N ILE C 34 -14.55 -46.05 -30.99
CA ILE C 34 -15.39 -44.88 -30.77
C ILE C 34 -14.82 -43.65 -31.47
N VAL C 35 -15.59 -43.10 -32.41
CA VAL C 35 -15.18 -41.93 -33.18
C VAL C 35 -15.68 -40.63 -32.55
N GLY C 36 -14.89 -40.08 -31.63
CA GLY C 36 -15.27 -38.86 -30.95
C GLY C 36 -14.93 -38.95 -29.47
N ALA C 37 -14.07 -38.05 -29.00
CA ALA C 37 -13.65 -38.08 -27.60
C ALA C 37 -14.39 -37.05 -26.75
N GLY C 38 -15.51 -36.56 -27.27
CA GLY C 38 -16.39 -35.67 -26.52
C GLY C 38 -17.20 -36.45 -25.51
N PHE C 39 -18.07 -35.78 -24.78
CA PHE C 39 -18.88 -36.44 -23.76
C PHE C 39 -19.49 -37.75 -24.26
N ALA C 40 -20.22 -37.67 -25.37
CA ALA C 40 -20.87 -38.85 -25.92
C ALA C 40 -19.89 -40.02 -26.00
N GLY C 41 -18.79 -39.82 -26.71
CA GLY C 41 -17.80 -40.86 -26.90
C GLY C 41 -17.06 -41.26 -25.65
N SER C 42 -16.75 -40.29 -24.79
CA SER C 42 -15.94 -40.56 -23.60
C SER C 42 -16.69 -41.29 -22.47
N VAL C 43 -18.01 -41.21 -22.46
CA VAL C 43 -18.79 -41.91 -21.43
C VAL C 43 -18.92 -43.39 -21.76
N LEU C 44 -19.41 -43.67 -22.96
CA LEU C 44 -19.49 -45.03 -23.45
C LEU C 44 -18.14 -45.70 -23.28
N ALA C 45 -17.08 -44.98 -23.65
CA ALA C 45 -15.73 -45.51 -23.50
C ALA C 45 -15.51 -46.01 -22.08
N GLU C 46 -15.70 -45.12 -21.11
CA GLU C 46 -15.51 -45.47 -19.71
C GLU C 46 -16.45 -46.59 -19.30
N ARG C 47 -17.61 -46.66 -19.92
CA ARG C 47 -18.59 -47.72 -19.64
C ARG C 47 -18.12 -49.06 -20.17
N LEU C 48 -18.00 -49.16 -21.50
CA LEU C 48 -17.60 -50.39 -22.15
C LEU C 48 -16.25 -50.89 -21.64
N ALA C 49 -15.48 -49.93 -21.16
CA ALA C 49 -14.14 -50.15 -20.70
C ALA C 49 -14.20 -50.95 -19.44
N SER C 50 -15.37 -51.40 -19.08
CA SER C 50 -15.46 -52.01 -17.78
C SER C 50 -16.35 -53.20 -17.86
N SER C 51 -17.33 -53.12 -18.75
CA SER C 51 -17.81 -54.26 -19.45
C SER C 51 -16.60 -55.10 -19.83
N GLY C 52 -15.42 -54.49 -19.85
CA GLY C 52 -14.28 -55.18 -20.41
C GLY C 52 -14.71 -55.51 -21.80
N GLN C 53 -14.97 -54.50 -22.59
CA GLN C 53 -14.91 -54.65 -24.01
C GLN C 53 -13.61 -53.93 -24.34
N ARG C 54 -13.11 -54.02 -25.55
CA ARG C 54 -11.83 -53.39 -25.87
C ARG C 54 -12.11 -52.13 -26.63
N VAL C 55 -11.66 -50.96 -26.18
CA VAL C 55 -11.97 -49.82 -27.03
C VAL C 55 -10.86 -48.88 -27.46
N LEU C 56 -11.00 -48.42 -28.69
CA LEU C 56 -10.18 -47.39 -29.23
C LEU C 56 -11.09 -46.25 -29.57
N ILE C 57 -10.79 -45.11 -29.01
CA ILE C 57 -11.53 -43.90 -29.17
C ILE C 57 -10.59 -42.97 -29.87
N VAL C 58 -11.08 -42.30 -30.88
CA VAL C 58 -10.25 -41.54 -31.75
C VAL C 58 -10.84 -40.15 -31.84
N ASP C 59 -10.05 -39.16 -32.15
CA ASP C 59 -10.56 -37.80 -32.35
C ASP C 59 -9.63 -37.01 -33.26
N ARG C 60 -10.21 -36.31 -34.24
CA ARG C 60 -9.41 -35.55 -35.19
C ARG C 60 -8.71 -34.37 -34.52
N ARG C 61 -9.26 -33.94 -33.39
CA ARG C 61 -8.63 -32.89 -32.58
C ARG C 61 -7.44 -33.49 -31.82
N PRO C 62 -6.56 -32.62 -31.30
CA PRO C 62 -5.35 -33.09 -30.63
C PRO C 62 -5.58 -33.33 -29.14
N HIS C 63 -6.84 -33.30 -28.71
CA HIS C 63 -7.16 -33.41 -27.28
C HIS C 63 -8.49 -34.14 -27.07
N ILE C 64 -8.79 -34.43 -25.81
CA ILE C 64 -10.04 -35.08 -25.44
C ILE C 64 -11.09 -34.07 -25.02
N GLY C 65 -12.32 -34.55 -24.76
CA GLY C 65 -13.35 -33.72 -24.20
C GLY C 65 -14.20 -32.90 -25.16
N GLY C 66 -14.06 -33.14 -26.46
CA GLY C 66 -14.83 -32.42 -27.46
C GLY C 66 -14.90 -30.92 -27.19
N ASN C 67 -16.07 -30.33 -27.41
CA ASN C 67 -16.29 -28.90 -27.16
C ASN C 67 -15.97 -28.47 -25.73
N ALA C 68 -16.11 -29.40 -24.79
CA ALA C 68 -16.00 -29.09 -23.37
C ALA C 68 -14.56 -28.96 -22.91
N TYR C 69 -13.62 -29.19 -23.82
CA TYR C 69 -12.21 -29.15 -23.48
C TYR C 69 -11.80 -27.79 -22.89
N ASP C 70 -10.93 -27.84 -21.89
CA ASP C 70 -10.38 -26.62 -21.30
C ASP C 70 -8.87 -26.73 -21.08
N CYS C 71 -8.22 -25.60 -20.85
CA CYS C 71 -6.78 -25.57 -20.72
C CYS C 71 -6.31 -24.20 -20.23
N TYR C 72 -5.01 -24.08 -19.97
CA TYR C 72 -4.41 -22.81 -19.56
C TYR C 72 -3.81 -22.09 -20.77
N ASP C 73 -4.04 -20.79 -20.88
CA ASP C 73 -3.48 -20.00 -21.97
C ASP C 73 -2.10 -19.47 -21.61
N ASP C 74 -1.58 -18.56 -22.43
CA ASP C 74 -0.24 -18.04 -22.24
C ASP C 74 -0.09 -17.36 -20.88
N ALA C 75 -1.20 -16.85 -20.35
CA ALA C 75 -1.17 -16.07 -19.12
C ALA C 75 -1.32 -16.92 -17.86
N GLY C 76 -1.66 -18.20 -18.04
CA GLY C 76 -1.84 -19.09 -16.90
C GLY C 76 -3.30 -19.18 -16.48
N VAL C 77 -4.17 -18.52 -17.23
CA VAL C 77 -5.60 -18.53 -16.96
C VAL C 77 -6.23 -19.80 -17.55
N LEU C 78 -7.08 -20.45 -16.76
CA LEU C 78 -7.84 -21.59 -17.26
C LEU C 78 -9.00 -21.09 -18.12
N ILE C 79 -9.08 -21.55 -19.36
CA ILE C 79 -10.08 -21.06 -20.29
C ILE C 79 -10.74 -22.20 -21.05
N HIS C 80 -11.90 -21.93 -21.62
CA HIS C 80 -12.56 -22.89 -22.49
C HIS C 80 -12.42 -22.41 -23.93
N PRO C 81 -11.46 -22.98 -24.67
CA PRO C 81 -11.16 -22.62 -26.06
C PRO C 81 -12.40 -22.57 -26.96
N TYR C 82 -13.37 -23.44 -26.72
CA TYR C 82 -14.58 -23.48 -27.54
C TYR C 82 -15.78 -22.84 -26.85
N GLY C 83 -15.59 -21.69 -26.21
CA GLY C 83 -16.69 -20.99 -25.59
C GLY C 83 -17.07 -21.53 -24.22
N PRO C 84 -17.86 -20.75 -23.46
CA PRO C 84 -18.21 -20.99 -22.06
C PRO C 84 -18.96 -22.30 -21.85
N HIS C 85 -18.36 -23.21 -21.09
CA HIS C 85 -19.05 -24.46 -20.76
C HIS C 85 -19.36 -24.56 -19.26
N ILE C 86 -20.63 -24.37 -18.91
CA ILE C 86 -21.06 -24.39 -17.51
C ILE C 86 -21.93 -25.61 -17.25
N PHE C 87 -21.54 -26.43 -16.28
CA PHE C 87 -22.26 -27.66 -16.00
C PHE C 87 -23.43 -27.45 -15.05
N HIS C 88 -24.56 -28.06 -15.39
CA HIS C 88 -25.78 -27.89 -14.64
C HIS C 88 -26.74 -29.02 -14.98
N THR C 89 -27.27 -29.67 -13.95
CA THR C 89 -28.20 -30.78 -14.18
C THR C 89 -29.13 -31.02 -13.00
N ASN C 90 -30.29 -31.57 -13.33
CA ASN C 90 -31.21 -32.06 -12.31
C ASN C 90 -30.95 -33.54 -12.06
N SER C 91 -30.95 -34.31 -13.14
CA SER C 91 -30.71 -35.75 -13.09
C SER C 91 -29.62 -36.11 -12.07
N LYS C 92 -30.04 -36.70 -10.96
CA LYS C 92 -29.12 -37.09 -9.90
C LYS C 92 -28.23 -38.23 -10.39
N ASP C 93 -28.66 -38.89 -11.46
CA ASP C 93 -27.84 -39.90 -12.11
C ASP C 93 -26.57 -39.24 -12.63
N VAL C 94 -26.73 -38.48 -13.71
CA VAL C 94 -25.62 -37.82 -14.39
C VAL C 94 -24.66 -37.10 -13.44
N PHE C 95 -25.19 -36.48 -12.39
CA PHE C 95 -24.35 -35.67 -11.51
C PHE C 95 -23.34 -36.48 -10.69
N GLU C 96 -23.79 -37.58 -10.10
CA GLU C 96 -22.89 -38.39 -9.29
C GLU C 96 -21.96 -39.22 -10.18
N TYR C 97 -22.52 -39.81 -11.24
CA TYR C 97 -21.75 -40.53 -12.24
C TYR C 97 -20.51 -39.72 -12.62
N LEU C 98 -20.74 -38.47 -13.02
CA LEU C 98 -19.65 -37.57 -13.38
C LEU C 98 -18.76 -37.24 -12.18
N SER C 99 -19.33 -37.21 -10.98
CA SER C 99 -18.55 -36.91 -9.78
C SER C 99 -17.63 -38.06 -9.45
N ARG C 100 -17.83 -39.18 -10.13
CA ARG C 100 -16.96 -40.34 -9.98
C ARG C 100 -15.59 -39.97 -10.52
N PHE C 101 -15.61 -39.19 -11.59
CA PHE C 101 -14.44 -38.82 -12.32
C PHE C 101 -13.92 -37.43 -11.98
N THR C 102 -14.61 -36.70 -11.11
CA THR C 102 -14.18 -35.36 -10.67
C THR C 102 -14.79 -34.91 -9.38
N GLU C 103 -14.20 -33.87 -8.80
CA GLU C 103 -14.74 -33.28 -7.59
C GLU C 103 -15.17 -31.85 -7.81
N TRP C 104 -16.43 -31.60 -7.50
CA TRP C 104 -17.10 -30.32 -7.78
C TRP C 104 -16.61 -29.00 -7.20
N ARG C 105 -17.18 -27.93 -7.73
CA ARG C 105 -16.81 -26.56 -7.37
C ARG C 105 -17.96 -25.60 -7.63
N PRO C 106 -18.78 -25.44 -6.61
CA PRO C 106 -20.16 -24.97 -6.60
C PRO C 106 -20.28 -23.67 -7.38
N TYR C 107 -21.20 -23.62 -8.33
CA TYR C 107 -21.32 -22.45 -9.19
C TYR C 107 -22.69 -22.34 -9.84
N GLN C 108 -23.28 -21.16 -9.74
CA GLN C 108 -24.56 -20.89 -10.39
C GLN C 108 -24.42 -19.75 -11.38
N HIS C 109 -24.33 -20.11 -12.65
CA HIS C 109 -24.10 -19.16 -13.73
C HIS C 109 -25.17 -18.07 -13.78
N ARG C 110 -24.73 -16.83 -13.91
CA ARG C 110 -25.64 -15.69 -14.06
C ARG C 110 -25.27 -14.88 -15.30
N VAL C 111 -26.27 -14.44 -16.05
CA VAL C 111 -26.04 -13.74 -17.31
C VAL C 111 -26.77 -12.40 -17.40
N LEU C 112 -26.03 -11.35 -17.72
CA LEU C 112 -26.62 -10.03 -17.98
C LEU C 112 -26.68 -9.74 -19.47
N ALA C 113 -27.73 -9.04 -19.90
CA ALA C 113 -27.86 -8.66 -21.30
C ALA C 113 -27.72 -7.15 -21.48
N SER C 114 -26.88 -6.75 -22.42
CA SER C 114 -26.71 -5.34 -22.73
C SER C 114 -27.90 -4.85 -23.54
N VAL C 115 -28.85 -4.21 -22.86
CA VAL C 115 -30.04 -3.69 -23.51
C VAL C 115 -30.28 -2.26 -23.06
N ASP C 116 -30.52 -1.37 -24.01
CA ASP C 116 -30.74 0.05 -23.70
C ASP C 116 -29.67 0.59 -22.74
N GLY C 117 -28.41 0.36 -23.06
CA GLY C 117 -27.31 0.85 -22.26
C GLY C 117 -27.26 0.34 -20.82
N GLN C 118 -27.96 -0.76 -20.55
CA GLN C 118 -27.93 -1.35 -19.21
C GLN C 118 -27.57 -2.81 -19.24
N LEU C 119 -27.16 -3.34 -18.10
CA LEU C 119 -26.97 -4.78 -17.94
C LEU C 119 -28.12 -5.34 -17.12
N LEU C 120 -29.02 -6.04 -17.80
CA LEU C 120 -30.24 -6.55 -17.19
C LEU C 120 -30.21 -8.07 -17.08
N PRO C 121 -30.94 -8.63 -16.09
CA PRO C 121 -31.00 -10.07 -15.91
C PRO C 121 -31.67 -10.77 -17.10
N ILE C 122 -31.07 -11.86 -17.54
CA ILE C 122 -31.69 -12.75 -18.52
C ILE C 122 -31.45 -14.15 -17.98
N PRO C 123 -32.48 -14.95 -17.86
CA PRO C 123 -33.82 -14.74 -18.37
C PRO C 123 -34.54 -13.57 -17.75
N ILE C 124 -35.44 -13.00 -18.49
CA ILE C 124 -36.25 -11.89 -18.09
C ILE C 124 -36.98 -12.22 -16.82
N ASN C 125 -36.92 -11.34 -15.84
CA ASN C 125 -37.66 -11.49 -14.61
C ASN C 125 -38.25 -10.22 -14.07
N LEU C 126 -38.71 -10.25 -12.83
CA LEU C 126 -39.29 -9.07 -12.19
C LEU C 126 -38.33 -7.88 -12.31
N ASP C 127 -37.10 -8.09 -11.83
CA ASP C 127 -36.11 -7.04 -11.80
C ASP C 127 -35.78 -6.53 -13.21
N THR C 128 -35.79 -7.43 -14.18
CA THR C 128 -35.55 -7.02 -15.56
C THR C 128 -36.62 -6.02 -15.97
N VAL C 129 -37.89 -6.40 -15.78
CA VAL C 129 -39.01 -5.56 -16.18
C VAL C 129 -38.98 -4.21 -15.46
N ASN C 130 -38.87 -4.23 -14.14
CA ASN C 130 -38.85 -3.00 -13.36
C ASN C 130 -37.70 -2.07 -13.74
N ARG C 131 -36.52 -2.64 -13.96
CA ARG C 131 -35.36 -1.82 -14.27
C ARG C 131 -35.43 -1.22 -15.67
N LEU C 132 -35.84 -2.03 -16.64
CA LEU C 132 -35.88 -1.58 -18.03
C LEU C 132 -36.87 -0.42 -18.24
N TYR C 133 -38.08 -0.58 -17.72
CA TYR C 133 -39.13 0.41 -17.96
C TYR C 133 -39.28 1.40 -16.81
N GLY C 134 -38.56 1.17 -15.72
CA GLY C 134 -38.65 2.01 -14.55
C GLY C 134 -39.92 1.78 -13.76
N LEU C 135 -40.40 0.54 -13.78
CA LEU C 135 -41.60 0.15 -13.05
C LEU C 135 -41.27 -0.28 -11.64
N ASN C 136 -42.30 -0.57 -10.85
CA ASN C 136 -42.14 -1.04 -9.49
C ASN C 136 -43.06 -2.19 -9.17
N LEU C 137 -43.35 -3.00 -10.19
CA LEU C 137 -44.22 -4.15 -10.04
C LEU C 137 -43.78 -5.09 -8.94
N THR C 138 -44.74 -5.84 -8.41
CA THR C 138 -44.45 -6.94 -7.51
C THR C 138 -44.48 -8.23 -8.32
N SER C 139 -44.04 -9.33 -7.72
CA SER C 139 -44.09 -10.61 -8.39
C SER C 139 -45.50 -10.89 -8.92
N PHE C 140 -46.50 -10.60 -8.09
CA PHE C 140 -47.89 -10.86 -8.46
C PHE C 140 -48.35 -9.99 -9.63
N GLN C 141 -47.91 -8.73 -9.65
CA GLN C 141 -48.35 -7.78 -10.67
C GLN C 141 -47.67 -8.01 -12.03
N VAL C 142 -46.41 -8.41 -12.00
CA VAL C 142 -45.66 -8.60 -13.24
C VAL C 142 -46.33 -9.67 -14.11
N GLU C 143 -47.10 -10.56 -13.47
CA GLU C 143 -47.79 -11.61 -14.18
C GLU C 143 -48.97 -11.06 -14.98
N GLU C 144 -49.56 -9.98 -14.46
CA GLU C 144 -50.65 -9.32 -15.16
C GLU C 144 -50.08 -8.41 -16.24
N PHE C 145 -48.90 -7.83 -15.98
CA PHE C 145 -48.23 -6.99 -16.95
C PHE C 145 -47.93 -7.78 -18.22
N PHE C 146 -47.33 -8.96 -18.07
CA PHE C 146 -47.05 -9.82 -19.20
C PHE C 146 -48.33 -10.11 -19.99
N ALA C 147 -49.39 -10.46 -19.27
CA ALA C 147 -50.66 -10.81 -19.90
C ALA C 147 -51.25 -9.66 -20.70
N SER C 148 -50.94 -8.42 -20.31
CA SER C 148 -51.49 -7.26 -20.99
C SER C 148 -50.68 -6.89 -22.23
N VAL C 149 -49.50 -7.49 -22.39
CA VAL C 149 -48.63 -7.15 -23.50
C VAL C 149 -48.45 -8.32 -24.46
N ALA C 150 -48.66 -9.53 -23.95
CA ALA C 150 -48.49 -10.72 -24.77
C ALA C 150 -49.44 -10.72 -25.96
N GLU C 151 -48.93 -11.10 -27.13
CA GLU C 151 -49.78 -11.26 -28.31
C GLU C 151 -50.37 -12.66 -28.31
N LYS C 152 -51.63 -12.77 -28.74
CA LYS C 152 -52.31 -14.06 -28.77
C LYS C 152 -51.88 -14.88 -29.98
N VAL C 153 -51.55 -16.15 -29.75
CA VAL C 153 -51.09 -17.03 -30.81
C VAL C 153 -51.88 -18.34 -30.82
N GLU C 154 -52.32 -18.75 -32.01
CA GLU C 154 -53.08 -19.98 -32.17
C GLU C 154 -52.21 -21.19 -31.86
N GLN C 155 -51.23 -21.45 -32.73
CA GLN C 155 -50.22 -22.47 -32.48
C GLN C 155 -48.87 -21.84 -32.24
N VAL C 156 -48.25 -22.16 -31.10
CA VAL C 156 -46.87 -21.79 -30.88
C VAL C 156 -46.00 -22.73 -31.70
N ARG C 157 -45.56 -22.24 -32.86
CA ARG C 157 -44.79 -23.07 -33.79
C ARG C 157 -43.38 -22.53 -34.00
N THR C 158 -43.25 -21.21 -34.03
CA THR C 158 -41.97 -20.57 -34.29
C THR C 158 -41.32 -20.03 -33.02
N SER C 159 -40.01 -19.83 -33.07
CA SER C 159 -39.30 -19.21 -31.95
C SER C 159 -39.83 -17.80 -31.67
N GLU C 160 -40.45 -17.19 -32.67
CA GLU C 160 -41.11 -15.91 -32.48
C GLU C 160 -42.34 -16.07 -31.57
N ASP C 161 -43.09 -17.14 -31.78
CA ASP C 161 -44.34 -17.37 -31.05
C ASP C 161 -44.14 -17.67 -29.57
N VAL C 162 -43.06 -18.37 -29.23
CA VAL C 162 -42.78 -18.74 -27.85
C VAL C 162 -42.50 -17.52 -26.99
N VAL C 163 -41.80 -16.55 -27.56
CA VAL C 163 -41.42 -15.33 -26.84
C VAL C 163 -42.56 -14.33 -26.88
N VAL C 164 -43.08 -14.08 -28.07
CA VAL C 164 -44.09 -13.07 -28.28
C VAL C 164 -45.33 -13.30 -27.42
N SER C 165 -45.80 -14.54 -27.37
CA SER C 165 -47.03 -14.90 -26.67
C SER C 165 -46.85 -14.93 -25.15
N LYS C 166 -45.63 -14.71 -24.69
CA LYS C 166 -45.37 -14.65 -23.25
C LYS C 166 -45.25 -13.23 -22.74
N VAL C 167 -44.33 -12.49 -23.34
CA VAL C 167 -43.90 -11.23 -22.76
C VAL C 167 -44.12 -10.00 -23.66
N GLY C 168 -44.81 -10.21 -24.77
CA GLY C 168 -45.12 -9.10 -25.66
C GLY C 168 -44.07 -8.82 -26.72
N ARG C 169 -44.42 -7.95 -27.65
CA ARG C 169 -43.60 -7.66 -28.83
C ARG C 169 -42.35 -6.83 -28.53
N ASP C 170 -42.48 -5.87 -27.61
CA ASP C 170 -41.35 -5.02 -27.27
C ASP C 170 -40.23 -5.81 -26.60
N LEU C 171 -40.58 -6.57 -25.57
CA LEU C 171 -39.59 -7.38 -24.86
C LEU C 171 -38.96 -8.40 -25.82
N TYR C 172 -39.73 -8.81 -26.82
CA TYR C 172 -39.24 -9.73 -27.83
C TYR C 172 -38.15 -9.08 -28.68
N ASN C 173 -38.37 -7.84 -29.07
CA ASN C 173 -37.42 -7.11 -29.90
C ASN C 173 -36.14 -6.81 -29.16
N LYS C 174 -36.25 -6.52 -27.87
CA LYS C 174 -35.11 -6.03 -27.10
C LYS C 174 -34.16 -7.12 -26.66
N PHE C 175 -34.68 -8.33 -26.43
CA PHE C 175 -33.86 -9.41 -25.90
C PHE C 175 -33.69 -10.58 -26.85
N PHE C 176 -34.62 -10.75 -27.76
CA PHE C 176 -34.68 -12.00 -28.53
C PHE C 176 -34.46 -11.87 -30.04
N ARG C 177 -35.16 -10.95 -30.69
CA ARG C 177 -35.10 -10.85 -32.15
C ARG C 177 -33.68 -10.60 -32.65
N GLY C 178 -33.00 -9.63 -32.04
CA GLY C 178 -31.64 -9.32 -32.41
C GLY C 178 -30.68 -10.49 -32.17
N TYR C 179 -30.63 -10.96 -30.93
CA TYR C 179 -29.72 -12.04 -30.55
C TYR C 179 -29.90 -13.25 -31.47
N THR C 180 -31.15 -13.61 -31.74
CA THR C 180 -31.43 -14.78 -32.56
C THR C 180 -31.01 -14.56 -34.01
N ARG C 181 -31.39 -13.42 -34.58
CA ARG C 181 -31.04 -13.09 -35.96
C ARG C 181 -29.53 -13.16 -36.15
N LYS C 182 -28.80 -12.78 -35.13
CA LYS C 182 -27.35 -12.71 -35.19
C LYS C 182 -26.69 -14.07 -34.99
N GLN C 183 -27.21 -14.84 -34.04
CA GLN C 183 -26.62 -16.14 -33.68
C GLN C 183 -26.86 -17.21 -34.74
N TRP C 184 -28.07 -17.24 -35.29
CA TRP C 184 -28.46 -18.32 -36.22
C TRP C 184 -28.44 -17.87 -37.67
N GLY C 185 -28.48 -16.56 -37.89
CA GLY C 185 -28.58 -16.03 -39.24
C GLY C 185 -29.99 -16.18 -39.77
N LEU C 186 -30.94 -16.41 -38.86
CA LEU C 186 -32.35 -16.59 -39.20
C LEU C 186 -33.24 -15.76 -38.27
N ASP C 187 -34.38 -15.28 -38.76
CA ASP C 187 -35.35 -14.65 -37.87
C ASP C 187 -35.93 -15.73 -36.98
N PRO C 188 -36.32 -15.37 -35.75
CA PRO C 188 -36.91 -16.36 -34.84
C PRO C 188 -38.19 -16.97 -35.42
N SER C 189 -38.69 -16.39 -36.50
CA SER C 189 -39.87 -16.92 -37.18
C SER C 189 -39.50 -18.10 -38.08
N GLU C 190 -38.21 -18.34 -38.25
CA GLU C 190 -37.75 -19.41 -39.14
C GLU C 190 -37.15 -20.58 -38.37
N LEU C 191 -37.26 -20.53 -37.05
CA LEU C 191 -36.70 -21.59 -36.20
C LEU C 191 -37.79 -22.30 -35.39
N ASP C 192 -37.46 -23.47 -34.87
CA ASP C 192 -38.37 -24.21 -34.01
C ASP C 192 -38.74 -23.39 -32.79
N ALA C 193 -39.86 -23.75 -32.17
CA ALA C 193 -40.25 -23.13 -30.91
C ALA C 193 -39.28 -23.58 -29.82
N SER C 194 -38.47 -24.57 -30.13
CA SER C 194 -37.55 -25.16 -29.16
C SER C 194 -36.30 -24.31 -28.90
N VAL C 195 -35.94 -23.47 -29.86
CA VAL C 195 -34.70 -22.69 -29.76
C VAL C 195 -34.76 -21.62 -28.68
N THR C 196 -35.64 -20.65 -28.83
CA THR C 196 -35.74 -19.56 -27.85
C THR C 196 -36.41 -20.03 -26.56
N ALA C 197 -37.19 -21.10 -26.65
CA ALA C 197 -37.82 -21.69 -25.47
C ALA C 197 -36.79 -22.15 -24.43
N ARG C 198 -35.53 -22.28 -24.86
CA ARG C 198 -34.48 -22.68 -23.93
C ARG C 198 -34.36 -21.67 -22.79
N VAL C 199 -34.71 -20.42 -23.06
CA VAL C 199 -34.66 -19.37 -22.05
C VAL C 199 -36.04 -19.14 -21.46
N PRO C 200 -36.25 -19.60 -20.21
CA PRO C 200 -37.55 -19.44 -19.57
C PRO C 200 -37.88 -17.98 -19.33
N THR C 201 -39.15 -17.71 -19.01
CA THR C 201 -39.56 -16.39 -18.61
C THR C 201 -39.97 -16.45 -17.14
N ARG C 202 -39.52 -15.49 -16.34
CA ARG C 202 -39.77 -15.56 -14.90
C ARG C 202 -40.60 -14.38 -14.38
N THR C 203 -41.36 -14.64 -13.32
CA THR C 203 -42.07 -13.58 -12.62
C THR C 203 -41.47 -13.30 -11.24
N ASN C 204 -40.57 -14.18 -10.79
CA ASN C 204 -39.89 -13.98 -9.52
C ASN C 204 -38.62 -13.16 -9.69
N ARG C 205 -37.74 -13.21 -8.68
CA ARG C 205 -36.52 -12.42 -8.71
C ARG C 205 -35.28 -13.29 -8.87
N ASP C 206 -35.47 -14.48 -9.44
CA ASP C 206 -34.36 -15.38 -9.68
C ASP C 206 -33.52 -14.88 -10.85
N ASN C 207 -32.21 -14.74 -10.63
CA ASN C 207 -31.32 -14.25 -11.68
C ASN C 207 -30.27 -15.28 -12.08
N ARG C 208 -30.52 -16.55 -11.76
CA ARG C 208 -29.69 -17.64 -12.26
C ARG C 208 -30.12 -17.99 -13.66
N TYR C 209 -29.17 -18.39 -14.50
CA TYR C 209 -29.48 -18.76 -15.88
C TYR C 209 -30.18 -20.11 -15.89
N PHE C 210 -29.78 -20.97 -14.95
CA PHE C 210 -30.42 -22.27 -14.78
C PHE C 210 -31.01 -22.37 -13.38
N ALA C 211 -32.14 -23.07 -13.29
CA ALA C 211 -32.76 -23.35 -12.00
C ALA C 211 -32.54 -24.81 -11.66
N ASP C 212 -31.54 -25.42 -12.28
CA ASP C 212 -31.25 -26.84 -12.10
C ASP C 212 -30.73 -27.14 -10.68
N THR C 213 -31.11 -28.30 -10.16
CA THR C 213 -30.76 -28.67 -8.79
C THR C 213 -29.25 -28.60 -8.54
N TYR C 214 -28.50 -29.26 -9.41
CA TYR C 214 -27.05 -29.34 -9.23
C TYR C 214 -26.31 -28.40 -10.18
N GLN C 215 -25.58 -27.45 -9.60
CA GLN C 215 -24.84 -26.48 -10.38
C GLN C 215 -23.42 -26.31 -9.88
N ALA C 216 -22.47 -26.96 -10.55
CA ALA C 216 -21.07 -26.86 -10.20
C ALA C 216 -20.15 -27.16 -11.38
N MET C 217 -18.93 -26.62 -11.31
CA MET C 217 -17.93 -26.86 -12.33
C MET C 217 -16.88 -27.81 -11.78
N PRO C 218 -16.43 -28.77 -12.61
CA PRO C 218 -15.34 -29.65 -12.19
C PRO C 218 -14.25 -28.83 -11.51
N LEU C 219 -13.89 -29.17 -10.28
CA LEU C 219 -13.00 -28.35 -9.46
C LEU C 219 -11.68 -28.04 -10.15
N HIS C 220 -11.18 -28.97 -10.96
CA HIS C 220 -9.91 -28.78 -11.63
C HIS C 220 -10.04 -28.73 -13.15
N GLY C 221 -11.27 -28.85 -13.63
CA GLY C 221 -11.54 -28.69 -15.05
C GLY C 221 -12.13 -29.90 -15.74
N TYR C 222 -12.62 -29.68 -16.95
CA TYR C 222 -13.18 -30.74 -17.75
C TYR C 222 -12.12 -31.73 -18.23
N THR C 223 -10.98 -31.21 -18.66
CA THR C 223 -9.93 -32.07 -19.17
C THR C 223 -9.52 -33.07 -18.10
N ARG C 224 -9.23 -32.58 -16.90
CA ARG C 224 -8.87 -33.44 -15.77
C ARG C 224 -9.89 -34.56 -15.61
N MET C 225 -11.14 -34.19 -15.38
CA MET C 225 -12.22 -35.16 -15.28
C MET C 225 -12.18 -36.16 -16.44
N PHE C 226 -12.15 -35.65 -17.66
CA PHE C 226 -12.10 -36.51 -18.84
C PHE C 226 -10.93 -37.48 -18.79
N GLN C 227 -9.81 -37.03 -18.21
CA GLN C 227 -8.65 -37.87 -18.03
C GLN C 227 -9.04 -39.16 -17.33
N ASN C 228 -9.27 -39.06 -16.03
CA ASN C 228 -9.63 -40.20 -15.18
C ASN C 228 -10.74 -41.03 -15.82
N MET C 229 -11.64 -40.34 -16.51
CA MET C 229 -12.79 -40.98 -17.13
C MET C 229 -12.38 -41.85 -18.32
N LEU C 230 -11.13 -41.71 -18.75
CA LEU C 230 -10.62 -42.46 -19.90
C LEU C 230 -9.36 -43.26 -19.55
N SER C 231 -8.87 -43.03 -18.35
CA SER C 231 -7.60 -43.55 -17.95
C SER C 231 -7.84 -44.94 -17.49
N SER C 232 -8.13 -45.83 -18.44
CA SER C 232 -8.38 -47.23 -18.13
C SER C 232 -7.60 -48.15 -19.05
N PRO C 233 -6.79 -49.03 -18.46
CA PRO C 233 -5.97 -49.96 -19.23
C PRO C 233 -6.78 -50.62 -20.34
N ASN C 234 -8.07 -50.33 -20.41
CA ASN C 234 -8.94 -50.91 -21.42
C ASN C 234 -9.30 -49.89 -22.51
N ILE C 235 -8.70 -48.71 -22.43
CA ILE C 235 -8.97 -47.66 -23.41
C ILE C 235 -7.73 -47.10 -24.02
N LYS C 236 -7.74 -46.99 -25.33
CA LYS C 236 -6.64 -46.48 -26.12
C LYS C 236 -7.12 -45.29 -26.91
N VAL C 237 -6.56 -44.12 -26.63
CA VAL C 237 -7.03 -42.90 -27.25
C VAL C 237 -6.03 -42.37 -28.20
N MET C 238 -6.52 -41.94 -29.34
CA MET C 238 -5.70 -41.57 -30.48
C MET C 238 -6.16 -40.23 -31.02
N LEU C 239 -5.27 -39.23 -30.95
CA LEU C 239 -5.64 -37.86 -31.28
C LEU C 239 -5.02 -37.39 -32.58
N ASN C 240 -5.58 -36.32 -33.14
CA ASN C 240 -5.20 -35.81 -34.45
C ASN C 240 -5.51 -36.83 -35.55
N THR C 241 -6.48 -37.69 -35.28
CA THR C 241 -6.80 -38.77 -36.20
C THR C 241 -8.27 -38.77 -36.58
N ASP C 242 -8.55 -38.70 -37.89
CA ASP C 242 -9.88 -38.96 -38.38
C ASP C 242 -10.04 -40.48 -38.44
N TYR C 243 -11.24 -40.97 -38.15
CA TYR C 243 -11.47 -42.41 -38.17
C TYR C 243 -11.18 -42.97 -39.57
N ARG C 244 -11.54 -42.21 -40.59
CA ARG C 244 -11.33 -42.63 -41.97
C ARG C 244 -9.86 -42.86 -42.30
N GLU C 245 -8.96 -42.46 -41.40
CA GLU C 245 -7.54 -42.62 -41.62
C GLU C 245 -7.06 -43.98 -41.13
N ILE C 246 -7.86 -44.62 -40.28
CA ILE C 246 -7.45 -45.89 -39.69
C ILE C 246 -8.55 -46.95 -39.76
N ALA C 247 -9.68 -46.57 -40.35
CA ALA C 247 -10.78 -47.51 -40.52
C ALA C 247 -10.39 -48.61 -41.49
N ASP C 248 -9.54 -48.28 -42.45
CA ASP C 248 -9.14 -49.23 -43.49
C ASP C 248 -8.18 -50.32 -43.02
N PHE C 249 -7.52 -50.11 -41.88
CA PHE C 249 -6.51 -51.08 -41.46
C PHE C 249 -6.45 -51.35 -39.95
N ILE C 250 -7.51 -51.00 -39.24
CA ILE C 250 -7.55 -51.27 -37.80
C ILE C 250 -8.73 -52.19 -37.48
N PRO C 251 -8.51 -53.17 -36.59
CA PRO C 251 -9.50 -54.19 -36.26
C PRO C 251 -10.46 -53.81 -35.14
N PHE C 252 -11.72 -53.60 -35.49
CA PHE C 252 -12.75 -53.30 -34.51
C PHE C 252 -14.06 -54.01 -34.82
N GLN C 253 -14.80 -54.38 -33.77
CA GLN C 253 -16.09 -55.02 -33.93
C GLN C 253 -17.18 -53.99 -34.19
N HIS C 254 -17.40 -53.10 -33.23
CA HIS C 254 -18.39 -52.04 -33.42
C HIS C 254 -17.73 -50.67 -33.51
N MET C 255 -18.41 -49.75 -34.19
CA MET C 255 -18.00 -48.35 -34.19
C MET C 255 -19.09 -47.52 -33.52
N ILE C 256 -18.68 -46.54 -32.72
CA ILE C 256 -19.63 -45.62 -32.12
C ILE C 256 -19.34 -44.20 -32.62
N TYR C 257 -19.98 -43.82 -33.71
CA TYR C 257 -19.72 -42.54 -34.35
C TYR C 257 -20.48 -41.39 -33.70
N THR C 258 -19.76 -40.34 -33.31
CA THR C 258 -20.37 -39.20 -32.63
C THR C 258 -20.12 -37.90 -33.38
N GLY C 259 -19.81 -37.99 -34.67
CA GLY C 259 -19.60 -36.82 -35.49
C GLY C 259 -20.86 -36.46 -36.24
N PRO C 260 -20.77 -35.49 -37.17
CA PRO C 260 -21.94 -35.10 -37.96
C PRO C 260 -22.44 -36.25 -38.85
N VAL C 261 -23.75 -36.38 -39.01
CA VAL C 261 -24.32 -37.46 -39.81
C VAL C 261 -24.08 -37.32 -41.31
N ASP C 262 -24.24 -36.10 -41.83
CA ASP C 262 -24.08 -35.86 -43.25
C ASP C 262 -22.68 -36.21 -43.76
N ALA C 263 -21.71 -36.26 -42.86
CA ALA C 263 -20.34 -36.58 -43.22
C ALA C 263 -20.12 -38.08 -43.29
N PHE C 264 -20.70 -38.79 -42.32
CA PHE C 264 -20.62 -40.24 -42.27
C PHE C 264 -21.23 -40.84 -43.54
N PHE C 265 -21.96 -40.02 -44.28
CA PHE C 265 -22.61 -40.47 -45.51
C PHE C 265 -22.26 -39.57 -46.70
N ASP C 266 -21.03 -39.05 -46.69
CA ASP C 266 -20.47 -38.33 -47.84
C ASP C 266 -21.40 -37.27 -48.43
N PHE C 267 -22.24 -36.65 -47.60
CA PHE C 267 -23.12 -35.58 -48.05
C PHE C 267 -23.97 -36.02 -49.26
N CYS C 268 -24.44 -37.26 -49.24
CA CYS C 268 -25.17 -37.83 -50.37
C CYS C 268 -26.53 -37.17 -50.59
N TYR C 269 -27.31 -37.03 -49.52
CA TYR C 269 -28.60 -36.36 -49.62
C TYR C 269 -28.39 -34.85 -49.67
N GLY C 270 -27.25 -34.41 -49.15
CA GLY C 270 -26.91 -32.99 -49.13
C GLY C 270 -26.31 -32.60 -47.79
N LYS C 271 -25.79 -31.37 -47.71
CA LYS C 271 -25.20 -30.87 -46.47
C LYS C 271 -26.26 -30.62 -45.42
N LEU C 272 -26.05 -31.15 -44.22
CA LEU C 272 -26.97 -30.92 -43.11
C LEU C 272 -26.52 -29.67 -42.36
N PRO C 273 -27.32 -28.60 -42.44
CA PRO C 273 -26.95 -27.29 -41.90
C PRO C 273 -26.59 -27.30 -40.42
N TYR C 274 -25.32 -27.04 -40.11
CA TYR C 274 -24.91 -26.80 -38.74
C TYR C 274 -24.46 -25.36 -38.65
N ARG C 275 -24.76 -24.71 -37.53
CA ARG C 275 -24.27 -23.37 -37.28
C ARG C 275 -22.90 -23.49 -36.64
N SER C 276 -22.05 -22.49 -36.86
CA SER C 276 -20.67 -22.54 -36.38
C SER C 276 -20.30 -21.30 -35.59
N LEU C 277 -19.11 -21.29 -35.00
CA LEU C 277 -18.62 -20.12 -34.27
C LEU C 277 -17.17 -19.79 -34.58
N GLU C 278 -16.80 -18.55 -34.35
CA GLU C 278 -15.40 -18.13 -34.31
C GLU C 278 -15.12 -17.50 -32.95
N PHE C 279 -14.04 -17.92 -32.31
CA PHE C 279 -13.71 -17.42 -30.97
C PHE C 279 -12.50 -16.50 -30.99
N ARG C 280 -12.65 -15.32 -30.40
CA ARG C 280 -11.52 -14.43 -30.17
C ARG C 280 -11.22 -14.35 -28.69
N HIS C 281 -10.06 -14.86 -28.30
CA HIS C 281 -9.62 -14.87 -26.91
C HIS C 281 -8.70 -13.68 -26.61
N GLU C 282 -8.82 -13.13 -25.41
CA GLU C 282 -8.02 -12.00 -25.01
C GLU C 282 -7.59 -12.10 -23.56
N THR C 283 -6.50 -11.43 -23.23
CA THR C 283 -6.08 -11.33 -21.83
C THR C 283 -5.91 -9.88 -21.43
N HIS C 284 -6.54 -9.49 -20.33
CA HIS C 284 -6.44 -8.11 -19.84
C HIS C 284 -5.68 -8.08 -18.52
N ASP C 285 -4.84 -7.07 -18.36
CA ASP C 285 -4.00 -6.93 -17.17
C ASP C 285 -4.79 -6.37 -15.99
N THR C 286 -5.99 -6.90 -15.78
CA THR C 286 -6.81 -6.56 -14.62
C THR C 286 -7.38 -7.84 -14.03
N GLU C 287 -7.77 -7.79 -12.77
CA GLU C 287 -8.30 -8.98 -12.11
C GLU C 287 -9.65 -9.40 -12.69
N GLN C 288 -10.56 -8.44 -12.82
CA GLN C 288 -11.92 -8.72 -13.29
C GLN C 288 -12.34 -7.68 -14.31
N LEU C 289 -13.25 -8.05 -15.20
CA LEU C 289 -13.63 -7.17 -16.31
C LEU C 289 -15.13 -7.09 -16.51
N LEU C 290 -15.85 -8.08 -15.99
CA LEU C 290 -17.30 -8.17 -16.19
C LEU C 290 -18.02 -8.40 -14.87
N PRO C 291 -19.24 -7.85 -14.76
CA PRO C 291 -20.06 -8.03 -13.55
C PRO C 291 -20.31 -9.52 -13.28
N THR C 292 -20.36 -10.31 -14.34
CA THR C 292 -20.60 -11.74 -14.21
C THR C 292 -19.85 -12.54 -15.26
N GLY C 293 -20.06 -13.85 -15.27
CA GLY C 293 -19.37 -14.74 -16.17
C GLY C 293 -19.60 -14.42 -17.64
N THR C 294 -20.84 -14.07 -17.98
CA THR C 294 -21.20 -13.84 -19.37
C THR C 294 -22.06 -12.59 -19.55
N VAL C 295 -21.86 -11.89 -20.66
CA VAL C 295 -22.71 -10.77 -21.01
C VAL C 295 -23.20 -10.93 -22.45
N ASN C 296 -24.50 -11.06 -22.62
CA ASN C 296 -25.09 -11.20 -23.95
C ASN C 296 -25.26 -9.84 -24.64
N TYR C 297 -25.13 -9.85 -25.96
CA TYR C 297 -25.29 -8.64 -26.76
C TYR C 297 -26.31 -8.85 -27.86
N PRO C 298 -27.60 -8.73 -27.53
CA PRO C 298 -28.69 -8.97 -28.48
C PRO C 298 -28.75 -7.93 -29.59
N ASN C 299 -28.31 -6.71 -29.31
CA ASN C 299 -28.53 -5.59 -30.23
C ASN C 299 -27.29 -4.78 -30.62
N ASP C 300 -26.13 -5.22 -30.21
CA ASP C 300 -24.90 -4.54 -30.57
C ASP C 300 -23.79 -5.48 -30.99
N TYR C 301 -22.89 -4.95 -31.79
CA TYR C 301 -21.70 -5.62 -32.19
C TYR C 301 -21.93 -6.83 -33.03
N ALA C 302 -20.85 -7.46 -33.45
CA ALA C 302 -20.90 -8.66 -34.25
C ALA C 302 -20.91 -9.93 -33.42
N TYR C 303 -20.50 -9.82 -32.18
CA TYR C 303 -20.38 -10.98 -31.34
C TYR C 303 -21.62 -11.10 -30.49
N THR C 304 -22.06 -12.31 -30.23
CA THR C 304 -23.28 -12.53 -29.47
C THR C 304 -23.06 -12.36 -27.97
N ARG C 305 -21.86 -12.69 -27.51
CA ARG C 305 -21.58 -12.54 -26.08
C ARG C 305 -20.09 -12.55 -25.73
N VAL C 306 -19.80 -12.25 -24.48
CA VAL C 306 -18.45 -12.28 -23.95
C VAL C 306 -18.42 -12.98 -22.61
N SER C 307 -17.41 -13.80 -22.37
CA SER C 307 -17.32 -14.52 -21.11
C SER C 307 -15.96 -14.37 -20.46
N GLU C 308 -15.98 -14.30 -19.13
CA GLU C 308 -14.77 -14.17 -18.33
C GLU C 308 -14.64 -15.45 -17.51
N PHE C 309 -13.58 -16.20 -17.76
CA PHE C 309 -13.49 -17.56 -17.26
C PHE C 309 -13.30 -17.70 -15.75
N LYS C 310 -12.67 -16.71 -15.12
CA LYS C 310 -12.46 -16.77 -13.68
C LYS C 310 -13.79 -16.85 -12.91
N HIS C 311 -14.79 -16.11 -13.38
CA HIS C 311 -16.11 -16.18 -12.78
C HIS C 311 -16.56 -17.63 -12.73
N ILE C 312 -16.23 -18.36 -13.78
CA ILE C 312 -16.71 -19.71 -13.98
C ILE C 312 -15.84 -20.73 -13.25
N THR C 313 -14.53 -20.63 -13.42
CA THR C 313 -13.60 -21.60 -12.84
C THR C 313 -13.31 -21.29 -11.38
N GLY C 314 -13.32 -20.00 -11.04
CA GLY C 314 -12.99 -19.58 -9.70
C GLY C 314 -11.54 -19.15 -9.56
N GLN C 315 -10.70 -19.66 -10.46
CA GLN C 315 -9.27 -19.38 -10.43
C GLN C 315 -8.97 -17.92 -10.05
N ARG C 316 -8.02 -17.75 -9.14
CA ARG C 316 -7.58 -16.42 -8.73
C ARG C 316 -6.29 -16.06 -9.45
N HIS C 317 -6.29 -14.91 -10.10
CA HIS C 317 -5.19 -14.51 -10.97
C HIS C 317 -5.06 -13.00 -10.97
N HIS C 318 -3.85 -12.50 -11.19
CA HIS C 318 -3.63 -11.06 -11.22
C HIS C 318 -3.97 -10.50 -12.60
N GLN C 319 -4.45 -11.36 -13.47
CA GLN C 319 -4.95 -10.97 -14.78
C GLN C 319 -6.22 -11.74 -15.09
N THR C 320 -6.89 -11.40 -16.19
CA THR C 320 -8.11 -12.11 -16.55
C THR C 320 -8.28 -12.31 -18.06
N SER C 321 -8.70 -13.51 -18.43
CA SER C 321 -8.92 -13.85 -19.83
C SER C 321 -10.40 -13.93 -20.14
N VAL C 322 -10.78 -13.48 -21.33
CA VAL C 322 -12.17 -13.49 -21.74
C VAL C 322 -12.28 -14.03 -23.16
N VAL C 323 -13.51 -14.22 -23.64
CA VAL C 323 -13.71 -14.71 -25.00
C VAL C 323 -14.97 -14.16 -25.68
N TYR C 324 -14.79 -13.64 -26.88
CA TYR C 324 -15.91 -13.13 -27.68
C TYR C 324 -16.37 -14.20 -28.65
N GLU C 325 -17.69 -14.39 -28.74
CA GLU C 325 -18.26 -15.39 -29.64
C GLU C 325 -18.87 -14.78 -30.91
N TYR C 326 -18.32 -15.12 -32.06
CA TYR C 326 -18.88 -14.67 -33.33
C TYR C 326 -19.58 -15.81 -34.06
N PRO C 327 -20.87 -15.62 -34.37
CA PRO C 327 -21.60 -16.60 -35.17
C PRO C 327 -20.97 -16.70 -36.55
N ARG C 328 -20.94 -17.90 -37.12
CA ARG C 328 -20.40 -18.09 -38.47
C ARG C 328 -21.20 -19.13 -39.23
N ALA C 329 -21.48 -18.84 -40.49
CA ALA C 329 -22.19 -19.78 -41.35
C ALA C 329 -21.30 -20.97 -41.69
N GLU C 330 -19.99 -20.75 -41.68
CA GLU C 330 -19.05 -21.81 -41.98
C GLU C 330 -17.99 -22.05 -40.93
N GLY C 331 -17.56 -23.30 -40.81
CA GLY C 331 -16.58 -23.70 -39.81
C GLY C 331 -17.01 -24.99 -39.14
N ASP C 332 -16.30 -25.38 -38.08
CA ASP C 332 -16.66 -26.59 -37.36
C ASP C 332 -18.12 -26.53 -36.91
N PRO C 333 -18.83 -27.67 -36.98
CA PRO C 333 -20.24 -27.72 -36.60
C PRO C 333 -20.39 -27.67 -35.09
N TYR C 334 -21.24 -26.77 -34.59
CA TYR C 334 -21.48 -26.68 -33.15
C TYR C 334 -22.96 -26.78 -32.81
N TYR C 335 -23.82 -26.24 -33.69
CA TYR C 335 -25.25 -26.22 -33.42
C TYR C 335 -26.06 -26.87 -34.54
N PRO C 336 -26.93 -27.84 -34.19
CA PRO C 336 -27.96 -28.23 -35.15
C PRO C 336 -28.86 -27.04 -35.39
N VAL C 337 -29.53 -26.97 -36.53
CA VAL C 337 -30.40 -25.83 -36.81
C VAL C 337 -31.87 -26.25 -36.84
N PRO C 338 -32.51 -26.27 -35.65
CA PRO C 338 -33.89 -26.74 -35.52
C PRO C 338 -34.87 -25.97 -36.39
N ARG C 339 -35.30 -26.58 -37.49
CA ARG C 339 -36.27 -25.99 -38.40
C ARG C 339 -36.83 -27.04 -39.34
N PRO C 340 -38.07 -26.86 -39.81
CA PRO C 340 -38.83 -27.80 -40.62
C PRO C 340 -38.00 -28.58 -41.64
N GLU C 341 -37.47 -27.89 -42.65
CA GLU C 341 -36.78 -28.55 -43.75
C GLU C 341 -35.53 -29.32 -43.32
N ASN C 342 -34.79 -28.80 -42.35
CA ASN C 342 -33.60 -29.47 -41.86
C ASN C 342 -33.96 -30.79 -41.19
N ALA C 343 -35.04 -30.77 -40.41
CA ALA C 343 -35.50 -31.97 -39.72
C ALA C 343 -35.86 -33.05 -40.72
N GLU C 344 -36.41 -32.63 -41.86
CA GLU C 344 -36.77 -33.56 -42.92
C GLU C 344 -35.50 -34.16 -43.50
N LEU C 345 -34.61 -33.29 -43.98
CA LEU C 345 -33.32 -33.71 -44.53
C LEU C 345 -32.63 -34.68 -43.57
N TYR C 346 -32.61 -34.34 -42.29
CA TYR C 346 -32.00 -35.20 -41.29
C TYR C 346 -32.62 -36.58 -41.29
N LYS C 347 -33.93 -36.63 -41.44
CA LYS C 347 -34.63 -37.92 -41.43
C LYS C 347 -34.07 -38.88 -42.46
N LYS C 348 -33.74 -38.37 -43.63
CA LYS C 348 -33.09 -39.18 -44.65
C LYS C 348 -31.82 -39.80 -44.08
N TYR C 349 -31.04 -38.99 -43.38
CA TYR C 349 -29.79 -39.47 -42.79
C TYR C 349 -30.04 -40.39 -41.61
N GLU C 350 -31.06 -40.08 -40.82
CA GLU C 350 -31.39 -40.95 -39.69
C GLU C 350 -31.79 -42.31 -40.23
N ALA C 351 -32.26 -42.32 -41.48
CA ALA C 351 -32.61 -43.57 -42.14
C ALA C 351 -31.38 -44.46 -42.31
N LEU C 352 -30.42 -43.98 -43.10
CA LEU C 352 -29.19 -44.73 -43.31
C LEU C 352 -28.51 -45.02 -41.97
N ALA C 353 -28.59 -44.06 -41.04
CA ALA C 353 -28.07 -44.27 -39.71
C ALA C 353 -28.67 -45.53 -39.11
N ASP C 354 -29.98 -45.70 -39.32
CA ASP C 354 -30.69 -46.88 -38.86
C ASP C 354 -30.17 -48.14 -39.55
N ALA C 355 -29.98 -48.05 -40.87
CA ALA C 355 -29.47 -49.16 -41.65
C ALA C 355 -28.15 -49.69 -41.08
N ALA C 356 -27.09 -48.89 -41.19
CA ALA C 356 -25.79 -49.21 -40.63
C ALA C 356 -25.95 -50.15 -39.43
N GLN C 357 -25.28 -51.28 -39.45
CA GLN C 357 -25.55 -52.32 -38.47
C GLN C 357 -24.75 -52.44 -37.16
N ASP C 358 -23.43 -52.41 -37.24
CA ASP C 358 -22.59 -52.51 -36.06
C ASP C 358 -22.11 -51.13 -35.61
N VAL C 359 -22.71 -50.08 -36.17
CA VAL C 359 -22.34 -48.72 -35.82
C VAL C 359 -23.41 -48.06 -34.95
N THR C 360 -22.98 -47.37 -33.90
CA THR C 360 -23.90 -46.69 -33.00
C THR C 360 -23.73 -45.18 -33.08
N PHE C 361 -24.77 -44.49 -33.55
CA PHE C 361 -24.73 -43.05 -33.68
C PHE C 361 -25.33 -42.37 -32.45
N VAL C 362 -24.50 -41.67 -31.69
CA VAL C 362 -24.94 -40.97 -30.50
C VAL C 362 -24.35 -39.57 -30.44
N GLY C 363 -24.89 -38.72 -29.57
CA GLY C 363 -24.36 -37.39 -29.36
C GLY C 363 -25.07 -36.26 -30.10
N ARG C 364 -24.61 -35.04 -29.84
CA ARG C 364 -25.21 -33.82 -30.38
C ARG C 364 -25.16 -33.76 -31.91
N LEU C 365 -23.99 -34.08 -32.46
CA LEU C 365 -23.79 -33.97 -33.90
C LEU C 365 -24.37 -35.16 -34.66
N ALA C 366 -24.25 -36.33 -34.07
CA ALA C 366 -24.63 -37.58 -34.73
C ALA C 366 -26.14 -37.81 -34.77
N THR C 367 -26.86 -37.18 -33.85
CA THR C 367 -28.32 -37.31 -33.84
C THR C 367 -29.00 -35.99 -34.12
N TYR C 368 -28.19 -34.96 -34.37
CA TYR C 368 -28.70 -33.65 -34.77
C TYR C 368 -29.66 -33.08 -33.73
N ARG C 369 -29.27 -33.15 -32.46
CA ARG C 369 -30.10 -32.67 -31.37
C ARG C 369 -29.40 -31.60 -30.52
N TYR C 370 -30.13 -30.52 -30.24
CA TYR C 370 -29.63 -29.41 -29.44
C TYR C 370 -29.49 -29.81 -27.96
N TYR C 371 -28.45 -30.56 -27.63
CA TYR C 371 -28.29 -31.08 -26.28
C TYR C 371 -27.30 -30.30 -25.44
N ASN C 372 -27.62 -30.18 -24.16
CA ASN C 372 -26.65 -29.69 -23.17
C ASN C 372 -25.79 -30.87 -22.73
N MET C 373 -24.66 -30.56 -22.10
CA MET C 373 -23.72 -31.60 -21.67
C MET C 373 -24.40 -32.74 -20.91
N ASP C 374 -25.06 -32.43 -19.80
CA ASP C 374 -25.72 -33.45 -19.00
C ASP C 374 -26.64 -34.34 -19.84
N GLN C 375 -27.33 -33.74 -20.80
CA GLN C 375 -28.22 -34.49 -21.69
C GLN C 375 -27.42 -35.51 -22.50
N VAL C 376 -26.27 -35.09 -22.99
CA VAL C 376 -25.41 -35.96 -23.80
C VAL C 376 -24.87 -37.12 -22.96
N VAL C 377 -24.49 -36.84 -21.72
CA VAL C 377 -24.06 -37.91 -20.82
C VAL C 377 -25.15 -38.97 -20.73
N ALA C 378 -26.40 -38.52 -20.66
CA ALA C 378 -27.53 -39.44 -20.57
C ALA C 378 -27.73 -40.23 -21.86
N GLN C 379 -28.03 -39.53 -22.95
CA GLN C 379 -28.31 -40.16 -24.25
C GLN C 379 -27.45 -41.38 -24.52
N ALA C 380 -26.20 -41.34 -24.07
CA ALA C 380 -25.28 -42.44 -24.27
C ALA C 380 -25.66 -43.63 -23.40
N LEU C 381 -25.73 -43.40 -22.09
CA LEU C 381 -26.05 -44.45 -21.14
C LEU C 381 -27.44 -45.03 -21.40
N GLY D 29 10.65 25.22 -59.43
CA GLY D 29 9.88 24.93 -58.24
C GLY D 29 10.65 25.19 -56.96
N PHE D 30 11.58 24.30 -56.65
CA PHE D 30 12.38 24.42 -55.43
C PHE D 30 13.82 24.79 -55.71
N ASP D 31 14.51 25.31 -54.69
CA ASP D 31 15.92 25.62 -54.79
C ASP D 31 16.75 24.38 -54.44
N TYR D 32 16.28 23.63 -53.45
CA TYR D 32 16.98 22.42 -53.02
C TYR D 32 16.04 21.23 -52.88
N LEU D 33 16.42 20.13 -53.52
CA LEU D 33 15.77 18.85 -53.26
C LEU D 33 16.68 18.05 -52.35
N ILE D 34 16.21 17.76 -51.14
CA ILE D 34 17.03 17.06 -50.16
C ILE D 34 16.62 15.61 -50.01
N VAL D 35 17.58 14.71 -50.23
CA VAL D 35 17.31 13.28 -50.22
C VAL D 35 17.67 12.68 -48.86
N GLY D 36 16.64 12.39 -48.08
CA GLY D 36 16.82 11.83 -46.74
C GLY D 36 16.48 12.84 -45.66
N ALA D 37 15.65 12.42 -44.71
CA ALA D 37 15.17 13.32 -43.67
C ALA D 37 15.77 13.06 -42.30
N GLY D 38 16.92 12.38 -42.27
CA GLY D 38 17.64 12.18 -41.03
C GLY D 38 18.32 13.46 -40.61
N PHE D 39 19.22 13.39 -39.63
CA PHE D 39 19.93 14.57 -39.15
C PHE D 39 20.62 15.31 -40.29
N ALA D 40 21.24 14.57 -41.19
CA ALA D 40 21.96 15.18 -42.29
C ALA D 40 21.03 16.01 -43.15
N GLY D 41 19.95 15.40 -43.61
CA GLY D 41 19.00 16.06 -44.49
C GLY D 41 18.18 17.15 -43.83
N SER D 42 17.85 16.97 -42.55
CA SER D 42 17.00 17.91 -41.85
C SER D 42 17.74 19.18 -41.45
N VAL D 43 18.96 19.03 -40.93
CA VAL D 43 19.73 20.19 -40.51
C VAL D 43 19.88 21.18 -41.66
N LEU D 44 20.22 20.65 -42.84
CA LEU D 44 20.33 21.49 -44.03
C LEU D 44 18.96 22.01 -44.46
N ALA D 45 17.94 21.17 -44.33
CA ALA D 45 16.59 21.57 -44.64
C ALA D 45 16.21 22.79 -43.82
N GLU D 46 16.59 22.79 -42.55
CA GLU D 46 16.28 23.88 -41.64
C GLU D 46 17.08 25.14 -41.96
N ARG D 47 18.40 25.00 -42.05
CA ARG D 47 19.28 26.13 -42.35
C ARG D 47 18.89 26.83 -43.65
N LEU D 48 18.87 26.07 -44.75
CA LEU D 48 18.49 26.62 -46.05
C LEU D 48 17.16 27.36 -45.97
N ALA D 49 16.21 26.77 -45.24
CA ALA D 49 14.88 27.36 -45.10
C ALA D 49 14.93 28.65 -44.30
N SER D 50 15.80 28.69 -43.29
CA SER D 50 15.94 29.87 -42.46
C SER D 50 16.75 30.94 -43.18
N SER D 51 17.13 30.63 -44.42
CA SER D 51 17.85 31.59 -45.24
C SER D 51 17.12 31.87 -46.56
N GLY D 52 15.84 31.54 -46.59
CA GLY D 52 14.98 31.94 -47.69
C GLY D 52 14.79 30.96 -48.84
N GLN D 53 15.43 29.80 -48.74
CA GLN D 53 15.35 28.81 -49.80
C GLN D 53 14.05 27.99 -49.73
N ARG D 54 13.49 27.66 -50.89
CA ARG D 54 12.37 26.73 -50.92
C ARG D 54 12.88 25.30 -51.02
N VAL D 55 12.65 24.53 -49.96
CA VAL D 55 13.20 23.19 -49.86
C VAL D 55 12.11 22.14 -49.92
N LEU D 56 12.37 21.09 -50.70
CA LEU D 56 11.52 19.90 -50.70
C LEU D 56 12.34 18.73 -50.16
N ILE D 57 12.05 18.33 -48.93
CA ILE D 57 12.74 17.19 -48.33
C ILE D 57 11.93 15.91 -48.52
N VAL D 58 12.58 14.89 -49.05
CA VAL D 58 11.91 13.64 -49.39
C VAL D 58 12.61 12.47 -48.74
N ASP D 59 11.83 11.48 -48.30
CA ASP D 59 12.39 10.27 -47.72
C ASP D 59 11.54 9.07 -48.11
N ARG D 60 12.19 8.03 -48.62
CA ARG D 60 11.50 6.81 -49.02
C ARG D 60 10.76 6.20 -47.83
N ARG D 61 11.18 6.56 -46.62
CA ARG D 61 10.56 6.09 -45.40
C ARG D 61 9.27 6.86 -45.11
N PRO D 62 8.39 6.29 -44.28
CA PRO D 62 7.10 6.90 -43.96
C PRO D 62 7.21 7.90 -42.81
N HIS D 63 8.42 8.30 -42.46
CA HIS D 63 8.62 9.22 -41.34
C HIS D 63 9.90 10.02 -41.49
N ILE D 64 10.09 11.00 -40.63
CA ILE D 64 11.32 11.80 -40.61
C ILE D 64 12.27 11.30 -39.52
N GLY D 65 13.46 11.88 -39.46
CA GLY D 65 14.41 11.55 -38.40
C GLY D 65 15.43 10.49 -38.76
N GLY D 66 15.21 9.78 -39.85
CA GLY D 66 16.12 8.71 -40.25
C GLY D 66 16.27 7.64 -39.19
N ASN D 67 17.51 7.27 -38.88
CA ASN D 67 17.79 6.27 -37.85
C ASN D 67 17.34 6.70 -36.47
N ALA D 68 17.26 8.01 -36.26
CA ALA D 68 17.01 8.56 -34.93
C ALA D 68 15.52 8.72 -34.64
N TYR D 69 14.67 8.25 -35.55
CA TYR D 69 13.23 8.34 -35.36
C TYR D 69 12.78 7.55 -34.14
N ASP D 70 11.96 8.18 -33.30
CA ASP D 70 11.39 7.47 -32.15
C ASP D 70 9.87 7.62 -32.08
N CYS D 71 9.25 6.80 -31.26
CA CYS D 71 7.79 6.72 -31.21
C CYS D 71 7.32 5.85 -30.07
N TYR D 72 6.02 5.88 -29.81
CA TYR D 72 5.39 5.07 -28.78
C TYR D 72 4.96 3.72 -29.34
N ASP D 73 5.25 2.64 -28.63
CA ASP D 73 4.82 1.32 -29.06
C ASP D 73 3.38 1.07 -28.63
N ASP D 74 2.87 -0.13 -28.90
CA ASP D 74 1.48 -0.48 -28.54
C ASP D 74 1.20 -0.28 -27.06
N ALA D 75 2.20 -0.54 -26.23
CA ALA D 75 2.06 -0.42 -24.78
C ALA D 75 2.10 1.03 -24.33
N GLY D 76 2.44 1.93 -25.26
CA GLY D 76 2.54 3.34 -24.93
C GLY D 76 3.89 3.71 -24.34
N VAL D 77 4.91 2.91 -24.65
CA VAL D 77 6.27 3.17 -24.21
C VAL D 77 7.06 3.83 -25.32
N LEU D 78 7.72 4.94 -25.01
CA LEU D 78 8.55 5.65 -25.99
C LEU D 78 9.82 4.86 -26.32
N ILE D 79 9.96 4.47 -27.58
CA ILE D 79 11.07 3.62 -27.99
C ILE D 79 11.75 4.08 -29.28
N HIS D 80 12.98 3.62 -29.48
CA HIS D 80 13.67 3.88 -30.73
C HIS D 80 13.58 2.66 -31.64
N PRO D 81 12.76 2.77 -32.70
CA PRO D 81 12.52 1.69 -33.66
C PRO D 81 13.81 1.10 -34.25
N TYR D 82 14.84 1.93 -34.43
CA TYR D 82 16.08 1.49 -35.07
C TYR D 82 17.26 1.42 -34.08
N GLY D 83 17.04 0.82 -32.91
CA GLY D 83 18.10 0.69 -31.93
C GLY D 83 18.25 1.93 -31.07
N PRO D 84 18.96 1.79 -29.94
CA PRO D 84 19.11 2.85 -28.93
C PRO D 84 19.91 4.02 -29.48
N HIS D 85 19.41 5.23 -29.29
CA HIS D 85 20.09 6.43 -29.77
C HIS D 85 20.36 7.43 -28.65
N ILE D 86 21.58 7.39 -28.13
CA ILE D 86 21.98 8.28 -27.04
C ILE D 86 22.75 9.47 -27.58
N PHE D 87 22.24 10.67 -27.35
CA PHE D 87 22.91 11.87 -27.85
C PHE D 87 24.01 12.36 -26.92
N HIS D 88 25.13 12.75 -27.52
CA HIS D 88 26.31 13.18 -26.77
C HIS D 88 27.23 13.96 -27.69
N THR D 89 27.79 15.05 -27.19
CA THR D 89 28.66 15.90 -28.00
C THR D 89 29.58 16.77 -27.14
N ASN D 90 30.74 17.08 -27.69
CA ASN D 90 31.65 18.03 -27.07
C ASN D 90 31.48 19.41 -27.69
N SER D 91 30.76 19.47 -28.79
CA SER D 91 30.59 20.71 -29.53
C SER D 91 29.51 21.61 -28.96
N LYS D 92 29.94 22.70 -28.33
CA LYS D 92 29.03 23.71 -27.83
C LYS D 92 28.14 24.20 -28.96
N ASP D 93 28.70 24.37 -30.15
CA ASP D 93 27.91 24.80 -31.31
C ASP D 93 26.82 23.80 -31.64
N VAL D 94 27.18 22.53 -31.77
CA VAL D 94 26.20 21.51 -32.09
C VAL D 94 25.08 21.48 -31.06
N PHE D 95 25.46 21.48 -29.79
CA PHE D 95 24.48 21.38 -28.71
C PHE D 95 23.53 22.57 -28.74
N GLU D 96 24.10 23.77 -28.79
CA GLU D 96 23.30 24.99 -28.77
C GLU D 96 22.40 25.08 -30.00
N TYR D 97 22.86 24.56 -31.13
CA TYR D 97 22.04 24.56 -32.33
C TYR D 97 20.81 23.69 -32.13
N LEU D 98 21.03 22.44 -31.74
CA LEU D 98 19.94 21.51 -31.50
C LEU D 98 19.00 22.01 -30.39
N SER D 99 19.56 22.77 -29.46
CA SER D 99 18.79 23.28 -28.33
C SER D 99 17.67 24.20 -28.77
N ARG D 100 17.77 24.65 -30.01
CA ARG D 100 16.76 25.54 -30.58
C ARG D 100 15.46 24.79 -30.89
N PHE D 101 15.55 23.47 -31.01
CA PHE D 101 14.40 22.67 -31.43
C PHE D 101 13.98 21.64 -30.39
N THR D 102 14.50 21.76 -29.18
CA THR D 102 14.16 20.82 -28.12
C THR D 102 14.76 21.18 -26.77
N GLU D 103 14.04 20.83 -25.71
CA GLU D 103 14.60 20.93 -24.37
C GLU D 103 15.37 19.65 -24.10
N TRP D 104 16.03 19.59 -22.94
CA TRP D 104 16.91 18.46 -22.66
C TRP D 104 16.62 17.75 -21.34
N ARG D 105 16.72 16.42 -21.38
CA ARG D 105 16.73 15.62 -20.16
C ARG D 105 18.16 15.15 -19.92
N PRO D 106 18.80 15.69 -18.89
CA PRO D 106 20.16 15.23 -18.54
C PRO D 106 20.23 13.72 -18.50
N TYR D 107 21.24 13.14 -19.13
CA TYR D 107 21.40 11.69 -19.18
C TYR D 107 22.81 11.27 -19.60
N GLN D 108 23.41 10.39 -18.81
CA GLN D 108 24.72 9.84 -19.14
C GLN D 108 24.63 8.32 -19.24
N HIS D 109 24.78 7.81 -20.45
CA HIS D 109 24.60 6.38 -20.73
C HIS D 109 25.66 5.51 -20.06
N ARG D 110 25.22 4.41 -19.47
CA ARG D 110 26.15 3.45 -18.85
C ARG D 110 25.87 2.02 -19.30
N VAL D 111 26.90 1.36 -19.83
CA VAL D 111 26.74 0.02 -20.38
C VAL D 111 27.51 -1.05 -19.60
N LEU D 112 26.86 -2.18 -19.36
CA LEU D 112 27.52 -3.34 -18.77
C LEU D 112 27.71 -4.43 -19.82
N ALA D 113 28.76 -5.23 -19.65
CA ALA D 113 29.01 -6.33 -20.54
C ALA D 113 28.90 -7.65 -19.77
N SER D 114 28.22 -8.63 -20.36
CA SER D 114 28.06 -9.92 -19.73
C SER D 114 29.28 -10.82 -19.97
N VAL D 115 30.21 -10.78 -19.03
CA VAL D 115 31.43 -11.56 -19.15
C VAL D 115 31.61 -12.41 -17.92
N ASP D 116 31.86 -13.70 -18.12
CA ASP D 116 32.05 -14.63 -17.02
C ASP D 116 30.87 -14.61 -16.05
N GLY D 117 29.67 -14.43 -16.59
CA GLY D 117 28.46 -14.43 -15.79
C GLY D 117 28.34 -13.22 -14.88
N GLN D 118 29.14 -12.20 -15.14
CA GLN D 118 29.05 -10.96 -14.38
C GLN D 118 28.63 -9.81 -15.28
N LEU D 119 28.23 -8.71 -14.65
CA LEU D 119 27.93 -7.49 -15.38
C LEU D 119 29.02 -6.46 -15.08
N LEU D 120 29.95 -6.34 -16.03
CA LEU D 120 31.14 -5.52 -15.84
C LEU D 120 31.08 -4.26 -16.69
N PRO D 121 31.69 -3.18 -16.20
CA PRO D 121 31.69 -1.91 -16.95
C PRO D 121 32.47 -2.03 -18.25
N ILE D 122 31.95 -1.41 -19.30
CA ILE D 122 32.66 -1.23 -20.56
C ILE D 122 32.29 0.18 -21.01
N PRO D 123 33.30 1.00 -21.39
CA PRO D 123 34.74 0.74 -21.51
C PRO D 123 35.38 0.03 -20.32
N ILE D 124 36.40 -0.76 -20.62
CA ILE D 124 37.14 -1.45 -19.58
C ILE D 124 37.77 -0.42 -18.65
N ASN D 125 37.66 -0.63 -17.35
CA ASN D 125 38.26 0.29 -16.39
C ASN D 125 38.76 -0.40 -15.13
N LEU D 126 39.18 0.40 -14.15
CA LEU D 126 39.75 -0.12 -12.92
C LEU D 126 38.81 -1.13 -12.27
N ASP D 127 37.54 -0.79 -12.22
CA ASP D 127 36.54 -1.63 -11.57
C ASP D 127 36.33 -2.90 -12.36
N THR D 128 36.40 -2.79 -13.68
CA THR D 128 36.26 -3.96 -14.54
C THR D 128 37.36 -4.96 -14.25
N VAL D 129 38.60 -4.49 -14.21
CA VAL D 129 39.76 -5.36 -13.99
C VAL D 129 39.74 -6.00 -12.61
N ASN D 130 39.50 -5.19 -11.58
CA ASN D 130 39.45 -5.70 -10.20
C ASN D 130 38.32 -6.70 -9.97
N ARG D 131 37.14 -6.42 -10.52
CA ARG D 131 35.99 -7.29 -10.34
C ARG D 131 36.15 -8.60 -11.10
N LEU D 132 36.75 -8.52 -12.29
CA LEU D 132 36.90 -9.67 -13.17
C LEU D 132 37.85 -10.72 -12.62
N TYR D 133 39.03 -10.28 -12.18
CA TYR D 133 40.06 -11.20 -11.70
C TYR D 133 40.06 -11.31 -10.17
N GLY D 134 39.21 -10.53 -9.52
CA GLY D 134 39.22 -10.45 -8.07
C GLY D 134 40.51 -9.78 -7.61
N LEU D 135 40.78 -8.62 -8.19
CA LEU D 135 41.97 -7.85 -7.85
C LEU D 135 41.64 -6.64 -6.99
N ASN D 136 42.68 -5.97 -6.52
CA ASN D 136 42.54 -4.79 -5.69
C ASN D 136 43.56 -3.74 -6.08
N LEU D 137 43.79 -3.61 -7.39
CA LEU D 137 44.72 -2.62 -7.91
C LEU D 137 44.19 -1.20 -7.71
N THR D 138 45.11 -0.24 -7.59
CA THR D 138 44.75 1.17 -7.62
C THR D 138 44.82 1.63 -9.07
N SER D 139 44.36 2.84 -9.34
CA SER D 139 44.44 3.38 -10.70
C SER D 139 45.89 3.50 -11.15
N PHE D 140 46.78 3.80 -10.21
CA PHE D 140 48.19 3.92 -10.51
C PHE D 140 48.79 2.56 -10.89
N GLN D 141 48.33 1.53 -10.20
CA GLN D 141 48.82 0.17 -10.46
C GLN D 141 48.27 -0.44 -11.74
N VAL D 142 46.99 -0.22 -12.02
CA VAL D 142 46.37 -0.83 -13.19
C VAL D 142 47.01 -0.32 -14.47
N GLU D 143 47.68 0.82 -14.37
CA GLU D 143 48.45 1.35 -15.48
C GLU D 143 49.62 0.41 -15.75
N GLU D 144 50.31 0.03 -14.67
CA GLU D 144 51.43 -0.90 -14.76
C GLU D 144 50.94 -2.28 -15.23
N PHE D 145 49.87 -2.77 -14.61
CA PHE D 145 49.30 -4.06 -14.95
C PHE D 145 48.98 -4.17 -16.43
N PHE D 146 48.38 -3.12 -16.99
CA PHE D 146 48.06 -3.10 -18.42
C PHE D 146 49.34 -3.24 -19.25
N ALA D 147 50.33 -2.42 -18.93
CA ALA D 147 51.59 -2.43 -19.67
C ALA D 147 52.25 -3.80 -19.63
N SER D 148 52.04 -4.54 -18.54
CA SER D 148 52.71 -5.82 -18.36
C SER D 148 52.04 -6.94 -19.14
N VAL D 149 50.78 -6.75 -19.53
CA VAL D 149 50.08 -7.73 -20.35
C VAL D 149 49.98 -7.26 -21.79
N ALA D 150 50.08 -5.96 -21.99
CA ALA D 150 49.94 -5.38 -23.33
C ALA D 150 50.93 -5.97 -24.32
N GLU D 151 50.46 -6.26 -25.52
CA GLU D 151 51.33 -6.73 -26.59
C GLU D 151 51.91 -5.54 -27.35
N LYS D 152 53.18 -5.63 -27.73
CA LYS D 152 53.78 -4.55 -28.50
C LYS D 152 53.54 -4.71 -29.99
N VAL D 153 53.00 -3.67 -30.61
CA VAL D 153 52.76 -3.67 -32.04
C VAL D 153 53.51 -2.51 -32.68
N GLU D 154 54.22 -2.80 -33.76
CA GLU D 154 55.01 -1.79 -34.46
C GLU D 154 54.12 -0.63 -34.87
N GLN D 155 53.26 -0.86 -35.85
CA GLN D 155 52.33 0.16 -36.31
C GLN D 155 50.89 -0.31 -36.19
N VAL D 156 50.17 0.27 -35.23
CA VAL D 156 48.78 -0.09 -34.96
C VAL D 156 47.87 0.14 -36.16
N ARG D 157 47.49 -0.93 -36.83
CA ARG D 157 46.67 -0.80 -38.04
C ARG D 157 45.25 -1.34 -37.86
N THR D 158 45.12 -2.50 -37.24
CA THR D 158 43.83 -3.19 -37.15
C THR D 158 43.12 -2.97 -35.82
N SER D 159 41.83 -3.32 -35.78
CA SER D 159 41.05 -3.23 -34.54
C SER D 159 41.58 -4.17 -33.46
N GLU D 160 42.25 -5.24 -33.87
CA GLU D 160 42.90 -6.12 -32.92
C GLU D 160 44.11 -5.39 -32.35
N ASP D 161 44.79 -4.62 -33.20
CA ASP D 161 45.97 -3.88 -32.81
C ASP D 161 45.70 -2.88 -31.68
N VAL D 162 44.73 -1.99 -31.89
CA VAL D 162 44.43 -0.94 -30.91
C VAL D 162 44.14 -1.50 -29.52
N VAL D 163 43.46 -2.63 -29.46
CA VAL D 163 43.09 -3.23 -28.18
C VAL D 163 44.22 -4.07 -27.60
N VAL D 164 44.66 -5.06 -28.37
CA VAL D 164 45.73 -5.96 -27.96
C VAL D 164 46.98 -5.24 -27.43
N SER D 165 47.29 -4.09 -28.02
CA SER D 165 48.49 -3.35 -27.65
C SER D 165 48.29 -2.50 -26.40
N LYS D 166 47.07 -2.49 -25.86
CA LYS D 166 46.75 -1.66 -24.70
C LYS D 166 46.41 -2.48 -23.46
N VAL D 167 45.53 -3.46 -23.61
CA VAL D 167 45.04 -4.21 -22.46
C VAL D 167 45.38 -5.70 -22.48
N GLY D 168 46.07 -6.13 -23.53
CA GLY D 168 46.53 -7.51 -23.62
C GLY D 168 45.60 -8.44 -24.36
N ARG D 169 45.97 -9.72 -24.39
CA ARG D 169 45.27 -10.71 -25.19
C ARG D 169 44.03 -11.26 -24.49
N ASP D 170 44.13 -11.47 -23.18
CA ASP D 170 43.03 -12.05 -22.42
C ASP D 170 41.80 -11.13 -22.37
N LEU D 171 42.02 -9.86 -22.08
CA LEU D 171 40.93 -8.89 -22.01
C LEU D 171 40.32 -8.65 -23.39
N TYR D 172 41.19 -8.58 -24.39
CA TYR D 172 40.75 -8.44 -25.78
C TYR D 172 39.81 -9.59 -26.14
N ASN D 173 40.12 -10.78 -25.64
CA ASN D 173 39.31 -11.96 -25.94
C ASN D 173 37.97 -11.93 -25.26
N LYS D 174 37.92 -11.44 -24.03
CA LYS D 174 36.71 -11.52 -23.23
C LYS D 174 35.71 -10.41 -23.55
N PHE D 175 36.20 -9.30 -24.10
CA PHE D 175 35.35 -8.12 -24.31
C PHE D 175 35.17 -7.73 -25.78
N PHE D 176 36.21 -7.85 -26.58
CA PHE D 176 36.17 -7.30 -27.93
C PHE D 176 36.06 -8.33 -29.05
N ARG D 177 36.88 -9.36 -29.01
CA ARG D 177 36.96 -10.30 -30.13
C ARG D 177 35.60 -10.91 -30.47
N GLY D 178 34.96 -11.51 -29.49
CA GLY D 178 33.65 -12.13 -29.67
C GLY D 178 32.57 -11.16 -30.11
N TYR D 179 32.52 -9.99 -29.48
CA TYR D 179 31.54 -8.97 -29.83
C TYR D 179 31.74 -8.51 -31.27
N THR D 180 32.99 -8.33 -31.68
CA THR D 180 33.30 -7.81 -33.02
C THR D 180 32.94 -8.81 -34.10
N ARG D 181 33.32 -10.07 -33.89
CA ARG D 181 32.99 -11.12 -34.84
C ARG D 181 31.48 -11.21 -35.05
N LYS D 182 30.73 -11.06 -33.96
CA LYS D 182 29.28 -11.17 -34.02
C LYS D 182 28.64 -9.97 -34.72
N GLN D 183 29.12 -8.78 -34.39
CA GLN D 183 28.55 -7.54 -34.93
C GLN D 183 28.83 -7.37 -36.41
N TRP D 184 30.06 -7.65 -36.83
CA TRP D 184 30.50 -7.32 -38.18
C TRP D 184 30.59 -8.53 -39.10
N GLY D 185 30.81 -9.71 -38.53
CA GLY D 185 31.09 -10.89 -39.32
C GLY D 185 32.53 -10.87 -39.80
N LEU D 186 33.30 -9.98 -39.20
CA LEU D 186 34.72 -9.85 -39.49
C LEU D 186 35.51 -9.86 -38.19
N ASP D 187 36.67 -10.49 -38.21
CA ASP D 187 37.56 -10.48 -37.06
C ASP D 187 38.15 -9.07 -36.89
N PRO D 188 38.37 -8.66 -35.63
CA PRO D 188 38.97 -7.36 -35.33
C PRO D 188 40.22 -7.06 -36.15
N SER D 189 40.93 -8.09 -36.60
CA SER D 189 42.14 -7.88 -37.39
C SER D 189 41.81 -7.50 -38.82
N GLU D 190 40.58 -7.79 -39.25
CA GLU D 190 40.13 -7.48 -40.60
C GLU D 190 39.47 -6.10 -40.69
N LEU D 191 39.48 -5.37 -39.59
CA LEU D 191 38.89 -4.03 -39.55
C LEU D 191 39.94 -2.98 -39.23
N ASP D 192 39.75 -1.77 -39.73
CA ASP D 192 40.61 -0.66 -39.36
C ASP D 192 40.58 -0.50 -37.85
N ALA D 193 41.66 0.01 -37.28
CA ALA D 193 41.74 0.18 -35.84
C ALA D 193 40.68 1.14 -35.30
N SER D 194 40.19 2.01 -36.16
CA SER D 194 39.22 3.03 -35.75
C SER D 194 37.92 2.45 -35.17
N VAL D 195 37.52 1.28 -35.66
CA VAL D 195 36.28 0.65 -35.20
C VAL D 195 36.28 0.38 -33.69
N THR D 196 37.26 -0.37 -33.21
CA THR D 196 37.35 -0.68 -31.79
C THR D 196 37.97 0.47 -31.00
N ALA D 197 38.62 1.39 -31.71
CA ALA D 197 39.18 2.58 -31.07
C ALA D 197 38.07 3.44 -30.49
N ARG D 198 36.85 3.22 -30.98
CA ARG D 198 35.67 3.95 -30.53
C ARG D 198 35.44 3.75 -29.03
N VAL D 199 35.80 2.58 -28.53
CA VAL D 199 35.69 2.29 -27.10
C VAL D 199 37.06 2.32 -26.44
N PRO D 200 37.39 3.45 -25.81
CA PRO D 200 38.68 3.68 -25.15
C PRO D 200 38.84 2.77 -23.95
N THR D 201 40.08 2.52 -23.54
CA THR D 201 40.33 1.77 -22.32
C THR D 201 40.79 2.74 -21.22
N ARG D 202 40.33 2.52 -19.99
CA ARG D 202 40.58 3.47 -18.92
C ARG D 202 41.30 2.89 -17.71
N THR D 203 41.99 3.75 -16.98
CA THR D 203 42.68 3.35 -15.77
C THR D 203 42.04 4.00 -14.56
N ASN D 204 41.04 4.85 -14.81
CA ASN D 204 40.27 5.44 -13.72
C ASN D 204 39.02 4.62 -13.44
N ARG D 205 38.00 5.22 -12.85
CA ARG D 205 36.81 4.47 -12.49
C ARG D 205 35.56 5.02 -13.16
N ASP D 206 35.76 5.79 -14.21
CA ASP D 206 34.66 6.33 -14.98
C ASP D 206 33.93 5.19 -15.68
N ASN D 207 32.65 5.04 -15.41
CA ASN D 207 31.86 3.96 -16.02
C ASN D 207 30.83 4.44 -17.04
N ARG D 208 30.88 5.72 -17.40
CA ARG D 208 30.02 6.25 -18.46
C ARG D 208 30.50 5.72 -19.80
N TYR D 209 29.60 5.58 -20.76
CA TYR D 209 30.01 5.13 -22.08
C TYR D 209 30.73 6.28 -22.80
N PHE D 210 30.29 7.50 -22.55
CA PHE D 210 30.90 8.68 -23.14
C PHE D 210 31.37 9.63 -22.04
N ALA D 211 32.42 10.40 -22.32
CA ALA D 211 32.90 11.41 -21.37
C ALA D 211 32.63 12.82 -21.88
N ASP D 212 31.86 12.90 -22.97
CA ASP D 212 31.52 14.17 -23.61
C ASP D 212 31.00 15.22 -22.62
N THR D 213 31.28 16.47 -22.92
CA THR D 213 30.83 17.61 -22.13
C THR D 213 29.31 17.64 -22.02
N TYR D 214 28.64 17.46 -23.15
CA TYR D 214 27.19 17.59 -23.19
C TYR D 214 26.52 16.25 -23.46
N GLN D 215 25.74 15.77 -22.49
CA GLN D 215 25.04 14.51 -22.62
C GLN D 215 23.62 14.64 -22.12
N ALA D 216 22.66 14.50 -23.03
CA ALA D 216 21.26 14.67 -22.72
C ALA D 216 20.39 14.17 -23.86
N MET D 217 19.16 13.77 -23.52
CA MET D 217 18.21 13.30 -24.52
C MET D 217 17.18 14.36 -24.83
N PRO D 218 16.74 14.47 -26.08
CA PRO D 218 15.66 15.39 -26.42
C PRO D 218 14.48 15.10 -25.50
N LEU D 219 13.97 16.14 -24.85
CA LEU D 219 13.01 15.94 -23.75
C LEU D 219 11.78 15.13 -24.13
N HIS D 220 11.29 15.33 -25.35
CA HIS D 220 10.06 14.65 -25.77
C HIS D 220 10.29 13.80 -27.02
N GLY D 221 11.48 13.23 -27.12
CA GLY D 221 11.83 12.36 -28.23
C GLY D 221 12.48 13.09 -29.39
N TYR D 222 13.22 12.34 -30.20
CA TYR D 222 13.84 12.90 -31.40
C TYR D 222 12.81 13.38 -32.41
N THR D 223 11.73 12.61 -32.57
CA THR D 223 10.71 12.94 -33.55
C THR D 223 10.14 14.35 -33.34
N ARG D 224 9.79 14.67 -32.10
CA ARG D 224 9.29 15.99 -31.77
C ARG D 224 10.30 17.07 -32.12
N MET D 225 11.58 16.76 -31.92
CA MET D 225 12.65 17.68 -32.26
C MET D 225 12.75 17.91 -33.77
N PHE D 226 12.75 16.82 -34.54
CA PHE D 226 12.80 16.92 -35.99
C PHE D 226 11.59 17.68 -36.52
N GLN D 227 10.43 17.48 -35.90
CA GLN D 227 9.22 18.17 -36.31
C GLN D 227 9.37 19.69 -36.23
N ASN D 228 10.00 20.15 -35.15
CA ASN D 228 10.32 21.57 -35.02
C ASN D 228 11.28 21.98 -36.13
N MET D 229 12.42 21.29 -36.15
CA MET D 229 13.47 21.57 -37.12
C MET D 229 12.90 21.74 -38.53
N LEU D 230 11.91 20.94 -38.88
CA LEU D 230 11.40 20.92 -40.25
C LEU D 230 10.08 21.68 -40.41
N SER D 231 9.81 22.63 -39.53
CA SER D 231 8.51 23.29 -39.50
C SER D 231 8.45 24.66 -40.19
N SER D 232 9.46 24.99 -40.98
CA SER D 232 9.42 26.20 -41.78
C SER D 232 8.38 26.08 -42.90
N PRO D 233 7.72 27.20 -43.23
CA PRO D 233 6.77 27.21 -44.36
C PRO D 233 7.51 26.97 -45.66
N ASN D 234 8.83 27.17 -45.65
CA ASN D 234 9.64 26.98 -46.83
C ASN D 234 10.15 25.54 -46.99
N ILE D 235 9.58 24.62 -46.22
CA ILE D 235 9.95 23.22 -46.30
C ILE D 235 8.76 22.33 -46.59
N LYS D 236 8.80 21.64 -47.73
CA LYS D 236 7.76 20.68 -48.06
C LYS D 236 8.32 19.27 -47.82
N VAL D 237 7.60 18.48 -47.05
CA VAL D 237 8.06 17.16 -46.68
C VAL D 237 7.28 16.08 -47.41
N MET D 238 8.00 15.12 -47.99
CA MET D 238 7.39 14.06 -48.77
C MET D 238 7.90 12.70 -48.28
N LEU D 239 6.98 11.86 -47.84
CA LEU D 239 7.36 10.56 -47.28
C LEU D 239 6.94 9.39 -48.17
N ASN D 240 7.43 8.20 -47.82
CA ASN D 240 7.15 6.99 -48.59
C ASN D 240 7.47 7.24 -50.06
N THR D 241 8.54 7.98 -50.30
CA THR D 241 8.88 8.42 -51.65
C THR D 241 10.38 8.38 -51.92
N ASP D 242 10.79 7.49 -52.83
CA ASP D 242 12.17 7.48 -53.30
C ASP D 242 12.37 8.68 -54.19
N TYR D 243 13.49 9.38 -54.03
CA TYR D 243 13.71 10.63 -54.76
C TYR D 243 13.58 10.42 -56.27
N ARG D 244 14.06 9.28 -56.74
CA ARG D 244 14.05 8.98 -58.16
C ARG D 244 12.64 9.00 -58.74
N GLU D 245 11.64 8.72 -57.90
CA GLU D 245 10.26 8.65 -58.34
C GLU D 245 9.66 10.00 -58.70
N ILE D 246 10.37 11.09 -58.36
CA ILE D 246 9.85 12.43 -58.59
C ILE D 246 10.88 13.35 -59.22
N ALA D 247 12.15 12.94 -59.18
CA ALA D 247 13.25 13.77 -59.66
C ALA D 247 13.05 14.23 -61.10
N ASP D 248 12.41 13.38 -61.90
CA ASP D 248 12.20 13.68 -63.32
C ASP D 248 11.31 14.90 -63.56
N PHE D 249 10.21 14.99 -62.82
CA PHE D 249 9.21 16.03 -63.11
C PHE D 249 9.01 17.05 -61.99
N ILE D 250 10.01 17.22 -61.14
CA ILE D 250 9.97 18.28 -60.13
C ILE D 250 11.17 19.20 -60.25
N PRO D 251 10.94 20.45 -60.62
CA PRO D 251 12.00 21.45 -60.86
C PRO D 251 12.77 21.81 -59.60
N PHE D 252 14.05 21.46 -59.57
CA PHE D 252 14.93 21.88 -58.47
C PHE D 252 16.30 22.27 -58.99
N GLN D 253 16.89 23.30 -58.37
CA GLN D 253 18.19 23.82 -58.80
C GLN D 253 19.34 22.93 -58.35
N HIS D 254 19.40 22.66 -57.05
CA HIS D 254 20.48 21.87 -56.47
C HIS D 254 19.92 20.67 -55.72
N MET D 255 20.74 19.63 -55.54
CA MET D 255 20.32 18.46 -54.78
C MET D 255 21.29 18.12 -53.65
N ILE D 256 20.74 17.77 -52.50
CA ILE D 256 21.53 17.31 -51.38
C ILE D 256 21.17 15.86 -51.06
N TYR D 257 22.13 14.96 -51.26
CA TYR D 257 21.91 13.53 -51.11
C TYR D 257 22.55 12.97 -49.84
N THR D 258 21.78 12.22 -49.06
CA THR D 258 22.26 11.71 -47.79
C THR D 258 22.15 10.18 -47.68
N GLY D 259 21.79 9.53 -48.78
CA GLY D 259 21.74 8.09 -48.83
C GLY D 259 23.11 7.49 -49.15
N PRO D 260 23.16 6.18 -49.44
CA PRO D 260 24.41 5.47 -49.74
C PRO D 260 25.00 5.91 -51.09
N VAL D 261 26.29 6.21 -51.13
CA VAL D 261 26.94 6.68 -52.36
C VAL D 261 26.84 5.69 -53.52
N ASP D 262 27.18 4.43 -53.26
CA ASP D 262 27.15 3.42 -54.31
C ASP D 262 25.79 3.39 -55.00
N ALA D 263 24.74 3.63 -54.23
CA ALA D 263 23.38 3.59 -54.75
C ALA D 263 23.05 4.78 -55.65
N PHE D 264 23.88 5.70 -55.66
CA PHE D 264 23.54 6.91 -56.39
C PHE D 264 24.15 7.00 -57.77
N PHE D 265 25.15 6.16 -58.01
CA PHE D 265 25.84 6.13 -59.30
C PHE D 265 25.52 4.85 -60.06
N ASP D 266 24.61 4.05 -59.52
CA ASP D 266 24.21 2.80 -60.14
C ASP D 266 25.13 1.65 -59.73
N PHE D 267 26.05 1.94 -58.81
CA PHE D 267 27.02 0.95 -58.37
C PHE D 267 28.07 0.73 -59.44
N CYS D 268 28.38 1.80 -60.16
CA CYS D 268 29.35 1.74 -61.27
C CYS D 268 30.62 0.99 -60.89
N TYR D 269 30.88 0.86 -59.59
CA TYR D 269 32.08 0.17 -59.13
C TYR D 269 31.77 -1.04 -58.26
N GLY D 270 30.48 -1.36 -58.13
CA GLY D 270 30.07 -2.52 -57.35
C GLY D 270 29.64 -2.17 -55.94
N LYS D 271 28.82 -3.04 -55.34
CA LYS D 271 28.26 -2.82 -54.01
C LYS D 271 29.32 -2.36 -53.00
N LEU D 272 29.03 -1.27 -52.32
CA LEU D 272 29.89 -0.79 -51.24
C LEU D 272 29.39 -1.41 -49.93
N PRO D 273 30.24 -2.21 -49.27
CA PRO D 273 29.83 -2.96 -48.09
C PRO D 273 29.13 -2.07 -47.05
N TYR D 274 27.90 -2.43 -46.71
CA TYR D 274 27.17 -1.77 -45.63
C TYR D 274 26.61 -2.80 -44.67
N ARG D 275 26.96 -2.66 -43.39
CA ARG D 275 26.47 -3.57 -42.36
C ARG D 275 25.08 -3.14 -41.86
N SER D 276 24.30 -4.10 -41.40
CA SER D 276 22.91 -3.82 -41.02
C SER D 276 22.52 -4.45 -39.68
N LEU D 277 21.24 -4.36 -39.34
CA LEU D 277 20.73 -4.90 -38.09
C LEU D 277 19.27 -5.32 -38.19
N GLU D 278 18.92 -6.38 -37.47
CA GLU D 278 17.53 -6.74 -37.24
C GLU D 278 17.22 -6.50 -35.77
N PHE D 279 16.12 -5.81 -35.50
CA PHE D 279 15.74 -5.50 -34.14
C PHE D 279 14.57 -6.38 -33.70
N ARG D 280 14.48 -6.67 -32.41
CA ARG D 280 13.33 -7.40 -31.90
C ARG D 280 12.82 -6.75 -30.62
N HIS D 281 11.69 -6.05 -30.73
CA HIS D 281 11.13 -5.31 -29.61
C HIS D 281 10.15 -6.17 -28.81
N GLU D 282 10.26 -6.07 -27.48
CA GLU D 282 9.38 -6.81 -26.59
C GLU D 282 9.00 -5.93 -25.42
N THR D 283 7.77 -6.11 -24.93
CA THR D 283 7.28 -5.37 -23.77
C THR D 283 7.08 -6.33 -22.62
N HIS D 284 7.54 -5.96 -21.44
CA HIS D 284 7.40 -6.82 -20.27
C HIS D 284 6.54 -6.20 -19.18
N ASP D 285 5.78 -7.05 -18.50
CA ASP D 285 4.85 -6.59 -17.47
C ASP D 285 5.55 -6.25 -16.17
N THR D 286 6.69 -5.55 -16.27
CA THR D 286 7.41 -5.07 -15.11
C THR D 286 7.93 -3.66 -15.37
N GLU D 287 8.26 -2.94 -14.30
CA GLU D 287 8.81 -1.59 -14.45
C GLU D 287 10.24 -1.60 -14.96
N GLN D 288 11.03 -2.57 -14.52
CA GLN D 288 12.45 -2.59 -14.84
C GLN D 288 12.94 -3.98 -15.19
N LEU D 289 13.72 -4.09 -16.26
CA LEU D 289 14.25 -5.36 -16.70
C LEU D 289 15.77 -5.41 -16.51
N LEU D 290 16.45 -4.39 -17.00
CA LEU D 290 17.92 -4.31 -16.95
C LEU D 290 18.38 -3.36 -15.85
N PRO D 291 19.61 -3.55 -15.36
CA PRO D 291 20.21 -2.67 -14.33
C PRO D 291 20.62 -1.32 -14.91
N THR D 292 21.01 -1.27 -16.18
CA THR D 292 21.33 -0.02 -16.86
C THR D 292 20.68 0.02 -18.24
N GLY D 293 20.96 1.08 -18.99
CA GLY D 293 20.35 1.28 -20.30
C GLY D 293 20.67 0.22 -21.34
N THR D 294 21.86 -0.35 -21.27
CA THR D 294 22.26 -1.35 -22.24
C THR D 294 23.17 -2.39 -21.64
N VAL D 295 22.93 -3.65 -21.99
CA VAL D 295 23.82 -4.73 -21.62
C VAL D 295 24.37 -5.36 -22.89
N ASN D 296 25.69 -5.45 -22.99
CA ASN D 296 26.32 -6.07 -24.14
C ASN D 296 26.57 -7.54 -23.88
N TYR D 297 26.49 -8.36 -24.92
CA TYR D 297 26.75 -9.79 -24.79
C TYR D 297 27.88 -10.23 -25.70
N PRO D 298 29.12 -10.05 -25.24
CA PRO D 298 30.33 -10.29 -26.04
C PRO D 298 30.52 -11.75 -26.44
N ASN D 299 30.10 -12.66 -25.58
CA ASN D 299 30.34 -14.06 -25.79
C ASN D 299 29.13 -14.99 -25.70
N ASP D 300 27.93 -14.44 -25.58
CA ASP D 300 26.74 -15.26 -25.45
C ASP D 300 25.66 -14.79 -26.41
N TYR D 301 24.81 -15.70 -26.82
CA TYR D 301 23.63 -15.40 -27.61
C TYR D 301 23.91 -14.90 -29.01
N ALA D 302 22.87 -14.81 -29.82
CA ALA D 302 22.97 -14.31 -31.19
C ALA D 302 22.92 -12.79 -31.24
N TYR D 303 22.24 -12.18 -30.27
CA TYR D 303 22.12 -10.73 -30.22
C TYR D 303 23.34 -10.11 -29.55
N THR D 304 23.74 -8.93 -30.03
CA THR D 304 24.92 -8.24 -29.51
C THR D 304 24.62 -7.51 -28.21
N ARG D 305 23.38 -7.05 -28.04
CA ARG D 305 23.02 -6.30 -26.85
C ARG D 305 21.52 -6.14 -26.66
N VAL D 306 21.13 -5.75 -25.45
CA VAL D 306 19.75 -5.48 -25.09
C VAL D 306 19.68 -4.09 -24.48
N SER D 307 18.70 -3.30 -24.91
CA SER D 307 18.54 -1.97 -24.36
C SER D 307 17.14 -1.73 -23.80
N GLU D 308 17.08 -0.97 -22.71
CA GLU D 308 15.80 -0.63 -22.09
C GLU D 308 15.56 0.87 -22.22
N PHE D 309 14.50 1.22 -22.96
CA PHE D 309 14.24 2.62 -23.31
C PHE D 309 13.90 3.54 -22.13
N LYS D 310 13.30 3.01 -21.09
CA LYS D 310 12.90 3.82 -19.95
C LYS D 310 14.09 4.40 -19.18
N HIS D 311 15.25 3.74 -19.26
CA HIS D 311 16.46 4.27 -18.67
C HIS D 311 16.90 5.51 -19.43
N ILE D 312 16.70 5.49 -20.74
CA ILE D 312 17.23 6.52 -21.63
C ILE D 312 16.31 7.72 -21.75
N THR D 313 15.00 7.48 -21.75
CA THR D 313 14.03 8.54 -21.91
C THR D 313 13.66 9.16 -20.57
N GLY D 314 13.73 8.36 -19.51
CA GLY D 314 13.32 8.79 -18.19
C GLY D 314 11.83 8.65 -17.98
N GLN D 315 11.14 8.10 -18.98
CA GLN D 315 9.71 7.91 -18.91
C GLN D 315 9.30 7.10 -17.68
N ARG D 316 8.10 7.36 -17.18
CA ARG D 316 7.50 6.56 -16.12
C ARG D 316 6.37 5.71 -16.70
N HIS D 317 6.40 4.41 -16.43
CA HIS D 317 5.43 3.49 -17.01
C HIS D 317 5.32 2.26 -16.13
N HIS D 318 4.14 1.63 -16.09
CA HIS D 318 3.96 0.43 -15.27
C HIS D 318 4.54 -0.80 -15.97
N GLN D 319 4.87 -0.65 -17.25
CA GLN D 319 5.53 -1.70 -18.02
C GLN D 319 6.87 -1.19 -18.58
N THR D 320 7.59 -2.06 -19.29
CA THR D 320 8.86 -1.66 -19.90
C THR D 320 9.09 -2.34 -21.24
N SER D 321 9.72 -1.61 -22.16
CA SER D 321 10.00 -2.13 -23.50
C SER D 321 11.50 -2.17 -23.75
N VAL D 322 11.95 -3.25 -24.39
CA VAL D 322 13.36 -3.42 -24.68
C VAL D 322 13.55 -3.84 -26.12
N VAL D 323 14.77 -3.69 -26.62
CA VAL D 323 15.08 -4.13 -27.96
C VAL D 323 16.34 -4.98 -27.98
N TYR D 324 16.28 -6.09 -28.72
CA TYR D 324 17.44 -6.95 -28.93
C TYR D 324 17.99 -6.68 -30.31
N GLU D 325 19.30 -6.47 -30.41
CA GLU D 325 19.93 -6.19 -31.69
C GLU D 325 20.57 -7.43 -32.30
N TYR D 326 20.12 -7.79 -33.50
CA TYR D 326 20.72 -8.88 -34.24
C TYR D 326 21.50 -8.36 -35.45
N PRO D 327 22.80 -8.68 -35.50
CA PRO D 327 23.63 -8.26 -36.63
C PRO D 327 23.16 -8.93 -37.92
N ARG D 328 23.13 -8.16 -39.01
CA ARG D 328 22.68 -8.69 -40.30
C ARG D 328 23.53 -8.19 -41.46
N ALA D 329 23.97 -9.10 -42.32
CA ALA D 329 24.75 -8.74 -43.48
C ALA D 329 23.90 -7.94 -44.47
N GLU D 330 22.73 -8.47 -44.79
CA GLU D 330 21.79 -7.81 -45.69
C GLU D 330 20.80 -6.94 -44.91
N GLY D 331 20.27 -5.92 -45.59
CA GLY D 331 19.27 -5.06 -44.98
C GLY D 331 19.55 -3.58 -45.20
N ASP D 332 18.76 -2.75 -44.52
CA ASP D 332 18.99 -1.31 -44.56
C ASP D 332 20.41 -1.01 -44.11
N PRO D 333 21.09 -0.14 -44.85
CA PRO D 333 22.47 0.26 -44.52
C PRO D 333 22.51 1.05 -43.21
N TYR D 334 23.23 0.56 -42.22
CA TYR D 334 23.41 1.28 -40.96
C TYR D 334 24.87 1.60 -40.68
N TYR D 335 25.77 0.70 -41.08
CA TYR D 335 27.19 0.87 -40.81
C TYR D 335 28.06 0.77 -42.06
N PRO D 336 28.96 1.74 -42.25
CA PRO D 336 30.04 1.54 -43.21
C PRO D 336 31.02 0.56 -42.58
N VAL D 337 31.74 -0.22 -43.40
CA VAL D 337 32.70 -1.19 -42.87
C VAL D 337 34.14 -0.70 -43.06
N PRO D 338 34.65 0.04 -42.07
CA PRO D 338 36.00 0.64 -42.13
C PRO D 338 37.11 -0.40 -42.25
N ARG D 339 37.56 -0.65 -43.48
CA ARG D 339 38.69 -1.52 -43.74
C ARG D 339 39.37 -1.11 -45.05
N PRO D 340 40.69 -1.37 -45.16
CA PRO D 340 41.51 -0.84 -46.25
C PRO D 340 40.89 -0.96 -47.64
N GLU D 341 40.30 -2.11 -47.95
CA GLU D 341 39.72 -2.33 -49.28
C GLU D 341 38.45 -1.52 -49.51
N ASN D 342 37.61 -1.41 -48.48
CA ASN D 342 36.37 -0.65 -48.59
C ASN D 342 36.65 0.85 -48.72
N ALA D 343 37.70 1.30 -48.05
CA ALA D 343 38.13 2.69 -48.17
C ALA D 343 38.50 2.99 -49.62
N GLU D 344 39.30 2.09 -50.19
CA GLU D 344 39.75 2.22 -51.57
C GLU D 344 38.55 2.21 -52.52
N LEU D 345 37.55 1.40 -52.20
CA LEU D 345 36.35 1.30 -53.02
C LEU D 345 35.55 2.61 -52.97
N TYR D 346 35.43 3.18 -51.76
CA TYR D 346 34.70 4.43 -51.60
C TYR D 346 35.32 5.55 -52.42
N LYS D 347 36.65 5.63 -52.42
CA LYS D 347 37.36 6.72 -53.10
C LYS D 347 36.99 6.86 -54.56
N LYS D 348 36.78 5.73 -55.24
CA LYS D 348 36.30 5.77 -56.62
C LYS D 348 35.01 6.56 -56.66
N TYR D 349 34.04 6.15 -55.85
CA TYR D 349 32.75 6.81 -55.77
C TYR D 349 32.88 8.26 -55.29
N GLU D 350 33.83 8.50 -54.41
CA GLU D 350 34.04 9.85 -53.87
C GLU D 350 34.37 10.81 -54.99
N ALA D 351 35.16 10.33 -55.95
CA ALA D 351 35.54 11.15 -57.10
C ALA D 351 34.30 11.58 -57.89
N LEU D 352 33.48 10.61 -58.28
CA LEU D 352 32.25 10.89 -59.00
C LEU D 352 31.41 11.92 -58.25
N ALA D 353 31.30 11.74 -56.93
CA ALA D 353 30.51 12.64 -56.10
C ALA D 353 31.10 14.04 -56.12
N ASP D 354 32.41 14.15 -55.91
CA ASP D 354 33.09 15.43 -55.97
C ASP D 354 32.91 16.06 -57.36
N ALA D 355 32.73 15.21 -58.36
CA ALA D 355 32.52 15.66 -59.72
C ALA D 355 31.10 16.19 -59.90
N ALA D 356 30.12 15.46 -59.37
CA ALA D 356 28.72 15.84 -59.50
C ALA D 356 28.53 17.32 -59.16
N GLN D 357 28.12 18.09 -60.16
CA GLN D 357 28.03 19.54 -60.05
C GLN D 357 26.97 19.99 -59.07
N ASP D 358 25.72 19.70 -59.40
CA ASP D 358 24.59 20.17 -58.61
C ASP D 358 24.15 19.15 -57.56
N VAL D 359 25.13 18.48 -56.94
CA VAL D 359 24.83 17.49 -55.92
C VAL D 359 25.83 17.56 -54.77
N THR D 360 25.34 17.85 -53.57
CA THR D 360 26.16 17.89 -52.38
C THR D 360 25.93 16.66 -51.50
N PHE D 361 26.98 15.89 -51.28
CA PHE D 361 26.89 14.64 -50.53
C PHE D 361 27.20 14.86 -49.05
N VAL D 362 26.30 14.42 -48.18
CA VAL D 362 26.48 14.59 -46.75
C VAL D 362 25.74 13.53 -45.95
N GLY D 363 26.32 13.11 -44.84
CA GLY D 363 25.71 12.11 -43.97
C GLY D 363 26.55 10.87 -43.77
N ARG D 364 26.19 10.06 -42.79
CA ARG D 364 26.94 8.84 -42.49
C ARG D 364 27.03 7.92 -43.71
N LEU D 365 25.95 7.85 -44.49
CA LEU D 365 25.91 6.97 -45.65
C LEU D 365 26.51 7.63 -46.89
N ALA D 366 26.18 8.89 -47.09
CA ALA D 366 26.58 9.61 -48.30
C ALA D 366 28.09 9.82 -48.42
N THR D 367 28.77 9.99 -47.29
CA THR D 367 30.21 10.16 -47.31
C THR D 367 30.92 9.01 -46.60
N TYR D 368 30.20 7.92 -46.40
CA TYR D 368 30.79 6.68 -45.90
C TYR D 368 31.61 6.94 -44.64
N ARG D 369 30.96 7.49 -43.61
CA ARG D 369 31.65 7.81 -42.36
C ARG D 369 30.88 7.31 -41.14
N TYR D 370 31.57 6.54 -40.31
CA TYR D 370 31.01 6.00 -39.07
C TYR D 370 30.75 7.15 -38.10
N TYR D 371 29.74 7.96 -38.39
CA TYR D 371 29.48 9.16 -37.60
C TYR D 371 28.36 8.98 -36.57
N ASN D 372 28.54 9.62 -35.42
CA ASN D 372 27.46 9.76 -34.45
C ASN D 372 26.57 10.92 -34.84
N MET D 373 25.43 11.06 -34.17
CA MET D 373 24.49 12.12 -34.49
C MET D 373 25.14 13.49 -34.49
N ASP D 374 25.87 13.80 -33.42
CA ASP D 374 26.47 15.13 -33.27
C ASP D 374 27.42 15.48 -34.41
N GLN D 375 28.20 14.49 -34.84
CA GLN D 375 29.12 14.69 -35.95
C GLN D 375 28.38 15.01 -37.24
N VAL D 376 27.36 14.22 -37.55
CA VAL D 376 26.57 14.47 -38.74
C VAL D 376 25.98 15.87 -38.70
N VAL D 377 25.53 16.29 -37.52
CA VAL D 377 25.00 17.64 -37.34
C VAL D 377 26.04 18.70 -37.68
N ALA D 378 27.28 18.47 -37.22
CA ALA D 378 28.39 19.38 -37.50
C ALA D 378 28.76 19.39 -38.97
N GLN D 379 28.73 18.22 -39.60
CA GLN D 379 29.03 18.11 -41.02
C GLN D 379 27.99 18.86 -41.84
N ALA D 380 26.74 18.76 -41.41
CA ALA D 380 25.66 19.46 -42.08
C ALA D 380 25.83 20.97 -41.93
N LEU D 381 26.13 21.42 -40.72
CA LEU D 381 26.32 22.85 -40.46
C LEU D 381 27.44 23.42 -41.32
N ALA D 382 28.58 22.72 -41.34
CA ALA D 382 29.72 23.14 -42.14
C ALA D 382 29.37 23.23 -43.62
N THR D 383 28.69 22.20 -44.12
CA THR D 383 28.23 22.19 -45.50
C THR D 383 27.42 23.44 -45.82
N PHE D 384 26.46 23.74 -44.96
CA PHE D 384 25.60 24.90 -45.14
C PHE D 384 26.41 26.19 -45.23
N ARG D 385 27.45 26.30 -44.40
CA ARG D 385 28.31 27.47 -44.45
C ARG D 385 28.93 27.61 -45.83
N ARG D 386 29.44 26.49 -46.35
CA ARG D 386 30.03 26.47 -47.68
C ARG D 386 29.02 26.84 -48.75
N LEU D 387 27.87 26.18 -48.74
CA LEU D 387 26.79 26.50 -49.67
C LEU D 387 26.53 28.01 -49.73
N GLN D 388 26.81 28.69 -48.62
CA GLN D 388 26.59 30.13 -48.53
C GLN D 388 27.77 30.92 -49.10
N GLY D 389 27.70 31.23 -50.39
CA GLY D 389 28.76 31.96 -51.06
C GLY D 389 28.45 32.20 -52.52
N GLY E 29 -0.07 13.67 63.64
CA GLY E 29 0.24 13.96 62.25
C GLY E 29 0.84 12.77 61.50
N PHE E 30 2.11 12.89 61.13
CA PHE E 30 2.79 11.83 60.38
C PHE E 30 4.09 11.44 61.05
N ASP E 31 4.52 10.21 60.82
CA ASP E 31 5.82 9.75 61.32
C ASP E 31 6.93 10.40 60.51
N TYR E 32 6.68 10.60 59.23
CA TYR E 32 7.67 11.21 58.34
C TYR E 32 7.06 12.25 57.42
N LEU E 33 7.85 13.30 57.16
CA LEU E 33 7.54 14.26 56.13
C LEU E 33 8.65 14.17 55.09
N ILE E 34 8.32 13.69 53.91
CA ILE E 34 9.32 13.52 52.86
C ILE E 34 9.26 14.64 51.82
N VAL E 35 10.38 15.34 51.66
CA VAL E 35 10.45 16.50 50.79
C VAL E 35 11.09 16.12 49.46
N GLY E 36 10.26 16.00 48.42
CA GLY E 36 10.72 15.54 47.13
C GLY E 36 10.11 14.19 46.80
N ALA E 37 9.44 14.11 45.65
CA ALA E 37 8.78 12.88 45.24
C ALA E 37 9.52 12.19 44.09
N GLY E 38 10.81 12.47 43.96
CA GLY E 38 11.65 11.78 43.00
C GLY E 38 11.97 10.38 43.50
N PHE E 39 13.04 9.79 42.99
CA PHE E 39 13.47 8.48 43.43
C PHE E 39 13.87 8.49 44.90
N ALA E 40 14.74 9.43 45.25
CA ALA E 40 15.22 9.55 46.63
C ALA E 40 14.06 9.49 47.61
N GLY E 41 13.05 10.33 47.36
CA GLY E 41 11.91 10.47 48.25
C GLY E 41 10.87 9.36 48.18
N SER E 42 10.59 8.90 46.96
CA SER E 42 9.55 7.89 46.76
C SER E 42 9.96 6.50 47.27
N VAL E 43 11.22 6.13 47.07
CA VAL E 43 11.72 4.85 47.56
C VAL E 43 11.58 4.72 49.06
N LEU E 44 11.94 5.78 49.77
CA LEU E 44 11.82 5.82 51.23
C LEU E 44 10.35 5.82 51.66
N ALA E 45 9.54 6.61 50.96
CA ALA E 45 8.11 6.64 51.23
C ALA E 45 7.53 5.23 51.12
N GLU E 46 7.96 4.49 50.09
CA GLU E 46 7.49 3.12 49.88
C GLU E 46 8.02 2.19 50.96
N ARG E 47 9.27 2.39 51.36
CA ARG E 47 9.90 1.53 52.35
C ARG E 47 9.38 1.80 53.76
N LEU E 48 9.12 3.07 54.07
CA LEU E 48 8.61 3.45 55.38
C LEU E 48 7.14 3.07 55.56
N ALA E 49 6.34 3.29 54.52
CA ALA E 49 4.93 2.96 54.59
C ALA E 49 4.70 1.45 54.68
N SER E 50 5.61 0.70 54.07
CA SER E 50 5.52 -0.76 54.11
C SER E 50 5.92 -1.28 55.49
N SER E 51 6.58 -0.45 56.28
CA SER E 51 6.97 -0.82 57.63
C SER E 51 6.08 -0.13 58.66
N GLY E 52 4.86 0.21 58.24
CA GLY E 52 3.85 0.72 59.16
C GLY E 52 3.81 2.22 59.36
N GLN E 53 4.88 2.91 58.99
CA GLN E 53 4.96 4.36 59.20
C GLN E 53 3.92 5.12 58.39
N ARG E 54 3.37 6.18 58.98
CA ARG E 54 2.48 7.08 58.23
C ARG E 54 3.28 8.21 57.61
N VAL E 55 3.25 8.30 56.29
CA VAL E 55 4.15 9.20 55.57
C VAL E 55 3.43 10.27 54.73
N LEU E 56 3.93 11.49 54.82
CA LEU E 56 3.48 12.56 53.95
C LEU E 56 4.62 12.97 53.03
N ILE E 57 4.49 12.64 51.76
CA ILE E 57 5.47 13.07 50.77
C ILE E 57 4.95 14.33 50.09
N VAL E 58 5.85 15.26 49.82
CA VAL E 58 5.45 16.53 49.24
C VAL E 58 6.45 16.97 48.17
N ASP E 59 5.99 17.80 47.25
CA ASP E 59 6.86 18.30 46.19
C ASP E 59 6.31 19.59 45.61
N ARG E 60 7.20 20.55 45.37
CA ARG E 60 6.81 21.85 44.85
C ARG E 60 6.32 21.75 43.41
N ARG E 61 6.70 20.67 42.74
CA ARG E 61 6.26 20.40 41.37
C ARG E 61 4.85 19.84 41.36
N PRO E 62 4.16 19.92 40.21
CA PRO E 62 2.77 19.51 40.13
C PRO E 62 2.62 18.01 39.90
N HIS E 63 3.72 17.27 39.98
CA HIS E 63 3.70 15.85 39.69
C HIS E 63 4.72 15.09 40.54
N ILE E 64 4.60 13.77 40.54
CA ILE E 64 5.53 12.91 41.25
C ILE E 64 6.64 12.51 40.31
N GLY E 65 7.71 11.91 40.85
CA GLY E 65 8.76 11.34 40.04
C GLY E 65 10.02 12.17 39.85
N GLY E 66 9.96 13.44 40.20
CA GLY E 66 11.11 14.33 40.01
C GLY E 66 11.50 14.45 38.55
N ASN E 67 12.78 14.23 38.27
CA ASN E 67 13.31 14.31 36.91
C ASN E 67 12.78 13.19 36.02
N ALA E 68 12.67 12.00 36.59
CA ALA E 68 12.29 10.80 35.84
C ALA E 68 10.84 10.85 35.37
N TYR E 69 10.09 11.83 35.83
CA TYR E 69 8.69 11.95 35.45
C TYR E 69 8.56 11.91 33.94
N ASP E 70 7.61 11.12 33.46
CA ASP E 70 7.30 11.11 32.04
C ASP E 70 5.81 11.26 31.81
N CYS E 71 5.44 11.62 30.58
CA CYS E 71 4.05 11.89 30.26
C CYS E 71 3.84 11.95 28.75
N TYR E 72 2.58 11.95 28.34
CA TYR E 72 2.25 12.06 26.94
C TYR E 72 2.15 13.52 26.53
N ASP E 73 2.73 13.85 25.38
CA ASP E 73 2.66 15.22 24.89
C ASP E 73 1.40 15.44 24.05
N ASP E 74 1.27 16.62 23.47
CA ASP E 74 0.07 17.00 22.74
C ASP E 74 -0.19 16.13 21.52
N ALA E 75 0.79 15.32 21.13
CA ALA E 75 0.66 14.48 19.93
C ALA E 75 0.37 13.01 20.27
N GLY E 76 0.51 12.67 21.56
CA GLY E 76 0.25 11.30 22.00
C GLY E 76 1.52 10.47 22.10
N VAL E 77 2.65 11.14 22.15
CA VAL E 77 3.94 10.46 22.26
C VAL E 77 4.43 10.46 23.70
N LEU E 78 5.01 9.33 24.12
CA LEU E 78 5.58 9.22 25.46
C LEU E 78 6.93 9.92 25.51
N ILE E 79 7.03 10.96 26.35
CA ILE E 79 8.24 11.80 26.41
C ILE E 79 8.72 12.03 27.85
N HIS E 80 9.97 12.46 27.99
CA HIS E 80 10.52 12.85 29.29
C HIS E 80 10.73 14.35 29.35
N PRO E 81 9.89 15.07 30.11
CA PRO E 81 9.98 16.53 30.18
C PRO E 81 11.37 17.03 30.56
N TYR E 82 12.05 16.31 31.45
CA TYR E 82 13.35 16.76 31.96
C TYR E 82 14.53 16.03 31.34
N GLY E 83 14.45 15.76 30.04
CA GLY E 83 15.54 15.11 29.34
C GLY E 83 15.45 13.60 29.32
N PRO E 84 16.36 12.94 28.58
CA PRO E 84 16.35 11.49 28.35
C PRO E 84 16.78 10.72 29.58
N HIS E 85 15.87 9.94 30.14
CA HIS E 85 16.20 9.10 31.29
C HIS E 85 16.17 7.64 30.92
N ILE E 86 17.36 7.04 30.82
CA ILE E 86 17.51 5.64 30.44
C ILE E 86 17.94 4.84 31.65
N PHE E 87 17.11 3.89 32.08
CA PHE E 87 17.45 3.10 33.26
C PHE E 87 18.49 2.03 32.96
N HIS E 88 19.44 1.88 33.87
CA HIS E 88 20.50 0.89 33.72
C HIS E 88 21.12 0.66 35.10
N THR E 89 21.60 -0.55 35.34
CA THR E 89 22.20 -0.86 36.63
C THR E 89 22.95 -2.19 36.63
N ASN E 90 23.93 -2.29 37.52
CA ASN E 90 24.65 -3.54 37.73
C ASN E 90 24.09 -4.23 38.97
N SER E 91 23.29 -3.49 39.73
CA SER E 91 22.75 -3.98 40.99
C SER E 91 21.51 -4.83 40.81
N LYS E 92 21.63 -6.11 41.16
CA LYS E 92 20.49 -7.02 41.12
C LYS E 92 19.43 -6.58 42.13
N ASP E 93 19.87 -6.09 43.28
CA ASP E 93 18.96 -5.62 44.32
C ASP E 93 18.05 -4.50 43.79
N VAL E 94 18.65 -3.42 43.33
CA VAL E 94 17.90 -2.30 42.78
C VAL E 94 16.91 -2.77 41.73
N PHE E 95 17.37 -3.57 40.78
CA PHE E 95 16.52 -4.05 39.69
C PHE E 95 15.30 -4.78 40.22
N GLU E 96 15.52 -5.88 40.93
CA GLU E 96 14.42 -6.69 41.44
C GLU E 96 13.49 -5.89 42.35
N TYR E 97 14.03 -4.87 43.00
CA TYR E 97 13.21 -3.97 43.81
C TYR E 97 12.29 -3.14 42.92
N LEU E 98 12.87 -2.51 41.91
CA LEU E 98 12.08 -1.72 40.96
C LEU E 98 11.09 -2.57 40.19
N SER E 99 11.43 -3.84 39.96
CA SER E 99 10.55 -4.76 39.25
C SER E 99 9.23 -4.94 39.99
N ARG E 100 9.24 -4.64 41.29
CA ARG E 100 8.07 -4.81 42.13
C ARG E 100 6.95 -3.85 41.74
N PHE E 101 7.30 -2.75 41.09
CA PHE E 101 6.34 -1.70 40.81
C PHE E 101 6.16 -1.45 39.31
N THR E 102 6.77 -2.30 38.49
CA THR E 102 6.67 -2.12 37.05
C THR E 102 7.27 -3.28 36.27
N GLU E 103 6.70 -3.54 35.11
CA GLU E 103 7.27 -4.48 34.16
C GLU E 103 8.34 -3.75 33.35
N TRP E 104 9.01 -4.47 32.44
CA TRP E 104 10.13 -3.88 31.73
C TRP E 104 10.06 -4.00 30.21
N ARG E 105 10.77 -3.10 29.55
CA ARG E 105 11.02 -3.20 28.13
C ARG E 105 12.54 -3.17 27.94
N PRO E 106 13.13 -4.30 27.53
CA PRO E 106 14.58 -4.36 27.30
C PRO E 106 15.02 -3.30 26.30
N TYR E 107 16.17 -2.68 26.57
CA TYR E 107 16.69 -1.62 25.73
C TYR E 107 18.11 -1.23 26.12
N GLN E 108 19.03 -1.31 25.17
CA GLN E 108 20.42 -0.92 25.42
C GLN E 108 20.76 0.36 24.67
N HIS E 109 20.69 1.49 25.38
CA HIS E 109 20.94 2.82 24.82
C HIS E 109 22.26 2.90 24.02
N ARG E 110 22.21 3.55 22.86
CA ARG E 110 23.38 3.78 22.03
C ARG E 110 23.43 5.22 21.55
N VAL E 111 24.58 5.85 21.69
CA VAL E 111 24.74 7.26 21.34
C VAL E 111 25.78 7.46 20.25
N LEU E 112 25.44 8.23 19.22
CA LEU E 112 26.41 8.63 18.20
C LEU E 112 26.86 10.07 18.41
N ALA E 113 28.15 10.32 18.26
CA ALA E 113 28.70 11.66 18.39
C ALA E 113 28.93 12.29 17.01
N SER E 114 28.29 13.43 16.78
CA SER E 114 28.51 14.17 15.55
C SER E 114 29.91 14.78 15.58
N VAL E 115 30.86 14.11 14.94
CA VAL E 115 32.23 14.59 14.89
C VAL E 115 32.79 14.52 13.46
N ASP E 116 33.43 15.60 13.02
CA ASP E 116 33.99 15.64 11.66
C ASP E 116 32.94 15.26 10.62
N GLY E 117 31.70 15.71 10.82
CA GLY E 117 30.63 15.42 9.88
C GLY E 117 30.07 14.02 9.93
N GLN E 118 30.57 13.20 10.86
CA GLN E 118 30.10 11.83 10.96
C GLN E 118 29.35 11.55 12.26
N LEU E 119 28.68 10.40 12.30
CA LEU E 119 28.08 9.94 13.54
C LEU E 119 28.90 8.75 14.04
N LEU E 120 29.74 9.02 15.02
CA LEU E 120 30.67 8.03 15.54
C LEU E 120 30.23 7.53 16.90
N PRO E 121 30.64 6.31 17.26
CA PRO E 121 30.30 5.74 18.56
C PRO E 121 31.00 6.44 19.71
N ILE E 122 30.20 6.83 20.71
CA ILE E 122 30.73 7.32 21.98
C ILE E 122 30.03 6.49 23.05
N PRO E 123 30.80 5.83 23.92
CA PRO E 123 32.25 5.87 24.12
C PRO E 123 33.07 5.61 22.87
N ILE E 124 34.28 6.19 22.84
CA ILE E 124 35.23 5.93 21.78
C ILE E 124 35.63 4.47 21.79
N ASN E 125 35.58 3.82 20.62
CA ASN E 125 36.03 2.44 20.51
C ASN E 125 36.79 2.20 19.21
N LEU E 126 37.04 0.93 18.90
CA LEU E 126 37.78 0.55 17.68
C LEU E 126 37.20 1.25 16.46
N ASP E 127 35.88 1.16 16.31
CA ASP E 127 35.19 1.72 15.16
C ASP E 127 35.30 3.24 15.11
N THR E 128 35.21 3.87 16.28
CA THR E 128 35.38 5.31 16.39
C THR E 128 36.71 5.74 15.78
N VAL E 129 37.79 5.12 16.24
CA VAL E 129 39.12 5.46 15.75
C VAL E 129 39.28 5.07 14.29
N ASN E 130 38.94 3.84 13.96
CA ASN E 130 39.09 3.36 12.59
C ASN E 130 38.33 4.20 11.58
N ARG E 131 37.11 4.61 11.94
CA ARG E 131 36.27 5.37 11.02
C ARG E 131 36.67 6.84 10.91
N LEU E 132 37.12 7.43 12.02
CA LEU E 132 37.47 8.84 12.02
C LEU E 132 38.75 9.10 11.25
N TYR E 133 39.73 8.22 11.41
CA TYR E 133 41.04 8.41 10.80
C TYR E 133 41.23 7.59 9.52
N GLY E 134 40.23 6.77 9.19
CA GLY E 134 40.32 5.93 8.01
C GLY E 134 41.34 4.82 8.21
N LEU E 135 41.49 4.39 9.46
CA LEU E 135 42.42 3.31 9.78
C LEU E 135 41.74 1.94 9.71
N ASN E 136 42.53 0.89 9.89
CA ASN E 136 42.01 -0.48 9.90
C ASN E 136 42.66 -1.30 11.02
N LEU E 137 42.65 -0.74 12.22
CA LEU E 137 43.30 -1.38 13.35
C LEU E 137 42.45 -2.52 13.89
N THR E 138 43.10 -3.53 14.45
CA THR E 138 42.41 -4.57 15.19
C THR E 138 42.32 -4.13 16.63
N SER E 139 41.48 -4.78 17.42
CA SER E 139 41.38 -4.44 18.84
C SER E 139 42.75 -4.49 19.50
N PHE E 140 43.53 -5.52 19.17
CA PHE E 140 44.87 -5.67 19.75
C PHE E 140 45.76 -4.51 19.37
N GLN E 141 45.57 -3.99 18.16
CA GLN E 141 46.40 -2.90 17.67
C GLN E 141 46.04 -1.56 18.27
N VAL E 142 44.74 -1.31 18.44
CA VAL E 142 44.27 0.00 18.86
C VAL E 142 44.72 0.35 20.29
N GLU E 143 45.13 -0.66 21.04
CA GLU E 143 45.62 -0.43 22.39
C GLU E 143 46.97 0.28 22.33
N GLU E 144 47.87 -0.23 21.51
CA GLU E 144 49.17 0.39 21.30
C GLU E 144 49.00 1.80 20.76
N PHE E 145 48.07 1.97 19.82
CA PHE E 145 47.81 3.27 19.24
C PHE E 145 47.43 4.31 20.29
N PHE E 146 46.52 3.96 21.19
CA PHE E 146 46.15 4.86 22.26
C PHE E 146 47.37 5.22 23.10
N ALA E 147 48.18 4.22 23.42
CA ALA E 147 49.38 4.44 24.22
C ALA E 147 50.36 5.37 23.52
N SER E 148 50.47 5.24 22.20
CA SER E 148 51.43 6.03 21.44
C SER E 148 50.98 7.46 21.22
N VAL E 149 49.79 7.80 21.69
CA VAL E 149 49.29 9.17 21.55
C VAL E 149 48.92 9.75 22.92
N ALA E 150 48.82 8.87 23.91
CA ALA E 150 48.44 9.28 25.26
C ALA E 150 49.54 10.11 25.90
N GLU E 151 49.13 11.22 26.52
CA GLU E 151 50.05 12.02 27.31
C GLU E 151 50.14 11.44 28.70
N LYS E 152 51.36 11.23 29.20
CA LYS E 152 51.52 10.75 30.56
C LYS E 152 51.22 11.83 31.58
N VAL E 153 50.50 11.43 32.62
CA VAL E 153 50.17 12.34 33.72
C VAL E 153 50.58 11.71 35.04
N GLU E 154 51.31 12.46 35.86
CA GLU E 154 51.79 12.00 37.15
C GLU E 154 50.63 11.49 37.98
N GLN E 155 49.73 12.39 38.34
CA GLN E 155 48.57 12.04 39.15
C GLN E 155 47.29 12.63 38.55
N VAL E 156 46.39 11.75 38.13
CA VAL E 156 45.15 12.17 37.49
C VAL E 156 44.19 12.83 38.47
N ARG E 157 43.88 14.11 38.22
CA ARG E 157 43.00 14.85 39.12
C ARG E 157 41.78 15.42 38.40
N THR E 158 41.97 15.86 37.15
CA THR E 158 40.94 16.59 36.45
C THR E 158 40.28 15.76 35.35
N SER E 159 39.18 16.29 34.81
CA SER E 159 38.48 15.66 33.70
C SER E 159 39.30 15.76 32.42
N GLU E 160 40.30 16.66 32.42
CA GLU E 160 41.24 16.73 31.32
C GLU E 160 42.26 15.60 31.48
N ASP E 161 42.59 15.27 32.72
CA ASP E 161 43.55 14.23 33.02
C ASP E 161 43.05 12.84 32.64
N VAL E 162 41.81 12.52 33.01
CA VAL E 162 41.24 11.20 32.77
C VAL E 162 41.27 10.81 31.30
N VAL E 163 40.98 11.78 30.42
CA VAL E 163 40.84 11.50 29.00
C VAL E 163 42.16 11.61 28.26
N VAL E 164 42.86 12.71 28.47
CA VAL E 164 44.13 12.97 27.79
C VAL E 164 45.18 11.87 27.99
N SER E 165 45.17 11.25 29.17
CA SER E 165 46.18 10.25 29.50
C SER E 165 45.84 8.87 28.94
N LYS E 166 44.68 8.76 28.30
CA LYS E 166 44.20 7.47 27.81
C LYS E 166 44.08 7.43 26.29
N VAL E 167 43.41 8.41 25.71
CA VAL E 167 43.18 8.42 24.28
C VAL E 167 43.95 9.52 23.57
N GLY E 168 44.67 10.33 24.34
CA GLY E 168 45.51 11.38 23.78
C GLY E 168 44.82 12.71 23.65
N ARG E 169 45.51 13.67 23.03
CA ARG E 169 45.04 15.05 22.96
C ARG E 169 44.00 15.29 21.86
N ASP E 170 44.26 14.82 20.65
CA ASP E 170 43.34 15.06 19.54
C ASP E 170 41.95 14.52 19.84
N LEU E 171 41.87 13.23 20.19
CA LEU E 171 40.59 12.62 20.53
C LEU E 171 39.92 13.38 21.67
N TYR E 172 40.72 13.82 22.64
CA TYR E 172 40.25 14.64 23.75
C TYR E 172 39.53 15.86 23.20
N ASN E 173 40.18 16.55 22.27
CA ASN E 173 39.62 17.77 21.71
C ASN E 173 38.34 17.51 20.91
N LYS E 174 38.38 16.53 20.01
CA LYS E 174 37.25 16.26 19.14
C LYS E 174 35.99 15.76 19.86
N PHE E 175 36.17 15.10 21.00
CA PHE E 175 35.04 14.47 21.67
C PHE E 175 34.63 15.08 23.02
N PHE E 176 35.60 15.44 23.84
CA PHE E 176 35.30 15.86 25.21
C PHE E 176 35.36 17.37 25.46
N ARG E 177 36.46 18.00 25.07
CA ARG E 177 36.68 19.41 25.43
C ARG E 177 35.52 20.31 25.03
N GLY E 178 35.06 20.18 23.79
CA GLY E 178 33.95 20.98 23.32
C GLY E 178 32.66 20.72 24.06
N TYR E 179 32.33 19.44 24.25
CA TYR E 179 31.13 19.05 24.97
C TYR E 179 31.18 19.57 26.40
N THR E 180 32.27 19.25 27.09
CA THR E 180 32.45 19.64 28.48
C THR E 180 32.32 21.16 28.67
N ARG E 181 32.98 21.93 27.82
CA ARG E 181 32.95 23.38 27.93
C ARG E 181 31.53 23.92 27.78
N LYS E 182 30.81 23.40 26.81
CA LYS E 182 29.44 23.83 26.55
C LYS E 182 28.49 23.41 27.68
N GLN E 183 28.64 22.18 28.14
CA GLN E 183 27.76 21.62 29.17
C GLN E 183 27.98 22.25 30.55
N TRP E 184 29.23 22.52 30.90
CA TRP E 184 29.56 22.96 32.25
C TRP E 184 29.94 24.44 32.38
N GLY E 185 30.29 25.07 31.26
CA GLY E 185 30.80 26.42 31.30
C GLY E 185 32.23 26.42 31.81
N LEU E 186 32.72 25.24 32.14
CA LEU E 186 34.06 25.08 32.66
C LEU E 186 34.87 24.19 31.72
N ASP E 187 36.19 24.28 31.78
CA ASP E 187 37.08 23.42 31.01
C ASP E 187 37.28 22.11 31.77
N PRO E 188 37.50 21.00 31.05
CA PRO E 188 37.74 19.71 31.71
C PRO E 188 38.85 19.81 32.77
N SER E 189 39.70 20.82 32.66
CA SER E 189 40.77 21.03 33.63
C SER E 189 40.23 21.58 34.94
N GLU E 190 39.10 22.28 34.85
CA GLU E 190 38.48 22.90 36.02
C GLU E 190 37.46 21.99 36.70
N LEU E 191 37.35 20.75 36.22
CA LEU E 191 36.40 19.80 36.78
C LEU E 191 37.10 18.57 37.32
N ASP E 192 36.52 17.95 38.34
CA ASP E 192 37.11 16.74 38.92
C ASP E 192 37.14 15.62 37.90
N ALA E 193 38.19 14.80 37.96
CA ALA E 193 38.39 13.71 37.03
C ALA E 193 37.12 12.88 36.81
N SER E 194 36.31 12.76 37.86
CA SER E 194 35.15 11.88 37.85
C SER E 194 34.10 12.23 36.79
N VAL E 195 34.01 13.50 36.42
CA VAL E 195 32.98 13.93 35.48
C VAL E 195 33.09 13.22 34.13
N THR E 196 34.18 13.48 33.41
CA THR E 196 34.37 12.89 32.10
C THR E 196 34.83 11.43 32.19
N ALA E 197 34.98 10.92 33.40
CA ALA E 197 35.34 9.52 33.59
C ALA E 197 34.08 8.64 33.55
N ARG E 198 32.92 9.28 33.52
CA ARG E 198 31.65 8.58 33.38
C ARG E 198 31.49 7.97 31.99
N VAL E 199 32.33 8.40 31.06
CA VAL E 199 32.29 7.85 29.71
C VAL E 199 33.58 7.11 29.38
N PRO E 200 33.59 5.80 29.62
CA PRO E 200 34.79 4.97 29.46
C PRO E 200 35.33 5.05 28.03
N THR E 201 36.57 4.61 27.86
CA THR E 201 37.13 4.46 26.53
C THR E 201 37.38 2.98 26.30
N ARG E 202 37.04 2.49 25.12
CA ARG E 202 37.11 1.06 24.85
C ARG E 202 38.06 0.74 23.71
N THR E 203 38.59 -0.48 23.72
CA THR E 203 39.43 -0.99 22.64
C THR E 203 38.64 -2.04 21.85
N ASN E 204 37.45 -2.37 22.32
CA ASN E 204 36.58 -3.32 21.62
C ASN E 204 35.58 -2.59 20.74
N ARG E 205 34.68 -3.35 20.13
CA ARG E 205 33.72 -2.76 19.19
C ARG E 205 32.36 -2.53 19.83
N ASP E 206 32.32 -2.45 21.15
CA ASP E 206 31.08 -2.21 21.87
C ASP E 206 30.61 -0.76 21.70
N ASN E 207 29.44 -0.58 21.10
CA ASN E 207 28.90 0.75 20.87
C ASN E 207 27.77 1.13 21.85
N ARG E 208 27.61 0.33 22.90
CA ARG E 208 26.62 0.60 23.92
C ARG E 208 27.08 1.74 24.82
N TYR E 209 26.15 2.61 25.21
CA TYR E 209 26.51 3.70 26.10
C TYR E 209 26.72 3.14 27.51
N PHE E 210 26.01 2.05 27.80
CA PHE E 210 26.13 1.37 29.09
C PHE E 210 26.53 -0.09 28.90
N ALA E 211 27.43 -0.57 29.76
CA ALA E 211 27.82 -1.97 29.73
C ALA E 211 27.19 -2.71 30.90
N ASP E 212 26.27 -2.06 31.60
CA ASP E 212 25.62 -2.63 32.78
C ASP E 212 24.90 -3.94 32.46
N THR E 213 24.62 -4.71 33.51
CA THR E 213 23.96 -6.00 33.37
C THR E 213 22.50 -5.83 32.99
N TYR E 214 21.79 -5.04 33.78
CA TYR E 214 20.37 -4.80 33.55
C TYR E 214 20.13 -3.47 32.85
N GLN E 215 19.57 -3.54 31.64
CA GLN E 215 19.21 -2.33 30.90
C GLN E 215 17.81 -2.46 30.30
N ALA E 216 16.85 -1.81 30.94
CA ALA E 216 15.48 -1.84 30.44
C ALA E 216 14.74 -0.60 30.89
N MET E 217 13.69 -0.24 30.15
CA MET E 217 12.84 0.88 30.51
C MET E 217 11.57 0.36 31.18
N PRO E 218 11.10 1.06 32.21
CA PRO E 218 9.80 0.68 32.79
C PRO E 218 8.75 0.64 31.69
N LEU E 219 8.15 -0.53 31.48
CA LEU E 219 7.30 -0.76 30.32
C LEU E 219 6.33 0.38 30.00
N HIS E 220 5.63 0.89 31.01
CA HIS E 220 4.62 1.91 30.77
C HIS E 220 5.01 3.28 31.32
N GLY E 221 6.30 3.54 31.36
CA GLY E 221 6.79 4.83 31.79
C GLY E 221 7.16 4.85 33.25
N TYR E 222 7.95 5.82 33.64
CA TYR E 222 8.37 5.96 35.04
C TYR E 222 7.18 6.34 35.92
N THR E 223 6.33 7.22 35.41
CA THR E 223 5.22 7.74 36.19
C THR E 223 4.35 6.63 36.75
N ARG E 224 3.96 5.70 35.88
CA ARG E 224 3.15 4.56 36.27
C ARG E 224 3.89 3.76 37.35
N MET E 225 5.21 3.66 37.21
CA MET E 225 6.03 2.96 38.20
C MET E 225 5.99 3.69 39.54
N PHE E 226 6.08 5.01 39.48
CA PHE E 226 6.07 5.85 40.68
C PHE E 226 4.72 5.83 41.37
N GLN E 227 3.65 5.72 40.59
CA GLN E 227 2.31 5.61 41.16
C GLN E 227 2.15 4.32 41.97
N ASN E 228 2.58 3.20 41.40
CA ASN E 228 2.60 1.93 42.11
C ASN E 228 3.43 2.03 43.38
N MET E 229 4.53 2.76 43.30
CA MET E 229 5.46 2.88 44.43
C MET E 229 4.81 3.64 45.59
N LEU E 230 3.94 4.59 45.26
CA LEU E 230 3.32 5.43 46.28
C LEU E 230 1.85 5.08 46.52
N SER E 231 1.46 3.85 46.19
CA SER E 231 0.05 3.45 46.24
C SER E 231 -0.47 3.09 47.62
N SER E 232 0.43 2.77 48.55
CA SER E 232 0.03 2.40 49.91
C SER E 232 -0.84 3.47 50.55
N PRO E 233 -1.89 3.05 51.25
CA PRO E 233 -2.78 4.00 51.94
C PRO E 233 -2.00 4.75 53.01
N ASN E 234 -0.83 4.24 53.37
CA ASN E 234 0.04 4.87 54.35
C ASN E 234 0.84 6.04 53.79
N ILE E 235 0.58 6.41 52.53
CA ILE E 235 1.32 7.48 51.90
C ILE E 235 0.41 8.59 51.38
N LYS E 236 0.53 9.77 51.97
CA LYS E 236 -0.22 10.93 51.50
C LYS E 236 0.67 11.77 50.60
N VAL E 237 0.15 12.12 49.43
CA VAL E 237 0.93 12.84 48.43
C VAL E 237 0.43 14.28 48.28
N MET E 238 1.33 15.23 48.45
CA MET E 238 0.99 16.64 48.34
C MET E 238 1.84 17.27 47.26
N LEU E 239 1.19 17.91 46.29
CA LEU E 239 1.88 18.50 45.15
C LEU E 239 1.73 20.02 45.10
N ASN E 240 2.52 20.65 44.24
CA ASN E 240 2.48 22.11 44.10
C ASN E 240 2.71 22.79 45.46
N THR E 241 3.43 22.10 46.34
CA THR E 241 3.69 22.60 47.68
C THR E 241 5.17 22.57 48.04
N ASP E 242 5.71 23.74 48.39
CA ASP E 242 7.02 23.82 49.00
C ASP E 242 6.84 23.36 50.44
N TYR E 243 7.74 22.49 50.91
CA TYR E 243 7.61 21.93 52.27
C TYR E 243 7.53 23.05 53.29
N ARG E 244 8.19 24.16 53.00
CA ARG E 244 8.19 25.31 53.91
C ARG E 244 6.79 25.89 54.13
N GLU E 245 5.89 25.65 53.18
CA GLU E 245 4.54 26.20 53.25
C GLU E 245 3.65 25.43 54.22
N ILE E 246 4.10 24.26 54.65
CA ILE E 246 3.29 23.42 55.52
C ILE E 246 4.05 22.93 56.76
N ALA E 247 5.37 23.02 56.73
CA ALA E 247 6.21 22.53 57.81
C ALA E 247 5.95 23.29 59.12
N ASP E 248 5.15 24.36 59.03
CA ASP E 248 4.84 25.18 60.20
C ASP E 248 3.61 24.69 60.94
N PHE E 249 2.72 23.99 60.26
CA PHE E 249 1.46 23.56 60.88
C PHE E 249 1.05 22.13 60.55
N ILE E 250 1.99 21.31 60.12
CA ILE E 250 1.70 19.89 59.91
C ILE E 250 2.65 19.02 60.70
N PRO E 251 2.12 18.31 61.70
CA PRO E 251 2.88 17.50 62.66
C PRO E 251 3.64 16.35 62.01
N PHE E 252 4.95 16.29 62.22
CA PHE E 252 5.76 15.18 61.74
C PHE E 252 6.95 14.92 62.66
N GLN E 253 7.24 13.63 62.87
CA GLN E 253 8.34 13.24 63.74
C GLN E 253 9.70 13.48 63.08
N HIS E 254 9.88 12.89 61.89
CA HIS E 254 11.16 12.96 61.20
C HIS E 254 10.99 13.46 59.77
N MET E 255 11.96 14.21 59.28
CA MET E 255 11.92 14.72 57.91
C MET E 255 13.02 14.12 57.07
N ILE E 256 12.68 13.83 55.81
CA ILE E 256 13.66 13.40 54.81
C ILE E 256 13.71 14.39 53.66
N TYR E 257 14.83 15.12 53.57
CA TYR E 257 14.98 16.17 52.58
C TYR E 257 15.81 15.71 51.38
N THR E 258 15.25 15.88 50.19
CA THR E 258 15.91 15.44 48.96
C THR E 258 16.09 16.58 47.96
N GLY E 259 16.03 17.82 48.46
CA GLY E 259 16.27 18.99 47.63
C GLY E 259 17.71 19.43 47.74
N PRO E 260 18.03 20.64 47.23
CA PRO E 260 19.41 21.12 47.32
C PRO E 260 19.78 21.43 48.76
N VAL E 261 21.03 21.19 49.15
CA VAL E 261 21.46 21.45 50.53
C VAL E 261 21.63 22.94 50.83
N ASP E 262 22.18 23.69 49.87
CA ASP E 262 22.42 25.11 50.07
C ASP E 262 21.12 25.88 50.35
N ALA E 263 20.02 25.42 49.77
CA ALA E 263 18.73 26.08 49.95
C ALA E 263 18.08 25.72 51.29
N PHE E 264 18.35 24.51 51.77
CA PHE E 264 17.77 24.03 53.01
C PHE E 264 18.33 24.79 54.21
N PHE E 265 19.52 25.37 54.05
CA PHE E 265 20.16 26.13 55.11
C PHE E 265 20.24 27.61 54.77
N ASP E 266 19.26 28.09 54.02
CA ASP E 266 19.16 29.50 53.67
C ASP E 266 20.44 30.06 53.02
N PHE E 267 21.23 29.17 52.45
CA PHE E 267 22.46 29.59 51.77
C PHE E 267 23.38 30.34 52.73
N CYS E 268 23.42 29.90 53.99
CA CYS E 268 24.24 30.56 55.01
C CYS E 268 25.72 30.65 54.62
N TYR E 269 26.21 29.65 53.90
CA TYR E 269 27.61 29.65 53.49
C TYR E 269 27.78 30.14 52.06
N GLY E 270 26.72 30.69 51.49
CA GLY E 270 26.75 31.15 50.11
C GLY E 270 26.27 30.09 49.15
N LYS E 271 26.04 30.49 47.90
CA LYS E 271 25.44 29.61 46.91
C LYS E 271 26.31 28.40 46.56
N LEU E 272 25.73 27.22 46.58
CA LEU E 272 26.42 26.01 46.16
C LEU E 272 26.09 25.77 44.69
N PRO E 273 27.12 25.76 43.83
CA PRO E 273 26.95 25.66 42.37
C PRO E 273 26.22 24.39 41.91
N TYR E 274 25.08 24.59 41.25
CA TYR E 274 24.39 23.52 40.52
C TYR E 274 24.25 23.96 39.08
N ARG E 275 24.39 23.02 38.16
CA ARG E 275 24.22 23.34 36.74
C ARG E 275 22.81 22.97 36.29
N SER E 276 22.17 23.88 35.57
CA SER E 276 20.79 23.70 35.16
C SER E 276 20.66 23.43 33.67
N LEU E 277 19.44 23.18 33.22
CA LEU E 277 19.18 22.88 31.82
C LEU E 277 17.91 23.56 31.34
N GLU E 278 17.81 23.72 30.03
CA GLU E 278 16.57 24.15 29.39
C GLU E 278 16.23 23.17 28.28
N PHE E 279 14.95 22.86 28.14
CA PHE E 279 14.51 21.85 27.18
C PHE E 279 13.61 22.43 26.11
N ARG E 280 13.89 22.10 24.86
CA ARG E 280 13.00 22.45 23.77
C ARG E 280 12.48 21.17 23.13
N HIS E 281 11.21 20.87 23.39
CA HIS E 281 10.57 19.68 22.84
C HIS E 281 9.93 20.01 21.50
N GLU E 282 10.11 19.11 20.53
CA GLU E 282 9.47 19.29 19.23
C GLU E 282 8.83 17.98 18.80
N THR E 283 7.84 18.08 17.91
CA THR E 283 7.23 16.90 17.32
C THR E 283 7.28 17.03 15.81
N HIS E 284 7.71 15.95 15.15
CA HIS E 284 7.85 15.97 13.71
C HIS E 284 6.91 14.98 13.03
N ASP E 285 6.44 15.34 11.84
CA ASP E 285 5.49 14.53 11.10
C ASP E 285 6.21 13.43 10.33
N THR E 286 6.92 12.58 11.05
CA THR E 286 7.63 11.46 10.46
C THR E 286 7.87 10.40 11.53
N GLU E 287 8.00 9.14 11.10
CA GLU E 287 8.18 8.04 12.05
C GLU E 287 9.50 8.12 12.80
N GLN E 288 10.53 8.65 12.15
CA GLN E 288 11.85 8.61 12.74
C GLN E 288 12.73 9.75 12.27
N LEU E 289 13.39 10.39 13.24
CA LEU E 289 14.25 11.53 12.96
C LEU E 289 15.72 11.17 13.14
N LEU E 290 16.02 10.34 14.14
CA LEU E 290 17.40 10.01 14.47
C LEU E 290 17.74 8.54 14.22
N PRO E 291 19.02 8.24 13.99
CA PRO E 291 19.51 6.87 13.80
C PRO E 291 19.50 6.11 15.12
N THR E 292 19.85 6.78 16.21
CA THR E 292 19.79 6.19 17.53
C THR E 292 18.98 7.06 18.49
N GLY E 293 18.91 6.63 19.74
CA GLY E 293 18.15 7.33 20.77
C GLY E 293 18.63 8.75 21.01
N THR E 294 19.95 8.92 21.06
CA THR E 294 20.53 10.22 21.36
C THR E 294 21.76 10.52 20.51
N VAL E 295 21.84 11.74 20.00
CA VAL E 295 22.99 12.19 19.24
C VAL E 295 23.65 13.38 19.94
N ASN E 296 24.95 13.26 20.21
CA ASN E 296 25.70 14.32 20.89
C ASN E 296 26.36 15.30 19.91
N TYR E 297 26.52 16.54 20.35
CA TYR E 297 27.18 17.55 19.55
C TYR E 297 28.30 18.22 20.33
N PRO E 298 29.49 17.62 20.33
CA PRO E 298 30.63 18.15 21.09
C PRO E 298 31.11 19.49 20.54
N ASN E 299 31.02 19.68 19.23
CA ASN E 299 31.70 20.81 18.60
C ASN E 299 30.80 21.74 17.76
N ASP E 300 29.50 21.55 17.83
CA ASP E 300 28.57 22.28 17.00
C ASP E 300 27.29 22.64 17.73
N TYR E 301 26.62 23.66 17.27
CA TYR E 301 25.32 23.98 17.80
C TYR E 301 25.37 24.47 19.23
N ALA E 302 24.26 24.94 19.69
CA ALA E 302 24.17 25.50 21.01
C ALA E 302 23.76 24.48 22.03
N TYR E 303 23.18 23.40 21.57
CA TYR E 303 22.68 22.38 22.44
C TYR E 303 23.64 21.22 22.49
N THR E 304 23.67 20.54 23.62
CA THR E 304 24.57 19.41 23.80
C THR E 304 24.14 18.18 23.00
N ARG E 305 22.83 17.97 22.89
CA ARG E 305 22.35 16.75 22.29
C ARG E 305 20.86 16.80 21.94
N VAL E 306 20.47 15.89 21.05
CA VAL E 306 19.07 15.68 20.70
C VAL E 306 18.72 14.26 21.11
N SER E 307 17.50 14.06 21.59
CA SER E 307 17.04 12.72 21.91
C SER E 307 15.68 12.44 21.31
N GLU E 308 15.52 11.25 20.74
CA GLU E 308 14.24 10.82 20.19
C GLU E 308 13.66 9.74 21.10
N PHE E 309 12.47 9.99 21.63
CA PHE E 309 11.92 9.15 22.68
C PHE E 309 11.41 7.78 22.23
N LYS E 310 10.86 7.70 21.03
CA LYS E 310 10.35 6.42 20.53
C LYS E 310 11.43 5.33 20.58
N HIS E 311 12.69 5.73 20.44
CA HIS E 311 13.81 4.79 20.55
C HIS E 311 13.88 4.22 21.95
N ILE E 312 13.67 5.09 22.94
CA ILE E 312 13.81 4.71 24.34
C ILE E 312 12.60 3.96 24.87
N THR E 313 11.41 4.47 24.58
CA THR E 313 10.17 3.89 25.08
C THR E 313 9.74 2.65 24.29
N GLY E 314 10.07 2.62 23.01
CA GLY E 314 9.65 1.54 22.15
C GLY E 314 8.25 1.76 21.58
N GLN E 315 7.69 2.92 21.86
CA GLN E 315 6.35 3.26 21.38
C GLN E 315 6.27 3.25 19.86
N ARG E 316 5.08 2.93 19.36
CA ARG E 316 4.81 3.04 17.93
C ARG E 316 3.85 4.21 17.69
N HIS E 317 4.24 5.11 16.80
CA HIS E 317 3.49 6.32 16.57
C HIS E 317 3.75 6.77 15.14
N HIS E 318 2.80 7.46 14.53
CA HIS E 318 2.96 7.89 13.15
C HIS E 318 3.76 9.19 13.08
N GLN E 319 3.97 9.81 14.24
CA GLN E 319 4.81 10.99 14.36
C GLN E 319 5.92 10.71 15.36
N THR E 320 6.73 11.72 15.66
CA THR E 320 7.80 11.54 16.62
C THR E 320 8.15 12.82 17.37
N SER E 321 8.58 12.66 18.62
CA SER E 321 8.97 13.78 19.47
C SER E 321 10.42 13.70 19.92
N VAL E 322 11.11 14.83 19.87
CA VAL E 322 12.51 14.87 20.26
C VAL E 322 12.73 16.02 21.22
N VAL E 323 13.92 16.08 21.80
CA VAL E 323 14.23 17.13 22.76
C VAL E 323 15.68 17.60 22.69
N TYR E 324 15.86 18.91 22.54
CA TYR E 324 17.18 19.51 22.52
C TYR E 324 17.52 20.07 23.90
N GLU E 325 18.69 19.72 24.42
CA GLU E 325 19.12 20.18 25.74
C GLU E 325 20.10 21.36 25.66
N TYR E 326 19.84 22.37 26.48
CA TYR E 326 20.64 23.58 26.52
C TYR E 326 21.20 23.81 27.92
N PRO E 327 22.53 23.73 28.08
CA PRO E 327 23.14 23.96 29.39
C PRO E 327 22.84 25.37 29.88
N ARG E 328 22.38 25.48 31.13
CA ARG E 328 22.04 26.78 31.71
C ARG E 328 22.75 27.01 33.03
N ALA E 329 22.90 28.28 33.40
CA ALA E 329 23.51 28.66 34.67
C ALA E 329 22.44 28.89 35.73
N GLU E 330 21.39 29.62 35.35
CA GLU E 330 20.25 29.84 36.24
C GLU E 330 19.14 28.83 35.93
N GLY E 331 18.45 28.38 36.98
CA GLY E 331 17.32 27.49 36.82
C GLY E 331 17.28 26.37 37.83
N ASP E 332 16.41 25.39 37.59
CA ASP E 332 16.29 24.23 38.46
C ASP E 332 17.60 23.47 38.55
N PRO E 333 18.01 23.11 39.78
CA PRO E 333 19.22 22.31 40.03
C PRO E 333 19.12 20.91 39.44
N TYR E 334 20.04 20.57 38.53
CA TYR E 334 20.09 19.23 37.98
C TYR E 334 21.44 18.57 38.24
N TYR E 335 22.51 19.32 38.04
CA TYR E 335 23.86 18.79 38.21
C TYR E 335 24.61 19.45 39.37
N PRO E 336 25.14 18.64 40.29
CA PRO E 336 26.19 19.16 41.18
C PRO E 336 27.42 19.42 40.34
N VAL E 337 28.27 20.36 40.73
CA VAL E 337 29.45 20.70 39.93
C VAL E 337 30.74 20.20 40.59
N PRO E 338 31.11 18.95 40.31
CA PRO E 338 32.23 18.24 40.93
C PRO E 338 33.57 18.92 40.69
N ARG E 339 34.01 19.70 41.66
CA ARG E 339 35.32 20.35 41.61
C ARG E 339 35.79 20.67 43.02
N PRO E 340 37.12 20.76 43.20
CA PRO E 340 37.75 20.97 44.50
C PRO E 340 37.03 21.98 45.41
N GLU E 341 36.86 23.21 44.93
CA GLU E 341 36.29 24.27 45.76
C GLU E 341 34.82 24.05 46.08
N ASN E 342 34.10 23.39 45.17
CA ASN E 342 32.69 23.10 45.39
C ASN E 342 32.49 21.97 46.40
N ALA E 343 33.39 20.98 46.37
CA ALA E 343 33.38 19.90 47.34
C ALA E 343 33.66 20.48 48.72
N GLU E 344 34.48 21.52 48.75
CA GLU E 344 34.87 22.18 49.98
C GLU E 344 33.66 22.92 50.57
N LEU E 345 32.94 23.64 49.72
CA LEU E 345 31.75 24.36 50.14
C LEU E 345 30.71 23.38 50.69
N TYR E 346 30.52 22.27 49.98
CA TYR E 346 29.51 21.29 50.39
C TYR E 346 29.75 20.74 51.78
N LYS E 347 31.01 20.43 52.09
CA LYS E 347 31.36 19.87 53.40
C LYS E 347 30.84 20.73 54.54
N LYS E 348 30.94 22.04 54.40
CA LYS E 348 30.37 22.94 55.40
C LYS E 348 28.90 22.59 55.59
N TYR E 349 28.13 22.69 54.51
CA TYR E 349 26.71 22.36 54.55
C TYR E 349 26.48 20.94 55.07
N GLU E 350 27.37 20.03 54.70
CA GLU E 350 27.22 18.63 55.08
C GLU E 350 27.31 18.48 56.60
N ALA E 351 28.23 19.22 57.22
CA ALA E 351 28.33 19.24 58.66
C ALA E 351 27.01 19.66 59.28
N LEU E 352 26.45 20.76 58.77
CA LEU E 352 25.17 21.26 59.24
C LEU E 352 24.10 20.18 59.09
N ALA E 353 24.02 19.61 57.89
CA ALA E 353 23.09 18.52 57.61
C ALA E 353 23.27 17.39 58.62
N ASP E 354 24.52 17.00 58.84
CA ASP E 354 24.84 15.92 59.78
C ASP E 354 24.44 16.29 61.20
N ALA E 355 24.38 17.60 61.47
CA ALA E 355 23.99 18.08 62.80
C ALA E 355 22.49 17.97 62.99
N ALA E 356 21.73 18.43 61.98
CA ALA E 356 20.27 18.39 62.04
C ALA E 356 19.78 17.06 62.61
N GLN E 357 19.05 17.14 63.71
CA GLN E 357 18.66 15.95 64.45
C GLN E 357 17.63 15.10 63.75
N ASP E 358 16.50 15.70 63.39
CA ASP E 358 15.38 14.95 62.85
C ASP E 358 15.26 15.09 61.34
N VAL E 359 16.39 15.33 60.69
CA VAL E 359 16.39 15.54 59.24
C VAL E 359 17.44 14.68 58.53
N THR E 360 16.96 13.70 57.77
CA THR E 360 17.84 12.84 56.99
C THR E 360 17.94 13.33 55.54
N PHE E 361 19.16 13.59 55.09
CA PHE E 361 19.40 14.06 53.74
C PHE E 361 19.76 12.90 52.81
N VAL E 362 19.19 12.90 51.61
CA VAL E 362 19.41 11.82 50.66
C VAL E 362 18.97 12.23 49.25
N GLY E 363 19.68 11.73 48.24
CA GLY E 363 19.38 12.05 46.87
C GLY E 363 20.50 12.79 46.16
N ARG E 364 20.42 12.90 44.84
CA ARG E 364 21.45 13.57 44.06
C ARG E 364 21.67 15.00 44.55
N LEU E 365 20.58 15.71 44.83
CA LEU E 365 20.65 17.11 45.24
C LEU E 365 21.02 17.28 46.72
N ALA E 366 20.33 16.56 47.58
CA ALA E 366 20.54 16.71 49.02
C ALA E 366 21.96 16.32 49.46
N THR E 367 22.50 15.26 48.84
CA THR E 367 23.84 14.81 49.21
C THR E 367 24.90 15.26 48.20
N TYR E 368 24.49 16.12 47.27
CA TYR E 368 25.41 16.74 46.31
C TYR E 368 26.29 15.70 45.61
N ARG E 369 25.66 14.64 45.11
CA ARG E 369 26.39 13.59 44.42
C ARG E 369 25.87 13.40 42.99
N TYR E 370 26.81 13.29 42.06
CA TYR E 370 26.47 13.01 40.66
C TYR E 370 25.98 11.58 40.57
N TYR E 371 24.68 11.39 40.78
CA TYR E 371 24.12 10.04 40.84
C TYR E 371 23.14 9.73 39.72
N ASN E 372 23.28 8.52 39.18
CA ASN E 372 22.30 7.97 38.25
C ASN E 372 21.08 7.49 39.03
N MET E 373 20.01 7.16 38.30
CA MET E 373 18.78 6.72 38.92
C MET E 373 18.97 5.53 39.87
N ASP E 374 19.73 4.53 39.43
CA ASP E 374 19.94 3.33 40.23
C ASP E 374 20.70 3.63 41.52
N GLN E 375 21.62 4.58 41.45
CA GLN E 375 22.43 4.94 42.61
C GLN E 375 21.64 5.67 43.70
N VAL E 376 20.75 6.56 43.29
CA VAL E 376 19.88 7.25 44.23
C VAL E 376 18.93 6.26 44.91
N VAL E 377 18.42 5.32 44.14
CA VAL E 377 17.56 4.27 44.69
C VAL E 377 18.34 3.39 45.65
N ALA E 378 19.60 3.10 45.32
CA ALA E 378 20.43 2.28 46.19
C ALA E 378 20.72 3.04 47.48
N GLN E 379 20.95 4.34 47.35
CA GLN E 379 21.22 5.20 48.49
C GLN E 379 19.99 5.29 49.41
N ALA E 380 18.81 5.33 48.80
CA ALA E 380 17.58 5.40 49.56
C ALA E 380 17.27 4.09 50.28
N LEU E 381 17.66 2.97 49.66
CA LEU E 381 17.53 1.67 50.30
C LEU E 381 18.46 1.58 51.51
N ALA E 382 19.70 2.02 51.33
CA ALA E 382 20.67 2.05 52.41
C ALA E 382 20.18 2.91 53.56
N THR E 383 19.69 4.09 53.22
CA THR E 383 19.13 5.02 54.21
C THR E 383 18.02 4.34 55.02
N PHE E 384 17.23 3.52 54.35
CA PHE E 384 16.14 2.81 55.01
C PHE E 384 16.66 1.80 56.03
N ARG E 385 17.50 0.87 55.57
CA ARG E 385 18.05 -0.15 56.46
C ARG E 385 18.64 0.48 57.72
N ARG E 386 19.08 1.73 57.62
CA ARG E 386 19.62 2.46 58.76
C ARG E 386 18.52 3.01 59.66
N LEU E 387 17.51 3.64 59.07
CA LEU E 387 16.41 4.22 59.83
C LEU E 387 15.65 3.19 60.66
N GLN E 388 15.93 1.92 60.42
CA GLN E 388 15.33 0.84 61.18
C GLN E 388 16.33 0.29 62.19
N GLY E 389 17.60 0.64 61.99
CA GLY E 389 18.67 0.19 62.86
C GLY E 389 19.04 -1.27 62.64
N LYS F 28 -2.55 -49.48 -45.65
CA LYS F 28 -1.37 -50.35 -45.62
C LYS F 28 -0.63 -50.23 -44.31
N GLY F 29 -0.93 -49.17 -43.55
CA GLY F 29 -0.34 -48.97 -42.24
C GLY F 29 0.42 -47.66 -42.06
N PHE F 30 1.15 -47.56 -40.96
CA PHE F 30 2.01 -46.41 -40.70
C PHE F 30 3.43 -46.68 -41.18
N ASP F 31 4.10 -45.64 -41.65
CA ASP F 31 5.50 -45.78 -42.04
C ASP F 31 6.39 -45.95 -40.81
N TYR F 32 5.97 -45.39 -39.67
CA TYR F 32 6.76 -45.46 -38.45
C TYR F 32 5.91 -45.56 -37.19
N LEU F 33 6.32 -46.44 -36.28
CA LEU F 33 5.79 -46.47 -34.94
C LEU F 33 6.88 -45.93 -34.02
N ILE F 34 6.60 -44.78 -33.42
CA ILE F 34 7.56 -44.12 -32.54
C ILE F 34 7.17 -44.32 -31.08
N VAL F 35 8.01 -45.00 -30.32
CA VAL F 35 7.74 -45.25 -28.91
C VAL F 35 8.38 -44.19 -28.01
N GLY F 36 7.58 -43.60 -27.14
CA GLY F 36 8.03 -42.52 -26.28
C GLY F 36 7.80 -41.20 -26.97
N ALA F 37 7.17 -40.26 -26.26
CA ALA F 37 6.87 -38.95 -26.82
C ALA F 37 7.78 -37.85 -26.23
N GLY F 38 8.87 -38.25 -25.60
CA GLY F 38 9.86 -37.31 -25.15
C GLY F 38 10.55 -36.65 -26.33
N PHE F 39 11.73 -36.08 -26.10
CA PHE F 39 12.48 -35.41 -27.17
C PHE F 39 12.85 -36.37 -28.30
N ALA F 40 13.55 -37.45 -27.96
CA ALA F 40 14.02 -38.39 -28.96
C ALA F 40 12.90 -38.73 -29.94
N GLY F 41 11.77 -39.22 -29.42
CA GLY F 41 10.65 -39.60 -30.26
C GLY F 41 9.94 -38.43 -30.94
N SER F 42 9.75 -37.34 -30.21
CA SER F 42 9.05 -36.16 -30.74
C SER F 42 9.79 -35.52 -31.93
N VAL F 43 11.09 -35.38 -31.80
CA VAL F 43 11.89 -34.75 -32.84
C VAL F 43 11.88 -35.59 -34.13
N LEU F 44 12.03 -36.89 -33.99
CA LEU F 44 11.96 -37.78 -35.15
C LEU F 44 10.56 -37.81 -35.76
N ALA F 45 9.55 -37.60 -34.94
CA ALA F 45 8.18 -37.56 -35.43
C ALA F 45 7.98 -36.33 -36.32
N GLU F 46 8.45 -35.18 -35.84
CA GLU F 46 8.30 -33.93 -36.58
C GLU F 46 9.11 -33.95 -37.88
N ARG F 47 10.27 -34.60 -37.84
CA ARG F 47 11.12 -34.70 -39.03
C ARG F 47 10.54 -35.66 -40.05
N LEU F 48 10.24 -36.88 -39.62
CA LEU F 48 9.64 -37.87 -40.50
C LEU F 48 8.37 -37.30 -41.15
N ALA F 49 7.48 -36.77 -40.33
CA ALA F 49 6.24 -36.21 -40.82
C ALA F 49 6.50 -35.11 -41.84
N SER F 50 7.53 -34.31 -41.59
CA SER F 50 7.85 -33.20 -42.48
C SER F 50 8.29 -33.70 -43.84
N SER F 51 8.84 -34.90 -43.87
CA SER F 51 9.31 -35.51 -45.11
C SER F 51 8.25 -36.43 -45.73
N GLY F 52 7.03 -36.34 -45.23
CA GLY F 52 5.91 -37.06 -45.81
C GLY F 52 5.55 -38.39 -45.15
N GLN F 53 6.36 -38.83 -44.19
CA GLN F 53 6.12 -40.10 -43.52
C GLN F 53 4.89 -40.05 -42.62
N ARG F 54 4.02 -41.05 -42.71
CA ARG F 54 2.92 -41.18 -41.77
C ARG F 54 3.42 -41.82 -40.49
N VAL F 55 3.35 -41.07 -39.40
CA VAL F 55 3.88 -41.53 -38.12
C VAL F 55 2.80 -41.72 -37.06
N LEU F 56 2.97 -42.75 -36.24
CA LEU F 56 2.15 -42.96 -35.07
C LEU F 56 3.04 -42.94 -33.85
N ILE F 57 2.86 -41.95 -32.99
CA ILE F 57 3.71 -41.84 -31.82
C ILE F 57 2.97 -42.22 -30.54
N VAL F 58 3.58 -43.11 -29.77
CA VAL F 58 2.92 -43.70 -28.61
C VAL F 58 3.72 -43.47 -27.34
N ASP F 59 3.02 -43.38 -26.21
CA ASP F 59 3.65 -43.28 -24.91
C ASP F 59 2.74 -43.86 -23.85
N ARG F 60 3.33 -44.57 -22.89
CA ARG F 60 2.57 -45.20 -21.82
C ARG F 60 2.02 -44.12 -20.89
N ARG F 61 2.70 -42.98 -20.86
CA ARG F 61 2.29 -41.85 -20.04
C ARG F 61 1.13 -41.10 -20.69
N PRO F 62 0.30 -40.44 -19.86
CA PRO F 62 -0.89 -39.70 -20.30
C PRO F 62 -0.53 -38.39 -20.99
N HIS F 63 0.75 -38.19 -21.29
CA HIS F 63 1.19 -36.92 -21.84
C HIS F 63 2.39 -37.05 -22.76
N ILE F 64 2.54 -36.07 -23.65
CA ILE F 64 3.72 -35.94 -24.49
C ILE F 64 4.82 -35.29 -23.68
N GLY F 65 6.07 -35.41 -24.14
CA GLY F 65 7.17 -34.66 -23.57
C GLY F 65 8.15 -35.44 -22.70
N GLY F 66 7.81 -36.67 -22.37
CA GLY F 66 8.67 -37.48 -21.51
C GLY F 66 9.05 -36.74 -20.24
N ASN F 67 10.33 -36.78 -19.89
CA ASN F 67 10.81 -36.13 -18.67
C ASN F 67 10.62 -34.61 -18.64
N ALA F 68 10.58 -33.99 -19.81
CA ALA F 68 10.53 -32.54 -19.91
C ALA F 68 9.11 -31.99 -19.86
N TYR F 69 8.13 -32.88 -19.72
CA TYR F 69 6.73 -32.45 -19.62
C TYR F 69 6.54 -31.44 -18.49
N ASP F 70 5.88 -30.33 -18.80
CA ASP F 70 5.53 -29.36 -17.76
C ASP F 70 4.03 -29.08 -17.77
N CYS F 71 3.55 -28.47 -16.68
CA CYS F 71 2.13 -28.20 -16.52
C CYS F 71 1.86 -27.28 -15.33
N TYR F 72 0.62 -26.83 -15.21
CA TYR F 72 0.20 -26.02 -14.08
C TYR F 72 -0.33 -26.90 -12.97
N ASP F 73 0.20 -26.70 -11.76
CA ASP F 73 -0.25 -27.46 -10.60
C ASP F 73 -1.62 -26.96 -10.13
N ASP F 74 -2.04 -27.39 -8.95
CA ASP F 74 -3.37 -27.03 -8.46
C ASP F 74 -3.48 -25.55 -8.09
N ALA F 75 -2.36 -24.94 -7.70
CA ALA F 75 -2.35 -23.55 -7.28
C ALA F 75 -2.20 -22.57 -8.46
N GLY F 76 -1.83 -23.10 -9.63
CA GLY F 76 -1.70 -22.29 -10.83
C GLY F 76 -0.26 -22.01 -11.21
N VAL F 77 0.68 -22.71 -10.56
CA VAL F 77 2.09 -22.53 -10.85
C VAL F 77 2.51 -23.46 -11.98
N LEU F 78 3.34 -22.95 -12.89
CA LEU F 78 3.89 -23.78 -13.97
C LEU F 78 5.09 -24.58 -13.45
N ILE F 79 4.94 -25.91 -13.41
CA ILE F 79 5.94 -26.76 -12.77
C ILE F 79 6.39 -27.92 -13.66
N HIS F 80 7.58 -28.44 -13.38
CA HIS F 80 8.09 -29.62 -14.07
C HIS F 80 7.95 -30.85 -13.18
N PRO F 81 6.92 -31.66 -13.43
CA PRO F 81 6.58 -32.87 -12.66
C PRO F 81 7.76 -33.81 -12.38
N TYR F 82 8.75 -33.87 -13.27
CA TYR F 82 9.90 -34.75 -13.07
C TYR F 82 11.20 -34.00 -12.80
N GLY F 83 11.12 -32.90 -12.07
CA GLY F 83 12.31 -32.15 -11.70
C GLY F 83 12.66 -31.03 -12.66
N PRO F 84 13.64 -30.21 -12.27
CA PRO F 84 14.01 -28.98 -12.98
C PRO F 84 14.64 -29.28 -14.34
N HIS F 85 14.04 -28.78 -15.40
CA HIS F 85 14.61 -28.94 -16.74
C HIS F 85 15.03 -27.59 -17.33
N ILE F 86 16.32 -27.30 -17.26
CA ILE F 86 16.84 -26.05 -17.80
C ILE F 86 17.49 -26.31 -19.15
N PHE F 87 16.99 -25.64 -20.19
CA PHE F 87 17.53 -25.85 -21.53
C PHE F 87 18.72 -24.95 -21.81
N HIS F 88 19.83 -25.58 -22.22
CA HIS F 88 21.07 -24.87 -22.51
C HIS F 88 21.80 -25.59 -23.63
N THR F 89 22.48 -24.84 -24.50
CA THR F 89 23.20 -25.46 -25.61
C THR F 89 24.28 -24.56 -26.19
N ASN F 90 25.34 -25.20 -26.69
CA ASN F 90 26.36 -24.51 -27.46
C ASN F 90 26.11 -24.69 -28.94
N SER F 91 25.02 -25.36 -29.28
CA SER F 91 24.71 -25.70 -30.66
C SER F 91 23.66 -24.78 -31.26
N LYS F 92 24.10 -23.91 -32.16
CA LYS F 92 23.20 -22.97 -32.82
C LYS F 92 22.13 -23.72 -33.62
N ASP F 93 22.52 -24.82 -34.27
CA ASP F 93 21.58 -25.63 -35.03
C ASP F 93 20.43 -26.14 -34.17
N VAL F 94 20.76 -26.71 -33.02
CA VAL F 94 19.76 -27.24 -32.10
C VAL F 94 18.86 -26.13 -31.59
N PHE F 95 19.48 -25.02 -31.20
CA PHE F 95 18.72 -23.88 -30.73
C PHE F 95 17.80 -23.33 -31.81
N GLU F 96 18.31 -23.24 -33.04
CA GLU F 96 17.53 -22.71 -34.15
C GLU F 96 16.41 -23.65 -34.57
N TYR F 97 16.67 -24.95 -34.46
CA TYR F 97 15.65 -25.94 -34.76
C TYR F 97 14.47 -25.78 -33.80
N LEU F 98 14.77 -25.85 -32.51
CA LEU F 98 13.75 -25.72 -31.47
C LEU F 98 13.06 -24.36 -31.53
N SER F 99 13.71 -23.39 -32.17
CA SER F 99 13.16 -22.05 -32.28
C SER F 99 11.98 -22.04 -33.23
N ARG F 100 11.77 -23.17 -33.91
CA ARG F 100 10.69 -23.28 -34.87
C ARG F 100 9.38 -23.64 -34.18
N PHE F 101 9.47 -24.01 -32.91
CA PHE F 101 8.30 -24.50 -32.19
C PHE F 101 8.03 -23.77 -30.87
N THR F 102 8.79 -22.71 -30.60
CA THR F 102 8.60 -21.97 -29.37
C THR F 102 9.35 -20.65 -29.41
N GLU F 103 8.87 -19.68 -28.64
CA GLU F 103 9.66 -18.48 -28.37
C GLU F 103 10.48 -18.74 -27.11
N TRP F 104 11.39 -17.83 -26.78
CA TRP F 104 12.28 -18.08 -25.67
C TRP F 104 12.24 -16.99 -24.61
N ARG F 105 12.49 -17.40 -23.37
CA ARG F 105 12.75 -16.46 -22.28
C ARG F 105 14.21 -16.64 -21.87
N PRO F 106 15.03 -15.60 -22.10
CA PRO F 106 16.46 -15.64 -21.74
C PRO F 106 16.65 -15.97 -20.27
N TYR F 107 17.38 -17.06 -19.98
CA TYR F 107 17.57 -17.50 -18.61
C TYR F 107 18.90 -18.23 -18.41
N GLN F 108 19.67 -17.80 -17.42
CA GLN F 108 20.92 -18.47 -17.07
C GLN F 108 20.88 -19.05 -15.66
N HIS F 109 20.66 -20.36 -15.59
CA HIS F 109 20.47 -21.07 -14.34
C HIS F 109 21.65 -20.87 -13.39
N ARG F 110 21.35 -20.67 -12.11
CA ARG F 110 22.37 -20.50 -11.08
C ARG F 110 22.07 -21.34 -9.85
N VAL F 111 23.02 -22.19 -9.48
CA VAL F 111 22.81 -23.12 -8.37
C VAL F 111 23.68 -22.75 -7.16
N LEU F 112 23.13 -22.92 -5.97
CA LEU F 112 23.91 -22.79 -4.73
C LEU F 112 23.99 -24.14 -4.04
N ALA F 113 25.18 -24.50 -3.55
CA ALA F 113 25.34 -25.70 -2.74
C ALA F 113 25.42 -25.34 -1.26
N SER F 114 24.62 -26.02 -0.44
CA SER F 114 24.63 -25.81 0.99
C SER F 114 25.83 -26.48 1.64
N VAL F 115 26.87 -25.68 1.92
CA VAL F 115 28.11 -26.20 2.47
C VAL F 115 28.57 -25.35 3.66
N ASP F 116 28.88 -26.01 4.77
CA ASP F 116 29.28 -25.33 6.00
C ASP F 116 28.32 -24.17 6.32
N GLY F 117 27.03 -24.47 6.34
CA GLY F 117 26.02 -23.49 6.70
C GLY F 117 25.81 -22.37 5.70
N GLN F 118 26.57 -22.38 4.61
CA GLN F 118 26.47 -21.31 3.61
C GLN F 118 25.93 -21.81 2.28
N LEU F 119 25.41 -20.88 1.49
CA LEU F 119 25.04 -21.17 0.12
C LEU F 119 26.13 -20.64 -0.80
N LEU F 120 26.97 -21.55 -1.29
CA LEU F 120 28.12 -21.18 -2.10
C LEU F 120 27.90 -21.52 -3.57
N PRO F 121 28.52 -20.77 -4.47
CA PRO F 121 28.41 -21.04 -5.91
C PRO F 121 28.92 -22.43 -6.28
N ILE F 122 28.17 -23.11 -7.13
CA ILE F 122 28.61 -24.37 -7.71
C ILE F 122 28.14 -24.34 -9.16
N PRO F 123 29.04 -24.60 -10.12
CA PRO F 123 30.45 -25.01 -10.05
C PRO F 123 31.32 -24.22 -9.06
N ILE F 124 32.30 -24.92 -8.47
CA ILE F 124 33.29 -24.29 -7.59
C ILE F 124 34.11 -23.26 -8.35
N ASN F 125 34.19 -22.05 -7.79
CA ASN F 125 34.97 -20.96 -8.39
C ASN F 125 35.70 -20.11 -7.35
N LEU F 126 36.22 -18.96 -7.77
CA LEU F 126 36.99 -18.08 -6.89
C LEU F 126 36.20 -17.70 -5.65
N ASP F 127 34.94 -17.31 -5.85
CA ASP F 127 34.09 -16.90 -4.75
C ASP F 127 33.79 -18.08 -3.82
N THR F 128 33.53 -19.25 -4.42
CA THR F 128 33.30 -20.46 -3.66
C THR F 128 34.42 -20.70 -2.65
N VAL F 129 35.65 -20.60 -3.12
CA VAL F 129 36.83 -20.86 -2.31
C VAL F 129 37.06 -19.76 -1.28
N ASN F 130 37.08 -18.51 -1.74
CA ASN F 130 37.29 -17.38 -0.85
C ASN F 130 36.28 -17.36 0.30
N ARG F 131 35.00 -17.53 -0.04
CA ARG F 131 33.94 -17.49 0.95
C ARG F 131 34.03 -18.65 1.94
N LEU F 132 34.36 -19.83 1.43
CA LEU F 132 34.46 -21.02 2.26
C LEU F 132 35.60 -20.95 3.26
N TYR F 133 36.77 -20.49 2.82
CA TYR F 133 37.97 -20.51 3.65
C TYR F 133 38.32 -19.15 4.25
N GLY F 134 37.52 -18.13 3.93
CA GLY F 134 37.80 -16.80 4.42
C GLY F 134 39.08 -16.25 3.82
N LEU F 135 39.36 -16.65 2.59
CA LEU F 135 40.54 -16.18 1.87
C LEU F 135 40.26 -14.92 1.04
N ASN F 136 41.29 -14.43 0.37
CA ASN F 136 41.16 -13.24 -0.46
C ASN F 136 41.98 -13.40 -1.72
N LEU F 137 41.93 -14.61 -2.29
CA LEU F 137 42.68 -14.93 -3.48
C LEU F 137 42.18 -14.17 -4.70
N THR F 138 43.10 -13.84 -5.60
CA THR F 138 42.75 -13.37 -6.92
C THR F 138 42.58 -14.63 -7.76
N SER F 139 42.05 -14.48 -8.97
CA SER F 139 41.94 -15.61 -9.88
C SER F 139 43.32 -16.23 -10.07
N PHE F 140 44.28 -15.39 -10.46
CA PHE F 140 45.66 -15.84 -10.68
C PHE F 140 46.17 -16.69 -9.53
N GLN F 141 45.91 -16.24 -8.30
CA GLN F 141 46.38 -16.95 -7.12
C GLN F 141 45.68 -18.29 -6.90
N VAL F 142 44.37 -18.32 -7.09
CA VAL F 142 43.58 -19.51 -6.76
C VAL F 142 43.92 -20.69 -7.68
N GLU F 143 44.57 -20.39 -8.80
CA GLU F 143 45.03 -21.43 -9.69
C GLU F 143 46.22 -22.15 -9.04
N GLU F 144 47.06 -21.38 -8.37
CA GLU F 144 48.20 -21.91 -7.65
C GLU F 144 47.74 -22.66 -6.40
N PHE F 145 46.69 -22.15 -5.76
CA PHE F 145 46.12 -22.83 -4.60
C PHE F 145 45.55 -24.19 -4.99
N PHE F 146 44.85 -24.25 -6.12
CA PHE F 146 44.30 -25.51 -6.59
C PHE F 146 45.41 -26.52 -6.84
N ALA F 147 46.46 -26.07 -7.54
CA ALA F 147 47.59 -26.92 -7.84
C ALA F 147 48.30 -27.37 -6.56
N SER F 148 48.22 -26.55 -5.52
CA SER F 148 48.87 -26.85 -4.26
C SER F 148 48.14 -27.94 -3.48
N VAL F 149 46.86 -28.10 -3.76
CA VAL F 149 46.06 -29.08 -3.03
C VAL F 149 45.73 -30.29 -3.89
N ALA F 150 45.70 -30.10 -5.21
CA ALA F 150 45.30 -31.16 -6.11
C ALA F 150 46.12 -32.42 -5.85
N GLU F 151 45.45 -33.57 -5.85
CA GLU F 151 46.14 -34.85 -5.78
C GLU F 151 46.53 -35.27 -7.20
N LYS F 152 47.68 -35.90 -7.34
CA LYS F 152 48.10 -36.31 -8.67
C LYS F 152 47.62 -37.70 -9.03
N VAL F 153 46.93 -37.77 -10.17
CA VAL F 153 46.38 -39.02 -10.66
C VAL F 153 47.11 -39.46 -11.93
N GLU F 154 47.66 -40.67 -11.90
CA GLU F 154 48.38 -41.23 -13.03
C GLU F 154 47.57 -41.05 -14.30
N GLN F 155 46.37 -41.61 -14.32
CA GLN F 155 45.45 -41.44 -15.44
C GLN F 155 44.00 -41.37 -14.95
N VAL F 156 43.33 -40.27 -15.28
CA VAL F 156 41.98 -40.03 -14.78
C VAL F 156 40.96 -41.02 -15.34
N ARG F 157 40.26 -41.69 -14.45
CA ARG F 157 39.24 -42.66 -14.87
C ARG F 157 37.94 -42.55 -14.07
N THR F 158 38.04 -42.56 -12.75
CA THR F 158 36.85 -42.49 -11.91
C THR F 158 36.39 -41.06 -11.70
N SER F 159 35.17 -40.89 -11.21
CA SER F 159 34.64 -39.57 -10.91
C SER F 159 35.32 -38.95 -9.70
N GLU F 160 36.04 -39.77 -8.97
CA GLU F 160 36.86 -39.29 -7.87
C GLU F 160 38.15 -38.67 -8.41
N ASP F 161 38.67 -39.29 -9.47
CA ASP F 161 39.91 -38.82 -10.09
C ASP F 161 39.76 -37.40 -10.64
N VAL F 162 38.69 -37.17 -11.40
CA VAL F 162 38.48 -35.88 -12.04
C VAL F 162 38.39 -34.74 -11.04
N VAL F 163 37.70 -34.97 -9.93
CA VAL F 163 37.55 -33.95 -8.90
C VAL F 163 38.82 -33.84 -8.07
N VAL F 164 39.19 -34.94 -7.43
CA VAL F 164 40.33 -34.96 -6.52
C VAL F 164 41.61 -34.41 -7.15
N SER F 165 41.74 -34.56 -8.45
CA SER F 165 42.96 -34.17 -9.15
C SER F 165 42.96 -32.71 -9.62
N LYS F 166 41.87 -32.01 -9.40
CA LYS F 166 41.80 -30.61 -9.81
C LYS F 166 41.73 -29.64 -8.64
N VAL F 167 40.85 -29.92 -7.69
CA VAL F 167 40.61 -28.99 -6.59
C VAL F 167 40.98 -29.59 -5.23
N GLY F 168 41.58 -30.77 -5.24
CA GLY F 168 42.08 -31.37 -4.02
C GLY F 168 41.12 -32.34 -3.36
N ARG F 169 41.40 -32.66 -2.10
CA ARG F 169 40.62 -33.65 -1.37
C ARG F 169 39.57 -33.02 -0.44
N ASP F 170 39.88 -31.88 0.14
CA ASP F 170 38.93 -31.22 1.03
C ASP F 170 37.74 -30.64 0.25
N LEU F 171 38.01 -30.08 -0.91
CA LEU F 171 36.95 -29.53 -1.75
C LEU F 171 36.10 -30.65 -2.32
N TYR F 172 36.76 -31.75 -2.70
CA TYR F 172 36.07 -32.92 -3.19
C TYR F 172 35.11 -33.48 -2.13
N ASN F 173 35.60 -33.57 -0.90
CA ASN F 173 34.79 -34.11 0.19
C ASN F 173 33.52 -33.31 0.46
N LYS F 174 33.63 -31.99 0.37
CA LYS F 174 32.56 -31.11 0.80
C LYS F 174 31.48 -30.87 -0.26
N PHE F 175 31.86 -30.94 -1.53
CA PHE F 175 30.93 -30.63 -2.61
C PHE F 175 30.51 -31.84 -3.46
N PHE F 176 31.35 -32.87 -3.49
CA PHE F 176 31.16 -33.97 -4.43
C PHE F 176 30.87 -35.34 -3.80
N ARG F 177 31.68 -35.73 -2.82
CA ARG F 177 31.59 -37.08 -2.26
C ARG F 177 30.20 -37.39 -1.71
N GLY F 178 29.73 -36.59 -0.75
CA GLY F 178 28.43 -36.80 -0.13
C GLY F 178 27.26 -36.73 -1.10
N TYR F 179 27.30 -35.75 -2.00
CA TYR F 179 26.24 -35.58 -2.98
C TYR F 179 26.18 -36.80 -3.89
N THR F 180 27.32 -37.15 -4.48
CA THR F 180 27.40 -38.29 -5.38
C THR F 180 26.89 -39.58 -4.73
N ARG F 181 27.37 -39.86 -3.52
CA ARG F 181 26.94 -41.04 -2.78
C ARG F 181 25.43 -41.07 -2.61
N LYS F 182 24.85 -39.91 -2.30
CA LYS F 182 23.41 -39.80 -2.12
C LYS F 182 22.68 -40.03 -3.45
N GLN F 183 23.14 -39.35 -4.48
CA GLN F 183 22.50 -39.39 -5.79
C GLN F 183 22.56 -40.77 -6.44
N TRP F 184 23.72 -41.41 -6.40
CA TRP F 184 23.91 -42.68 -7.09
C TRP F 184 23.93 -43.89 -6.16
N GLY F 185 24.15 -43.67 -4.87
CA GLY F 185 24.33 -44.76 -3.94
C GLY F 185 25.64 -45.45 -4.23
N LEU F 186 26.49 -44.77 -4.98
CA LEU F 186 27.82 -45.26 -5.31
C LEU F 186 28.85 -44.20 -4.96
N ASP F 187 30.03 -44.63 -4.52
CA ASP F 187 31.13 -43.71 -4.30
C ASP F 187 31.59 -43.19 -5.66
N PRO F 188 32.13 -41.97 -5.70
CA PRO F 188 32.63 -41.44 -6.97
C PRO F 188 33.65 -42.38 -7.63
N SER F 189 34.42 -43.10 -6.82
CA SER F 189 35.41 -44.04 -7.34
C SER F 189 34.73 -45.19 -8.08
N GLU F 190 33.52 -45.52 -7.64
CA GLU F 190 32.71 -46.56 -8.28
C GLU F 190 31.91 -46.01 -9.45
N LEU F 191 32.34 -44.87 -9.98
CA LEU F 191 31.64 -44.21 -11.08
C LEU F 191 32.59 -43.73 -12.17
N ASP F 192 32.09 -43.70 -13.40
CA ASP F 192 32.89 -43.19 -14.52
C ASP F 192 33.15 -41.71 -14.35
N ALA F 193 34.33 -41.26 -14.75
CA ALA F 193 34.70 -39.85 -14.62
C ALA F 193 33.66 -38.91 -15.24
N SER F 194 33.00 -39.36 -16.30
CA SER F 194 32.08 -38.51 -17.06
C SER F 194 31.02 -37.83 -16.18
N VAL F 195 30.61 -38.51 -15.11
CA VAL F 195 29.56 -38.02 -14.23
C VAL F 195 29.94 -36.71 -13.55
N THR F 196 30.87 -36.77 -12.61
CA THR F 196 31.31 -35.56 -11.91
C THR F 196 32.01 -34.60 -12.86
N ALA F 197 32.42 -35.10 -14.02
CA ALA F 197 33.08 -34.25 -15.00
C ALA F 197 32.09 -33.30 -15.66
N ARG F 198 30.81 -33.49 -15.37
CA ARG F 198 29.78 -32.62 -15.91
C ARG F 198 29.85 -31.25 -15.25
N VAL F 199 30.26 -31.24 -14.00
CA VAL F 199 30.40 -30.00 -13.24
C VAL F 199 31.84 -29.51 -13.28
N PRO F 200 32.11 -28.51 -14.11
CA PRO F 200 33.46 -27.92 -14.26
C PRO F 200 33.92 -27.25 -12.98
N THR F 201 35.22 -27.04 -12.86
CA THR F 201 35.77 -26.26 -11.76
C THR F 201 36.45 -25.04 -12.37
N ARG F 202 36.18 -23.87 -11.81
CA ARG F 202 36.65 -22.63 -12.41
C ARG F 202 37.62 -21.91 -11.50
N THR F 203 38.44 -21.03 -12.07
CA THR F 203 39.30 -20.15 -11.29
C THR F 203 38.84 -18.69 -11.41
N ASN F 204 37.74 -18.48 -12.14
CA ASN F 204 37.13 -17.17 -12.27
C ASN F 204 35.91 -17.00 -11.35
N ARG F 205 35.08 -16.01 -11.64
CA ARG F 205 33.97 -15.67 -10.77
C ARG F 205 32.62 -15.93 -11.42
N ASP F 206 32.63 -16.75 -12.47
CA ASP F 206 31.41 -17.18 -13.12
C ASP F 206 30.60 -18.06 -12.16
N ASN F 207 29.34 -17.69 -11.92
CA ASN F 207 28.48 -18.46 -11.03
C ASN F 207 27.27 -19.06 -11.74
N ARG F 208 27.27 -19.07 -13.08
CA ARG F 208 26.23 -19.73 -13.85
C ARG F 208 26.51 -21.23 -13.84
N TYR F 209 25.46 -22.03 -13.75
CA TYR F 209 25.64 -23.47 -13.74
C TYR F 209 26.16 -23.95 -15.10
N PHE F 210 25.72 -23.26 -16.17
CA PHE F 210 26.21 -23.54 -17.51
C PHE F 210 26.90 -22.33 -18.12
N ALA F 211 27.89 -22.57 -18.98
CA ALA F 211 28.56 -21.49 -19.69
C ALA F 211 28.14 -21.44 -21.17
N ASP F 212 27.18 -22.29 -21.52
CA ASP F 212 26.73 -22.43 -22.91
C ASP F 212 26.36 -21.10 -23.55
N THR F 213 26.56 -21.03 -24.87
CA THR F 213 26.24 -19.82 -25.63
C THR F 213 24.75 -19.52 -25.57
N TYR F 214 23.93 -20.55 -25.67
CA TYR F 214 22.48 -20.36 -25.78
C TYR F 214 21.72 -20.95 -24.60
N GLN F 215 21.36 -20.08 -23.65
CA GLN F 215 20.59 -20.46 -22.48
C GLN F 215 19.26 -19.71 -22.44
N ALA F 216 18.16 -20.45 -22.56
CA ALA F 216 16.83 -19.87 -22.49
C ALA F 216 15.77 -20.94 -22.26
N MET F 217 14.61 -20.54 -21.73
CA MET F 217 13.49 -21.45 -21.48
C MET F 217 12.35 -21.21 -22.46
N PRO F 218 11.67 -22.29 -22.87
CA PRO F 218 10.54 -22.12 -23.78
C PRO F 218 9.56 -21.13 -23.20
N LEU F 219 9.26 -20.07 -23.95
CA LEU F 219 8.45 -18.96 -23.45
C LEU F 219 7.17 -19.40 -22.74
N HIS F 220 6.42 -20.30 -23.37
CA HIS F 220 5.16 -20.76 -22.78
C HIS F 220 5.21 -22.21 -22.29
N GLY F 221 6.42 -22.73 -22.09
CA GLY F 221 6.60 -24.05 -21.52
C GLY F 221 6.97 -25.13 -22.53
N TYR F 222 7.62 -26.18 -22.04
CA TYR F 222 8.05 -27.30 -22.88
C TYR F 222 6.86 -27.96 -23.56
N THR F 223 5.83 -28.25 -22.79
CA THR F 223 4.66 -28.94 -23.31
C THR F 223 4.10 -28.19 -24.52
N ARG F 224 4.04 -26.87 -24.43
CA ARG F 224 3.57 -26.07 -25.55
C ARG F 224 4.47 -26.27 -26.76
N MET F 225 5.78 -26.23 -26.53
CA MET F 225 6.74 -26.48 -27.59
C MET F 225 6.47 -27.84 -28.23
N PHE F 226 6.25 -28.85 -27.41
CA PHE F 226 5.99 -30.20 -27.90
C PHE F 226 4.70 -30.28 -28.72
N GLN F 227 3.69 -29.51 -28.31
CA GLN F 227 2.41 -29.49 -29.04
C GLN F 227 2.60 -28.99 -30.47
N ASN F 228 3.46 -28.00 -30.64
CA ASN F 228 3.76 -27.48 -31.97
C ASN F 228 4.57 -28.50 -32.77
N MET F 229 5.52 -29.13 -32.10
CA MET F 229 6.37 -30.12 -32.73
C MET F 229 5.53 -31.26 -33.32
N LEU F 230 4.48 -31.66 -32.62
CA LEU F 230 3.69 -32.80 -33.03
C LEU F 230 2.41 -32.44 -33.79
N SER F 231 2.33 -31.21 -34.29
CA SER F 231 1.08 -30.74 -34.90
C SER F 231 0.79 -31.30 -36.29
N SER F 232 1.83 -31.69 -37.02
CA SER F 232 1.66 -32.17 -38.39
C SER F 232 0.52 -33.17 -38.54
N PRO F 233 -0.25 -33.06 -39.65
CA PRO F 233 -1.32 -33.99 -39.98
C PRO F 233 -0.77 -35.38 -40.26
N ASN F 234 0.54 -35.49 -40.37
CA ASN F 234 1.16 -36.79 -40.60
C ASN F 234 1.43 -37.50 -39.28
N ILE F 235 1.23 -36.79 -38.17
CA ILE F 235 1.50 -37.35 -36.86
C ILE F 235 0.23 -37.72 -36.08
N LYS F 236 0.10 -38.99 -35.73
CA LYS F 236 -1.01 -39.46 -34.90
C LYS F 236 -0.52 -39.72 -33.49
N VAL F 237 -1.27 -39.22 -32.51
CA VAL F 237 -0.83 -39.27 -31.13
C VAL F 237 -1.64 -40.28 -30.32
N MET F 238 -0.95 -41.24 -29.72
CA MET F 238 -1.61 -42.26 -28.93
C MET F 238 -0.97 -42.32 -27.55
N LEU F 239 -1.69 -41.83 -26.55
CA LEU F 239 -1.16 -41.73 -25.20
C LEU F 239 -1.71 -42.81 -24.28
N ASN F 240 -1.09 -42.95 -23.10
CA ASN F 240 -1.51 -43.94 -22.12
C ASN F 240 -1.42 -45.35 -22.69
N THR F 241 -0.42 -45.61 -23.53
CA THR F 241 -0.31 -46.88 -24.23
C THR F 241 1.10 -47.46 -24.30
N ASP F 242 1.27 -48.67 -23.78
CA ASP F 242 2.49 -49.43 -23.97
C ASP F 242 2.48 -49.93 -25.41
N TYR F 243 3.58 -49.72 -26.13
CA TYR F 243 3.65 -50.13 -27.53
C TYR F 243 3.36 -51.63 -27.68
N ARG F 244 3.63 -52.37 -26.60
CA ARG F 244 3.40 -53.81 -26.60
C ARG F 244 1.93 -54.16 -26.75
N GLU F 245 1.06 -53.20 -26.45
CA GLU F 245 -0.38 -53.44 -26.46
C GLU F 245 -1.00 -53.22 -27.84
N ILE F 246 -0.17 -52.88 -28.82
CA ILE F 246 -0.68 -52.52 -30.13
C ILE F 246 0.22 -53.01 -31.25
N ALA F 247 1.47 -53.31 -30.93
CA ALA F 247 2.45 -53.75 -31.92
C ALA F 247 1.97 -54.99 -32.67
N ASP F 248 1.02 -55.70 -32.07
CA ASP F 248 0.54 -56.96 -32.63
C ASP F 248 -0.39 -56.77 -33.82
N PHE F 249 -1.13 -55.67 -33.86
CA PHE F 249 -2.18 -55.51 -34.87
C PHE F 249 -2.24 -54.17 -35.58
N ILE F 250 -1.38 -53.23 -35.21
CA ILE F 250 -1.29 -51.97 -35.94
C ILE F 250 -0.17 -52.04 -36.97
N PRO F 251 -0.51 -51.93 -38.26
CA PRO F 251 0.45 -52.06 -39.35
C PRO F 251 1.47 -50.92 -39.35
N PHE F 252 2.75 -51.25 -39.20
CA PHE F 252 3.80 -50.25 -39.27
C PHE F 252 5.07 -50.82 -39.87
N GLN F 253 5.74 -50.02 -40.69
CA GLN F 253 6.91 -50.48 -41.44
C GLN F 253 8.16 -50.57 -40.57
N HIS F 254 8.43 -49.52 -39.81
CA HIS F 254 9.64 -49.45 -39.00
C HIS F 254 9.29 -48.95 -37.61
N MET F 255 10.06 -49.38 -36.62
CA MET F 255 9.85 -48.90 -35.26
C MET F 255 10.99 -48.00 -34.77
N ILE F 256 10.62 -46.91 -34.11
CA ILE F 256 11.59 -46.10 -33.40
C ILE F 256 11.30 -46.27 -31.92
N TYR F 257 12.29 -46.76 -31.17
CA TYR F 257 12.12 -47.01 -29.75
C TYR F 257 13.00 -46.10 -28.90
N THR F 258 12.40 -45.47 -27.89
CA THR F 258 13.14 -44.54 -27.05
C THR F 258 13.05 -44.86 -25.57
N GLY F 259 12.49 -46.02 -25.23
CA GLY F 259 12.42 -46.46 -23.85
C GLY F 259 13.73 -47.07 -23.37
N PRO F 260 13.69 -47.80 -22.25
CA PRO F 260 14.88 -48.49 -21.73
C PRO F 260 15.26 -49.66 -22.63
N VAL F 261 16.55 -49.91 -22.82
CA VAL F 261 16.98 -51.03 -23.66
C VAL F 261 16.65 -52.38 -23.04
N ASP F 262 17.11 -52.60 -21.81
CA ASP F 262 16.91 -53.89 -21.17
C ASP F 262 15.47 -54.37 -21.30
N ALA F 263 14.53 -53.49 -21.02
CA ALA F 263 13.12 -53.84 -21.05
C ALA F 263 12.67 -54.32 -22.43
N PHE F 264 13.13 -53.64 -23.47
CA PHE F 264 12.73 -54.00 -24.83
C PHE F 264 13.00 -55.47 -25.13
N PHE F 265 14.14 -55.96 -24.67
CA PHE F 265 14.52 -57.36 -24.86
C PHE F 265 14.19 -58.20 -23.63
N ASP F 266 13.10 -57.83 -22.96
CA ASP F 266 12.57 -58.57 -21.81
C ASP F 266 13.63 -58.95 -20.79
N PHE F 267 14.61 -58.07 -20.59
CA PHE F 267 15.65 -58.28 -19.59
C PHE F 267 16.35 -59.62 -19.79
N CYS F 268 16.61 -59.97 -21.05
CA CYS F 268 17.20 -61.27 -21.36
C CYS F 268 18.59 -61.46 -20.73
N TYR F 269 19.38 -60.38 -20.68
CA TYR F 269 20.70 -60.46 -20.06
C TYR F 269 20.68 -59.95 -18.62
N GLY F 270 19.49 -59.70 -18.09
CA GLY F 270 19.36 -59.16 -16.75
C GLY F 270 19.15 -57.66 -16.73
N LYS F 271 18.79 -57.15 -15.56
CA LYS F 271 18.42 -55.74 -15.41
C LYS F 271 19.60 -54.80 -15.64
N LEU F 272 19.40 -53.82 -16.51
CA LEU F 272 20.40 -52.78 -16.74
C LEU F 272 20.16 -51.67 -15.73
N PRO F 273 21.17 -51.38 -14.89
CA PRO F 273 20.98 -50.37 -13.84
C PRO F 273 20.60 -48.99 -14.37
N TYR F 274 19.41 -48.54 -14.00
CA TYR F 274 18.97 -47.17 -14.23
C TYR F 274 18.64 -46.56 -12.88
N ARG F 275 19.06 -45.32 -12.66
CA ARG F 275 18.72 -44.63 -11.43
C ARG F 275 17.37 -43.95 -11.55
N SER F 276 16.62 -43.91 -10.46
CA SER F 276 15.28 -43.34 -10.47
C SER F 276 15.15 -42.24 -9.42
N LEU F 277 13.98 -41.61 -9.36
CA LEU F 277 13.77 -40.48 -8.46
C LEU F 277 12.34 -40.40 -7.95
N GLU F 278 12.19 -39.99 -6.70
CA GLU F 278 10.89 -39.64 -6.14
C GLU F 278 10.82 -38.11 -6.00
N PHE F 279 9.72 -37.54 -6.45
CA PHE F 279 9.54 -36.10 -6.38
C PHE F 279 8.48 -35.71 -5.37
N ARG F 280 8.81 -34.79 -4.46
CA ARG F 280 7.81 -34.25 -3.55
C ARG F 280 7.62 -32.77 -3.80
N HIS F 281 6.50 -32.44 -4.45
CA HIS F 281 6.19 -31.06 -4.77
C HIS F 281 5.48 -30.37 -3.62
N GLU F 282 5.74 -29.08 -3.47
CA GLU F 282 5.12 -28.30 -2.43
C GLU F 282 4.82 -26.89 -2.91
N THR F 283 3.64 -26.38 -2.55
CA THR F 283 3.29 -25.00 -2.81
C THR F 283 3.33 -24.23 -1.51
N HIS F 284 3.93 -23.05 -1.53
CA HIS F 284 4.02 -22.20 -0.35
C HIS F 284 3.31 -20.87 -0.58
N ASP F 285 2.55 -20.43 0.41
CA ASP F 285 1.86 -19.15 0.33
C ASP F 285 2.87 -18.02 0.53
N THR F 286 3.61 -17.72 -0.53
CA THR F 286 4.62 -16.68 -0.51
C THR F 286 5.20 -16.55 -1.92
N GLU F 287 5.74 -15.37 -2.23
CA GLU F 287 6.25 -15.11 -3.57
C GLU F 287 7.57 -15.82 -3.86
N GLN F 288 8.45 -15.91 -2.88
CA GLN F 288 9.75 -16.51 -3.10
C GLN F 288 10.26 -17.31 -1.91
N LEU F 289 10.74 -18.52 -2.18
CA LEU F 289 11.26 -19.40 -1.14
C LEU F 289 12.79 -19.50 -1.18
N LEU F 290 13.36 -19.56 -2.38
CA LEU F 290 14.80 -19.76 -2.54
C LEU F 290 15.49 -18.58 -3.21
N PRO F 291 16.79 -18.40 -2.91
CA PRO F 291 17.60 -17.32 -3.50
C PRO F 291 17.84 -17.50 -4.99
N THR F 292 17.93 -18.75 -5.42
CA THR F 292 18.08 -19.07 -6.84
C THR F 292 17.14 -20.20 -7.23
N GLY F 293 17.26 -20.65 -8.47
CA GLY F 293 16.39 -21.70 -8.96
C GLY F 293 16.59 -23.05 -8.29
N THR F 294 17.81 -23.32 -7.83
CA THR F 294 18.11 -24.63 -7.26
C THR F 294 19.16 -24.57 -6.15
N VAL F 295 18.88 -25.26 -5.04
CA VAL F 295 19.82 -25.36 -3.94
C VAL F 295 20.24 -26.81 -3.76
N ASN F 296 21.52 -27.10 -3.95
CA ASN F 296 22.06 -28.44 -3.76
C ASN F 296 22.41 -28.73 -2.30
N TYR F 297 22.16 -29.97 -1.87
CA TYR F 297 22.48 -30.40 -0.51
C TYR F 297 23.39 -31.61 -0.50
N PRO F 298 24.71 -31.38 -0.65
CA PRO F 298 25.71 -32.46 -0.73
C PRO F 298 25.84 -33.23 0.58
N ASN F 299 25.69 -32.54 1.69
CA ASN F 299 25.96 -33.10 2.99
C ASN F 299 24.81 -33.06 4.00
N ASP F 300 23.59 -32.87 3.54
CA ASP F 300 22.45 -32.76 4.44
C ASP F 300 21.19 -33.27 3.80
N TYR F 301 20.32 -33.86 4.59
CA TYR F 301 18.98 -34.27 4.18
C TYR F 301 18.96 -35.50 3.31
N ALA F 302 17.78 -36.08 3.12
CA ALA F 302 17.59 -37.26 2.28
C ALA F 302 17.52 -36.89 0.80
N TYR F 303 17.08 -35.67 0.51
CA TYR F 303 17.03 -35.18 -0.87
C TYR F 303 18.36 -34.57 -1.30
N THR F 304 18.59 -34.53 -2.60
CA THR F 304 19.81 -33.93 -3.13
C THR F 304 19.62 -32.44 -3.36
N ARG F 305 18.39 -32.00 -3.59
CA ARG F 305 18.15 -30.60 -3.92
C ARG F 305 16.69 -30.16 -3.89
N VAL F 306 16.50 -28.84 -3.84
CA VAL F 306 15.17 -28.24 -3.95
C VAL F 306 15.22 -27.26 -5.11
N SER F 307 14.11 -27.12 -5.83
CA SER F 307 14.05 -26.18 -6.94
C SER F 307 12.77 -25.35 -6.93
N GLU F 308 12.91 -24.07 -7.25
CA GLU F 308 11.76 -23.16 -7.26
C GLU F 308 11.45 -22.72 -8.68
N PHE F 309 10.40 -23.31 -9.26
CA PHE F 309 10.10 -23.14 -10.68
C PHE F 309 9.95 -21.70 -11.17
N LYS F 310 9.37 -20.82 -10.36
CA LYS F 310 9.21 -19.44 -10.80
C LYS F 310 10.54 -18.78 -11.23
N HIS F 311 11.63 -19.14 -10.56
CA HIS F 311 12.95 -18.67 -10.96
C HIS F 311 13.23 -19.07 -12.41
N ILE F 312 12.78 -20.27 -12.76
CA ILE F 312 13.13 -20.91 -14.01
C ILE F 312 12.24 -20.47 -15.18
N THR F 313 10.95 -20.35 -14.91
CA THR F 313 9.97 -20.01 -15.94
C THR F 313 9.74 -18.50 -16.04
N GLY F 314 10.02 -17.80 -14.95
CA GLY F 314 9.84 -16.36 -14.89
C GLY F 314 8.38 -15.97 -14.74
N GLN F 315 7.60 -16.87 -14.17
CA GLN F 315 6.17 -16.63 -13.98
C GLN F 315 5.89 -15.76 -12.75
N ARG F 316 4.98 -14.80 -12.91
CA ARG F 316 4.55 -13.97 -11.81
C ARG F 316 3.33 -14.60 -11.14
N HIS F 317 3.44 -14.84 -9.84
CA HIS F 317 2.40 -15.55 -9.11
C HIS F 317 2.53 -15.18 -7.65
N HIS F 318 1.40 -15.05 -6.96
CA HIS F 318 1.43 -14.63 -5.57
C HIS F 318 1.89 -15.75 -4.66
N GLN F 319 1.93 -16.96 -5.21
CA GLN F 319 2.47 -18.11 -4.49
C GLN F 319 3.68 -18.69 -5.24
N THR F 320 4.28 -19.74 -4.68
CA THR F 320 5.45 -20.34 -5.29
C THR F 320 5.44 -21.85 -5.08
N SER F 321 5.86 -22.59 -6.10
CA SER F 321 5.92 -24.04 -6.02
C SER F 321 7.35 -24.55 -6.15
N VAL F 322 7.70 -25.50 -5.30
CA VAL F 322 9.06 -26.05 -5.31
C VAL F 322 9.02 -27.55 -5.50
N VAL F 323 10.18 -28.18 -5.55
CA VAL F 323 10.25 -29.64 -5.61
C VAL F 323 11.53 -30.17 -4.99
N TYR F 324 11.38 -31.19 -4.15
CA TYR F 324 12.52 -31.90 -3.58
C TYR F 324 12.76 -33.20 -4.35
N GLU F 325 14.02 -33.57 -4.53
CA GLU F 325 14.36 -34.78 -5.29
C GLU F 325 14.98 -35.84 -4.41
N TYR F 326 14.36 -37.03 -4.40
CA TYR F 326 14.86 -38.15 -3.62
C TYR F 326 15.38 -39.26 -4.53
N PRO F 327 16.69 -39.50 -4.51
CA PRO F 327 17.25 -40.63 -5.27
C PRO F 327 16.58 -41.93 -4.85
N ARG F 328 16.34 -42.82 -5.81
CA ARG F 328 15.66 -44.08 -5.55
C ARG F 328 16.27 -45.18 -6.39
N ALA F 329 16.34 -46.39 -5.85
CA ALA F 329 16.87 -47.53 -6.59
C ALA F 329 15.82 -48.10 -7.54
N GLU F 330 14.57 -48.14 -7.08
CA GLU F 330 13.45 -48.59 -7.90
C GLU F 330 12.62 -47.44 -8.44
N GLY F 331 11.91 -47.68 -9.53
CA GLY F 331 11.06 -46.66 -10.13
C GLY F 331 11.36 -46.44 -11.60
N ASP F 332 10.68 -45.49 -12.21
CA ASP F 332 10.90 -45.15 -13.61
C ASP F 332 12.36 -44.79 -13.88
N PRO F 333 12.89 -45.26 -15.03
CA PRO F 333 14.28 -45.02 -15.43
C PRO F 333 14.52 -43.55 -15.78
N TYR F 334 15.40 -42.89 -15.04
CA TYR F 334 15.76 -41.50 -15.30
C TYR F 334 17.24 -41.34 -15.66
N TYR F 335 18.11 -42.08 -14.96
CA TYR F 335 19.54 -41.97 -15.18
C TYR F 335 20.18 -43.27 -15.62
N PRO F 336 20.92 -43.24 -16.73
CA PRO F 336 21.86 -44.32 -16.98
C PRO F 336 23.00 -44.21 -15.96
N VAL F 337 23.50 -45.33 -15.47
CA VAL F 337 24.59 -45.32 -14.50
C VAL F 337 25.92 -45.71 -15.14
N PRO F 338 26.77 -44.71 -15.42
CA PRO F 338 28.04 -44.91 -16.12
C PRO F 338 29.13 -45.51 -15.21
N ARG F 339 29.56 -46.72 -15.51
CA ARG F 339 30.70 -47.34 -14.83
C ARG F 339 31.17 -48.56 -15.61
N PRO F 340 32.45 -48.91 -15.47
CA PRO F 340 33.09 -49.97 -16.27
C PRO F 340 32.18 -51.16 -16.57
N GLU F 341 31.44 -51.63 -15.58
CA GLU F 341 30.67 -52.87 -15.72
C GLU F 341 29.34 -52.67 -16.45
N ASN F 342 28.55 -51.71 -16.01
CA ASN F 342 27.27 -51.43 -16.62
C ASN F 342 27.43 -50.93 -18.05
N ALA F 343 28.57 -50.32 -18.33
CA ALA F 343 28.89 -49.91 -19.68
C ALA F 343 28.96 -51.14 -20.55
N GLU F 344 29.19 -52.29 -19.93
CA GLU F 344 29.35 -53.54 -20.67
C GLU F 344 28.05 -54.32 -20.76
N LEU F 345 27.30 -54.40 -19.67
CA LEU F 345 25.99 -55.04 -19.70
C LEU F 345 25.20 -54.42 -20.84
N TYR F 346 25.32 -53.10 -20.97
CA TYR F 346 24.66 -52.40 -22.06
C TYR F 346 25.13 -52.91 -23.41
N LYS F 347 26.44 -53.02 -23.58
CA LYS F 347 27.01 -53.45 -24.86
C LYS F 347 26.37 -54.74 -25.38
N LYS F 348 25.98 -55.62 -24.48
CA LYS F 348 25.21 -56.80 -24.86
C LYS F 348 23.93 -56.39 -25.56
N TYR F 349 23.09 -55.63 -24.86
CA TYR F 349 21.80 -55.20 -25.40
C TYR F 349 21.95 -54.35 -26.66
N GLU F 350 22.98 -53.53 -26.69
CA GLU F 350 23.26 -52.71 -27.87
C GLU F 350 23.53 -53.60 -29.06
N ALA F 351 24.10 -54.77 -28.80
CA ALA F 351 24.36 -55.74 -29.86
C ALA F 351 23.04 -56.23 -30.47
N LEU F 352 22.12 -56.64 -29.61
CA LEU F 352 20.77 -57.03 -30.05
C LEU F 352 20.08 -55.84 -30.70
N ALA F 353 20.40 -54.64 -30.24
CA ALA F 353 19.81 -53.43 -30.80
C ALA F 353 20.24 -53.22 -32.25
N ASP F 354 21.53 -53.35 -32.50
CA ASP F 354 22.09 -53.20 -33.84
C ASP F 354 21.53 -54.28 -34.76
N ALA F 355 21.38 -55.48 -34.21
CA ALA F 355 20.90 -56.63 -34.97
C ALA F 355 19.43 -56.48 -35.35
N ALA F 356 18.69 -55.72 -34.54
CA ALA F 356 17.27 -55.52 -34.77
C ALA F 356 17.02 -54.84 -36.12
N GLN F 357 16.45 -55.60 -37.05
CA GLN F 357 16.21 -55.13 -38.40
C GLN F 357 15.45 -53.80 -38.42
N ASP F 358 14.15 -53.88 -38.20
CA ASP F 358 13.28 -52.72 -38.39
C ASP F 358 13.14 -51.87 -37.12
N VAL F 359 14.17 -51.87 -36.29
CA VAL F 359 14.13 -51.10 -35.05
C VAL F 359 15.31 -50.14 -34.90
N THR F 360 15.00 -48.86 -34.76
CA THR F 360 16.00 -47.84 -34.48
C THR F 360 15.92 -47.45 -33.00
N PHE F 361 17.06 -47.42 -32.32
CA PHE F 361 17.11 -47.01 -30.92
C PHE F 361 17.69 -45.60 -30.78
N VAL F 362 16.93 -44.70 -30.17
CA VAL F 362 17.41 -43.33 -29.95
C VAL F 362 16.89 -42.73 -28.64
N GLY F 363 17.74 -41.96 -27.96
CA GLY F 363 17.34 -41.30 -26.72
C GLY F 363 18.20 -41.70 -25.53
N ARG F 364 18.12 -40.90 -24.46
CA ARG F 364 18.92 -41.14 -23.26
C ARG F 364 18.74 -42.57 -22.75
N LEU F 365 17.50 -43.01 -22.65
CA LEU F 365 17.20 -44.34 -22.12
C LEU F 365 17.53 -45.44 -23.11
N ALA F 366 17.19 -45.22 -24.37
CA ALA F 366 17.31 -46.27 -25.39
C ALA F 366 18.76 -46.57 -25.78
N THR F 367 19.62 -45.55 -25.72
CA THR F 367 21.03 -45.72 -26.05
C THR F 367 21.93 -45.63 -24.82
N TYR F 368 21.32 -45.58 -23.64
CA TYR F 368 22.06 -45.58 -22.38
C TYR F 368 23.10 -44.47 -22.30
N ARG F 369 22.69 -43.25 -22.62
CA ARG F 369 23.61 -42.12 -22.58
C ARG F 369 23.10 -41.01 -21.66
N TYR F 370 23.92 -40.62 -20.70
CA TYR F 370 23.63 -39.52 -19.81
C TYR F 370 23.55 -38.22 -20.62
N TYR F 371 22.48 -38.06 -21.40
CA TYR F 371 22.35 -36.90 -22.27
C TYR F 371 21.45 -35.82 -21.70
N ASN F 372 21.83 -34.57 -21.91
CA ASN F 372 20.96 -33.44 -21.65
C ASN F 372 19.93 -33.33 -22.78
N MET F 373 19.08 -32.31 -22.73
CA MET F 373 18.04 -32.18 -23.73
C MET F 373 18.61 -31.90 -25.13
N ASP F 374 19.40 -30.84 -25.24
CA ASP F 374 19.95 -30.44 -26.53
C ASP F 374 20.73 -31.58 -27.20
N GLN F 375 21.38 -32.40 -26.39
CA GLN F 375 22.15 -33.53 -26.92
C GLN F 375 21.22 -34.59 -27.52
N VAL F 376 20.16 -34.92 -26.80
CA VAL F 376 19.14 -35.84 -27.29
C VAL F 376 18.57 -35.36 -28.63
N VAL F 377 18.31 -34.05 -28.72
CA VAL F 377 17.78 -33.47 -29.95
C VAL F 377 18.75 -33.69 -31.10
N ALA F 378 20.02 -33.44 -30.84
CA ALA F 378 21.04 -33.61 -31.87
C ALA F 378 21.13 -35.07 -32.28
N GLN F 379 21.06 -35.97 -31.30
CA GLN F 379 21.08 -37.40 -31.58
C GLN F 379 19.92 -37.80 -32.49
N ALA F 380 18.76 -37.22 -32.23
CA ALA F 380 17.57 -37.50 -33.04
C ALA F 380 17.73 -36.96 -34.46
N LEU F 381 18.14 -35.70 -34.57
CA LEU F 381 18.32 -35.09 -35.89
C LEU F 381 19.35 -35.87 -36.70
N ALA F 382 20.33 -36.44 -36.02
CA ALA F 382 21.36 -37.24 -36.66
C ALA F 382 20.79 -38.58 -37.08
N THR F 383 19.90 -39.13 -36.27
CA THR F 383 19.24 -40.39 -36.56
C THR F 383 18.29 -40.22 -37.73
N PHE F 384 17.66 -39.05 -37.80
CA PHE F 384 16.76 -38.76 -38.90
C PHE F 384 17.53 -38.79 -40.22
N ARG F 385 18.68 -38.11 -40.23
CA ARG F 385 19.47 -38.00 -41.45
C ARG F 385 19.92 -39.36 -41.96
N ARG F 386 20.26 -40.27 -41.05
CA ARG F 386 20.67 -41.62 -41.44
C ARG F 386 19.51 -42.41 -42.03
N LEU F 387 18.35 -42.32 -41.39
CA LEU F 387 17.13 -42.94 -41.90
C LEU F 387 16.80 -42.44 -43.31
N GLN F 388 17.36 -41.28 -43.66
CA GLN F 388 17.09 -40.68 -44.96
C GLN F 388 18.18 -41.02 -45.98
N GLY F 389 18.91 -42.12 -45.75
CA GLY F 389 19.98 -42.52 -46.63
C GLY F 389 19.66 -43.78 -47.42
N GLY G 29 -2.09 28.02 57.62
CA GLY G 29 -3.30 27.26 57.33
C GLY G 29 -3.88 27.56 55.96
N PHE G 30 -5.16 27.26 55.78
CA PHE G 30 -5.84 27.48 54.50
C PHE G 30 -7.16 28.21 54.66
N ASP G 31 -7.45 29.09 53.69
CA ASP G 31 -8.73 29.79 53.67
C ASP G 31 -9.86 28.83 53.31
N TYR G 32 -9.52 27.79 52.55
CA TYR G 32 -10.50 26.79 52.15
C TYR G 32 -9.88 25.40 52.15
N LEU G 33 -10.69 24.40 52.49
CA LEU G 33 -10.31 23.00 52.34
C LEU G 33 -11.35 22.33 51.45
N ILE G 34 -10.93 21.90 50.26
CA ILE G 34 -11.87 21.33 49.31
C ILE G 34 -11.71 19.82 49.15
N VAL G 35 -12.79 19.10 49.44
CA VAL G 35 -12.79 17.64 49.40
C VAL G 35 -13.36 17.15 48.07
N GLY G 36 -12.49 16.53 47.28
CA GLY G 36 -12.89 16.05 45.97
C GLY G 36 -12.40 16.96 44.86
N ALA G 37 -11.62 16.40 43.93
CA ALA G 37 -11.01 17.19 42.87
C ALA G 37 -11.72 17.04 41.53
N GLY G 38 -12.98 16.62 41.56
CA GLY G 38 -13.79 16.56 40.35
C GLY G 38 -14.09 17.95 39.83
N PHE G 39 -15.16 18.09 39.06
CA PHE G 39 -15.55 19.40 38.54
C PHE G 39 -15.96 20.33 39.67
N ALA G 40 -16.83 19.84 40.54
CA ALA G 40 -17.34 20.65 41.65
C ALA G 40 -16.21 21.34 42.40
N GLY G 41 -15.34 20.53 43.01
CA GLY G 41 -14.23 21.06 43.80
C GLY G 41 -13.21 21.85 43.00
N SER G 42 -12.86 21.35 41.81
CA SER G 42 -11.80 21.97 41.00
C SER G 42 -12.18 23.36 40.47
N VAL G 43 -13.45 23.55 40.15
CA VAL G 43 -13.91 24.85 39.70
C VAL G 43 -13.83 25.87 40.83
N LEU G 44 -14.28 25.48 42.01
CA LEU G 44 -14.22 26.38 43.18
C LEU G 44 -12.78 26.65 43.61
N ALA G 45 -11.93 25.62 43.60
CA ALA G 45 -10.53 25.81 43.95
C ALA G 45 -9.91 26.89 43.06
N GLU G 46 -10.23 26.82 41.77
CA GLU G 46 -9.73 27.77 40.80
C GLU G 46 -10.29 29.17 41.06
N ARG G 47 -11.63 29.27 41.15
CA ARG G 47 -12.26 30.56 41.40
C ARG G 47 -11.78 31.18 42.72
N LEU G 48 -11.81 30.40 43.79
CA LEU G 48 -11.37 30.88 45.10
C LEU G 48 -9.92 31.37 45.08
N ALA G 49 -9.01 30.55 44.54
CA ALA G 49 -7.60 30.89 44.53
C ALA G 49 -7.29 32.10 43.63
N SER G 50 -8.12 32.32 42.62
CA SER G 50 -7.92 33.44 41.71
C SER G 50 -8.23 34.75 42.42
N SER G 51 -9.09 34.68 43.43
CA SER G 51 -9.42 35.84 44.24
C SER G 51 -8.66 35.84 45.57
N GLY G 52 -7.42 35.37 45.52
CA GLY G 52 -6.51 35.48 46.65
C GLY G 52 -6.62 34.43 47.74
N GLN G 53 -7.62 33.56 47.66
CA GLN G 53 -7.79 32.54 48.69
C GLN G 53 -6.75 31.43 48.58
N ARG G 54 -6.26 30.96 49.73
CA ARG G 54 -5.36 29.82 49.75
C ARG G 54 -6.13 28.53 49.93
N VAL G 55 -6.09 27.69 48.90
CA VAL G 55 -6.91 26.50 48.86
C VAL G 55 -6.09 25.23 48.98
N LEU G 56 -6.58 24.30 49.79
CA LEU G 56 -6.04 22.96 49.83
C LEU G 56 -7.10 22.01 49.28
N ILE G 57 -6.89 21.53 48.05
CA ILE G 57 -7.82 20.57 47.47
C ILE G 57 -7.30 19.14 47.66
N VAL G 58 -8.21 18.25 48.04
CA VAL G 58 -7.82 16.89 48.38
C VAL G 58 -8.74 15.87 47.69
N ASP G 59 -8.26 14.64 47.56
CA ASP G 59 -9.08 13.57 46.99
C ASP G 59 -8.51 12.22 47.41
N ARG G 60 -9.40 11.28 47.74
CA ARG G 60 -8.99 9.94 48.16
C ARG G 60 -8.44 9.16 46.97
N ARG G 61 -8.90 9.52 45.77
CA ARG G 61 -8.36 8.99 44.53
C ARG G 61 -6.96 9.52 44.30
N PRO G 62 -6.15 8.79 43.51
CA PRO G 62 -4.77 9.18 43.24
C PRO G 62 -4.67 10.16 42.07
N HIS G 63 -5.81 10.61 41.55
CA HIS G 63 -5.82 11.53 40.43
C HIS G 63 -6.82 12.65 40.63
N ILE G 64 -6.75 13.67 39.78
CA ILE G 64 -7.70 14.77 39.80
C ILE G 64 -8.78 14.55 38.73
N GLY G 65 -9.75 15.44 38.68
CA GLY G 65 -10.80 15.36 37.69
C GLY G 65 -11.96 14.47 38.12
N GLY G 66 -11.76 13.73 39.20
CA GLY G 66 -12.78 12.82 39.69
C GLY G 66 -13.28 11.87 38.62
N ASN G 67 -14.59 11.87 38.40
CA ASN G 67 -15.22 11.01 37.39
C ASN G 67 -14.74 11.27 35.97
N ALA G 68 -14.34 12.50 35.70
CA ALA G 68 -14.04 12.91 34.33
C ALA G 68 -12.56 12.75 34.00
N TYR G 69 -11.81 12.12 34.90
CA TYR G 69 -10.41 11.84 34.66
C TYR G 69 -10.20 11.05 33.38
N ASP G 70 -9.17 11.40 32.62
CA ASP G 70 -8.78 10.60 31.46
C ASP G 70 -7.27 10.35 31.41
N CYS G 71 -6.87 9.30 30.72
CA CYS G 71 -5.47 8.89 30.69
C CYS G 71 -5.19 7.97 29.51
N TYR G 72 -3.91 7.78 29.21
CA TYR G 72 -3.50 6.83 28.18
C TYR G 72 -3.41 5.43 28.76
N ASP G 73 -4.04 4.47 28.08
CA ASP G 73 -4.00 3.08 28.53
C ASP G 73 -2.69 2.43 28.12
N ASP G 74 -2.53 1.16 28.49
CA ASP G 74 -1.29 0.44 28.19
C ASP G 74 -0.96 0.47 26.70
N ALA G 75 -1.95 0.79 25.86
CA ALA G 75 -1.78 0.74 24.41
C ALA G 75 -1.52 2.10 23.77
N GLY G 76 -1.56 3.16 24.57
CA GLY G 76 -1.33 4.51 24.07
C GLY G 76 -2.59 5.13 23.51
N VAL G 77 -3.73 4.65 24.00
CA VAL G 77 -5.02 5.21 23.62
C VAL G 77 -5.57 6.07 24.75
N LEU G 78 -6.18 7.20 24.40
CA LEU G 78 -6.79 8.10 25.36
C LEU G 78 -8.17 7.57 25.75
N ILE G 79 -8.34 7.19 27.02
CA ILE G 79 -9.59 6.61 27.47
C ILE G 79 -10.11 7.27 28.75
N HIS G 80 -11.41 7.11 29.01
CA HIS G 80 -12.02 7.55 30.25
C HIS G 80 -12.22 6.37 31.19
N PRO G 81 -11.32 6.21 32.17
CA PRO G 81 -11.36 5.07 33.09
C PRO G 81 -12.70 4.91 33.80
N TYR G 82 -13.49 5.97 33.87
CA TYR G 82 -14.77 5.92 34.58
C TYR G 82 -15.97 6.07 33.63
N GLY G 83 -15.79 5.61 32.39
CA GLY G 83 -16.86 5.65 31.41
C GLY G 83 -16.83 6.89 30.54
N PRO G 84 -17.65 6.89 29.47
CA PRO G 84 -17.69 7.95 28.44
C PRO G 84 -18.17 9.29 28.99
N HIS G 85 -17.31 10.29 28.91
CA HIS G 85 -17.72 11.64 29.29
C HIS G 85 -17.70 12.59 28.09
N ILE G 86 -18.87 12.80 27.50
CA ILE G 86 -19.01 13.71 26.38
C ILE G 86 -19.51 15.06 26.90
N PHE G 87 -18.70 16.10 26.75
CA PHE G 87 -19.10 17.42 27.23
C PHE G 87 -20.11 18.08 26.31
N HIS G 88 -21.06 18.79 26.90
CA HIS G 88 -22.10 19.47 26.16
C HIS G 88 -22.84 20.44 27.06
N THR G 89 -23.21 21.60 26.50
CA THR G 89 -23.94 22.59 27.28
C THR G 89 -24.67 23.57 26.39
N ASN G 90 -25.73 24.16 26.93
CA ASN G 90 -26.42 25.23 26.26
C ASN G 90 -25.95 26.59 26.81
N SER G 91 -25.19 26.53 27.90
CA SER G 91 -24.74 27.73 28.59
C SER G 91 -23.46 28.31 27.99
N LYS G 92 -23.59 29.49 27.38
CA LYS G 92 -22.42 30.20 26.85
C LYS G 92 -21.44 30.52 27.98
N ASP G 93 -21.99 30.91 29.12
CA ASP G 93 -21.20 31.18 30.33
C ASP G 93 -20.27 30.04 30.68
N VAL G 94 -20.83 28.83 30.76
CA VAL G 94 -20.07 27.66 31.14
C VAL G 94 -19.00 27.31 30.10
N PHE G 95 -19.39 27.32 28.83
CA PHE G 95 -18.45 26.94 27.78
C PHE G 95 -17.23 27.86 27.77
N GLU G 96 -17.47 29.16 27.92
CA GLU G 96 -16.39 30.13 27.89
C GLU G 96 -15.50 30.05 29.13
N TYR G 97 -16.09 29.74 30.28
CA TYR G 97 -15.29 29.50 31.47
C TYR G 97 -14.30 28.36 31.23
N LEU G 98 -14.82 27.20 30.88
CA LEU G 98 -13.98 26.04 30.57
C LEU G 98 -13.01 26.33 29.43
N SER G 99 -13.42 27.22 28.52
CA SER G 99 -12.57 27.56 27.37
C SER G 99 -11.27 28.22 27.80
N ARG G 100 -11.17 28.57 29.08
CA ARG G 100 -9.99 29.24 29.60
C ARG G 100 -8.88 28.26 29.98
N PHE G 101 -9.20 26.97 29.98
CA PHE G 101 -8.25 25.98 30.46
C PHE G 101 -8.05 24.84 29.46
N THR G 102 -8.64 24.99 28.28
CA THR G 102 -8.51 24.00 27.23
C THR G 102 -9.04 24.49 25.89
N GLU G 103 -8.44 23.99 24.82
CA GLU G 103 -8.99 24.20 23.49
C GLU G 103 -10.03 23.13 23.25
N TRP G 104 -10.67 23.17 22.09
CA TRP G 104 -11.79 22.26 21.85
C TRP G 104 -11.71 21.48 20.54
N ARG G 105 -12.31 20.29 20.56
CA ARG G 105 -12.51 19.50 19.36
C ARG G 105 -14.00 19.33 19.18
N PRO G 106 -14.57 19.97 18.15
CA PRO G 106 -16.01 19.88 17.90
C PRO G 106 -16.47 18.43 17.81
N TYR G 107 -17.56 18.09 18.48
CA TYR G 107 -18.02 16.71 18.51
C TYR G 107 -19.48 16.62 18.91
N GLN G 108 -20.28 15.92 18.11
CA GLN G 108 -21.68 15.69 18.43
C GLN G 108 -21.95 14.19 18.58
N HIS G 109 -21.99 13.74 19.83
CA HIS G 109 -22.17 12.34 20.18
C HIS G 109 -23.42 11.74 19.53
N ARG G 110 -23.27 10.53 19.00
CA ARG G 110 -24.38 9.79 18.41
C ARG G 110 -24.43 8.37 18.96
N VAL G 111 -25.62 7.93 19.36
CA VAL G 111 -25.79 6.62 19.98
C VAL G 111 -26.79 5.74 19.23
N LEU G 112 -26.37 4.53 18.87
CA LEU G 112 -27.29 3.55 18.31
C LEU G 112 -27.77 2.58 19.39
N ALA G 113 -29.04 2.19 19.30
CA ALA G 113 -29.61 1.25 20.24
C ALA G 113 -29.87 -0.09 19.56
N SER G 114 -29.29 -1.16 20.09
CA SER G 114 -29.49 -2.49 19.57
C SER G 114 -30.90 -2.97 19.91
N VAL G 115 -31.77 -3.01 18.91
CA VAL G 115 -33.16 -3.41 19.08
C VAL G 115 -33.65 -4.26 17.91
N ASP G 116 -34.25 -5.40 18.20
CA ASP G 116 -34.71 -6.32 17.17
C ASP G 116 -33.58 -6.58 16.18
N GLY G 117 -32.37 -6.70 16.72
CA GLY G 117 -31.21 -7.00 15.92
C GLY G 117 -30.81 -5.93 14.91
N GLN G 118 -31.22 -4.70 15.17
CA GLN G 118 -30.79 -3.57 14.34
C GLN G 118 -30.20 -2.47 15.21
N LEU G 119 -29.40 -1.61 14.60
CA LEU G 119 -28.85 -0.45 15.30
C LEU G 119 -29.66 0.77 14.93
N LEU G 120 -30.55 1.19 15.83
CA LEU G 120 -31.46 2.30 15.57
C LEU G 120 -31.10 3.54 16.37
N PRO G 121 -31.45 4.72 15.82
CA PRO G 121 -31.22 6.01 16.48
C PRO G 121 -31.93 6.11 17.83
N ILE G 122 -31.19 6.54 18.84
CA ILE G 122 -31.77 6.89 20.13
C ILE G 122 -31.10 8.19 20.56
N PRO G 123 -31.89 9.23 20.89
CA PRO G 123 -33.34 9.36 20.99
C PRO G 123 -34.15 8.82 19.80
N ILE G 124 -35.28 8.20 20.11
CA ILE G 124 -36.24 7.74 19.11
C ILE G 124 -36.67 8.90 18.21
N ASN G 125 -36.58 8.69 16.90
CA ASN G 125 -36.98 9.72 15.94
C ASN G 125 -37.62 9.12 14.70
N LEU G 126 -37.92 9.96 13.73
CA LEU G 126 -38.63 9.52 12.53
C LEU G 126 -38.03 8.23 11.96
N ASP G 127 -36.70 8.21 11.83
CA ASP G 127 -36.02 7.07 11.22
C ASP G 127 -36.07 5.81 12.10
N THR G 128 -36.15 6.00 13.41
CA THR G 128 -36.25 4.87 14.31
C THR G 128 -37.57 4.13 14.09
N VAL G 129 -38.66 4.90 13.97
CA VAL G 129 -39.97 4.31 13.76
C VAL G 129 -40.06 3.67 12.39
N ASN G 130 -39.60 4.40 11.38
CA ASN G 130 -39.65 3.91 10.01
C ASN G 130 -38.86 2.61 9.85
N ARG G 131 -37.66 2.57 10.44
CA ARG G 131 -36.78 1.42 10.30
C ARG G 131 -37.22 0.25 11.17
N LEU G 132 -37.82 0.56 12.32
CA LEU G 132 -38.26 -0.47 13.24
C LEU G 132 -39.44 -1.25 12.68
N TYR G 133 -40.44 -0.52 12.21
CA TYR G 133 -41.71 -1.12 11.79
C TYR G 133 -41.86 -1.25 10.27
N GLY G 134 -40.84 -0.82 9.53
CA GLY G 134 -40.91 -0.86 8.08
C GLY G 134 -41.88 0.16 7.52
N LEU G 135 -41.97 1.31 8.18
CA LEU G 135 -42.86 2.38 7.73
C LEU G 135 -42.14 3.40 6.87
N ASN G 136 -42.92 4.23 6.17
CA ASN G 136 -42.39 5.35 5.41
C ASN G 136 -43.09 6.63 5.80
N LEU G 137 -43.26 6.84 7.10
CA LEU G 137 -43.92 8.02 7.61
C LEU G 137 -43.07 9.28 7.42
N THR G 138 -43.74 10.40 7.22
CA THR G 138 -43.06 11.69 7.21
C THR G 138 -43.03 12.22 8.63
N SER G 139 -42.30 13.30 8.85
CA SER G 139 -42.27 13.90 10.18
C SER G 139 -43.67 14.24 10.66
N PHE G 140 -44.50 14.74 9.75
CA PHE G 140 -45.86 15.14 10.10
C PHE G 140 -46.73 13.96 10.52
N GLN G 141 -46.54 12.83 9.85
CA GLN G 141 -47.35 11.64 10.13
C GLN G 141 -46.95 10.94 11.42
N VAL G 142 -45.65 10.84 11.67
CA VAL G 142 -45.18 10.14 12.86
C VAL G 142 -45.68 10.85 14.11
N GLU G 143 -46.10 12.09 13.95
CA GLU G 143 -46.69 12.83 15.05
C GLU G 143 -48.08 12.29 15.35
N GLU G 144 -48.86 12.06 14.30
CA GLU G 144 -50.17 11.45 14.44
C GLU G 144 -50.03 9.98 14.88
N PHE G 145 -48.95 9.34 14.46
CA PHE G 145 -48.66 7.97 14.89
C PHE G 145 -48.42 7.93 16.41
N PHE G 146 -47.47 8.71 16.89
CA PHE G 146 -47.20 8.76 18.32
C PHE G 146 -48.45 9.12 19.11
N ALA G 147 -49.27 9.99 18.53
CA ALA G 147 -50.51 10.42 19.18
C ALA G 147 -51.53 9.28 19.22
N SER G 148 -51.43 8.37 18.26
CA SER G 148 -52.41 7.29 18.15
C SER G 148 -52.04 6.04 18.96
N VAL G 149 -50.85 6.02 19.51
CA VAL G 149 -50.40 4.86 20.28
C VAL G 149 -50.03 5.25 21.70
N ALA G 150 -49.98 6.55 21.97
CA ALA G 150 -49.64 7.03 23.31
C ALA G 150 -50.72 6.67 24.30
N GLU G 151 -50.31 6.32 25.51
CA GLU G 151 -51.25 6.07 26.59
C GLU G 151 -51.45 7.35 27.39
N LYS G 152 -52.66 7.88 27.37
CA LYS G 152 -52.94 9.09 28.15
C LYS G 152 -52.68 8.89 29.63
N VAL G 153 -52.02 9.87 30.23
CA VAL G 153 -51.69 9.84 31.65
C VAL G 153 -52.18 11.10 32.33
N GLU G 154 -53.01 10.93 33.35
CA GLU G 154 -53.58 12.04 34.10
C GLU G 154 -52.47 13.01 34.51
N GLN G 155 -51.61 12.57 35.41
CA GLN G 155 -50.45 13.36 35.80
C GLN G 155 -49.17 12.53 35.67
N VAL G 156 -48.21 13.07 34.90
CA VAL G 156 -46.95 12.40 34.64
C VAL G 156 -46.04 12.44 35.86
N ARG G 157 -45.83 11.29 36.49
CA ARG G 157 -45.00 11.22 37.69
C ARG G 157 -43.77 10.33 37.54
N THR G 158 -43.96 9.19 36.87
CA THR G 158 -42.91 8.19 36.80
C THR G 158 -42.18 8.19 35.46
N SER G 159 -41.06 7.49 35.40
CA SER G 159 -40.31 7.37 34.16
C SER G 159 -41.07 6.49 33.17
N GLU G 160 -42.04 5.74 33.68
CA GLU G 160 -42.95 5.01 32.82
C GLU G 160 -43.91 6.01 32.18
N ASP G 161 -44.40 6.95 32.98
CA ASP G 161 -45.38 7.93 32.54
C ASP G 161 -44.87 8.79 31.38
N VAL G 162 -43.65 9.29 31.50
CA VAL G 162 -43.07 10.14 30.47
C VAL G 162 -43.00 9.45 29.11
N VAL G 163 -42.38 8.29 29.06
CA VAL G 163 -42.20 7.60 27.79
C VAL G 163 -43.52 7.09 27.23
N VAL G 164 -44.29 6.41 28.07
CA VAL G 164 -45.53 5.79 27.65
C VAL G 164 -46.55 6.78 27.11
N SER G 165 -46.56 7.98 27.67
CA SER G 165 -47.54 8.99 27.31
C SER G 165 -47.16 9.74 26.03
N LYS G 166 -45.97 9.44 25.51
CA LYS G 166 -45.48 10.09 24.30
C LYS G 166 -45.44 9.16 23.09
N VAL G 167 -44.78 8.01 23.25
CA VAL G 167 -44.55 7.11 22.12
C VAL G 167 -45.17 5.72 22.29
N GLY G 168 -46.00 5.58 23.32
CA GLY G 168 -46.76 4.36 23.50
C GLY G 168 -46.04 3.24 24.24
N ARG G 169 -46.78 2.18 24.50
CA ARG G 169 -46.30 1.05 25.29
C ARG G 169 -45.23 0.23 24.57
N ASP G 170 -45.44 0.00 23.28
CA ASP G 170 -44.54 -0.86 22.50
C ASP G 170 -43.13 -0.29 22.43
N LEU G 171 -43.00 0.93 21.94
CA LEU G 171 -41.70 1.59 21.86
C LEU G 171 -41.09 1.77 23.24
N TYR G 172 -41.93 1.96 24.24
CA TYR G 172 -41.50 2.03 25.62
C TYR G 172 -40.81 0.74 26.05
N ASN G 173 -41.42 -0.39 25.70
CA ASN G 173 -40.88 -1.70 26.06
C ASN G 173 -39.54 -1.99 25.38
N LYS G 174 -39.45 -1.63 24.10
CA LYS G 174 -38.29 -1.98 23.29
C LYS G 174 -37.04 -1.14 23.56
N PHE G 175 -37.24 0.15 23.83
CA PHE G 175 -36.11 1.06 24.01
C PHE G 175 -35.86 1.48 25.46
N PHE G 176 -36.89 1.40 26.30
CA PHE G 176 -36.80 1.95 27.66
C PHE G 176 -36.91 0.95 28.83
N ARG G 177 -37.96 0.13 28.84
CA ARG G 177 -38.21 -0.71 30.00
C ARG G 177 -37.00 -1.56 30.38
N GLY G 178 -36.50 -2.35 29.43
CA GLY G 178 -35.35 -3.19 29.68
C GLY G 178 -34.11 -2.44 30.13
N TYR G 179 -33.78 -1.35 29.46
CA TYR G 179 -32.57 -0.59 29.77
C TYR G 179 -32.63 -0.06 31.20
N THR G 180 -33.75 0.58 31.54
CA THR G 180 -33.95 1.14 32.87
C THR G 180 -33.81 0.06 33.94
N ARG G 181 -34.54 -1.03 33.78
CA ARG G 181 -34.50 -2.13 34.74
C ARG G 181 -33.09 -2.65 34.97
N LYS G 182 -32.27 -2.65 33.93
CA LYS G 182 -30.91 -3.13 34.04
C LYS G 182 -29.98 -2.11 34.70
N GLN G 183 -30.11 -0.85 34.30
CA GLN G 183 -29.22 0.21 34.80
C GLN G 183 -29.48 0.52 36.27
N TRP G 184 -30.74 0.54 36.66
CA TRP G 184 -31.12 0.98 38.00
C TRP G 184 -31.47 -0.16 38.94
N GLY G 185 -31.92 -1.28 38.38
CA GLY G 185 -32.45 -2.37 39.18
C GLY G 185 -33.84 -2.00 39.64
N LEU G 186 -34.44 -1.04 38.95
CA LEU G 186 -35.78 -0.58 39.24
C LEU G 186 -36.60 -0.51 37.96
N ASP G 187 -37.91 -0.60 38.08
CA ASP G 187 -38.79 -0.38 36.96
C ASP G 187 -38.98 1.12 36.75
N PRO G 188 -39.16 1.55 35.49
CA PRO G 188 -39.40 2.96 35.15
C PRO G 188 -40.52 3.58 35.98
N SER G 189 -41.51 2.77 36.36
CA SER G 189 -42.62 3.28 37.17
C SER G 189 -42.16 3.55 38.60
N GLU G 190 -41.07 2.91 39.00
CA GLU G 190 -40.52 3.11 40.34
C GLU G 190 -39.46 4.20 40.35
N LEU G 191 -39.39 4.98 39.27
CA LEU G 191 -38.41 6.04 39.15
C LEU G 191 -39.05 7.38 38.84
N ASP G 192 -38.42 8.44 39.32
CA ASP G 192 -38.88 9.79 39.05
C ASP G 192 -38.91 10.05 37.55
N ALA G 193 -39.94 10.76 37.09
CA ALA G 193 -40.13 11.03 35.67
C ALA G 193 -38.94 11.75 35.03
N SER G 194 -38.11 12.36 35.87
CA SER G 194 -36.99 13.16 35.42
C SER G 194 -35.91 12.30 34.76
N VAL G 195 -35.82 11.05 35.18
CA VAL G 195 -34.77 10.14 34.71
C VAL G 195 -34.86 9.87 33.20
N THR G 196 -35.90 9.16 32.76
CA THR G 196 -36.02 8.83 31.35
C THR G 196 -36.42 10.04 30.53
N ALA G 197 -36.83 11.10 31.21
CA ALA G 197 -37.15 12.35 30.53
C ALA G 197 -35.88 12.97 29.93
N ARG G 198 -34.73 12.53 30.44
CA ARG G 198 -33.44 12.99 29.93
C ARG G 198 -33.28 12.65 28.46
N VAL G 199 -33.95 11.59 28.02
CA VAL G 199 -33.86 11.17 26.63
C VAL G 199 -35.16 11.50 25.90
N PRO G 200 -35.14 12.59 25.12
CA PRO G 200 -36.33 13.10 24.44
C PRO G 200 -36.78 12.16 23.33
N THR G 201 -38.08 12.18 23.01
CA THR G 201 -38.57 11.53 21.81
C THR G 201 -38.77 12.63 20.76
N ARG G 202 -38.39 12.33 19.52
CA ARG G 202 -38.42 13.34 18.47
C ARG G 202 -39.29 12.91 17.30
N THR G 203 -39.67 13.87 16.46
CA THR G 203 -40.44 13.58 15.26
C THR G 203 -39.64 13.96 14.02
N ASN G 204 -38.52 14.66 14.25
CA ASN G 204 -37.61 15.03 13.18
C ASN G 204 -36.64 13.89 12.92
N ARG G 205 -35.54 14.18 12.21
CA ARG G 205 -34.57 13.15 11.90
C ARG G 205 -33.24 13.35 12.63
N ASP G 206 -33.22 14.28 13.58
CA ASP G 206 -32.03 14.52 14.37
C ASP G 206 -31.60 13.23 15.09
N ASN G 207 -30.33 12.85 14.92
CA ASN G 207 -29.81 11.65 15.55
C ASN G 207 -28.73 11.93 16.60
N ARG G 208 -28.46 13.21 16.85
CA ARG G 208 -27.52 13.59 17.90
C ARG G 208 -28.09 13.22 19.26
N TYR G 209 -27.23 12.80 20.18
CA TYR G 209 -27.72 12.45 21.49
C TYR G 209 -28.19 13.71 22.19
N PHE G 210 -27.53 14.83 21.88
CA PHE G 210 -27.87 16.12 22.46
C PHE G 210 -28.14 17.16 21.37
N ALA G 211 -29.03 18.10 21.68
CA ALA G 211 -29.32 19.21 20.77
C ALA G 211 -28.70 20.51 21.28
N ASP G 212 -27.80 20.37 22.25
CA ASP G 212 -27.16 21.52 22.88
C ASP G 212 -26.46 22.44 21.89
N THR G 213 -26.31 23.70 22.27
CA THR G 213 -25.63 24.68 21.44
C THR G 213 -24.13 24.37 21.33
N TYR G 214 -23.49 24.09 22.46
CA TYR G 214 -22.06 23.86 22.48
C TYR G 214 -21.72 22.40 22.80
N GLN G 215 -21.14 21.71 21.81
CA GLN G 215 -20.77 20.32 21.96
C GLN G 215 -19.34 20.11 21.49
N ALA G 216 -18.43 19.88 22.43
CA ALA G 216 -17.03 19.66 22.10
C ALA G 216 -16.30 18.98 23.23
N MET G 217 -15.19 18.33 22.91
CA MET G 217 -14.34 17.71 23.89
C MET G 217 -13.09 18.54 24.12
N PRO G 218 -12.61 18.57 25.37
CA PRO G 218 -11.32 19.20 25.67
C PRO G 218 -10.26 18.64 24.74
N LEU G 219 -9.73 19.49 23.87
CA LEU G 219 -8.82 19.07 22.80
C LEU G 219 -7.79 18.03 23.21
N HIS G 220 -7.18 18.20 24.39
CA HIS G 220 -6.14 17.27 24.82
C HIS G 220 -6.56 16.47 26.05
N GLY G 221 -7.87 16.40 26.29
CA GLY G 221 -8.38 15.59 27.38
C GLY G 221 -8.79 16.40 28.59
N TYR G 222 -9.61 15.79 29.44
CA TYR G 222 -10.09 16.45 30.66
C TYR G 222 -8.95 16.73 31.62
N THR G 223 -8.13 15.71 31.87
CA THR G 223 -7.04 15.83 32.83
C THR G 223 -6.15 17.03 32.59
N ARG G 224 -5.83 17.30 31.32
CA ARG G 224 -5.04 18.48 30.99
C ARG G 224 -5.80 19.74 31.38
N MET G 225 -7.10 19.73 31.15
CA MET G 225 -7.94 20.87 31.47
C MET G 225 -7.97 21.11 32.98
N PHE G 226 -8.06 20.03 33.75
CA PHE G 226 -8.06 20.15 35.19
C PHE G 226 -6.70 20.64 35.69
N GLN G 227 -5.63 20.11 35.10
CA GLN G 227 -4.27 20.54 35.45
C GLN G 227 -4.07 22.04 35.29
N ASN G 228 -4.68 22.61 34.26
CA ASN G 228 -4.65 24.05 34.06
C ASN G 228 -5.55 24.77 35.05
N MET G 229 -6.64 24.09 35.42
CA MET G 229 -7.62 24.65 36.34
C MET G 229 -7.08 24.73 37.76
N LEU G 230 -6.10 23.87 38.07
CA LEU G 230 -5.53 23.80 39.41
C LEU G 230 -4.08 24.28 39.44
N SER G 231 -3.69 25.07 38.45
CA SER G 231 -2.30 25.49 38.31
C SER G 231 -1.89 26.53 39.35
N SER G 232 -2.84 27.39 39.73
CA SER G 232 -2.58 28.50 40.64
C SER G 232 -1.67 28.12 41.81
N PRO G 233 -0.74 29.03 42.16
CA PRO G 233 0.17 28.85 43.30
C PRO G 233 -0.59 28.87 44.62
N ASN G 234 -1.84 29.34 44.58
CA ASN G 234 -2.67 29.36 45.78
C ASN G 234 -3.39 28.05 46.00
N ILE G 235 -3.26 27.13 45.04
CA ILE G 235 -3.87 25.81 45.17
C ILE G 235 -2.84 24.72 45.42
N LYS G 236 -2.88 24.14 46.62
CA LYS G 236 -2.09 22.97 46.95
C LYS G 236 -2.96 21.76 46.64
N VAL G 237 -2.33 20.68 46.21
CA VAL G 237 -3.09 19.48 45.84
C VAL G 237 -2.67 18.27 46.66
N MET G 238 -3.66 17.60 47.23
CA MET G 238 -3.41 16.41 48.01
C MET G 238 -4.17 15.22 47.43
N LEU G 239 -3.43 14.15 47.16
CA LEU G 239 -4.02 12.96 46.54
C LEU G 239 -3.82 11.73 47.41
N ASN G 240 -4.68 10.74 47.20
CA ASN G 240 -4.66 9.50 47.99
C ASN G 240 -4.95 9.81 49.45
N THR G 241 -5.89 10.73 49.68
CA THR G 241 -6.12 11.27 51.00
C THR G 241 -7.60 11.54 51.29
N ASP G 242 -8.18 10.73 52.18
CA ASP G 242 -9.52 11.00 52.69
C ASP G 242 -9.45 12.23 53.59
N TYR G 243 -10.36 13.19 53.38
CA TYR G 243 -10.32 14.45 54.10
C TYR G 243 -10.26 14.25 55.61
N ARG G 244 -10.85 13.15 56.07
CA ARG G 244 -10.89 12.85 57.49
C ARG G 244 -9.51 12.51 58.05
N GLU G 245 -8.57 12.14 57.16
CA GLU G 245 -7.23 11.76 57.59
C GLU G 245 -6.38 12.97 57.95
N ILE G 246 -6.81 14.15 57.51
CA ILE G 246 -6.02 15.36 57.70
C ILE G 246 -6.77 16.47 58.42
N ALA G 247 -8.09 16.37 58.46
CA ALA G 247 -8.95 17.42 58.99
C ALA G 247 -8.61 17.83 60.42
N ASP G 248 -8.12 16.88 61.21
CA ASP G 248 -7.88 17.12 62.63
C ASP G 248 -6.69 18.03 62.91
N PHE G 249 -5.69 18.01 62.03
CA PHE G 249 -4.46 18.75 62.29
C PHE G 249 -4.05 19.73 61.17
N ILE G 250 -4.94 19.96 60.22
CA ILE G 250 -4.68 20.96 59.19
C ILE G 250 -5.65 22.13 59.31
N PRO G 251 -5.12 23.33 59.50
CA PRO G 251 -5.91 24.55 59.74
C PRO G 251 -6.64 25.01 58.49
N PHE G 252 -7.95 25.18 58.59
CA PHE G 252 -8.75 25.72 57.49
C PHE G 252 -10.00 26.42 58.00
N GLN G 253 -10.31 27.57 57.43
CA GLN G 253 -11.45 28.38 57.86
C GLN G 253 -12.76 27.79 57.38
N HIS G 254 -12.83 27.44 56.10
CA HIS G 254 -14.05 26.91 55.51
C HIS G 254 -13.75 25.61 54.76
N MET G 255 -14.77 24.76 54.62
CA MET G 255 -14.64 23.52 53.88
C MET G 255 -15.66 23.45 52.74
N ILE G 256 -15.23 22.87 51.63
CA ILE G 256 -16.14 22.60 50.52
C ILE G 256 -16.13 21.10 50.28
N TYR G 257 -17.30 20.47 50.39
CA TYR G 257 -17.41 19.02 50.29
C TYR G 257 -18.21 18.62 49.07
N THR G 258 -17.68 17.67 48.29
CA THR G 258 -18.33 17.22 47.07
C THR G 258 -18.52 15.70 47.04
N GLY G 259 -18.23 15.04 48.16
CA GLY G 259 -18.48 13.61 48.28
C GLY G 259 -19.96 13.36 48.45
N PRO G 260 -20.35 12.13 48.80
CA PRO G 260 -21.75 11.82 49.03
C PRO G 260 -22.20 12.37 50.38
N VAL G 261 -23.41 12.94 50.46
CA VAL G 261 -23.91 13.50 51.71
C VAL G 261 -23.96 12.47 52.84
N ASP G 262 -24.53 11.31 52.57
CA ASP G 262 -24.77 10.33 53.62
C ASP G 262 -23.49 9.91 54.34
N ALA G 263 -22.39 9.82 53.60
CA ALA G 263 -21.12 9.36 54.17
C ALA G 263 -20.53 10.43 55.09
N PHE G 264 -20.81 11.68 54.78
CA PHE G 264 -20.29 12.80 55.56
C PHE G 264 -20.87 12.74 56.96
N PHE G 265 -22.12 12.30 57.06
CA PHE G 265 -22.84 12.25 58.33
C PHE G 265 -22.96 10.82 58.88
N ASP G 266 -21.92 10.01 58.65
CA ASP G 266 -21.85 8.66 59.18
C ASP G 266 -23.12 7.83 58.94
N PHE G 267 -23.86 8.19 57.91
CA PHE G 267 -25.07 7.46 57.52
C PHE G 267 -26.09 7.46 58.64
N CYS G 268 -26.14 8.57 59.36
CA CYS G 268 -26.98 8.67 60.55
C CYS G 268 -28.46 8.40 60.28
N TYR G 269 -28.85 8.47 59.00
CA TYR G 269 -30.24 8.22 58.63
C TYR G 269 -30.38 6.99 57.75
N GLY G 270 -29.32 6.21 57.65
CA GLY G 270 -29.31 5.05 56.76
C GLY G 270 -28.72 5.38 55.41
N LYS G 271 -28.28 4.36 54.69
CA LYS G 271 -27.59 4.54 53.41
C LYS G 271 -28.44 5.27 52.37
N LEU G 272 -27.97 6.43 51.93
CA LEU G 272 -28.61 7.14 50.83
C LEU G 272 -28.27 6.39 49.55
N PRO G 273 -29.29 5.92 48.82
CA PRO G 273 -29.06 5.09 47.63
C PRO G 273 -28.25 5.77 46.54
N TYR G 274 -27.14 5.15 46.15
CA TYR G 274 -26.38 5.56 44.97
C TYR G 274 -26.16 4.37 44.06
N ARG G 275 -26.45 4.53 42.77
CA ARG G 275 -26.18 3.46 41.81
C ARG G 275 -24.71 3.51 41.40
N SER G 276 -24.08 2.34 41.34
CA SER G 276 -22.68 2.25 40.93
C SER G 276 -22.55 1.56 39.56
N LEU G 277 -21.32 1.44 39.10
CA LEU G 277 -21.03 0.74 37.85
C LEU G 277 -19.76 -0.09 37.98
N GLU G 278 -19.59 -1.05 37.08
CA GLU G 278 -18.32 -1.74 36.90
C GLU G 278 -17.89 -1.60 35.44
N PHE G 279 -16.63 -1.25 35.22
CA PHE G 279 -16.13 -1.03 33.87
C PHE G 279 -15.18 -2.15 33.46
N ARG G 280 -15.37 -2.66 32.25
CA ARG G 280 -14.40 -3.57 31.65
C ARG G 280 -13.85 -2.97 30.36
N HIS G 281 -12.59 -2.57 30.41
CA HIS G 281 -11.93 -1.96 29.25
C HIS G 281 -11.25 -3.02 28.40
N GLU G 282 -11.37 -2.88 27.09
CA GLU G 282 -10.72 -3.78 26.15
C GLU G 282 -10.01 -2.99 25.05
N THR G 283 -8.94 -3.56 24.52
CA THR G 283 -8.20 -2.94 23.44
C THR G 283 -8.08 -3.92 22.28
N HIS G 284 -8.71 -3.58 21.15
CA HIS G 284 -8.72 -4.46 19.99
C HIS G 284 -7.65 -4.07 18.97
N ASP G 285 -7.16 -5.04 18.21
CA ASP G 285 -6.15 -4.80 17.20
C ASP G 285 -6.80 -4.42 15.88
N THR G 286 -7.50 -3.28 15.88
CA THR G 286 -8.16 -2.74 14.70
C THR G 286 -8.36 -1.24 14.91
N GLU G 287 -8.52 -0.49 13.82
CA GLU G 287 -8.69 0.95 13.92
C GLU G 287 -10.09 1.35 14.43
N GLN G 288 -11.11 0.61 14.01
CA GLN G 288 -12.47 0.97 14.37
C GLN G 288 -13.34 -0.25 14.67
N LEU G 289 -13.95 -0.27 15.85
CA LEU G 289 -14.79 -1.38 16.27
C LEU G 289 -16.28 -1.10 16.09
N LEU G 290 -16.71 0.07 16.56
CA LEU G 290 -18.12 0.45 16.52
C LEU G 290 -18.44 1.41 15.38
N PRO G 291 -19.72 1.49 14.99
CA PRO G 291 -20.20 2.41 13.96
C PRO G 291 -20.24 3.85 14.46
N THR G 292 -20.58 4.03 15.73
CA THR G 292 -20.55 5.35 16.37
C THR G 292 -19.79 5.27 17.69
N GLY G 293 -19.94 6.29 18.52
CA GLY G 293 -19.24 6.37 19.79
C GLY G 293 -19.77 5.43 20.84
N THR G 294 -21.09 5.24 20.86
CA THR G 294 -21.73 4.41 21.88
C THR G 294 -22.91 3.61 21.35
N VAL G 295 -22.91 2.31 21.63
CA VAL G 295 -24.03 1.46 21.30
C VAL G 295 -24.73 1.02 22.57
N ASN G 296 -26.04 1.25 22.63
CA ASN G 296 -26.85 0.86 23.78
C ASN G 296 -27.51 -0.50 23.61
N TYR G 297 -27.70 -1.21 24.71
CA TYR G 297 -28.31 -2.54 24.67
C TYR G 297 -29.46 -2.64 25.67
N PRO G 298 -30.63 -2.11 25.29
CA PRO G 298 -31.82 -2.13 26.13
C PRO G 298 -32.28 -3.55 26.49
N ASN G 299 -32.08 -4.49 25.60
CA ASN G 299 -32.65 -5.79 25.79
C ASN G 299 -31.69 -6.94 25.77
N ASP G 300 -30.39 -6.67 25.69
CA ASP G 300 -29.42 -7.74 25.61
C ASP G 300 -28.22 -7.55 26.51
N TYR G 301 -27.56 -8.64 26.83
CA TYR G 301 -26.30 -8.59 27.53
C TYR G 301 -26.41 -8.06 28.92
N ALA G 302 -25.37 -8.24 29.71
CA ALA G 302 -25.36 -7.80 31.08
C ALA G 302 -25.10 -6.31 31.21
N TYR G 303 -24.24 -5.80 30.35
CA TYR G 303 -23.87 -4.40 30.32
C TYR G 303 -24.93 -3.54 29.63
N THR G 304 -24.97 -2.26 29.98
CA THR G 304 -25.93 -1.33 29.39
C THR G 304 -25.49 -0.83 28.01
N ARG G 305 -24.19 -0.78 27.78
CA ARG G 305 -23.68 -0.19 26.55
C ARG G 305 -22.17 -0.37 26.38
N VAL G 306 -21.71 -0.16 25.16
CA VAL G 306 -20.28 -0.15 24.85
C VAL G 306 -19.93 1.20 24.23
N SER G 307 -18.72 1.68 24.52
CA SER G 307 -18.27 2.94 23.94
C SER G 307 -16.85 2.83 23.40
N GLU G 308 -16.61 3.49 22.27
CA GLU G 308 -15.28 3.51 21.64
C GLU G 308 -14.70 4.93 21.66
N PHE G 309 -13.65 5.12 22.44
CA PHE G 309 -13.12 6.45 22.75
C PHE G 309 -12.59 7.25 21.56
N LYS G 310 -11.97 6.58 20.60
CA LYS G 310 -11.44 7.27 19.42
C LYS G 310 -12.54 8.09 18.75
N HIS G 311 -13.77 7.57 18.75
CA HIS G 311 -14.90 8.32 18.21
C HIS G 311 -15.04 9.63 18.97
N ILE G 312 -14.86 9.53 20.28
CA ILE G 312 -15.10 10.63 21.21
C ILE G 312 -13.94 11.63 21.23
N THR G 313 -12.72 11.12 21.42
CA THR G 313 -11.55 11.99 21.46
C THR G 313 -11.14 12.45 20.07
N GLY G 314 -11.16 11.55 19.11
CA GLY G 314 -10.72 11.85 17.76
C GLY G 314 -9.28 11.42 17.54
N GLN G 315 -8.71 10.75 18.55
CA GLN G 315 -7.34 10.28 18.46
C GLN G 315 -7.15 9.34 17.28
N ARG G 316 -6.05 9.52 16.57
CA ARG G 316 -5.66 8.58 15.52
C ARG G 316 -4.69 7.55 16.07
N HIS G 317 -5.08 6.28 16.00
CA HIS G 317 -4.26 5.21 16.57
C HIS G 317 -4.41 3.96 15.70
N HIS G 318 -3.47 3.04 15.81
CA HIS G 318 -3.52 1.85 14.97
C HIS G 318 -4.33 0.74 15.63
N GLN G 319 -4.57 0.89 16.93
CA GLN G 319 -5.46 0.01 17.66
C GLN G 319 -6.67 0.82 18.14
N THR G 320 -7.44 0.26 19.06
CA THR G 320 -8.59 0.97 19.60
C THR G 320 -9.07 0.38 20.93
N SER G 321 -9.49 1.25 21.84
CA SER G 321 -9.96 0.80 23.15
C SER G 321 -11.42 1.18 23.39
N VAL G 322 -12.16 0.26 23.98
CA VAL G 322 -13.58 0.47 24.28
C VAL G 322 -13.85 0.16 25.75
N VAL G 323 -15.09 0.34 26.17
CA VAL G 323 -15.47 0.02 27.55
C VAL G 323 -16.93 -0.42 27.67
N TYR G 324 -17.15 -1.47 28.45
CA TYR G 324 -18.49 -1.98 28.72
C TYR G 324 -18.87 -1.62 30.15
N GLU G 325 -20.10 -1.15 30.35
CA GLU G 325 -20.54 -0.75 31.68
C GLU G 325 -21.57 -1.72 32.26
N TYR G 326 -21.25 -2.29 33.42
CA TYR G 326 -22.21 -3.13 34.13
C TYR G 326 -22.75 -2.41 35.34
N PRO G 327 -24.07 -2.17 35.36
CA PRO G 327 -24.68 -1.57 36.55
C PRO G 327 -24.35 -2.41 37.78
N ARG G 328 -24.10 -1.76 38.91
CA ARG G 328 -23.81 -2.45 40.16
C ARG G 328 -24.55 -1.79 41.32
N ALA G 329 -24.93 -2.60 42.31
CA ALA G 329 -25.61 -2.10 43.50
C ALA G 329 -24.57 -1.63 44.52
N GLU G 330 -23.47 -2.35 44.61
CA GLU G 330 -22.36 -1.95 45.46
C GLU G 330 -21.19 -1.42 44.63
N GLY G 331 -20.50 -0.41 45.16
CA GLY G 331 -19.39 0.21 44.47
C GLY G 331 -19.33 1.69 44.79
N ASP G 332 -18.43 2.40 44.12
CA ASP G 332 -18.35 3.85 44.30
C ASP G 332 -19.60 4.54 43.74
N PRO G 333 -20.09 5.58 44.44
CA PRO G 333 -21.32 6.29 44.04
C PRO G 333 -21.17 7.03 42.71
N TYR G 334 -22.04 6.74 41.75
CA TYR G 334 -22.02 7.47 40.48
C TYR G 334 -23.35 8.15 40.17
N TYR G 335 -24.45 7.48 40.51
CA TYR G 335 -25.77 8.02 40.22
C TYR G 335 -26.62 8.15 41.47
N PRO G 336 -27.15 9.35 41.74
CA PRO G 336 -28.27 9.46 42.66
C PRO G 336 -29.45 8.67 42.09
N VAL G 337 -30.36 8.22 42.92
CA VAL G 337 -31.50 7.43 42.43
C VAL G 337 -32.80 8.18 42.67
N PRO G 338 -33.17 9.05 41.72
CA PRO G 338 -34.37 9.90 41.82
C PRO G 338 -35.66 9.11 41.99
N ARG G 339 -36.12 9.03 43.23
CA ARG G 339 -37.40 8.44 43.54
C ARG G 339 -37.88 9.03 44.87
N PRO G 340 -39.20 9.21 45.02
CA PRO G 340 -39.76 9.90 46.19
C PRO G 340 -39.13 9.50 47.52
N GLU G 341 -39.20 8.22 47.89
CA GLU G 341 -38.68 7.78 49.18
C GLU G 341 -37.21 8.15 49.36
N ASN G 342 -36.49 8.29 48.25
CA ASN G 342 -35.09 8.70 48.30
C ASN G 342 -34.97 10.19 48.50
N ALA G 343 -35.83 10.94 47.83
CA ALA G 343 -35.87 12.39 47.96
C ALA G 343 -36.04 12.79 49.42
N GLU G 344 -37.02 12.18 50.08
CA GLU G 344 -37.27 12.42 51.49
C GLU G 344 -36.02 12.12 52.31
N LEU G 345 -35.42 10.97 52.06
CA LEU G 345 -34.21 10.57 52.77
C LEU G 345 -33.15 11.65 52.62
N TYR G 346 -33.03 12.21 51.42
CA TYR G 346 -32.01 13.22 51.16
C TYR G 346 -32.32 14.51 51.92
N LYS G 347 -33.59 14.90 51.93
CA LYS G 347 -34.00 16.10 52.64
C LYS G 347 -33.59 16.06 54.11
N LYS G 348 -33.56 14.88 54.71
CA LYS G 348 -33.06 14.74 56.08
C LYS G 348 -31.59 15.11 56.15
N TYR G 349 -30.79 14.54 55.25
CA TYR G 349 -29.37 14.84 55.20
C TYR G 349 -29.11 16.28 54.77
N GLU G 350 -29.98 16.81 53.92
CA GLU G 350 -29.82 18.17 53.41
C GLU G 350 -29.96 19.17 54.54
N ALA G 351 -30.88 18.87 55.46
CA ALA G 351 -31.09 19.73 56.62
C ALA G 351 -29.84 19.79 57.49
N LEU G 352 -29.19 18.64 57.66
CA LEU G 352 -27.95 18.57 58.42
C LEU G 352 -26.85 19.33 57.70
N ALA G 353 -26.82 19.20 56.38
CA ALA G 353 -25.82 19.88 55.57
C ALA G 353 -26.00 21.39 55.66
N ASP G 354 -27.24 21.85 55.55
CA ASP G 354 -27.55 23.27 55.64
C ASP G 354 -27.18 23.83 57.01
N ALA G 355 -27.30 23.00 58.03
CA ALA G 355 -26.98 23.41 59.39
C ALA G 355 -25.47 23.31 59.66
N ALA G 356 -24.76 22.65 58.77
CA ALA G 356 -23.30 22.61 58.85
C ALA G 356 -22.77 24.00 58.52
N GLN G 357 -22.14 24.63 59.50
CA GLN G 357 -21.82 26.06 59.42
C GLN G 357 -20.67 26.38 58.48
N ASP G 358 -19.53 25.75 58.70
CA ASP G 358 -18.33 26.03 57.92
C ASP G 358 -18.16 25.09 56.75
N VAL G 359 -19.26 24.47 56.32
CA VAL G 359 -19.22 23.54 55.20
C VAL G 359 -20.25 23.88 54.12
N THR G 360 -19.78 24.01 52.88
CA THR G 360 -20.66 24.27 51.75
C THR G 360 -20.67 23.07 50.81
N PHE G 361 -21.83 22.42 50.69
CA PHE G 361 -21.96 21.20 49.89
C PHE G 361 -22.27 21.52 48.42
N VAL G 362 -21.49 20.93 47.52
CA VAL G 362 -21.64 21.21 46.09
C VAL G 362 -21.26 20.01 45.21
N GLY G 363 -22.06 19.76 44.18
CA GLY G 363 -21.76 18.69 43.24
C GLY G 363 -22.86 17.65 43.13
N ARG G 364 -22.70 16.73 42.18
CA ARG G 364 -23.69 15.68 41.93
C ARG G 364 -23.91 14.78 43.14
N LEU G 365 -22.81 14.39 43.79
CA LEU G 365 -22.87 13.52 44.96
C LEU G 365 -23.27 14.27 46.23
N ALA G 366 -22.67 15.43 46.44
CA ALA G 366 -22.86 16.16 47.70
C ALA G 366 -24.23 16.80 47.83
N THR G 367 -24.89 17.06 46.71
CA THR G 367 -26.26 17.60 46.74
C THR G 367 -27.27 16.63 46.12
N TYR G 368 -26.82 15.40 45.88
CA TYR G 368 -27.70 14.34 45.39
C TYR G 368 -28.52 14.77 44.16
N ARG G 369 -27.83 15.19 43.12
CA ARG G 369 -28.52 15.57 41.89
C ARG G 369 -27.93 14.88 40.68
N TYR G 370 -28.81 14.48 39.77
CA TYR G 370 -28.41 13.81 38.53
C TYR G 370 -27.90 14.88 37.54
N TYR G 371 -26.72 15.41 37.82
CA TYR G 371 -26.19 16.52 37.04
C TYR G 371 -25.16 16.05 36.01
N ASN G 372 -25.17 16.71 34.85
CA ASN G 372 -24.08 16.55 33.88
C ASN G 372 -22.87 17.38 34.31
N MET G 373 -21.82 17.33 33.50
CA MET G 373 -20.61 18.10 33.78
C MET G 373 -20.87 19.60 33.77
N ASP G 374 -21.50 20.09 32.71
CA ASP G 374 -21.76 21.51 32.54
C ASP G 374 -22.63 22.07 33.66
N GLN G 375 -23.47 21.21 34.25
CA GLN G 375 -24.35 21.64 35.32
C GLN G 375 -23.63 21.73 36.65
N VAL G 376 -22.81 20.73 36.95
CA VAL G 376 -21.97 20.79 38.15
C VAL G 376 -21.08 22.02 38.06
N VAL G 377 -20.59 22.31 36.87
CA VAL G 377 -19.80 23.52 36.65
C VAL G 377 -20.59 24.76 37.03
N ALA G 378 -21.77 24.91 36.44
CA ALA G 378 -22.66 26.03 36.75
C ALA G 378 -22.97 26.11 38.25
N GLN G 379 -23.31 24.99 38.86
CA GLN G 379 -23.61 24.95 40.28
C GLN G 379 -22.41 25.42 41.09
N ALA G 380 -21.22 25.04 40.64
CA ALA G 380 -19.99 25.46 41.33
C ALA G 380 -19.72 26.96 41.16
N LEU G 381 -20.14 27.52 40.04
CA LEU G 381 -19.95 28.95 39.80
C LEU G 381 -20.93 29.79 40.63
N ALA G 382 -22.17 29.36 40.70
CA ALA G 382 -23.17 30.05 41.51
C ALA G 382 -22.86 29.89 42.99
N THR G 383 -22.11 28.84 43.33
CA THR G 383 -21.70 28.61 44.71
C THR G 383 -20.56 29.55 45.05
N PHE G 384 -19.68 29.78 44.09
CA PHE G 384 -18.61 30.74 44.25
C PHE G 384 -19.19 32.14 44.40
N ARG G 385 -20.15 32.48 43.54
CA ARG G 385 -20.77 33.79 43.55
C ARG G 385 -21.33 34.14 44.92
N ARG G 386 -22.03 33.19 45.54
CA ARG G 386 -22.59 33.39 46.87
C ARG G 386 -21.51 33.51 47.92
N LEU G 387 -20.52 32.61 47.87
CA LEU G 387 -19.39 32.66 48.79
C LEU G 387 -18.74 34.04 48.81
N GLN G 388 -18.84 34.77 47.71
CA GLN G 388 -18.27 36.12 47.62
C GLN G 388 -19.20 37.13 48.28
N LYS H 28 -11.02 -55.54 30.09
CA LYS H 28 -9.68 -55.97 29.70
C LYS H 28 -8.64 -55.23 30.52
N GLY H 29 -7.45 -55.80 30.64
CA GLY H 29 -6.41 -55.22 31.48
C GLY H 29 -5.31 -54.47 30.74
N PHE H 30 -4.43 -53.83 31.50
CA PHE H 30 -3.31 -53.13 30.92
C PHE H 30 -2.01 -53.91 31.10
N ASP H 31 -1.29 -54.10 30.01
CA ASP H 31 0.01 -54.77 30.06
C ASP H 31 1.07 -53.80 30.54
N TYR H 32 0.86 -52.51 30.27
CA TYR H 32 1.83 -51.48 30.62
C TYR H 32 1.17 -50.23 31.21
N LEU H 33 1.71 -49.75 32.31
CA LEU H 33 1.39 -48.42 32.79
C LEU H 33 2.61 -47.53 32.55
N ILE H 34 2.44 -46.53 31.69
CA ILE H 34 3.55 -45.66 31.33
C ILE H 34 3.39 -44.28 31.93
N VAL H 35 4.34 -43.89 32.77
CA VAL H 35 4.30 -42.61 33.45
C VAL H 35 5.02 -41.53 32.64
N GLY H 36 4.24 -40.65 32.01
CA GLY H 36 4.80 -39.56 31.22
C GLY H 36 4.45 -39.68 29.76
N ALA H 37 3.91 -38.61 29.19
CA ALA H 37 3.48 -38.61 27.79
C ALA H 37 4.43 -37.82 26.89
N GLY H 38 5.68 -37.68 27.32
CA GLY H 38 6.70 -37.06 26.50
C GLY H 38 7.23 -38.04 25.47
N PHE H 39 8.42 -37.76 24.93
CA PHE H 39 9.01 -38.63 23.92
C PHE H 39 9.28 -40.02 24.48
N ALA H 40 9.94 -40.07 25.63
CA ALA H 40 10.29 -41.34 26.25
C ALA H 40 9.07 -42.26 26.39
N GLY H 41 7.96 -41.71 26.88
CA GLY H 41 6.74 -42.48 27.08
C GLY H 41 5.95 -42.71 25.81
N SER H 42 5.68 -41.64 25.06
CA SER H 42 4.88 -41.72 23.84
C SER H 42 5.42 -42.72 22.83
N VAL H 43 6.74 -42.74 22.67
CA VAL H 43 7.39 -43.65 21.73
C VAL H 43 7.16 -45.11 22.11
N LEU H 44 7.36 -45.42 23.39
CA LEU H 44 7.18 -46.78 23.89
C LEU H 44 5.71 -47.21 23.89
N ALA H 45 4.81 -46.24 24.05
CA ALA H 45 3.39 -46.53 23.99
C ALA H 45 2.93 -46.87 22.57
N GLU H 46 3.53 -46.21 21.59
CA GLU H 46 3.20 -46.48 20.19
C GLU H 46 3.82 -47.79 19.72
N ARG H 47 5.03 -48.07 20.20
CA ARG H 47 5.71 -49.30 19.85
C ARG H 47 5.03 -50.52 20.49
N LEU H 48 4.68 -50.38 21.77
CA LEU H 48 3.98 -51.44 22.47
C LEU H 48 2.57 -51.65 21.89
N ALA H 49 1.88 -50.55 21.61
CA ALA H 49 0.52 -50.61 21.09
C ALA H 49 0.48 -51.32 19.73
N SER H 50 1.50 -51.10 18.93
CA SER H 50 1.54 -51.67 17.59
C SER H 50 1.78 -53.17 17.65
N SER H 51 2.40 -53.62 18.74
CA SER H 51 2.69 -55.03 18.92
C SER H 51 1.63 -55.72 19.76
N GLY H 52 0.44 -55.12 19.84
CA GLY H 52 -0.70 -55.77 20.48
C GLY H 52 -0.97 -55.43 21.93
N GLN H 53 0.06 -54.95 22.63
CA GLN H 53 -0.07 -54.62 24.05
C GLN H 53 -1.05 -53.48 24.28
N ARG H 54 -1.90 -53.62 25.29
CA ARG H 54 -2.78 -52.52 25.69
C ARG H 54 -2.10 -51.66 26.74
N VAL H 55 -2.06 -50.36 26.48
CA VAL H 55 -1.28 -49.44 27.28
C VAL H 55 -2.10 -48.31 27.89
N LEU H 56 -1.85 -48.04 29.16
CA LEU H 56 -2.39 -46.84 29.82
C LEU H 56 -1.25 -45.86 30.03
N ILE H 57 -1.27 -44.75 29.29
CA ILE H 57 -0.25 -43.73 29.43
C ILE H 57 -0.81 -42.55 30.24
N VAL H 58 -0.13 -42.23 31.33
CA VAL H 58 -0.61 -41.20 32.24
C VAL H 58 0.40 -40.04 32.32
N ASP H 59 -0.11 -38.84 32.63
CA ASP H 59 0.77 -37.69 32.82
C ASP H 59 0.16 -36.70 33.80
N ARG H 60 0.98 -36.19 34.71
CA ARG H 60 0.52 -35.27 35.73
C ARG H 60 0.14 -33.93 35.13
N ARG H 61 0.46 -33.76 33.85
CA ARG H 61 0.14 -32.53 33.13
C ARG H 61 -1.17 -32.66 32.36
N PRO H 62 -1.81 -31.51 32.07
CA PRO H 62 -3.10 -31.51 31.37
C PRO H 62 -2.95 -31.78 29.88
N HIS H 63 -1.75 -32.17 29.44
CA HIS H 63 -1.46 -32.30 28.02
C HIS H 63 -0.40 -33.36 27.76
N ILE H 64 -0.29 -33.79 26.49
CA ILE H 64 0.69 -34.78 26.09
C ILE H 64 1.94 -34.11 25.53
N GLY H 65 2.95 -34.92 25.24
CA GLY H 65 4.16 -34.44 24.58
C GLY H 65 5.25 -33.91 25.51
N GLY H 66 5.02 -33.98 26.82
CA GLY H 66 6.00 -33.50 27.78
C GLY H 66 6.51 -32.10 27.49
N ASN H 67 7.82 -31.90 27.58
CA ASN H 67 8.43 -30.60 27.30
C ASN H 67 8.16 -30.09 25.90
N ALA H 68 8.06 -31.02 24.95
CA ALA H 68 7.97 -30.66 23.54
C ALA H 68 6.56 -30.28 23.10
N TYR H 69 5.65 -30.19 24.07
CA TYR H 69 4.28 -29.81 23.79
C TYR H 69 4.21 -28.39 23.26
N ASP H 70 3.54 -28.21 22.13
CA ASP H 70 3.30 -26.88 21.60
C ASP H 70 1.80 -26.62 21.42
N CYS H 71 1.45 -25.35 21.24
CA CYS H 71 0.05 -24.96 21.16
C CYS H 71 -0.04 -23.53 20.65
N TYR H 72 -1.26 -23.07 20.41
CA TYR H 72 -1.47 -21.69 19.98
C TYR H 72 -1.79 -20.82 21.18
N ASP H 73 -1.14 -19.66 21.27
CA ASP H 73 -1.42 -18.75 22.37
C ASP H 73 -2.65 -17.88 22.09
N ASP H 74 -2.91 -16.92 22.96
CA ASP H 74 -4.09 -16.06 22.83
C ASP H 74 -4.15 -15.31 21.51
N ALA H 75 -3.03 -15.21 20.81
CA ALA H 75 -2.96 -14.42 19.58
C ALA H 75 -2.92 -15.25 18.30
N GLY H 76 -3.10 -16.56 18.42
CA GLY H 76 -3.11 -17.44 17.27
C GLY H 76 -1.72 -17.79 16.79
N VAL H 77 -0.73 -17.50 17.62
CA VAL H 77 0.66 -17.84 17.32
C VAL H 77 1.03 -19.21 17.88
N LEU H 78 1.66 -20.03 17.05
CA LEU H 78 2.10 -21.36 17.47
C LEU H 78 3.38 -21.22 18.28
N ILE H 79 3.33 -21.58 19.56
CA ILE H 79 4.47 -21.41 20.45
C ILE H 79 4.82 -22.69 21.22
N HIS H 80 5.99 -22.69 21.84
CA HIS H 80 6.40 -23.78 22.73
C HIS H 80 6.43 -23.29 24.17
N PRO H 81 5.40 -23.65 24.95
CA PRO H 81 5.30 -23.18 26.34
C PRO H 81 6.54 -23.49 27.18
N TYR H 82 7.18 -24.64 26.94
CA TYR H 82 8.33 -25.05 27.75
C TYR H 82 9.66 -24.72 27.07
N GLY H 83 9.65 -23.72 26.20
CA GLY H 83 10.88 -23.26 25.59
C GLY H 83 11.10 -23.75 24.17
N PRO H 84 12.11 -23.17 23.50
CA PRO H 84 12.46 -23.50 22.13
C PRO H 84 12.81 -24.97 22.01
N HIS H 85 12.04 -25.71 21.23
CA HIS H 85 12.34 -27.11 20.95
C HIS H 85 12.58 -27.36 19.47
N ILE H 86 13.83 -27.19 19.04
CA ILE H 86 14.22 -27.41 17.66
C ILE H 86 14.67 -28.84 17.47
N PHE H 87 14.10 -29.52 16.49
CA PHE H 87 14.46 -30.92 16.26
C PHE H 87 15.64 -31.09 15.31
N HIS H 88 16.52 -32.03 15.64
CA HIS H 88 17.70 -32.32 14.85
C HIS H 88 18.22 -33.70 15.21
N THR H 89 18.76 -34.41 14.22
CA THR H 89 19.36 -35.72 14.46
C THR H 89 20.34 -36.08 13.35
N ASN H 90 21.28 -36.95 13.67
CA ASN H 90 22.17 -37.50 12.67
C ASN H 90 21.69 -38.88 12.24
N SER H 91 20.76 -39.42 13.02
CA SER H 91 20.26 -40.78 12.81
C SER H 91 19.12 -40.83 11.82
N LYS H 92 19.38 -41.45 10.67
CA LYS H 92 18.34 -41.70 9.68
C LYS H 92 17.20 -42.49 10.30
N ASP H 93 17.55 -43.53 11.05
CA ASP H 93 16.57 -44.33 11.78
C ASP H 93 15.55 -43.49 12.55
N VAL H 94 16.05 -42.63 13.43
CA VAL H 94 15.17 -41.82 14.27
C VAL H 94 14.28 -40.91 13.44
N PHE H 95 14.86 -40.29 12.41
CA PHE H 95 14.10 -39.36 11.58
C PHE H 95 13.04 -40.06 10.73
N GLU H 96 13.31 -41.30 10.32
CA GLU H 96 12.35 -42.04 9.52
C GLU H 96 11.22 -42.59 10.39
N TYR H 97 11.55 -42.91 11.64
CA TYR H 97 10.52 -43.32 12.59
C TYR H 97 9.55 -42.17 12.89
N LEU H 98 10.11 -41.01 13.24
CA LEU H 98 9.30 -39.83 13.51
C LEU H 98 8.52 -39.36 12.28
N SER H 99 9.08 -39.62 11.10
CA SER H 99 8.44 -39.25 9.83
C SER H 99 7.12 -39.99 9.67
N ARG H 100 6.97 -41.07 10.43
CA ARG H 100 5.77 -41.90 10.34
C ARG H 100 4.54 -41.18 10.90
N PHE H 101 4.78 -40.19 11.76
CA PHE H 101 3.69 -39.52 12.45
C PHE H 101 3.65 -38.01 12.19
N THR H 102 4.40 -37.54 11.20
CA THR H 102 4.39 -36.12 10.86
C THR H 102 5.17 -35.82 9.59
N GLU H 103 4.73 -34.78 8.88
CA GLU H 103 5.51 -34.24 7.78
C GLU H 103 6.52 -33.25 8.36
N TRP H 104 7.40 -32.74 7.51
CA TRP H 104 8.49 -31.91 8.00
C TRP H 104 8.62 -30.57 7.28
N ARG H 105 8.95 -29.54 8.07
CA ARG H 105 9.36 -28.25 7.54
C ARG H 105 10.86 -28.11 7.74
N PRO H 106 11.63 -28.12 6.64
CA PRO H 106 13.08 -27.97 6.73
C PRO H 106 13.43 -26.70 7.50
N TYR H 107 14.33 -26.82 8.47
CA TYR H 107 14.74 -25.66 9.26
C TYR H 107 16.09 -25.88 9.92
N GLN H 108 17.02 -24.97 9.64
CA GLN H 108 18.34 -25.03 10.24
C GLN H 108 18.54 -23.87 11.22
N HIS H 109 18.36 -24.18 12.50
CA HIS H 109 18.38 -23.16 13.54
C HIS H 109 19.70 -22.40 13.58
N ARG H 110 19.61 -21.08 13.77
CA ARG H 110 20.80 -20.24 13.90
C ARG H 110 20.69 -19.32 15.11
N VAL H 111 21.73 -19.33 15.95
CA VAL H 111 21.70 -18.58 17.20
C VAL H 111 22.73 -17.45 17.24
N LEU H 112 22.29 -16.27 17.66
CA LEU H 112 23.20 -15.16 17.86
C LEU H 112 23.43 -14.91 19.35
N ALA H 113 24.67 -14.64 19.72
CA ALA H 113 24.99 -14.27 21.10
C ALA H 113 25.25 -12.76 21.21
N SER H 114 24.65 -12.15 22.23
CA SER H 114 24.84 -10.74 22.48
C SER H 114 26.09 -10.54 23.31
N VAL H 115 27.19 -10.21 22.65
CA VAL H 115 28.46 -10.02 23.33
C VAL H 115 29.11 -8.71 22.88
N ASP H 116 29.50 -7.89 23.84
CA ASP H 116 30.12 -6.59 23.55
C ASP H 116 29.20 -5.72 22.70
N GLY H 117 27.90 -5.81 22.95
CA GLY H 117 26.94 -5.01 22.21
C GLY H 117 26.73 -5.44 20.77
N GLN H 118 27.29 -6.59 20.42
CA GLN H 118 27.10 -7.14 19.08
C GLN H 118 26.32 -8.45 19.14
N LEU H 119 25.81 -8.86 17.99
CA LEU H 119 25.20 -10.17 17.84
C LEU H 119 26.12 -11.05 17.01
N LEU H 120 26.92 -11.87 17.69
CA LEU H 120 27.89 -12.72 17.02
C LEU H 120 27.44 -14.18 16.98
N PRO H 121 27.89 -14.93 15.96
CA PRO H 121 27.47 -16.32 15.81
C PRO H 121 27.99 -17.20 16.95
N ILE H 122 27.11 -18.02 17.50
CA ILE H 122 27.49 -19.06 18.45
C ILE H 122 26.85 -20.35 17.95
N PRO H 123 27.63 -21.44 17.84
CA PRO H 123 29.04 -21.68 18.15
C PRO H 123 30.01 -20.61 17.63
N ILE H 124 31.13 -20.46 18.33
CA ILE H 124 32.17 -19.55 17.88
C ILE H 124 32.75 -20.04 16.55
N ASN H 125 32.92 -19.12 15.60
CA ASN H 125 33.52 -19.46 14.31
C ASN H 125 34.45 -18.36 13.77
N LEU H 126 34.91 -18.53 12.54
CA LEU H 126 35.84 -17.57 11.94
C LEU H 126 35.28 -16.15 12.02
N ASP H 127 34.01 -16.01 11.67
CA ASP H 127 33.36 -14.72 11.68
C ASP H 127 33.28 -14.14 13.09
N THR H 128 32.97 -14.99 14.06
CA THR H 128 32.86 -14.54 15.44
C THR H 128 34.15 -13.88 15.88
N VAL H 129 35.25 -14.58 15.66
CA VAL H 129 36.58 -14.06 16.00
C VAL H 129 36.84 -12.76 15.26
N ASN H 130 36.70 -12.79 13.94
CA ASN H 130 37.00 -11.62 13.12
C ASN H 130 36.15 -10.39 13.49
N ARG H 131 34.88 -10.61 13.81
CA ARG H 131 33.97 -9.50 14.10
C ARG H 131 34.17 -8.94 15.49
N LEU H 132 34.54 -9.80 16.43
CA LEU H 132 34.69 -9.41 17.82
C LEU H 132 35.96 -8.59 18.04
N TYR H 133 37.03 -9.04 17.41
CA TYR H 133 38.34 -8.43 17.59
C TYR H 133 38.70 -7.47 16.46
N GLY H 134 37.88 -7.46 15.41
CA GLY H 134 38.16 -6.64 14.25
C GLY H 134 39.29 -7.23 13.43
N LEU H 135 39.37 -8.55 13.41
CA LEU H 135 40.41 -9.27 12.69
C LEU H 135 39.98 -9.64 11.28
N ASN H 136 40.95 -10.12 10.49
CA ASN H 136 40.67 -10.56 9.12
C ASN H 136 41.35 -11.89 8.81
N LEU H 137 41.27 -12.83 9.75
CA LEU H 137 41.94 -14.11 9.60
C LEU H 137 41.25 -15.00 8.56
N THR H 138 42.03 -15.86 7.92
CA THR H 138 41.47 -16.92 7.09
C THR H 138 41.16 -18.11 8.00
N SER H 139 40.52 -19.13 7.45
CA SER H 139 40.15 -20.30 8.25
C SER H 139 41.37 -21.07 8.75
N PHE H 140 42.47 -20.99 8.01
CA PHE H 140 43.69 -21.68 8.40
C PHE H 140 44.42 -20.89 9.47
N GLN H 141 44.21 -19.58 9.48
CA GLN H 141 44.90 -18.71 10.42
C GLN H 141 44.25 -18.74 11.80
N VAL H 142 42.93 -18.73 11.85
CA VAL H 142 42.24 -18.74 13.14
C VAL H 142 42.49 -20.03 13.89
N GLU H 143 42.90 -21.07 13.15
CA GLU H 143 43.30 -22.32 13.76
C GLU H 143 44.60 -22.12 14.53
N GLU H 144 45.50 -21.34 13.94
CA GLU H 144 46.75 -20.99 14.58
C GLU H 144 46.52 -19.99 15.70
N PHE H 145 45.55 -19.10 15.50
CA PHE H 145 45.19 -18.12 16.51
C PHE H 145 44.61 -18.77 17.77
N PHE H 146 43.70 -19.73 17.57
CA PHE H 146 43.19 -20.48 18.71
C PHE H 146 44.36 -21.17 19.40
N ALA H 147 45.21 -21.80 18.59
CA ALA H 147 46.33 -22.58 19.09
C ALA H 147 47.24 -21.75 20.00
N SER H 148 47.41 -20.48 19.67
CA SER H 148 48.30 -19.62 20.43
C SER H 148 47.66 -19.21 21.76
N VAL H 149 46.36 -18.96 21.74
CA VAL H 149 45.66 -18.44 22.91
C VAL H 149 45.14 -19.53 23.84
N ALA H 150 45.11 -20.76 23.34
CA ALA H 150 44.55 -21.88 24.10
C ALA H 150 45.39 -22.25 25.31
N GLU H 151 44.74 -22.40 26.46
CA GLU H 151 45.42 -22.88 27.66
C GLU H 151 45.50 -24.40 27.61
N LYS H 152 46.72 -24.93 27.74
CA LYS H 152 46.89 -26.38 27.76
C LYS H 152 46.45 -26.99 29.08
N VAL H 153 45.59 -28.00 28.98
CA VAL H 153 45.13 -28.73 30.15
C VAL H 153 45.61 -30.16 30.07
N GLU H 154 46.32 -30.61 31.11
CA GLU H 154 46.90 -31.95 31.14
C GLU H 154 45.82 -33.01 31.04
N GLN H 155 44.68 -32.76 31.68
CA GLN H 155 43.52 -33.64 31.55
C GLN H 155 42.22 -32.86 31.58
N VAL H 156 41.43 -33.00 30.51
CA VAL H 156 40.17 -32.28 30.39
C VAL H 156 39.04 -32.99 31.13
N ARG H 157 38.50 -32.35 32.15
CA ARG H 157 37.43 -32.94 32.96
C ARG H 157 36.19 -32.04 33.01
N THR H 158 36.40 -30.77 33.31
CA THR H 158 35.31 -29.83 33.54
C THR H 158 34.89 -29.08 32.27
N SER H 159 33.81 -28.32 32.37
CA SER H 159 33.30 -27.53 31.25
C SER H 159 34.13 -26.28 31.03
N GLU H 160 35.10 -26.06 31.90
CA GLU H 160 36.06 -24.99 31.69
C GLU H 160 37.20 -25.50 30.83
N ASP H 161 37.62 -26.74 31.07
CA ASP H 161 38.75 -27.33 30.35
C ASP H 161 38.48 -27.47 28.85
N VAL H 162 37.29 -27.92 28.50
CA VAL H 162 36.95 -28.18 27.09
C VAL H 162 36.93 -26.92 26.24
N VAL H 163 36.66 -25.78 26.87
CA VAL H 163 36.57 -24.52 26.15
C VAL H 163 37.90 -23.78 26.15
N VAL H 164 38.45 -23.61 27.34
CA VAL H 164 39.68 -22.84 27.54
C VAL H 164 40.89 -23.50 26.88
N SER H 165 40.80 -24.81 26.64
CA SER H 165 41.88 -25.55 26.00
C SER H 165 41.72 -25.54 24.48
N LYS H 166 40.62 -24.98 24.01
CA LYS H 166 40.36 -24.92 22.57
C LYS H 166 40.41 -23.49 22.04
N VAL H 167 39.73 -22.58 22.73
CA VAL H 167 39.56 -21.22 22.21
C VAL H 167 40.07 -20.13 23.15
N GLY H 168 40.81 -20.53 24.17
CA GLY H 168 41.44 -19.58 25.06
C GLY H 168 40.54 -19.08 26.18
N ARG H 169 41.07 -18.14 26.97
CA ARG H 169 40.40 -17.68 28.17
C ARG H 169 39.41 -16.55 27.91
N ASP H 170 39.73 -15.68 26.96
CA ASP H 170 38.87 -14.53 26.66
C ASP H 170 37.58 -14.93 25.94
N LEU H 171 37.69 -15.81 24.96
CA LEU H 171 36.51 -16.28 24.24
C LEU H 171 35.63 -17.05 25.21
N TYR H 172 36.28 -17.85 26.06
CA TYR H 172 35.58 -18.60 27.09
C TYR H 172 34.77 -17.68 28.01
N ASN H 173 35.34 -16.53 28.35
CA ASN H 173 34.68 -15.60 29.25
C ASN H 173 33.48 -14.88 28.64
N LYS H 174 33.59 -14.53 27.37
CA LYS H 174 32.57 -13.70 26.73
C LYS H 174 31.38 -14.51 26.24
N PHE H 175 31.55 -15.83 26.16
CA PHE H 175 30.50 -16.67 25.59
C PHE H 175 30.00 -17.75 26.55
N PHE H 176 30.91 -18.27 27.38
CA PHE H 176 30.60 -19.46 28.17
C PHE H 176 30.46 -19.23 29.67
N ARG H 177 31.40 -18.51 30.26
CA ARG H 177 31.42 -18.37 31.72
C ARG H 177 30.14 -17.74 32.25
N GLY H 178 29.86 -16.52 31.78
CA GLY H 178 28.71 -15.78 32.25
C GLY H 178 27.41 -16.53 32.03
N TYR H 179 27.33 -17.22 30.89
CA TYR H 179 26.12 -17.94 30.52
C TYR H 179 25.94 -19.17 31.41
N THR H 180 26.97 -19.99 31.52
CA THR H 180 26.92 -21.20 32.32
C THR H 180 26.52 -20.91 33.77
N ARG H 181 27.26 -20.01 34.40
CA ARG H 181 26.95 -19.59 35.77
C ARG H 181 25.49 -19.19 35.90
N LYS H 182 24.97 -18.52 34.86
CA LYS H 182 23.59 -18.07 34.86
C LYS H 182 22.64 -19.25 34.70
N GLN H 183 22.92 -20.08 33.69
CA GLN H 183 22.10 -21.24 33.42
C GLN H 183 22.03 -22.21 34.59
N TRP H 184 23.20 -22.64 35.06
CA TRP H 184 23.28 -23.74 36.02
C TRP H 184 23.42 -23.29 37.48
N GLY H 185 23.71 -22.00 37.68
CA GLY H 185 24.00 -21.52 39.01
C GLY H 185 25.30 -22.14 39.49
N LEU H 186 26.11 -22.56 38.52
CA LEU H 186 27.40 -23.19 38.78
C LEU H 186 28.44 -22.69 37.78
N ASP H 187 29.68 -22.53 38.24
CA ASP H 187 30.76 -22.18 37.33
C ASP H 187 31.00 -23.36 36.41
N PRO H 188 31.44 -23.09 35.18
CA PRO H 188 31.69 -24.16 34.21
C PRO H 188 32.80 -25.12 34.64
N SER H 189 33.43 -24.86 35.78
CA SER H 189 34.45 -25.80 36.28
C SER H 189 33.91 -26.65 37.42
N GLU H 190 32.71 -26.32 37.87
CA GLU H 190 31.98 -27.17 38.80
C GLU H 190 31.16 -28.21 38.02
N LEU H 191 31.23 -28.14 36.69
CA LEU H 191 30.45 -29.04 35.84
C LEU H 191 31.33 -29.97 35.01
N ASP H 192 30.72 -31.02 34.49
CA ASP H 192 31.41 -31.97 33.65
C ASP H 192 31.57 -31.43 32.23
N ALA H 193 32.71 -31.74 31.62
CA ALA H 193 33.05 -31.23 30.30
C ALA H 193 31.92 -31.39 29.27
N SER H 194 31.13 -32.44 29.43
CA SER H 194 30.09 -32.76 28.45
C SER H 194 29.05 -31.65 28.29
N VAL H 195 28.84 -30.86 29.33
CA VAL H 195 27.85 -29.78 29.26
C VAL H 195 28.23 -28.74 28.20
N THR H 196 29.37 -28.08 28.36
CA THR H 196 29.80 -27.07 27.41
C THR H 196 30.32 -27.70 26.12
N ALA H 197 30.73 -28.96 26.19
CA ALA H 197 31.18 -29.66 25.00
C ALA H 197 30.07 -29.75 23.95
N ARG H 198 28.83 -29.68 24.41
CA ARG H 198 27.68 -29.70 23.52
C ARG H 198 27.78 -28.66 22.41
N VAL H 199 28.35 -27.49 22.72
CA VAL H 199 28.55 -26.46 21.72
C VAL H 199 29.97 -26.54 21.17
N PRO H 200 30.11 -26.91 19.90
CA PRO H 200 31.42 -27.05 19.28
C PRO H 200 32.04 -25.69 19.00
N THR H 201 33.36 -25.66 18.81
CA THR H 201 34.02 -24.47 18.29
C THR H 201 34.49 -24.78 16.88
N ARG H 202 34.46 -23.78 16.01
CA ARG H 202 34.74 -24.00 14.60
C ARG H 202 35.74 -23.00 14.03
N THR H 203 36.58 -23.47 13.11
CA THR H 203 37.48 -22.58 12.38
C THR H 203 36.89 -22.24 11.02
N ASN H 204 35.79 -22.92 10.66
CA ASN H 204 35.09 -22.62 9.43
C ASN H 204 34.08 -21.49 9.64
N ARG H 205 33.17 -21.30 8.69
CA ARG H 205 32.24 -20.19 8.78
C ARG H 205 30.78 -20.63 8.94
N ASP H 206 30.59 -21.88 9.33
CA ASP H 206 29.25 -22.41 9.57
C ASP H 206 28.63 -21.74 10.79
N ASN H 207 27.42 -21.20 10.63
CA ASN H 207 26.76 -20.48 11.72
C ASN H 207 25.50 -21.18 12.26
N ARG H 208 25.22 -22.36 11.72
CA ARG H 208 24.13 -23.20 12.22
C ARG H 208 24.46 -23.71 13.61
N TYR H 209 23.47 -23.77 14.47
CA TYR H 209 23.69 -24.30 15.82
C TYR H 209 24.02 -25.78 15.70
N PHE H 210 23.38 -26.46 14.75
CA PHE H 210 23.63 -27.88 14.52
C PHE H 210 24.20 -28.17 13.13
N ALA H 211 25.08 -29.16 13.06
CA ALA H 211 25.59 -29.63 11.78
C ALA H 211 24.96 -30.98 11.43
N ASP H 212 23.90 -31.32 12.15
CA ASP H 212 23.22 -32.61 11.98
C ASP H 212 22.70 -32.81 10.56
N THR H 213 22.59 -34.07 10.16
CA THR H 213 22.12 -34.43 8.82
C THR H 213 20.66 -34.05 8.61
N TYR H 214 19.83 -34.29 9.61
CA TYR H 214 18.39 -34.05 9.47
C TYR H 214 17.93 -32.94 10.40
N GLN H 215 17.64 -31.77 9.80
CA GLN H 215 17.16 -30.64 10.57
C GLN H 215 15.85 -30.11 9.98
N ALA H 216 14.76 -30.36 10.70
CA ALA H 216 13.43 -29.91 10.28
C ALA H 216 12.44 -29.95 11.44
N MET H 217 11.39 -29.13 11.35
CA MET H 217 10.40 -29.06 12.40
C MET H 217 9.15 -29.81 11.96
N PRO H 218 8.49 -30.48 12.92
CA PRO H 218 7.20 -31.10 12.63
C PRO H 218 6.28 -30.08 11.97
N LEU H 219 5.84 -30.38 10.76
CA LEU H 219 5.10 -29.44 9.93
C LEU H 219 3.99 -28.70 10.67
N HIS H 220 3.20 -29.41 11.48
CA HIS H 220 2.10 -28.79 12.20
C HIS H 220 2.30 -28.85 13.71
N GLY H 221 3.56 -28.86 14.14
CA GLY H 221 3.88 -28.83 15.55
C GLY H 221 3.99 -30.21 16.16
N TYR H 222 4.69 -30.29 17.29
CA TYR H 222 4.91 -31.57 17.98
C TYR H 222 3.61 -32.19 18.48
N THR H 223 2.72 -31.37 19.03
CA THR H 223 1.46 -31.90 19.55
C THR H 223 0.77 -32.76 18.51
N ARG H 224 0.68 -32.26 17.28
CA ARG H 224 0.02 -32.99 16.20
C ARG H 224 0.72 -34.32 15.93
N MET H 225 2.05 -34.30 15.96
CA MET H 225 2.84 -35.51 15.80
C MET H 225 2.57 -36.47 16.94
N PHE H 226 2.56 -35.96 18.17
CA PHE H 226 2.28 -36.76 19.36
C PHE H 226 0.87 -37.37 19.32
N GLN H 227 -0.11 -36.59 18.89
CA GLN H 227 -1.48 -37.07 18.78
C GLN H 227 -1.53 -38.29 17.87
N ASN H 228 -0.81 -38.22 16.75
CA ASN H 228 -0.70 -39.33 15.82
C ASN H 228 -0.01 -40.53 16.47
N MET H 229 0.99 -40.23 17.28
CA MET H 229 1.81 -41.28 17.89
C MET H 229 0.99 -42.14 18.84
N LEU H 230 0.02 -41.52 19.51
CA LEU H 230 -0.80 -42.20 20.49
C LEU H 230 -2.20 -42.51 19.96
N SER H 231 -2.34 -42.48 18.65
CA SER H 231 -3.67 -42.62 18.04
C SER H 231 -4.24 -44.03 18.13
N SER H 232 -3.39 -45.02 18.39
CA SER H 232 -3.83 -46.42 18.41
C SER H 232 -4.91 -46.67 19.46
N PRO H 233 -5.79 -47.65 19.19
CA PRO H 233 -6.89 -48.05 20.08
C PRO H 233 -6.41 -48.81 21.31
N ASN H 234 -5.16 -49.26 21.30
CA ASN H 234 -4.59 -49.95 22.45
C ASN H 234 -4.02 -48.99 23.48
N ILE H 235 -4.03 -47.70 23.13
CA ILE H 235 -3.46 -46.67 24.01
C ILE H 235 -4.55 -45.84 24.68
N LYS H 236 -4.59 -45.89 26.01
CA LYS H 236 -5.48 -45.04 26.77
C LYS H 236 -4.68 -43.91 27.41
N VAL H 237 -5.19 -42.69 27.30
CA VAL H 237 -4.47 -41.52 27.78
C VAL H 237 -5.11 -40.93 29.03
N MET H 238 -4.28 -40.64 30.02
CA MET H 238 -4.75 -40.02 31.25
C MET H 238 -3.97 -38.75 31.55
N LEU H 239 -4.68 -37.65 31.76
CA LEU H 239 -4.03 -36.36 31.98
C LEU H 239 -4.47 -35.77 33.30
N ASN H 240 -3.71 -34.79 33.80
CA ASN H 240 -3.99 -34.16 35.08
C ASN H 240 -3.96 -35.20 36.20
N THR H 241 -3.15 -36.22 36.02
CA THR H 241 -3.15 -37.37 36.92
C THR H 241 -1.75 -37.85 37.25
N ASP H 242 -1.37 -37.74 38.52
CA ASP H 242 -0.11 -38.30 38.97
C ASP H 242 -0.27 -39.82 39.04
N TYR H 243 0.68 -40.55 38.47
CA TYR H 243 0.58 -42.01 38.37
C TYR H 243 0.26 -42.64 39.72
N ARG H 244 0.66 -41.97 40.79
CA ARG H 244 0.39 -42.45 42.13
C ARG H 244 -1.11 -42.48 42.43
N GLU H 245 -1.85 -41.51 41.90
CA GLU H 245 -3.27 -41.37 42.19
C GLU H 245 -4.13 -42.45 41.52
N ILE H 246 -3.50 -43.40 40.84
CA ILE H 246 -4.25 -44.43 40.13
C ILE H 246 -3.56 -45.79 40.15
N ALA H 247 -2.27 -45.80 40.43
CA ALA H 247 -1.50 -47.04 40.38
C ALA H 247 -1.96 -48.02 41.46
N ASP H 248 -2.90 -47.59 42.28
CA ASP H 248 -3.38 -48.39 43.40
C ASP H 248 -4.64 -49.19 43.10
N PHE H 249 -5.24 -48.98 41.93
CA PHE H 249 -6.45 -49.72 41.57
C PHE H 249 -6.57 -50.05 40.07
N ILE H 250 -5.59 -49.61 39.28
CA ILE H 250 -5.60 -49.91 37.85
C ILE H 250 -4.59 -51.01 37.51
N PRO H 251 -5.11 -52.18 37.10
CA PRO H 251 -4.37 -53.41 36.84
C PRO H 251 -3.36 -53.28 35.71
N PHE H 252 -2.08 -53.42 36.03
CA PHE H 252 -1.03 -53.40 35.02
C PHE H 252 0.08 -54.39 35.36
N GLN H 253 0.55 -55.10 34.34
CA GLN H 253 1.67 -56.01 34.51
C GLN H 253 2.94 -55.21 34.79
N HIS H 254 3.46 -54.58 33.74
CA HIS H 254 4.73 -53.85 33.81
C HIS H 254 4.52 -52.33 33.82
N MET H 255 5.46 -51.60 34.40
CA MET H 255 5.41 -50.14 34.41
C MET H 255 6.60 -49.54 33.69
N ILE H 256 6.35 -48.49 32.90
CA ILE H 256 7.42 -47.71 32.31
C ILE H 256 7.38 -46.30 32.89
N TYR H 257 8.47 -45.89 33.51
CA TYR H 257 8.51 -44.61 34.22
C TYR H 257 9.50 -43.64 33.55
N THR H 258 9.04 -42.42 33.29
CA THR H 258 9.85 -41.43 32.60
C THR H 258 10.00 -40.12 33.39
N GLY H 259 9.73 -40.18 34.69
CA GLY H 259 9.84 -39.02 35.55
C GLY H 259 11.14 -39.00 36.33
N PRO H 260 11.28 -38.04 37.26
CA PRO H 260 12.44 -37.90 38.15
C PRO H 260 12.68 -39.15 38.98
N VAL H 261 13.91 -39.67 38.99
CA VAL H 261 14.22 -40.88 39.77
C VAL H 261 14.06 -40.68 41.27
N ASP H 262 14.68 -39.64 41.80
CA ASP H 262 14.66 -39.40 43.24
C ASP H 262 13.23 -39.39 43.80
N ALA H 263 12.32 -38.75 43.08
CA ALA H 263 10.93 -38.70 43.50
C ALA H 263 10.29 -40.09 43.51
N PHE H 264 10.69 -40.93 42.55
CA PHE H 264 10.13 -42.27 42.44
C PHE H 264 10.47 -43.12 43.67
N PHE H 265 11.59 -42.81 44.30
CA PHE H 265 12.02 -43.53 45.50
C PHE H 265 11.92 -42.61 46.72
N ASP H 266 10.91 -41.73 46.69
CA ASP H 266 10.62 -40.82 47.79
C ASP H 266 11.86 -40.14 48.37
N PHE H 267 12.78 -39.77 47.49
CA PHE H 267 13.96 -39.01 47.89
C PHE H 267 14.64 -39.66 49.09
N CYS H 268 14.62 -40.99 49.12
CA CYS H 268 15.16 -41.74 50.26
C CYS H 268 16.62 -41.43 50.52
N TYR H 269 17.35 -41.02 49.48
CA TYR H 269 18.78 -40.70 49.61
C TYR H 269 19.03 -39.20 49.61
N GLY H 270 17.96 -38.42 49.51
CA GLY H 270 18.09 -36.98 49.40
C GLY H 270 17.69 -36.49 48.01
N LYS H 271 17.50 -35.18 47.90
CA LYS H 271 17.03 -34.59 46.64
C LYS H 271 18.11 -34.59 45.56
N LEU H 272 17.84 -35.27 44.45
CA LEU H 272 18.74 -35.26 43.30
C LEU H 272 18.57 -33.94 42.56
N PRO H 273 19.66 -33.17 42.42
CA PRO H 273 19.59 -31.86 41.76
C PRO H 273 19.14 -31.92 40.30
N TYR H 274 18.03 -31.25 40.00
CA TYR H 274 17.60 -30.99 38.63
C TYR H 274 17.49 -29.49 38.49
N ARG H 275 17.89 -28.95 37.34
CA ARG H 275 17.74 -27.52 37.11
C ARG H 275 16.38 -27.20 36.51
N SER H 276 15.78 -26.09 36.93
CA SER H 276 14.45 -25.72 36.46
C SER H 276 14.44 -24.39 35.71
N LEU H 277 13.24 -23.98 35.29
CA LEU H 277 13.10 -22.76 34.49
C LEU H 277 11.78 -22.06 34.73
N GLU H 278 11.79 -20.73 34.54
CA GLU H 278 10.57 -19.93 34.56
C GLU H 278 10.43 -19.25 33.20
N PHE H 279 9.27 -19.39 32.58
CA PHE H 279 9.06 -18.88 31.23
C PHE H 279 8.19 -17.63 31.24
N ARG H 280 8.58 -16.64 30.44
CA ARG H 280 7.76 -15.46 30.24
C ARG H 280 7.46 -15.30 28.75
N HIS H 281 6.20 -15.46 28.38
CA HIS H 281 5.79 -15.41 26.99
C HIS H 281 5.19 -14.05 26.67
N GLU H 282 5.60 -13.45 25.55
CA GLU H 282 5.11 -12.13 25.17
C GLU H 282 4.68 -12.08 23.71
N THR H 283 3.67 -11.26 23.43
CA THR H 283 3.23 -11.04 22.06
C THR H 283 3.41 -9.56 21.70
N HIS H 284 4.02 -9.31 20.53
CA HIS H 284 4.28 -7.95 20.07
C HIS H 284 3.59 -7.67 18.75
N ASP H 285 3.09 -6.44 18.59
CA ASP H 285 2.37 -6.05 17.39
C ASP H 285 3.34 -5.72 16.24
N THR H 286 4.17 -6.68 15.88
CA THR H 286 5.11 -6.54 14.77
C THR H 286 5.30 -7.91 14.11
N GLU H 287 5.65 -7.91 12.83
CA GLU H 287 5.86 -9.15 12.11
C GLU H 287 7.08 -9.93 12.60
N GLN H 288 8.14 -9.20 12.95
CA GLN H 288 9.38 -9.83 13.38
C GLN H 288 10.07 -9.04 14.48
N LEU H 289 10.66 -9.76 15.43
CA LEU H 289 11.30 -9.13 16.57
C LEU H 289 12.80 -9.36 16.60
N LEU H 290 13.22 -10.61 16.40
CA LEU H 290 14.63 -10.98 16.44
C LEU H 290 15.13 -11.28 15.04
N PRO H 291 16.45 -11.18 14.84
CA PRO H 291 17.10 -11.44 13.54
C PRO H 291 17.22 -12.94 13.24
N THR H 292 17.19 -13.77 14.29
CA THR H 292 17.17 -15.22 14.13
C THR H 292 16.25 -15.83 15.17
N GLY H 293 16.23 -17.17 15.24
CA GLY H 293 15.33 -17.86 16.12
C GLY H 293 15.59 -17.61 17.60
N THR H 294 16.85 -17.50 17.96
CA THR H 294 17.21 -17.33 19.37
C THR H 294 18.44 -16.43 19.56
N VAL H 295 18.32 -15.48 20.48
CA VAL H 295 19.42 -14.61 20.86
C VAL H 295 19.88 -14.97 22.26
N ASN H 296 21.17 -15.28 22.41
CA ASN H 296 21.72 -15.63 23.71
C ASN H 296 22.30 -14.42 24.45
N TYR H 297 22.15 -14.40 25.77
CA TYR H 297 22.71 -13.31 26.59
C TYR H 297 23.66 -13.85 27.66
N PRO H 298 24.90 -14.16 27.28
CA PRO H 298 25.89 -14.75 28.20
C PRO H 298 26.26 -13.81 29.33
N ASN H 299 26.17 -12.50 29.11
CA ASN H 299 26.74 -11.54 30.04
C ASN H 299 25.77 -10.48 30.54
N ASP H 300 24.53 -10.56 30.10
CA ASP H 300 23.56 -9.55 30.42
C ASP H 300 22.20 -10.11 30.82
N TYR H 301 21.52 -9.36 31.65
CA TYR H 301 20.16 -9.64 32.02
C TYR H 301 20.04 -10.91 32.81
N ALA H 302 18.86 -11.12 33.36
CA ALA H 302 18.56 -12.25 34.21
C ALA H 302 18.13 -13.48 33.44
N TYR H 303 17.70 -13.27 32.22
CA TYR H 303 17.34 -14.38 31.34
C TYR H 303 18.54 -14.84 30.52
N THR H 304 18.49 -16.08 30.05
CA THR H 304 19.61 -16.66 29.32
C THR H 304 19.50 -16.42 27.81
N ARG H 305 18.26 -16.32 27.32
CA ARG H 305 18.03 -16.15 25.89
C ARG H 305 16.56 -15.82 25.59
N VAL H 306 16.34 -15.30 24.38
CA VAL H 306 14.98 -15.02 23.90
C VAL H 306 14.77 -15.75 22.58
N SER H 307 13.57 -16.27 22.36
CA SER H 307 13.28 -16.97 21.11
C SER H 307 12.02 -16.44 20.44
N GLU H 308 12.01 -16.47 19.12
CA GLU H 308 10.85 -16.06 18.34
C GLU H 308 10.35 -17.24 17.52
N PHE H 309 9.20 -17.78 17.90
CA PHE H 309 8.75 -19.06 17.38
C PHE H 309 8.42 -19.08 15.90
N LYS H 310 8.05 -17.93 15.33
CA LYS H 310 7.74 -17.87 13.92
C LYS H 310 8.97 -18.22 13.07
N HIS H 311 10.15 -17.83 13.52
CA HIS H 311 11.40 -18.20 12.85
C HIS H 311 11.50 -19.71 12.74
N ILE H 312 11.02 -20.38 13.80
CA ILE H 312 11.17 -21.81 13.98
C ILE H 312 10.06 -22.60 13.29
N THR H 313 8.83 -22.12 13.43
CA THR H 313 7.67 -22.78 12.85
C THR H 313 7.49 -22.43 11.38
N GLY H 314 7.79 -21.18 11.03
CA GLY H 314 7.58 -20.69 9.68
C GLY H 314 6.19 -20.10 9.52
N GLN H 315 5.46 -19.99 10.61
CA GLN H 315 4.10 -19.46 10.58
C GLN H 315 4.05 -18.02 10.06
N ARG H 316 3.06 -17.73 9.22
CA ARG H 316 2.79 -16.36 8.80
C ARG H 316 1.80 -15.70 9.76
N HIS H 317 2.10 -14.48 10.18
CA HIS H 317 1.26 -13.80 11.16
C HIS H 317 1.51 -12.30 11.16
N HIS H 318 0.51 -11.53 11.55
CA HIS H 318 0.66 -10.08 11.62
C HIS H 318 1.26 -9.68 12.96
N GLN H 319 1.28 -10.62 13.89
CA GLN H 319 1.91 -10.41 15.19
C GLN H 319 3.02 -11.43 15.43
N THR H 320 3.66 -11.34 16.60
CA THR H 320 4.75 -12.25 16.92
C THR H 320 4.82 -12.57 18.40
N SER H 321 5.22 -13.80 18.72
CA SER H 321 5.33 -14.23 20.11
C SER H 321 6.72 -14.73 20.43
N VAL H 322 7.26 -14.27 21.56
CA VAL H 322 8.60 -14.64 21.98
C VAL H 322 8.57 -15.20 23.40
N VAL H 323 9.70 -15.74 23.84
CA VAL H 323 9.79 -16.30 25.18
C VAL H 323 11.15 -16.03 25.82
N TYR H 324 11.12 -15.55 27.07
CA TYR H 324 12.34 -15.31 27.84
C TYR H 324 12.50 -16.40 28.87
N GLU H 325 13.67 -17.03 28.89
CA GLU H 325 13.92 -18.12 29.85
C GLU H 325 14.72 -17.66 31.06
N TYR H 326 14.18 -17.91 32.25
CA TYR H 326 14.88 -17.60 33.48
C TYR H 326 15.24 -18.88 34.23
N PRO H 327 16.55 -19.17 34.35
CA PRO H 327 17.01 -20.34 35.12
C PRO H 327 16.57 -20.23 36.57
N ARG H 328 16.22 -21.36 37.18
CA ARG H 328 15.72 -21.38 38.55
C ARG H 328 16.16 -22.65 39.28
N ALA H 329 16.26 -22.57 40.59
CA ALA H 329 16.67 -23.72 41.39
C ALA H 329 15.49 -24.62 41.76
N GLU H 330 14.34 -24.01 42.03
CA GLU H 330 13.13 -24.75 42.36
C GLU H 330 12.14 -24.75 41.20
N GLY H 331 11.48 -25.88 40.99
CA GLY H 331 10.47 -26.00 39.95
C GLY H 331 10.49 -27.34 39.23
N ASP H 332 9.70 -27.44 38.16
CA ASP H 332 9.65 -28.67 37.37
C ASP H 332 11.05 -29.09 36.93
N PRO H 333 11.34 -30.38 37.00
CA PRO H 333 12.64 -30.92 36.57
C PRO H 333 12.81 -30.78 35.07
N TYR H 334 13.82 -30.03 34.63
CA TYR H 334 14.10 -29.89 33.21
C TYR H 334 15.51 -30.37 32.84
N TYR H 335 16.47 -30.12 33.71
CA TYR H 335 17.85 -30.49 33.43
C TYR H 335 18.47 -31.33 34.55
N PRO H 336 19.06 -32.47 34.19
CA PRO H 336 20.01 -33.10 35.11
C PRO H 336 21.22 -32.20 35.24
N VAL H 337 21.86 -32.16 36.40
CA VAL H 337 23.07 -31.37 36.59
C VAL H 337 24.31 -32.28 36.59
N PRO H 338 24.88 -32.53 35.40
CA PRO H 338 25.98 -33.49 35.24
C PRO H 338 27.26 -33.04 35.94
N ARG H 339 27.55 -33.66 37.08
CA ARG H 339 28.77 -33.37 37.82
C ARG H 339 29.14 -34.54 38.73
N PRO H 340 30.44 -34.70 39.02
CA PRO H 340 30.94 -35.84 39.79
C PRO H 340 30.06 -36.19 40.98
N GLU H 341 29.71 -35.20 41.79
CA GLU H 341 28.97 -35.44 43.02
C GLU H 341 27.48 -35.64 42.81
N ASN H 342 27.01 -35.37 41.59
CA ASN H 342 25.62 -35.62 41.23
C ASN H 342 25.46 -36.95 40.51
N ALA H 343 26.55 -37.47 39.98
CA ALA H 343 26.56 -38.78 39.38
C ALA H 343 26.53 -39.84 40.47
N GLU H 344 27.13 -39.50 41.61
CA GLU H 344 27.22 -40.43 42.73
C GLU H 344 25.87 -40.58 43.42
N LEU H 345 25.11 -39.49 43.48
CA LEU H 345 23.77 -39.54 44.04
C LEU H 345 22.85 -40.35 43.13
N TYR H 346 22.92 -40.07 41.83
CA TYR H 346 22.08 -40.81 40.87
C TYR H 346 22.39 -42.30 40.90
N LYS H 347 23.67 -42.64 40.88
CA LYS H 347 24.08 -44.04 40.87
C LYS H 347 23.43 -44.84 42.00
N LYS H 348 23.14 -44.17 43.12
CA LYS H 348 22.38 -44.81 44.19
C LYS H 348 20.97 -45.13 43.71
N TYR H 349 20.28 -44.11 43.21
CA TYR H 349 18.93 -44.28 42.69
C TYR H 349 18.88 -45.28 41.53
N GLU H 350 19.90 -45.23 40.68
CA GLU H 350 20.00 -46.14 39.54
C GLU H 350 19.99 -47.58 40.04
N ALA H 351 20.60 -47.81 41.20
CA ALA H 351 20.67 -49.13 41.81
C ALA H 351 19.30 -49.62 42.23
N LEU H 352 18.48 -48.70 42.74
CA LEU H 352 17.13 -49.03 43.18
C LEU H 352 16.20 -49.23 41.98
N ALA H 353 16.50 -48.56 40.87
CA ALA H 353 15.70 -48.68 39.66
C ALA H 353 16.05 -49.95 38.92
N ASP H 354 17.33 -50.30 38.95
CA ASP H 354 17.79 -51.56 38.36
C ASP H 354 17.23 -52.72 39.18
N ALA H 355 16.87 -52.42 40.43
CA ALA H 355 16.29 -53.42 41.32
C ALA H 355 14.80 -53.63 41.03
N ALA H 356 14.09 -52.54 40.76
CA ALA H 356 12.65 -52.63 40.46
C ALA H 356 12.39 -53.67 39.38
N GLN H 357 11.58 -54.66 39.73
CA GLN H 357 11.30 -55.78 38.84
C GLN H 357 10.47 -55.37 37.62
N ASP H 358 9.24 -54.96 37.86
CA ASP H 358 8.32 -54.65 36.79
C ASP H 358 8.26 -53.15 36.51
N VAL H 359 9.40 -52.48 36.65
CA VAL H 359 9.49 -51.05 36.35
C VAL H 359 10.72 -50.75 35.51
N THR H 360 10.49 -50.24 34.30
CA THR H 360 11.57 -49.86 33.40
C THR H 360 11.74 -48.35 33.38
N PHE H 361 12.98 -47.90 33.52
CA PHE H 361 13.28 -46.47 33.53
C PHE H 361 13.82 -46.01 32.18
N VAL H 362 13.22 -44.95 31.64
CA VAL H 362 13.65 -44.41 30.35
C VAL H 362 13.31 -42.91 30.22
N GLY H 363 14.23 -42.14 29.64
CA GLY H 363 13.99 -40.73 29.40
C GLY H 363 14.97 -39.78 30.09
N ARG H 364 15.04 -38.55 29.60
CA ARG H 364 15.95 -37.53 30.13
C ARG H 364 15.93 -37.47 31.66
N LEU H 365 14.75 -37.42 32.25
CA LEU H 365 14.59 -37.33 33.71
C LEU H 365 14.87 -38.67 34.39
N ALA H 366 14.20 -39.72 33.92
CA ALA H 366 14.26 -41.03 34.57
C ALA H 366 15.66 -41.63 34.61
N THR H 367 16.45 -41.35 33.59
CA THR H 367 17.79 -41.93 33.50
C THR H 367 18.86 -40.88 33.76
N TYR H 368 18.40 -39.67 34.12
CA TYR H 368 19.30 -38.59 34.50
C TYR H 368 20.35 -38.34 33.43
N ARG H 369 19.90 -38.22 32.19
CA ARG H 369 20.81 -37.94 31.08
C ARG H 369 20.40 -36.67 30.33
N TYR H 370 21.36 -35.79 30.13
CA TYR H 370 21.14 -34.56 29.37
C TYR H 370 20.90 -34.93 27.90
N TYR H 371 19.70 -35.40 27.59
CA TYR H 371 19.38 -35.89 26.25
C TYR H 371 18.55 -34.91 25.43
N ASN H 372 18.85 -34.84 24.14
CA ASN H 372 18.00 -34.15 23.18
C ASN H 372 16.83 -35.06 22.78
N MET H 373 15.89 -34.52 22.02
CA MET H 373 14.70 -35.28 21.61
C MET H 373 15.06 -36.53 20.82
N ASP H 374 15.89 -36.38 19.80
CA ASP H 374 16.22 -37.51 18.93
C ASP H 374 16.92 -38.63 19.70
N GLN H 375 17.66 -38.25 20.74
CA GLN H 375 18.37 -39.23 21.57
C GLN H 375 17.41 -40.04 22.45
N VAL H 376 16.45 -39.37 23.06
CA VAL H 376 15.45 -40.04 23.88
C VAL H 376 14.61 -41.00 23.05
N VAL H 377 14.27 -40.57 21.84
CA VAL H 377 13.51 -41.42 20.92
C VAL H 377 14.29 -42.70 20.64
N ALA H 378 15.60 -42.55 20.46
CA ALA H 378 16.47 -43.70 20.20
C ALA H 378 16.61 -44.58 21.45
N GLN H 379 16.68 -43.95 22.62
CA GLN H 379 16.72 -44.71 23.86
C GLN H 379 15.42 -45.49 24.04
N ALA H 380 14.31 -44.93 23.59
CA ALA H 380 13.01 -45.58 23.73
C ALA H 380 12.90 -46.80 22.81
N LEU H 381 13.19 -46.61 21.53
CA LEU H 381 13.18 -47.71 20.57
C LEU H 381 14.10 -48.84 21.03
N ALA H 382 15.22 -48.47 21.61
CA ALA H 382 16.18 -49.45 22.13
C ALA H 382 15.56 -50.25 23.27
N THR H 383 14.92 -49.54 24.20
CA THR H 383 14.20 -50.17 25.30
C THR H 383 13.16 -51.15 24.77
N PHE H 384 12.35 -50.67 23.84
CA PHE H 384 11.29 -51.48 23.24
C PHE H 384 11.84 -52.81 22.74
N ARG H 385 12.90 -52.74 21.95
CA ARG H 385 13.53 -53.93 21.43
C ARG H 385 13.91 -54.87 22.56
N ARG H 386 14.55 -54.33 23.60
CA ARG H 386 14.89 -55.12 24.77
C ARG H 386 13.64 -55.82 25.33
N LEU H 387 12.66 -55.03 25.74
CA LEU H 387 11.41 -55.57 26.28
C LEU H 387 10.94 -56.79 25.50
N GLN H 388 10.84 -56.65 24.18
CA GLN H 388 10.44 -57.74 23.31
C GLN H 388 11.38 -58.93 23.46
N GLY I 29 8.17 62.96 7.43
CA GLY I 29 9.11 62.14 6.68
C GLY I 29 9.66 60.97 7.47
N PHE I 30 10.88 60.56 7.14
CA PHE I 30 11.52 59.43 7.79
C PHE I 30 12.91 59.79 8.30
N ASP I 31 13.41 59.02 9.26
CA ASP I 31 14.78 59.19 9.74
C ASP I 31 15.74 58.49 8.79
N TYR I 32 15.29 57.40 8.19
CA TYR I 32 16.13 56.62 7.28
C TYR I 32 15.41 56.16 6.01
N LEU I 33 16.08 56.28 4.88
CA LEU I 33 15.61 55.70 3.65
C LEU I 33 16.57 54.59 3.28
N ILE I 34 16.13 53.35 3.47
CA ILE I 34 16.99 52.20 3.19
C ILE I 34 16.69 51.59 1.82
N VAL I 35 17.73 51.53 0.98
CA VAL I 35 17.60 51.01 -0.37
C VAL I 35 18.05 49.56 -0.44
N GLY I 36 17.10 48.65 -0.58
CA GLY I 36 17.40 47.22 -0.63
C GLY I 36 16.81 46.47 0.56
N ALA I 37 15.91 45.54 0.27
CA ALA I 37 15.21 44.80 1.33
C ALA I 37 15.77 43.40 1.56
N GLY I 38 17.05 43.21 1.26
CA GLY I 38 17.72 41.95 1.57
C GLY I 38 18.19 41.98 3.01
N PHE I 39 19.19 41.18 3.34
CA PHE I 39 19.71 41.15 4.72
C PHE I 39 20.24 42.51 5.17
N ALA I 40 21.15 43.07 4.38
CA ALA I 40 21.78 44.33 4.74
C ALA I 40 20.72 45.36 5.11
N GLY I 41 19.78 45.56 4.21
CA GLY I 41 18.77 46.58 4.40
C GLY I 41 17.73 46.25 5.45
N SER I 42 17.42 44.96 5.59
CA SER I 42 16.38 44.53 6.52
C SER I 42 16.90 44.43 7.96
N VAL I 43 18.14 44.00 8.12
CA VAL I 43 18.74 43.97 9.44
C VAL I 43 18.79 45.38 10.05
N LEU I 44 19.22 46.35 9.24
CA LEU I 44 19.29 47.73 9.68
C LEU I 44 17.91 48.34 9.89
N ALA I 45 16.97 48.02 9.01
CA ALA I 45 15.61 48.50 9.15
C ALA I 45 15.01 48.03 10.48
N GLU I 46 15.35 46.80 10.87
CA GLU I 46 14.83 46.21 12.09
C GLU I 46 15.42 46.89 13.32
N ARG I 47 16.74 47.01 13.34
CA ARG I 47 17.44 47.63 14.47
C ARG I 47 17.06 49.09 14.68
N LEU I 48 17.24 49.91 13.64
CA LEU I 48 16.85 51.32 13.69
C LEU I 48 15.42 51.51 14.21
N ALA I 49 14.50 50.69 13.71
CA ALA I 49 13.09 50.80 14.07
C ALA I 49 12.84 50.32 15.50
N SER I 50 13.66 49.38 15.95
CA SER I 50 13.53 48.86 17.31
C SER I 50 14.01 49.92 18.28
N SER I 51 14.77 50.89 17.76
CA SER I 51 15.29 51.99 18.56
C SER I 51 14.64 53.31 18.20
N GLY I 52 13.34 53.28 17.90
CA GLY I 52 12.56 54.50 17.74
C GLY I 52 12.59 55.18 16.37
N GLN I 53 13.56 54.85 15.53
CA GLN I 53 13.68 55.50 14.23
C GLN I 53 12.50 55.18 13.33
N ARG I 54 12.08 56.15 12.52
CA ARG I 54 11.08 55.91 11.49
C ARG I 54 11.76 55.58 10.17
N VAL I 55 11.61 54.32 9.75
CA VAL I 55 12.34 53.82 8.59
C VAL I 55 11.43 53.56 7.40
N LEU I 56 11.87 54.04 6.24
CA LEU I 56 11.24 53.70 4.98
C LEU I 56 12.19 52.83 4.18
N ILE I 57 11.86 51.55 4.03
CA ILE I 57 12.70 50.64 3.25
C ILE I 57 12.09 50.36 1.87
N VAL I 58 12.90 50.51 0.84
CA VAL I 58 12.40 50.38 -0.53
C VAL I 58 13.19 49.35 -1.33
N ASP I 59 12.56 48.78 -2.35
CA ASP I 59 13.22 47.81 -3.22
C ASP I 59 12.59 47.81 -4.61
N ARG I 60 13.44 47.70 -5.63
CA ARG I 60 12.96 47.70 -7.01
C ARG I 60 12.31 46.37 -7.37
N ARG I 61 12.62 45.34 -6.59
CA ARG I 61 11.96 44.05 -6.75
C ARG I 61 10.57 44.09 -6.11
N PRO I 62 9.64 43.27 -6.62
CA PRO I 62 8.26 43.21 -6.12
C PRO I 62 8.17 42.53 -4.77
N HIS I 63 9.31 42.05 -4.25
CA HIS I 63 9.31 41.30 -3.01
C HIS I 63 10.44 41.77 -2.11
N ILE I 64 10.41 41.32 -0.85
CA ILE I 64 11.47 41.62 0.10
C ILE I 64 12.44 40.46 0.13
N GLY I 65 13.42 40.52 1.02
CA GLY I 65 14.35 39.42 1.21
C GLY I 65 15.55 39.44 0.27
N GLY I 66 15.50 40.27 -0.76
CA GLY I 66 16.57 40.32 -1.74
C GLY I 66 16.83 38.97 -2.37
N ASN I 67 18.07 38.53 -2.32
CA ASN I 67 18.49 37.25 -2.90
C ASN I 67 17.99 36.02 -2.14
N ALA I 68 17.79 36.19 -0.84
CA ALA I 68 17.41 35.06 0.00
C ALA I 68 15.90 34.84 0.01
N TYR I 69 15.19 35.58 -0.84
CA TYR I 69 13.74 35.44 -0.96
C TYR I 69 13.33 34.03 -1.38
N ASP I 70 12.36 33.46 -0.67
CA ASP I 70 11.82 32.17 -1.09
C ASP I 70 10.29 32.16 -1.16
N CYS I 71 9.76 31.29 -2.00
CA CYS I 71 8.32 31.23 -2.23
C CYS I 71 7.94 29.86 -2.77
N TYR I 72 6.65 29.54 -2.71
CA TYR I 72 6.12 28.29 -3.26
C TYR I 72 5.85 28.43 -4.75
N ASP I 73 6.30 27.45 -5.53
CA ASP I 73 6.06 27.44 -6.97
C ASP I 73 4.67 26.90 -7.27
N ASP I 74 4.34 26.82 -8.56
CA ASP I 74 3.02 26.34 -8.98
C ASP I 74 2.68 24.95 -8.44
N ALA I 75 3.71 24.13 -8.21
CA ALA I 75 3.49 22.77 -7.70
C ALA I 75 3.28 22.77 -6.19
N GLY I 76 3.61 23.88 -5.56
CA GLY I 76 3.44 24.01 -4.12
C GLY I 76 4.67 23.60 -3.35
N VAL I 77 5.83 23.69 -4.01
CA VAL I 77 7.09 23.37 -3.38
C VAL I 77 7.83 24.64 -3.02
N LEU I 78 8.47 24.65 -1.85
CA LEU I 78 9.21 25.82 -1.39
C LEU I 78 10.55 25.88 -2.12
N ILE I 79 10.85 27.01 -2.74
CA ILE I 79 12.06 27.16 -3.53
C ILE I 79 12.75 28.51 -3.34
N HIS I 80 14.03 28.57 -3.72
CA HIS I 80 14.75 29.83 -3.75
C HIS I 80 14.91 30.27 -5.20
N PRO I 81 14.09 31.25 -5.63
CA PRO I 81 14.08 31.70 -7.01
C PRO I 81 15.44 32.15 -7.51
N TYR I 82 16.34 32.52 -6.58
CA TYR I 82 17.66 33.02 -6.94
C TYR I 82 18.76 32.05 -6.56
N GLY I 83 18.43 30.77 -6.51
CA GLY I 83 19.43 29.74 -6.24
C GLY I 83 19.47 29.28 -4.79
N PRO I 84 20.20 28.19 -4.53
CA PRO I 84 20.32 27.57 -3.20
C PRO I 84 20.84 28.57 -2.18
N HIS I 85 20.10 28.77 -1.09
CA HIS I 85 20.54 29.65 -0.02
C HIS I 85 20.55 28.88 1.30
N ILE I 86 21.70 28.29 1.63
CA ILE I 86 21.88 27.54 2.87
C ILE I 86 22.51 28.39 3.96
N PHE I 87 21.83 28.54 5.09
CA PHE I 87 22.37 29.37 6.16
C PHE I 87 23.38 28.66 7.05
N HIS I 88 24.49 29.33 7.30
CA HIS I 88 25.54 28.81 8.17
C HIS I 88 26.36 29.95 8.73
N THR I 89 26.81 29.80 9.97
CA THR I 89 27.60 30.84 10.61
C THR I 89 28.39 30.34 11.80
N ASN I 90 29.45 31.06 12.15
CA ASN I 90 30.22 30.77 13.34
C ASN I 90 29.93 31.79 14.43
N SER I 91 29.14 32.80 14.07
CA SER I 91 28.83 33.89 14.99
C SER I 91 27.63 33.58 15.88
N LYS I 92 27.89 33.34 17.16
CA LYS I 92 26.84 33.16 18.15
C LYS I 92 25.93 34.38 18.13
N ASP I 93 26.53 35.54 17.94
CA ASP I 93 25.81 36.80 17.95
C ASP I 93 24.82 36.85 16.78
N VAL I 94 25.31 36.52 15.59
CA VAL I 94 24.47 36.52 14.40
C VAL I 94 23.33 35.52 14.52
N PHE I 95 23.64 34.32 15.00
CA PHE I 95 22.63 33.27 15.08
C PHE I 95 21.55 33.62 16.10
N GLU I 96 21.95 34.04 17.29
CA GLU I 96 21.00 34.43 18.32
C GLU I 96 20.14 35.62 17.87
N TYR I 97 20.69 36.44 17.00
CA TYR I 97 19.94 37.59 16.48
C TYR I 97 18.79 37.13 15.60
N LEU I 98 19.11 36.40 14.54
CA LEU I 98 18.10 35.86 13.64
C LEU I 98 17.06 35.03 14.40
N SER I 99 17.51 34.35 15.46
CA SER I 99 16.63 33.49 16.25
C SER I 99 15.42 34.23 16.81
N ARG I 100 15.48 35.55 16.79
CA ARG I 100 14.37 36.35 17.28
C ARG I 100 13.25 36.39 16.26
N PHE I 101 13.56 36.00 15.02
CA PHE I 101 12.61 36.14 13.93
C PHE I 101 12.25 34.84 13.23
N THR I 102 12.75 33.71 13.73
CA THR I 102 12.46 32.43 13.10
C THR I 102 12.94 31.23 13.90
N GLU I 103 12.17 30.14 13.82
CA GLU I 103 12.61 28.87 14.36
C GLU I 103 13.56 28.23 13.37
N TRP I 104 14.17 27.11 13.77
CA TRP I 104 15.22 26.52 12.94
C TRP I 104 15.02 25.05 12.63
N ARG I 105 15.29 24.68 11.38
CA ARG I 105 15.44 23.28 11.01
C ARG I 105 16.92 22.98 10.91
N PRO I 106 17.46 22.28 11.91
CA PRO I 106 18.87 21.85 11.88
C PRO I 106 19.21 21.23 10.53
N TYR I 107 20.30 21.66 9.92
CA TYR I 107 20.63 21.20 8.58
C TYR I 107 22.07 21.47 8.21
N GLN I 108 22.79 20.42 7.83
CA GLN I 108 24.17 20.56 7.39
C GLN I 108 24.30 20.19 5.91
N HIS I 109 24.41 21.22 5.06
CA HIS I 109 24.47 21.04 3.61
C HIS I 109 25.63 20.13 3.18
N ARG I 110 25.38 19.32 2.15
CA ARG I 110 26.40 18.46 1.59
C ARG I 110 26.33 18.47 0.08
N VAL I 111 27.50 18.53 -0.56
CA VAL I 111 27.58 18.66 -2.00
C VAL I 111 28.41 17.52 -2.58
N LEU I 112 27.93 16.93 -3.68
CA LEU I 112 28.71 15.96 -4.43
C LEU I 112 29.19 16.58 -5.74
N ALA I 113 30.40 16.22 -6.15
CA ALA I 113 30.96 16.75 -7.39
C ALA I 113 31.09 15.66 -8.45
N SER I 114 30.48 15.90 -9.61
CA SER I 114 30.51 14.94 -10.69
C SER I 114 31.88 14.93 -11.38
N VAL I 115 32.70 13.95 -11.03
CA VAL I 115 34.04 13.83 -11.59
C VAL I 115 34.32 12.39 -12.00
N ASP I 116 34.83 12.21 -13.21
CA ASP I 116 35.14 10.89 -13.74
C ASP I 116 33.97 9.92 -13.58
N GLY I 117 32.77 10.39 -13.89
CA GLY I 117 31.58 9.55 -13.83
C GLY I 117 31.10 9.16 -12.45
N GLN I 118 31.63 9.80 -11.42
CA GLN I 118 31.24 9.47 -10.05
C GLN I 118 30.68 10.70 -9.35
N LEU I 119 30.15 10.51 -8.15
CA LEU I 119 29.78 11.62 -7.29
C LEU I 119 30.66 11.59 -6.04
N LEU I 120 31.61 12.53 -5.97
CA LEU I 120 32.62 12.54 -4.93
C LEU I 120 32.48 13.74 -3.99
N PRO I 121 32.92 13.58 -2.74
CA PRO I 121 32.84 14.65 -1.74
C PRO I 121 33.61 15.89 -2.18
N ILE I 122 32.99 17.05 -2.02
CA ILE I 122 33.65 18.34 -2.24
C ILE I 122 33.13 19.24 -1.13
N PRO I 123 34.02 19.85 -0.34
CA PRO I 123 35.49 19.88 -0.39
C PRO I 123 36.14 18.51 -0.45
N ILE I 124 37.30 18.46 -1.10
CA ILE I 124 38.11 17.25 -1.20
C ILE I 124 38.52 16.75 0.18
N ASN I 125 38.31 15.46 0.42
CA ASN I 125 38.75 14.83 1.67
C ASN I 125 39.29 13.43 1.41
N LEU I 126 39.70 12.74 2.47
CA LEU I 126 40.22 11.37 2.36
C LEU I 126 39.39 10.55 1.40
N ASP I 127 38.08 10.59 1.56
CA ASP I 127 37.17 9.80 0.74
C ASP I 127 37.19 10.19 -0.73
N THR I 128 37.39 11.47 -1.01
CA THR I 128 37.49 11.93 -2.39
C THR I 128 38.69 11.28 -3.06
N VAL I 129 39.86 11.44 -2.44
CA VAL I 129 41.10 10.89 -2.96
C VAL I 129 41.05 9.37 -3.08
N ASN I 130 40.53 8.71 -2.05
CA ASN I 130 40.46 7.25 -2.03
C ASN I 130 39.54 6.67 -3.09
N ARG I 131 38.36 7.26 -3.23
CA ARG I 131 37.39 6.74 -4.19
C ARG I 131 37.81 7.04 -5.62
N LEU I 132 38.46 8.19 -5.82
CA LEU I 132 38.83 8.62 -7.17
C LEU I 132 39.94 7.76 -7.75
N TYR I 133 40.99 7.53 -6.95
CA TYR I 133 42.16 6.81 -7.43
C TYR I 133 42.16 5.35 -7.01
N GLY I 134 41.12 4.94 -6.28
CA GLY I 134 41.02 3.58 -5.80
C GLY I 134 42.13 3.28 -4.80
N LEU I 135 42.44 4.26 -3.97
CA LEU I 135 43.44 4.08 -2.93
C LEU I 135 42.77 3.64 -1.64
N ASN I 136 43.58 3.38 -0.61
CA ASN I 136 43.06 3.07 0.72
C ASN I 136 43.87 3.78 1.81
N LEU I 137 44.28 5.01 1.50
CA LEU I 137 45.05 5.80 2.45
C LEU I 137 44.26 6.07 3.73
N THR I 138 44.96 6.15 4.84
CA THR I 138 44.40 6.68 6.07
C THR I 138 44.54 8.20 6.00
N SER I 139 43.96 8.90 6.97
CA SER I 139 44.08 10.35 7.01
C SER I 139 45.54 10.78 7.10
N PHE I 140 46.30 10.12 7.96
CA PHE I 140 47.72 10.38 8.09
C PHE I 140 48.43 10.24 6.76
N GLN I 141 48.08 9.19 6.01
CA GLN I 141 48.72 8.90 4.73
C GLN I 141 48.35 9.91 3.63
N VAL I 142 47.16 10.48 3.71
CA VAL I 142 46.73 11.41 2.67
C VAL I 142 47.35 12.79 2.85
N GLU I 143 47.88 13.04 4.05
CA GLU I 143 48.59 14.28 4.30
C GLU I 143 49.93 14.26 3.57
N GLU I 144 50.59 13.12 3.61
CA GLU I 144 51.87 12.94 2.92
C GLU I 144 51.67 12.88 1.41
N PHE I 145 50.57 12.28 0.98
CA PHE I 145 50.27 12.16 -0.44
C PHE I 145 50.04 13.53 -1.09
N PHE I 146 49.28 14.38 -0.42
CA PHE I 146 49.08 15.73 -0.88
C PHE I 146 50.43 16.42 -0.98
N ALA I 147 51.21 16.30 0.09
CA ALA I 147 52.56 16.86 0.13
C ALA I 147 53.34 16.45 -1.09
N SER I 148 53.25 15.17 -1.45
CA SER I 148 54.03 14.64 -2.56
C SER I 148 53.59 15.15 -3.93
N VAL I 149 52.48 15.87 -3.99
CA VAL I 149 51.96 16.33 -5.28
C VAL I 149 51.78 17.85 -5.38
N ALA I 150 51.61 18.51 -4.24
CA ALA I 150 51.36 19.95 -4.24
C ALA I 150 52.54 20.70 -4.82
N GLU I 151 52.26 21.59 -5.78
CA GLU I 151 53.29 22.46 -6.32
C GLU I 151 53.61 23.54 -5.30
N LYS I 152 54.88 23.90 -5.19
CA LYS I 152 55.26 24.95 -4.25
C LYS I 152 55.16 26.33 -4.86
N VAL I 153 54.61 27.26 -4.10
CA VAL I 153 54.44 28.63 -4.56
C VAL I 153 55.15 29.59 -3.60
N GLU I 154 55.99 30.45 -4.16
CA GLU I 154 56.71 31.44 -3.37
C GLU I 154 55.74 32.21 -2.50
N GLN I 155 54.68 32.70 -3.13
CA GLN I 155 53.66 33.48 -2.44
C GLN I 155 52.31 33.26 -3.11
N VAL I 156 51.35 32.73 -2.34
CA VAL I 156 50.04 32.44 -2.89
C VAL I 156 49.21 33.70 -3.10
N ARG I 157 48.90 33.99 -4.36
CA ARG I 157 48.10 35.17 -4.68
C ARG I 157 46.82 34.79 -5.39
N THR I 158 46.92 33.84 -6.31
CA THR I 158 45.81 33.51 -7.20
C THR I 158 45.01 32.30 -6.74
N SER I 159 43.79 32.18 -7.26
CA SER I 159 42.93 31.05 -6.95
C SER I 159 43.55 29.74 -7.40
N GLU I 160 44.46 29.82 -8.37
CA GLU I 160 45.20 28.65 -8.82
C GLU I 160 46.23 28.27 -7.77
N ASP I 161 46.93 29.26 -7.26
CA ASP I 161 47.98 29.03 -6.25
C ASP I 161 47.46 28.33 -4.99
N VAL I 162 46.30 28.76 -4.49
CA VAL I 162 45.77 28.19 -3.24
C VAL I 162 45.52 26.70 -3.36
N VAL I 163 44.96 26.29 -4.49
CA VAL I 163 44.60 24.89 -4.68
C VAL I 163 45.82 24.05 -5.05
N VAL I 164 46.52 24.46 -6.10
CA VAL I 164 47.69 23.75 -6.58
C VAL I 164 48.74 23.57 -5.49
N SER I 165 48.90 24.58 -4.64
CA SER I 165 49.91 24.53 -3.58
C SER I 165 49.50 23.60 -2.44
N LYS I 166 48.24 23.17 -2.45
CA LYS I 166 47.74 22.32 -1.38
C LYS I 166 47.51 20.87 -1.83
N VAL I 167 46.96 20.69 -3.02
CA VAL I 167 46.54 19.36 -3.46
C VAL I 167 46.97 18.97 -4.87
N GLY I 168 47.99 19.65 -5.39
CA GLY I 168 48.57 19.26 -6.66
C GLY I 168 47.80 19.67 -7.90
N ARG I 169 48.43 19.49 -9.05
CA ARG I 169 47.90 19.97 -10.33
C ARG I 169 46.69 19.18 -10.80
N ASP I 170 46.69 17.87 -10.56
CA ASP I 170 45.62 17.01 -11.06
C ASP I 170 44.28 17.27 -10.40
N LEU I 171 44.23 17.18 -9.08
CA LEU I 171 42.98 17.41 -8.36
C LEU I 171 42.46 18.80 -8.66
N TYR I 172 43.36 19.76 -8.78
CA TYR I 172 43.02 21.12 -9.19
C TYR I 172 42.28 21.11 -10.52
N ASN I 173 42.80 20.35 -11.48
CA ASN I 173 42.16 20.23 -12.79
C ASN I 173 40.75 19.62 -12.74
N LYS I 174 40.59 18.55 -11.97
CA LYS I 174 39.35 17.79 -11.97
C LYS I 174 38.21 18.41 -11.14
N PHE I 175 38.58 19.26 -10.18
CA PHE I 175 37.57 19.81 -9.27
C PHE I 175 37.40 21.32 -9.38
N PHE I 176 38.50 22.05 -9.50
CA PHE I 176 38.45 23.52 -9.43
C PHE I 176 38.59 24.24 -10.77
N ARG I 177 39.53 23.82 -11.60
CA ARG I 177 39.82 24.55 -12.84
C ARG I 177 38.58 24.74 -13.72
N GLY I 178 37.97 23.63 -14.11
CA GLY I 178 36.79 23.67 -14.95
C GLY I 178 35.67 24.49 -14.34
N TYR I 179 35.26 24.13 -13.13
CA TYR I 179 34.18 24.83 -12.45
C TYR I 179 34.44 26.33 -12.45
N THR I 180 35.64 26.72 -12.05
CA THR I 180 36.00 28.14 -11.98
C THR I 180 35.87 28.83 -13.34
N ARG I 181 36.41 28.19 -14.37
CA ARG I 181 36.36 28.78 -15.71
C ARG I 181 34.92 28.99 -16.17
N LYS I 182 34.04 28.05 -15.81
CA LYS I 182 32.65 28.10 -16.22
C LYS I 182 31.85 29.15 -15.45
N GLN I 183 32.13 29.26 -14.15
CA GLN I 183 31.39 30.15 -13.26
C GLN I 183 31.72 31.63 -13.51
N TRP I 184 33.02 31.92 -13.58
CA TRP I 184 33.50 33.30 -13.64
C TRP I 184 33.82 33.75 -15.05
N GLY I 185 34.13 32.79 -15.92
CA GLY I 185 34.62 33.11 -17.25
C GLY I 185 36.10 33.47 -17.17
N LEU I 186 36.70 33.19 -16.02
CA LEU I 186 38.10 33.48 -15.78
C LEU I 186 38.79 32.24 -15.22
N ASP I 187 39.98 31.94 -15.75
CA ASP I 187 40.83 30.90 -15.19
C ASP I 187 41.15 31.26 -13.73
N PRO I 188 41.37 30.24 -12.89
CA PRO I 188 41.68 30.49 -11.47
C PRO I 188 42.94 31.34 -11.26
N SER I 189 43.80 31.43 -12.27
CA SER I 189 45.02 32.22 -12.15
C SER I 189 44.75 33.70 -12.36
N GLU I 190 43.56 34.00 -12.86
CA GLU I 190 43.12 35.38 -13.06
C GLU I 190 42.16 35.81 -11.94
N LEU I 191 42.14 35.02 -10.87
CA LEU I 191 41.28 35.29 -9.72
C LEU I 191 42.06 35.30 -8.41
N ASP I 192 41.64 36.15 -7.49
CA ASP I 192 42.30 36.24 -6.19
C ASP I 192 42.17 34.94 -5.39
N ALA I 193 43.17 34.67 -4.56
CA ALA I 193 43.23 33.43 -3.79
C ALA I 193 41.97 33.20 -2.94
N SER I 194 41.32 34.27 -2.53
CA SER I 194 40.18 34.17 -1.63
C SER I 194 39.00 33.43 -2.26
N VAL I 195 38.88 33.49 -3.58
CA VAL I 195 37.75 32.87 -4.26
C VAL I 195 37.72 31.35 -4.06
N THR I 196 38.68 30.64 -4.64
CA THR I 196 38.72 29.18 -4.48
C THR I 196 39.20 28.77 -3.09
N ALA I 197 39.52 29.75 -2.26
CA ALA I 197 39.90 29.47 -0.88
C ALA I 197 38.66 29.27 -0.02
N ARG I 198 37.49 29.55 -0.60
CA ARG I 198 36.22 29.38 0.09
C ARG I 198 35.98 27.91 0.39
N VAL I 199 36.39 27.05 -0.54
CA VAL I 199 36.27 25.61 -0.36
C VAL I 199 37.60 25.07 0.14
N PRO I 200 37.67 24.74 1.44
CA PRO I 200 38.88 24.23 2.08
C PRO I 200 39.20 22.84 1.58
N THR I 201 40.43 22.39 1.82
CA THR I 201 40.81 21.03 1.50
C THR I 201 41.05 20.27 2.80
N ARG I 202 40.49 19.08 2.88
CA ARG I 202 40.54 18.31 4.11
C ARG I 202 41.32 17.01 3.96
N THR I 203 42.00 16.61 5.03
CA THR I 203 42.66 15.32 5.11
C THR I 203 41.80 14.34 5.91
N ASN I 204 40.79 14.86 6.59
CA ASN I 204 39.88 14.01 7.36
C ASN I 204 38.78 13.45 6.47
N ARG I 205 37.69 13.00 7.09
CA ARG I 205 36.62 12.39 6.33
C ARG I 205 35.31 13.17 6.43
N ASP I 206 35.41 14.39 6.95
CA ASP I 206 34.26 15.30 7.01
C ASP I 206 33.80 15.64 5.59
N ASN I 207 32.50 15.50 5.35
CA ASN I 207 31.95 15.74 4.01
C ASN I 207 30.87 16.82 3.98
N ARG I 208 30.81 17.63 5.02
CA ARG I 208 29.90 18.77 5.04
C ARG I 208 30.52 19.89 4.22
N TYR I 209 29.70 20.69 3.55
CA TYR I 209 30.23 21.82 2.81
C TYR I 209 30.72 22.87 3.79
N PHE I 210 30.15 22.86 4.98
CA PHE I 210 30.51 23.83 6.01
C PHE I 210 30.87 23.13 7.32
N ALA I 211 31.91 23.63 7.97
CA ALA I 211 32.29 23.13 9.29
C ALA I 211 31.82 24.12 10.36
N ASP I 212 31.01 25.09 9.95
CA ASP I 212 30.48 26.11 10.85
C ASP I 212 29.82 25.50 12.09
N THR I 213 29.77 26.29 13.16
CA THR I 213 29.19 25.85 14.42
C THR I 213 27.67 25.76 14.33
N TYR I 214 27.07 26.75 13.69
CA TYR I 214 25.62 26.82 13.55
C TYR I 214 25.22 26.60 12.10
N GLN I 215 24.44 25.55 11.84
CA GLN I 215 23.94 25.29 10.50
C GLN I 215 22.47 24.88 10.55
N ALA I 216 21.60 25.77 10.10
CA ALA I 216 20.16 25.54 10.19
C ALA I 216 19.41 26.46 9.22
N MET I 217 18.26 25.98 8.75
CA MET I 217 17.42 26.77 7.86
C MET I 217 16.27 27.37 8.63
N PRO I 218 15.85 28.58 8.27
CA PRO I 218 14.65 29.16 8.88
C PRO I 218 13.50 28.19 8.68
N LEU I 219 12.89 27.75 9.78
CA LEU I 219 11.88 26.70 9.74
C LEU I 219 10.81 26.87 8.67
N HIS I 220 10.34 28.10 8.47
CA HIS I 220 9.29 28.34 7.49
C HIS I 220 9.75 29.21 6.33
N GLY I 221 11.03 29.17 6.03
CA GLY I 221 11.55 29.90 4.89
C GLY I 221 12.02 31.30 5.20
N TYR I 222 12.94 31.80 4.39
CA TYR I 222 13.54 33.11 4.57
C TYR I 222 12.51 34.22 4.55
N THR I 223 11.64 34.22 3.54
CA THR I 223 10.62 35.26 3.39
C THR I 223 9.85 35.46 4.68
N ARG I 224 9.43 34.36 5.29
CA ARG I 224 8.68 34.41 6.53
C ARG I 224 9.48 35.10 7.63
N MET I 225 10.79 34.87 7.62
CA MET I 225 11.68 35.45 8.62
C MET I 225 11.86 36.94 8.39
N PHE I 226 11.91 37.35 7.13
CA PHE I 226 12.05 38.76 6.81
C PHE I 226 10.80 39.56 7.19
N GLN I 227 9.63 38.94 7.11
CA GLN I 227 8.38 39.61 7.44
C GLN I 227 8.30 39.91 8.92
N ASN I 228 8.71 38.94 9.73
CA ASN I 228 8.86 39.18 11.16
C ASN I 228 9.83 40.31 11.40
N MET I 229 10.98 40.22 10.74
CA MET I 229 12.03 41.22 10.86
C MET I 229 11.52 42.64 10.54
N LEU I 230 10.66 42.75 9.54
CA LEU I 230 10.19 44.06 9.08
C LEU I 230 8.81 44.43 9.61
N SER I 231 8.41 43.82 10.72
CA SER I 231 7.04 43.95 11.19
C SER I 231 6.77 45.25 11.95
N SER I 232 7.82 45.82 12.56
CA SER I 232 7.68 47.06 13.32
C SER I 232 6.77 48.08 12.62
N PRO I 233 5.93 48.77 13.41
CA PRO I 233 5.09 49.84 12.88
C PRO I 233 5.95 51.01 12.42
N ASN I 234 7.21 51.02 12.87
CA ASN I 234 8.15 52.05 12.49
C ASN I 234 8.79 51.80 11.12
N ILE I 235 8.35 50.73 10.47
CA ILE I 235 8.91 50.36 9.17
C ILE I 235 7.88 50.39 8.04
N LYS I 236 8.08 51.31 7.10
CA LYS I 236 7.23 51.35 5.91
C LYS I 236 7.95 50.68 4.75
N VAL I 237 7.27 49.76 4.09
CA VAL I 237 7.88 48.97 3.04
C VAL I 237 7.35 49.42 1.68
N MET I 238 8.27 49.64 0.74
CA MET I 238 7.90 50.08 -0.59
C MET I 238 8.57 49.20 -1.64
N LEU I 239 7.74 48.51 -2.42
CA LEU I 239 8.23 47.51 -3.36
C LEU I 239 8.04 47.96 -4.80
N ASN I 240 8.76 47.31 -5.72
CA ASN I 240 8.63 47.60 -7.15
C ASN I 240 9.06 49.03 -7.44
N THR I 241 10.00 49.53 -6.63
CA THR I 241 10.35 50.94 -6.62
C THR I 241 11.86 51.17 -6.60
N ASP I 242 12.36 51.87 -7.61
CA ASP I 242 13.76 52.31 -7.60
C ASP I 242 13.85 53.51 -6.67
N TYR I 243 14.86 53.51 -5.80
CA TYR I 243 15.00 54.58 -4.81
C TYR I 243 15.05 55.94 -5.50
N ARG I 244 15.62 55.99 -6.70
CA ARG I 244 15.71 57.23 -7.43
C ARG I 244 14.34 57.76 -7.85
N GLU I 245 13.33 56.87 -7.84
CA GLU I 245 11.97 57.27 -8.22
C GLU I 245 11.27 58.10 -7.15
N ILE I 246 11.79 58.09 -5.92
CA ILE I 246 11.11 58.76 -4.81
C ILE I 246 12.01 59.65 -3.94
N ALA I 247 13.32 59.51 -4.09
CA ALA I 247 14.28 60.26 -3.29
C ALA I 247 14.00 61.76 -3.33
N ASP I 248 13.50 62.24 -4.46
CA ASP I 248 13.29 63.66 -4.69
C ASP I 248 12.17 64.28 -3.85
N PHE I 249 11.06 63.57 -3.71
CA PHE I 249 9.92 64.13 -2.97
C PHE I 249 9.55 63.38 -1.69
N ILE I 250 10.48 62.64 -1.12
CA ILE I 250 10.25 61.97 0.16
C ILE I 250 11.27 62.40 1.20
N PRO I 251 10.80 63.02 2.29
CA PRO I 251 11.63 63.55 3.38
C PRO I 251 12.32 62.46 4.18
N PHE I 252 13.65 62.41 4.11
CA PHE I 252 14.43 61.50 4.93
C PHE I 252 15.72 62.15 5.39
N GLN I 253 16.29 61.63 6.48
CA GLN I 253 17.51 62.19 7.04
C GLN I 253 18.76 61.54 6.50
N HIS I 254 18.90 60.24 6.72
CA HIS I 254 20.07 59.51 6.31
C HIS I 254 19.67 58.38 5.37
N MET I 255 20.54 58.08 4.41
CA MET I 255 20.30 56.98 3.48
C MET I 255 21.23 55.81 3.73
N ILE I 256 20.67 54.60 3.73
CA ILE I 256 21.46 53.38 3.78
C ILE I 256 21.28 52.62 2.48
N TYR I 257 22.27 52.71 1.60
CA TYR I 257 22.20 52.10 0.27
C TYR I 257 22.91 50.75 0.24
N THR I 258 22.18 49.72 -0.17
CA THR I 258 22.72 48.35 -0.20
C THR I 258 22.82 47.78 -1.60
N GLY I 259 22.59 48.61 -2.62
CA GLY I 259 22.69 48.16 -3.99
C GLY I 259 24.13 48.14 -4.47
N PRO I 260 24.33 48.05 -5.79
CA PRO I 260 25.67 48.11 -6.39
C PRO I 260 26.28 49.52 -6.28
N VAL I 261 27.59 49.61 -6.01
CA VAL I 261 28.24 50.91 -5.89
C VAL I 261 28.30 51.68 -7.20
N ASP I 262 28.80 51.02 -8.25
CA ASP I 262 28.99 51.70 -9.53
C ASP I 262 27.70 52.35 -10.04
N ALA I 263 26.57 51.71 -9.77
CA ALA I 263 25.27 52.21 -10.20
C ALA I 263 24.84 53.43 -9.40
N PHE I 264 25.23 53.48 -8.14
CA PHE I 264 24.89 54.61 -7.30
C PHE I 264 25.54 55.87 -7.85
N PHE I 265 26.73 55.71 -8.42
CA PHE I 265 27.48 56.84 -8.98
C PHE I 265 27.41 56.89 -10.50
N ASP I 266 26.26 56.55 -11.05
CA ASP I 266 26.02 56.61 -12.50
C ASP I 266 27.18 56.05 -13.33
N PHE I 267 27.82 55.00 -12.82
CA PHE I 267 28.91 54.34 -13.51
C PHE I 267 29.97 55.36 -13.94
N CYS I 268 30.25 56.31 -13.08
CA CYS I 268 31.14 57.42 -13.44
C CYS I 268 32.55 56.93 -13.80
N TYR I 269 33.02 55.89 -13.11
CA TYR I 269 34.34 55.34 -13.39
C TYR I 269 34.28 54.13 -14.30
N GLY I 270 33.16 53.97 -15.01
CA GLY I 270 32.96 52.83 -15.86
C GLY I 270 32.24 51.72 -15.13
N LYS I 271 31.91 50.65 -15.86
CA LYS I 271 31.16 49.54 -15.28
C LYS I 271 32.03 48.68 -14.36
N LEU I 272 31.63 48.57 -13.09
CA LEU I 272 32.33 47.69 -12.14
C LEU I 272 31.81 46.27 -12.32
N PRO I 273 32.69 45.34 -12.68
CA PRO I 273 32.28 43.96 -12.96
C PRO I 273 31.51 43.28 -11.82
N TYR I 274 30.35 42.73 -12.15
CA TYR I 274 29.58 41.87 -11.25
C TYR I 274 29.11 40.66 -12.03
N ARG I 275 29.55 39.47 -11.63
CA ARG I 275 29.12 38.25 -12.29
C ARG I 275 27.67 37.96 -11.96
N SER I 276 26.96 37.31 -12.90
CA SER I 276 25.53 37.09 -12.77
C SER I 276 25.17 35.63 -13.09
N LEU I 277 23.93 35.26 -12.82
CA LEU I 277 23.48 33.90 -13.04
C LEU I 277 22.09 33.83 -13.66
N GLU I 278 21.84 32.77 -14.41
CA GLU I 278 20.50 32.48 -14.89
C GLU I 278 20.03 31.19 -14.23
N PHE I 279 18.76 31.17 -13.82
CA PHE I 279 18.20 30.02 -13.12
C PHE I 279 17.07 29.39 -13.92
N ARG I 280 17.25 28.11 -14.26
CA ARG I 280 16.16 27.38 -14.89
C ARG I 280 15.57 26.41 -13.87
N HIS I 281 14.34 26.69 -13.46
CA HIS I 281 13.66 25.90 -12.44
C HIS I 281 12.80 24.80 -13.05
N GLU I 282 12.82 23.62 -12.42
CA GLU I 282 12.00 22.51 -12.89
C GLU I 282 11.31 21.78 -11.75
N THR I 283 10.16 21.18 -12.06
CA THR I 283 9.45 20.33 -11.13
C THR I 283 9.29 18.93 -11.71
N HIS I 284 9.73 17.93 -10.96
CA HIS I 284 9.61 16.55 -11.42
C HIS I 284 8.53 15.79 -10.66
N ASP I 285 8.00 14.75 -11.31
CA ASP I 285 6.97 13.93 -10.71
C ASP I 285 7.58 12.72 -10.00
N THR I 286 8.33 13.00 -8.93
CA THR I 286 8.97 11.97 -8.13
C THR I 286 9.35 12.64 -6.82
N GLU I 287 9.53 11.83 -5.77
CA GLU I 287 9.84 12.42 -4.48
C GLU I 287 11.26 12.96 -4.43
N GLN I 288 12.19 12.22 -5.02
CA GLN I 288 13.60 12.60 -4.94
C GLN I 288 14.33 12.45 -6.27
N LEU I 289 15.17 13.42 -6.59
CA LEU I 289 15.90 13.44 -7.84
C LEU I 289 17.41 13.36 -7.61
N LEU I 290 17.87 13.90 -6.49
CA LEU I 290 19.29 13.97 -6.22
C LEU I 290 19.64 13.22 -4.93
N PRO I 291 20.88 12.71 -4.85
CA PRO I 291 21.40 12.06 -3.64
C PRO I 291 21.61 13.06 -2.50
N THR I 292 21.92 14.31 -2.83
CA THR I 292 22.00 15.37 -1.82
C THR I 292 21.46 16.69 -2.38
N GLY I 293 21.55 17.73 -1.57
CA GLY I 293 20.98 19.02 -1.91
C GLY I 293 21.57 19.66 -3.16
N THR I 294 22.86 19.46 -3.38
CA THR I 294 23.52 20.08 -4.53
C THR I 294 24.54 19.13 -5.16
N VAL I 295 24.54 19.11 -6.49
CA VAL I 295 25.53 18.36 -7.24
C VAL I 295 26.27 19.30 -8.19
N ASN I 296 27.59 19.35 -8.05
CA ASN I 296 28.41 20.25 -8.86
C ASN I 296 28.93 19.58 -10.12
N TYR I 297 29.08 20.36 -11.18
CA TYR I 297 29.57 19.84 -12.46
C TYR I 297 30.77 20.63 -12.95
N PRO I 298 31.96 20.29 -12.44
CA PRO I 298 33.20 20.98 -12.78
C PRO I 298 33.61 20.79 -14.23
N ASN I 299 33.28 19.65 -14.82
CA ASN I 299 33.80 19.31 -16.11
C ASN I 299 32.75 18.96 -17.13
N ASP I 300 31.49 19.08 -16.75
CA ASP I 300 30.39 18.83 -17.65
C ASP I 300 29.24 19.82 -17.55
N TYR I 301 28.60 19.93 -18.68
CA TYR I 301 27.38 20.68 -18.95
C TYR I 301 27.58 22.19 -18.92
N ALA I 302 26.59 23.03 -19.31
CA ALA I 302 26.70 24.47 -19.22
C ALA I 302 26.50 24.95 -17.78
N TYR I 303 25.61 24.28 -17.06
CA TYR I 303 25.32 24.66 -15.68
C TYR I 303 26.44 24.25 -14.72
N THR I 304 26.57 24.99 -13.63
CA THR I 304 27.57 24.67 -12.62
C THR I 304 27.07 23.64 -11.61
N ARG I 305 25.75 23.55 -11.45
CA ARG I 305 25.18 22.65 -10.45
C ARG I 305 23.66 22.57 -10.53
N VAL I 306 23.11 21.50 -9.94
CA VAL I 306 21.67 21.35 -9.76
C VAL I 306 21.41 21.26 -8.27
N SER I 307 20.28 21.78 -7.83
CA SER I 307 19.91 21.70 -6.42
C SER I 307 18.46 21.26 -6.23
N GLU I 308 18.20 20.59 -5.12
CA GLU I 308 16.87 20.10 -4.80
C GLU I 308 16.40 20.69 -3.48
N PHE I 309 15.39 21.55 -3.54
CA PHE I 309 15.01 22.35 -2.38
C PHE I 309 14.44 21.58 -1.20
N LYS I 310 13.88 20.39 -1.45
CA LYS I 310 13.35 19.58 -0.35
C LYS I 310 14.47 19.10 0.58
N HIS I 311 15.66 18.86 0.04
CA HIS I 311 16.83 18.49 0.86
C HIS I 311 17.16 19.60 1.84
N ILE I 312 16.91 20.84 1.44
CA ILE I 312 17.35 22.00 2.20
C ILE I 312 16.30 22.48 3.19
N THR I 313 15.03 22.37 2.80
CA THR I 313 13.93 22.85 3.63
C THR I 313 13.39 21.75 4.51
N GLY I 314 13.44 20.52 4.01
CA GLY I 314 12.89 19.38 4.72
C GLY I 314 11.42 19.21 4.43
N GLN I 315 10.93 19.89 3.39
CA GLN I 315 9.52 19.83 3.05
C GLN I 315 9.13 18.45 2.51
N ARG I 316 7.94 18.00 2.86
CA ARG I 316 7.40 16.74 2.36
C ARG I 316 6.45 17.03 1.20
N HIS I 317 6.66 16.33 0.09
CA HIS I 317 5.88 16.57 -1.11
C HIS I 317 5.94 15.36 -2.02
N HIS I 318 4.89 15.13 -2.80
CA HIS I 318 4.89 13.99 -3.71
C HIS I 318 5.71 14.30 -4.96
N GLN I 319 5.88 15.59 -5.23
CA GLN I 319 6.75 16.03 -6.31
C GLN I 319 8.03 16.66 -5.75
N THR I 320 8.90 17.14 -6.62
CA THR I 320 10.10 17.83 -6.18
C THR I 320 10.52 18.90 -7.19
N SER I 321 11.13 19.97 -6.68
CA SER I 321 11.56 21.06 -7.53
C SER I 321 13.07 21.23 -7.47
N VAL I 322 13.68 21.46 -8.63
CA VAL I 322 15.11 21.64 -8.72
C VAL I 322 15.42 22.93 -9.48
N VAL I 323 16.69 23.32 -9.47
CA VAL I 323 17.14 24.50 -10.19
C VAL I 323 18.53 24.30 -10.80
N TYR I 324 18.68 24.68 -12.07
CA TYR I 324 19.97 24.64 -12.74
C TYR I 324 20.58 26.04 -12.84
N GLU I 325 21.87 26.15 -12.51
CA GLU I 325 22.54 27.45 -12.51
C GLU I 325 23.48 27.65 -13.69
N TYR I 326 23.14 28.59 -14.55
CA TYR I 326 23.99 28.94 -15.69
C TYR I 326 24.67 30.29 -15.43
N PRO I 327 26.01 30.31 -15.47
CA PRO I 327 26.76 31.57 -15.34
C PRO I 327 26.50 32.51 -16.51
N ARG I 328 26.38 33.81 -16.23
CA ARG I 328 26.12 34.81 -17.26
C ARG I 328 26.98 36.04 -17.04
N ALA I 329 27.37 36.70 -18.12
CA ALA I 329 28.12 37.94 -18.02
C ALA I 329 27.18 39.11 -17.74
N GLU I 330 26.04 39.12 -18.42
CA GLU I 330 25.02 40.14 -18.21
C GLU I 330 23.89 39.65 -17.32
N GLY I 331 23.28 40.57 -16.58
CA GLY I 331 22.19 40.24 -15.70
C GLY I 331 22.33 40.89 -14.34
N ASP I 332 21.34 40.70 -13.48
CA ASP I 332 21.38 41.27 -12.14
C ASP I 332 22.66 40.87 -11.42
N PRO I 333 23.32 41.83 -10.77
CA PRO I 333 24.58 41.60 -10.06
C PRO I 333 24.39 40.65 -8.87
N TYR I 334 25.12 39.53 -8.87
CA TYR I 334 25.10 38.60 -7.74
C TYR I 334 26.50 38.37 -7.16
N TYR I 335 27.52 38.44 -8.02
CA TYR I 335 28.89 38.20 -7.59
C TYR I 335 29.84 39.35 -7.90
N PRO I 336 30.48 39.89 -6.86
CA PRO I 336 31.70 40.67 -7.09
C PRO I 336 32.77 39.76 -7.66
N VAL I 337 33.73 40.30 -8.41
CA VAL I 337 34.78 39.49 -9.02
C VAL I 337 36.15 39.85 -8.46
N PRO I 338 36.51 39.24 -7.32
CA PRO I 338 37.77 39.53 -6.63
C PRO I 338 39.02 39.27 -7.47
N ARG I 339 39.59 40.33 -8.02
CA ARG I 339 40.88 40.26 -8.72
C ARG I 339 41.49 41.66 -8.77
N PRO I 340 42.83 41.74 -8.85
CA PRO I 340 43.57 43.02 -8.79
C PRO I 340 42.89 44.18 -9.50
N GLU I 341 42.52 44.01 -10.76
CA GLU I 341 41.95 45.12 -11.53
C GLU I 341 40.60 45.59 -11.01
N ASN I 342 39.80 44.67 -10.48
CA ASN I 342 38.50 45.04 -9.93
C ASN I 342 38.61 45.64 -8.53
N ALA I 343 39.61 45.18 -7.77
CA ALA I 343 39.87 45.71 -6.43
C ALA I 343 40.25 47.19 -6.51
N GLU I 344 41.10 47.49 -7.50
CA GLU I 344 41.52 48.86 -7.75
C GLU I 344 40.33 49.71 -8.19
N LEU I 345 39.61 49.25 -9.21
CA LEU I 345 38.48 49.99 -9.74
C LEU I 345 37.46 50.30 -8.64
N TYR I 346 37.21 49.32 -7.78
CA TYR I 346 36.28 49.55 -6.67
C TYR I 346 36.80 50.64 -5.73
N LYS I 347 38.10 50.62 -5.46
CA LYS I 347 38.69 51.64 -4.59
C LYS I 347 38.31 53.05 -5.04
N LYS I 348 38.28 53.26 -6.36
CA LYS I 348 37.83 54.54 -6.90
C LYS I 348 36.41 54.85 -6.42
N TYR I 349 35.53 53.86 -6.55
CA TYR I 349 34.16 54.01 -6.07
C TYR I 349 34.08 54.14 -4.55
N GLU I 350 34.80 53.26 -3.85
CA GLU I 350 34.88 53.33 -2.39
C GLU I 350 35.22 54.75 -1.94
N ALA I 351 36.07 55.42 -2.69
CA ALA I 351 36.45 56.79 -2.38
C ALA I 351 35.25 57.73 -2.40
N LEU I 352 34.46 57.65 -3.47
CA LEU I 352 33.24 58.45 -3.59
C LEU I 352 32.26 58.12 -2.46
N ALA I 353 32.11 56.82 -2.17
CA ALA I 353 31.17 56.37 -1.16
C ALA I 353 31.54 56.92 0.20
N ASP I 354 32.82 56.80 0.56
CA ASP I 354 33.29 57.31 1.84
C ASP I 354 33.06 58.81 1.94
N ALA I 355 33.10 59.48 0.78
CA ALA I 355 32.83 60.90 0.73
C ALA I 355 31.33 61.18 0.88
N ALA I 356 30.51 60.30 0.32
CA ALA I 356 29.07 60.42 0.42
C ALA I 356 28.65 60.68 1.86
N GLN I 357 28.28 61.92 2.14
CA GLN I 357 28.05 62.36 3.52
C GLN I 357 26.89 61.64 4.20
N ASP I 358 25.69 61.80 3.64
CA ASP I 358 24.49 61.29 4.30
C ASP I 358 24.09 59.91 3.79
N VAL I 359 25.05 59.17 3.27
CA VAL I 359 24.78 57.84 2.73
C VAL I 359 25.78 56.82 3.25
N THR I 360 25.27 55.80 3.95
CA THR I 360 26.09 54.71 4.43
C THR I 360 25.92 53.47 3.55
N PHE I 361 27.04 52.87 3.15
CA PHE I 361 27.00 51.71 2.27
C PHE I 361 27.18 50.43 3.05
N VAL I 362 26.33 49.44 2.77
CA VAL I 362 26.43 48.15 3.44
C VAL I 362 25.87 47.03 2.56
N GLY I 363 26.51 45.86 2.63
CA GLY I 363 26.06 44.71 1.86
C GLY I 363 27.08 44.17 0.87
N ARG I 364 26.80 42.99 0.33
CA ARG I 364 27.69 42.36 -0.64
C ARG I 364 27.87 43.20 -1.90
N LEU I 365 26.79 43.80 -2.39
CA LEU I 365 26.87 44.62 -3.60
C LEU I 365 27.41 46.03 -3.30
N ALA I 366 26.93 46.64 -2.22
CA ALA I 366 27.27 48.02 -1.90
C ALA I 366 28.73 48.22 -1.50
N THR I 367 29.36 47.19 -0.94
CA THR I 367 30.74 47.29 -0.51
C THR I 367 31.62 46.31 -1.27
N TYR I 368 31.02 45.66 -2.26
CA TYR I 368 31.78 44.81 -3.18
C TYR I 368 32.59 43.76 -2.44
N ARG I 369 31.89 42.90 -1.69
CA ARG I 369 32.55 41.82 -0.97
C ARG I 369 31.79 40.50 -1.14
N TYR I 370 32.53 39.46 -1.52
CA TYR I 370 32.00 38.10 -1.64
C TYR I 370 31.52 37.61 -0.28
N TYR I 371 30.38 38.12 0.18
CA TYR I 371 29.89 37.82 1.53
C TYR I 371 28.76 36.79 1.56
N ASN I 372 28.76 35.95 2.59
CA ASN I 372 27.62 35.08 2.87
C ASN I 372 26.54 35.86 3.61
N MET I 373 25.42 35.19 3.90
CA MET I 373 24.33 35.84 4.62
C MET I 373 24.75 36.30 6.01
N ASP I 374 25.33 35.38 6.80
CA ASP I 374 25.69 35.70 8.18
C ASP I 374 26.63 36.89 8.24
N GLN I 375 27.57 36.93 7.28
CA GLN I 375 28.53 38.02 7.21
C GLN I 375 27.84 39.34 6.94
N VAL I 376 26.95 39.37 5.96
CA VAL I 376 26.16 40.55 5.69
C VAL I 376 25.43 41.01 6.96
N VAL I 377 24.85 40.05 7.67
CA VAL I 377 24.13 40.35 8.91
C VAL I 377 25.05 41.03 9.92
N ALA I 378 26.23 40.45 10.13
CA ALA I 378 27.21 41.01 11.05
C ALA I 378 27.56 42.45 10.66
N GLN I 379 27.97 42.64 9.40
CA GLN I 379 28.30 43.96 8.88
C GLN I 379 27.16 44.95 9.12
N ALA I 380 25.92 44.46 9.00
CA ALA I 380 24.75 45.29 9.22
C ALA I 380 24.62 45.67 10.69
N LEU I 381 24.73 44.66 11.57
CA LEU I 381 24.67 44.89 13.00
C LEU I 381 25.75 45.87 13.43
N ALA I 382 26.98 45.62 13.01
CA ALA I 382 28.09 46.50 13.35
C ALA I 382 27.82 47.92 12.86
N THR I 383 27.31 48.03 11.64
CA THR I 383 26.95 49.34 11.10
C THR I 383 25.91 50.01 11.99
N PHE I 384 24.97 49.22 12.50
CA PHE I 384 23.93 49.74 13.38
C PHE I 384 24.50 50.29 14.67
N ARG I 385 25.48 49.58 15.23
CA ARG I 385 26.10 49.98 16.49
C ARG I 385 26.83 51.31 16.34
N ARG I 386 27.59 51.48 15.26
CA ARG I 386 28.27 52.74 15.02
C ARG I 386 27.25 53.88 14.91
N LEU I 387 26.21 53.66 14.13
CA LEU I 387 25.13 54.64 14.00
C LEU I 387 24.44 54.92 15.33
N GLN I 388 24.89 54.23 16.38
CA GLN I 388 24.26 54.34 17.69
C GLN I 388 25.25 54.63 18.82
N GLY I 389 26.38 53.94 18.82
CA GLY I 389 27.38 54.11 19.84
C GLY I 389 27.57 52.86 20.70
N PHE J 30 1.54 11.05 -61.78
CA PHE J 30 0.54 10.42 -60.93
C PHE J 30 -0.81 10.33 -61.61
N ASP J 31 -1.58 9.31 -61.26
CA ASP J 31 -2.93 9.19 -61.76
C ASP J 31 -3.86 10.11 -60.97
N TYR J 32 -3.65 10.18 -59.67
CA TYR J 32 -4.52 10.96 -58.79
C TYR J 32 -3.77 11.91 -57.87
N LEU J 33 -4.27 13.14 -57.80
CA LEU J 33 -3.79 14.10 -56.82
C LEU J 33 -4.88 14.32 -55.79
N ILE J 34 -4.66 13.83 -54.57
CA ILE J 34 -5.66 13.95 -53.54
C ILE J 34 -5.30 15.04 -52.53
N VAL J 35 -6.18 16.04 -52.43
CA VAL J 35 -5.96 17.15 -51.51
C VAL J 35 -6.66 16.91 -50.17
N GLY J 36 -5.88 16.50 -49.17
CA GLY J 36 -6.40 16.21 -47.85
C GLY J 36 -6.03 14.82 -47.41
N ALA J 37 -5.48 14.70 -46.20
CA ALA J 37 -5.06 13.39 -45.67
C ALA J 37 -6.03 12.86 -44.60
N GLY J 38 -7.20 13.48 -44.49
CA GLY J 38 -8.22 13.01 -43.56
C GLY J 38 -8.87 11.73 -44.03
N PHE J 39 -10.06 11.44 -43.52
CA PHE J 39 -10.76 10.22 -43.90
C PHE J 39 -11.10 10.19 -45.38
N ALA J 40 -11.65 11.29 -45.89
CA ALA J 40 -12.07 11.37 -47.29
C ALA J 40 -10.94 10.97 -48.23
N GLY J 41 -9.84 11.72 -48.16
CA GLY J 41 -8.69 11.44 -48.99
C GLY J 41 -8.09 10.07 -48.73
N SER J 42 -7.84 9.77 -47.45
CA SER J 42 -7.15 8.54 -47.09
C SER J 42 -7.88 7.26 -47.53
N VAL J 43 -9.19 7.20 -47.31
CA VAL J 43 -9.96 6.04 -47.75
C VAL J 43 -9.85 5.86 -49.26
N LEU J 44 -9.94 6.96 -49.99
CA LEU J 44 -9.82 6.93 -51.45
C LEU J 44 -8.40 6.58 -51.91
N ALA J 45 -7.40 7.25 -51.33
CA ALA J 45 -6.02 6.97 -51.67
C ALA J 45 -5.72 5.48 -51.50
N GLU J 46 -6.31 4.88 -50.48
CA GLU J 46 -6.12 3.45 -50.23
C GLU J 46 -6.80 2.63 -51.32
N ARG J 47 -8.10 2.83 -51.48
CA ARG J 47 -8.86 2.14 -52.51
C ARG J 47 -8.19 2.24 -53.88
N LEU J 48 -7.73 3.43 -54.22
CA LEU J 48 -7.08 3.67 -55.52
C LEU J 48 -5.76 2.92 -55.65
N ALA J 49 -4.89 3.07 -54.66
CA ALA J 49 -3.58 2.43 -54.69
C ALA J 49 -3.69 0.92 -54.84
N SER J 50 -4.63 0.31 -54.12
CA SER J 50 -4.81 -1.13 -54.17
C SER J 50 -5.40 -1.58 -55.50
N SER J 51 -5.91 -0.62 -56.27
CA SER J 51 -6.44 -0.94 -57.60
C SER J 51 -5.34 -0.76 -58.63
N GLY J 52 -4.17 -0.33 -58.18
CA GLY J 52 -3.01 -0.20 -59.05
C GLY J 52 -2.64 1.23 -59.36
N GLN J 53 -3.52 2.16 -59.02
CA GLN J 53 -3.31 3.57 -59.29
C GLN J 53 -2.10 4.13 -58.53
N ARG J 54 -1.38 5.05 -59.16
CA ARG J 54 -0.35 5.82 -58.47
C ARG J 54 -0.98 7.08 -57.90
N VAL J 55 -0.87 7.25 -56.58
CA VAL J 55 -1.54 8.36 -55.91
C VAL J 55 -0.56 9.29 -55.22
N LEU J 56 -0.75 10.58 -55.41
CA LEU J 56 -0.04 11.58 -54.64
C LEU J 56 -1.04 12.24 -53.70
N ILE J 57 -0.90 11.98 -52.41
CA ILE J 57 -1.78 12.60 -51.42
C ILE J 57 -1.06 13.71 -50.69
N VAL J 58 -1.73 14.85 -50.55
CA VAL J 58 -1.09 16.04 -50.00
C VAL J 58 -2.00 16.77 -49.02
N ASP J 59 -1.41 17.33 -47.97
CA ASP J 59 -2.16 18.07 -46.96
C ASP J 59 -1.30 19.22 -46.42
N ARG J 60 -1.93 20.37 -46.22
CA ARG J 60 -1.22 21.55 -45.73
C ARG J 60 -0.72 21.38 -44.31
N ARG J 61 -1.29 20.40 -43.59
CA ARG J 61 -0.87 20.11 -42.23
C ARG J 61 0.38 19.26 -42.19
N PRO J 62 1.08 19.25 -41.05
CA PRO J 62 2.31 18.48 -40.85
C PRO J 62 2.05 17.00 -40.58
N HIS J 63 0.78 16.60 -40.60
CA HIS J 63 0.42 15.23 -40.23
C HIS J 63 -0.75 14.73 -41.05
N ILE J 64 -1.04 13.44 -40.93
CA ILE J 64 -2.13 12.81 -41.67
C ILE J 64 -3.38 12.62 -40.79
N GLY J 65 -4.49 12.25 -41.42
CA GLY J 65 -5.70 11.90 -40.70
C GLY J 65 -6.60 13.08 -40.31
N GLY J 66 -6.38 14.23 -40.95
CA GLY J 66 -7.20 15.41 -40.71
C GLY J 66 -7.57 15.65 -39.26
N ASN J 67 -8.85 15.95 -39.02
CA ASN J 67 -9.35 16.19 -37.66
C ASN J 67 -9.14 15.01 -36.73
N ALA J 68 -9.17 13.81 -37.29
CA ALA J 68 -9.16 12.57 -36.50
C ALA J 68 -7.77 12.15 -36.08
N TYR J 69 -6.78 12.99 -36.41
CA TYR J 69 -5.39 12.71 -36.06
C TYR J 69 -5.20 12.71 -34.55
N ASP J 70 -4.50 11.70 -34.04
CA ASP J 70 -4.15 11.67 -32.61
C ASP J 70 -2.65 11.48 -32.38
N CYS J 71 -2.21 11.71 -31.15
CA CYS J 71 -0.78 11.62 -30.83
C CYS J 71 -0.57 11.70 -29.32
N TYR J 72 0.63 11.39 -28.88
CA TYR J 72 0.96 11.45 -27.47
C TYR J 72 1.43 12.85 -27.11
N ASP J 73 0.95 13.36 -25.98
CA ASP J 73 1.34 14.68 -25.50
C ASP J 73 2.60 14.60 -24.65
N ASP J 74 3.02 15.73 -24.10
CA ASP J 74 4.28 15.81 -23.38
C ASP J 74 4.31 14.92 -22.14
N ALA J 75 3.13 14.53 -21.68
CA ALA J 75 3.02 13.70 -20.49
C ALA J 75 3.00 12.21 -20.85
N GLY J 76 2.81 11.91 -22.12
CA GLY J 76 2.74 10.53 -22.58
C GLY J 76 1.33 9.99 -22.60
N VAL J 77 0.35 10.89 -22.70
CA VAL J 77 -1.06 10.51 -22.75
C VAL J 77 -1.58 10.62 -24.18
N LEU J 78 -2.20 9.57 -24.68
CA LEU J 78 -2.75 9.59 -26.04
C LEU J 78 -3.96 10.52 -26.10
N ILE J 79 -3.90 11.51 -26.98
CA ILE J 79 -4.95 12.53 -27.05
C ILE J 79 -5.38 12.84 -28.48
N HIS J 80 -6.54 13.51 -28.60
CA HIS J 80 -7.02 13.99 -29.88
C HIS J 80 -6.87 15.51 -29.92
N PRO J 81 -5.84 16.00 -30.64
CA PRO J 81 -5.53 17.43 -30.72
C PRO J 81 -6.72 18.30 -31.15
N TYR J 82 -7.56 17.77 -32.03
CA TYR J 82 -8.69 18.55 -32.56
C TYR J 82 -10.03 18.10 -31.98
N GLY J 83 -10.06 17.87 -30.68
CA GLY J 83 -11.31 17.51 -30.02
C GLY J 83 -11.54 16.01 -29.92
N PRO J 84 -12.49 15.61 -29.07
CA PRO J 84 -12.83 14.21 -28.82
C PRO J 84 -13.38 13.55 -30.07
N HIS J 85 -12.73 12.50 -30.56
CA HIS J 85 -13.23 11.76 -31.72
C HIS J 85 -13.60 10.33 -31.36
N ILE J 86 -14.89 10.08 -31.20
CA ILE J 86 -15.38 8.75 -30.84
C ILE J 86 -16.00 8.06 -32.04
N PHE J 87 -15.43 6.94 -32.45
CA PHE J 87 -15.93 6.22 -33.63
C PHE J 87 -17.20 5.44 -33.33
N HIS J 88 -18.13 5.46 -34.28
CA HIS J 88 -19.39 4.75 -34.16
C HIS J 88 -20.07 4.69 -35.52
N THR J 89 -20.74 3.57 -35.80
CA THR J 89 -21.43 3.41 -37.07
C THR J 89 -22.49 2.34 -36.98
N ASN J 90 -23.46 2.41 -37.89
CA ASN J 90 -24.46 1.36 -38.04
C ASN J 90 -24.16 0.47 -39.23
N SER J 91 -23.16 0.88 -40.01
CA SER J 91 -22.81 0.19 -41.25
C SER J 91 -21.75 -0.89 -41.05
N LYS J 92 -22.16 -2.14 -41.25
CA LYS J 92 -21.22 -3.26 -41.19
C LYS J 92 -20.14 -3.09 -42.24
N ASP J 93 -20.54 -2.74 -43.47
CA ASP J 93 -19.60 -2.44 -44.53
C ASP J 93 -18.46 -1.55 -44.04
N VAL J 94 -18.80 -0.41 -43.46
CA VAL J 94 -17.82 0.57 -43.01
C VAL J 94 -16.90 0.04 -41.91
N PHE J 95 -17.49 -0.60 -40.91
CA PHE J 95 -16.71 -1.13 -39.79
C PHE J 95 -15.73 -2.19 -40.22
N GLU J 96 -16.19 -3.11 -41.07
CA GLU J 96 -15.34 -4.19 -41.55
C GLU J 96 -14.25 -3.69 -42.48
N TYR J 97 -14.52 -2.59 -43.17
CA TYR J 97 -13.52 -1.96 -44.02
C TYR J 97 -12.37 -1.42 -43.18
N LEU J 98 -12.71 -0.69 -42.14
CA LEU J 98 -11.71 -0.13 -41.24
C LEU J 98 -11.04 -1.23 -40.43
N SER J 99 -11.78 -2.29 -40.13
CA SER J 99 -11.22 -3.42 -39.41
C SER J 99 -9.99 -3.97 -40.10
N ARG J 100 -9.83 -3.63 -41.38
CA ARG J 100 -8.66 -4.05 -42.16
C ARG J 100 -7.42 -3.26 -41.78
N PHE J 101 -7.61 -2.08 -41.22
CA PHE J 101 -6.49 -1.19 -40.93
C PHE J 101 -6.24 -0.98 -39.45
N THR J 102 -6.95 -1.70 -38.60
CA THR J 102 -6.79 -1.53 -37.15
C THR J 102 -7.60 -2.52 -36.35
N GLU J 103 -7.12 -2.85 -35.15
CA GLU J 103 -7.91 -3.59 -34.18
C GLU J 103 -8.78 -2.62 -33.40
N TRP J 104 -9.64 -3.15 -32.53
CA TRP J 104 -10.62 -2.31 -31.86
C TRP J 104 -10.65 -2.47 -30.35
N ARG J 105 -10.96 -1.38 -29.68
CA ARG J 105 -11.27 -1.40 -28.25
C ARG J 105 -12.74 -1.06 -28.08
N PRO J 106 -13.55 -2.03 -27.64
CA PRO J 106 -14.97 -1.77 -27.43
C PRO J 106 -15.16 -0.57 -26.52
N TYR J 107 -15.92 0.42 -26.98
CA TYR J 107 -16.21 1.59 -26.17
C TYR J 107 -17.55 2.21 -26.53
N GLN J 108 -18.37 2.42 -25.50
CA GLN J 108 -19.64 3.10 -25.68
C GLN J 108 -19.62 4.42 -24.92
N HIS J 109 -19.43 5.50 -25.66
CA HIS J 109 -19.26 6.83 -25.11
C HIS J 109 -20.48 7.26 -24.29
N ARG J 110 -20.24 7.92 -23.16
CA ARG J 110 -21.34 8.41 -22.34
C ARG J 110 -21.13 9.86 -21.91
N VAL J 111 -22.16 10.68 -22.07
CA VAL J 111 -22.04 12.11 -21.80
C VAL J 111 -22.99 12.58 -20.71
N LEU J 112 -22.48 13.36 -19.77
CA LEU J 112 -23.32 14.02 -18.77
C LEU J 112 -23.44 15.51 -19.07
N ALA J 113 -24.64 16.06 -18.87
CA ALA J 113 -24.87 17.48 -19.06
C ALA J 113 -24.95 18.17 -17.71
N SER J 114 -24.20 19.25 -17.54
CA SER J 114 -24.25 20.03 -16.32
C SER J 114 -25.47 20.95 -16.33
N VAL J 115 -26.53 20.54 -15.64
CA VAL J 115 -27.76 21.32 -15.61
C VAL J 115 -28.29 21.41 -14.19
N ASP J 116 -28.66 22.62 -13.78
CA ASP J 116 -29.21 22.84 -12.44
C ASP J 116 -28.32 22.21 -11.37
N GLY J 117 -27.00 22.29 -11.57
CA GLY J 117 -26.04 21.84 -10.59
C GLY J 117 -25.82 20.34 -10.53
N GLN J 118 -26.42 19.61 -11.45
CA GLN J 118 -26.26 18.15 -11.51
C GLN J 118 -25.62 17.71 -12.83
N LEU J 119 -25.19 16.46 -12.87
CA LEU J 119 -24.70 15.86 -14.10
C LEU J 119 -25.74 14.86 -14.59
N LEU J 120 -26.53 15.26 -15.57
CA LEU J 120 -27.65 14.46 -16.03
C LEU J 120 -27.37 13.81 -17.39
N PRO J 121 -27.97 12.63 -17.62
CA PRO J 121 -27.81 11.91 -18.90
C PRO J 121 -28.29 12.75 -20.09
N ILE J 122 -27.44 12.87 -21.10
CA ILE J 122 -27.81 13.45 -22.39
C ILE J 122 -27.34 12.45 -23.45
N PRO J 123 -28.21 12.07 -24.39
CA PRO J 123 -29.61 12.46 -24.67
C PRO J 123 -30.53 12.43 -23.46
N ILE J 124 -31.61 13.19 -23.54
CA ILE J 124 -32.60 13.23 -22.47
C ILE J 124 -33.35 11.91 -22.41
N ASN J 125 -33.45 11.34 -21.21
CA ASN J 125 -34.13 10.06 -21.03
C ASN J 125 -34.92 9.98 -19.73
N LEU J 126 -35.53 8.84 -19.49
CA LEU J 126 -36.35 8.63 -18.29
C LEU J 126 -35.65 9.12 -17.03
N ASP J 127 -34.37 8.78 -16.89
CA ASP J 127 -33.60 9.14 -15.71
C ASP J 127 -33.34 10.66 -15.63
N THR J 128 -33.10 11.27 -16.79
CA THR J 128 -32.89 12.70 -16.85
C THR J 128 -34.09 13.44 -16.26
N VAL J 129 -35.26 13.25 -16.88
CA VAL J 129 -36.49 13.89 -16.42
C VAL J 129 -36.78 13.61 -14.94
N ASN J 130 -36.70 12.34 -14.54
CA ASN J 130 -36.94 11.99 -13.14
C ASN J 130 -35.98 12.67 -12.17
N ARG J 131 -34.69 12.60 -12.46
CA ARG J 131 -33.69 13.19 -11.57
C ARG J 131 -33.87 14.69 -11.46
N LEU J 132 -34.09 15.34 -12.61
CA LEU J 132 -34.20 16.79 -12.68
C LEU J 132 -35.37 17.36 -11.87
N TYR J 133 -36.55 16.76 -12.03
CA TYR J 133 -37.76 17.29 -11.40
C TYR J 133 -38.15 16.58 -10.12
N GLY J 134 -37.40 15.56 -9.74
CA GLY J 134 -37.74 14.77 -8.57
C GLY J 134 -38.94 13.89 -8.80
N LEU J 135 -39.22 13.60 -10.08
CA LEU J 135 -40.34 12.72 -10.45
C LEU J 135 -39.94 11.26 -10.35
N ASN J 136 -40.94 10.38 -10.43
CA ASN J 136 -40.71 8.94 -10.42
C ASN J 136 -41.45 8.22 -11.53
N LEU J 137 -41.56 8.88 -12.68
CA LEU J 137 -42.27 8.34 -13.83
C LEU J 137 -41.70 7.02 -14.30
N THR J 138 -42.56 6.20 -14.92
CA THR J 138 -42.12 5.03 -15.64
C THR J 138 -42.01 5.39 -17.12
N SER J 139 -41.33 4.55 -17.90
CA SER J 139 -41.17 4.82 -19.32
C SER J 139 -42.50 5.16 -20.00
N PHE J 140 -43.52 4.37 -19.69
CA PHE J 140 -44.83 4.59 -20.28
C PHE J 140 -45.37 5.96 -19.88
N GLN J 141 -45.21 6.31 -18.61
CA GLN J 141 -45.67 7.59 -18.10
C GLN J 141 -44.90 8.78 -18.69
N VAL J 142 -43.58 8.69 -18.74
CA VAL J 142 -42.79 9.81 -19.24
C VAL J 142 -43.16 10.14 -20.69
N GLU J 143 -43.56 9.12 -21.43
CA GLU J 143 -43.99 9.32 -22.82
C GLU J 143 -45.25 10.18 -22.81
N GLU J 144 -46.14 9.89 -21.88
CA GLU J 144 -47.34 10.70 -21.68
C GLU J 144 -46.94 12.11 -21.23
N PHE J 145 -45.90 12.19 -20.41
CA PHE J 145 -45.41 13.46 -19.90
C PHE J 145 -44.90 14.35 -21.02
N PHE J 146 -44.05 13.79 -21.88
CA PHE J 146 -43.54 14.52 -23.03
C PHE J 146 -44.71 14.98 -23.87
N ALA J 147 -45.64 14.07 -24.12
CA ALA J 147 -46.81 14.37 -24.94
C ALA J 147 -47.54 15.60 -24.42
N SER J 148 -47.68 15.68 -23.10
CA SER J 148 -48.44 16.76 -22.47
C SER J 148 -47.69 18.09 -22.57
N VAL J 149 -46.37 18.03 -22.42
CA VAL J 149 -45.55 19.24 -22.41
C VAL J 149 -45.08 19.63 -23.80
N ALA J 150 -45.15 18.70 -24.74
CA ALA J 150 -44.70 18.93 -26.09
C ALA J 150 -45.45 20.09 -26.74
N GLU J 151 -44.73 20.88 -27.54
CA GLU J 151 -45.36 21.93 -28.34
C GLU J 151 -45.67 21.38 -29.71
N LYS J 152 -46.82 21.75 -30.26
CA LYS J 152 -47.15 21.33 -31.61
C LYS J 152 -46.49 22.23 -32.65
N VAL J 153 -45.82 21.59 -33.61
CA VAL J 153 -45.22 22.30 -34.72
C VAL J 153 -45.81 21.78 -36.01
N GLU J 154 -46.54 22.65 -36.72
CA GLU J 154 -47.18 22.29 -37.96
C GLU J 154 -46.22 21.50 -38.84
N GLN J 155 -45.03 22.06 -39.06
CA GLN J 155 -44.01 21.39 -39.84
C GLN J 155 -42.62 21.66 -39.27
N VAL J 156 -42.03 20.63 -38.68
CA VAL J 156 -40.69 20.75 -38.10
C VAL J 156 -39.68 21.22 -39.13
N ARG J 157 -39.08 22.38 -38.89
CA ARG J 157 -38.11 22.94 -39.82
C ARG J 157 -36.79 23.31 -39.16
N THR J 158 -36.88 24.01 -38.02
CA THR J 158 -35.69 24.53 -37.36
C THR J 158 -35.21 23.59 -36.26
N SER J 159 -33.99 23.80 -35.80
CA SER J 159 -33.44 23.03 -34.68
C SER J 159 -34.20 23.31 -33.40
N GLU J 160 -35.09 24.29 -33.44
CA GLU J 160 -35.96 24.59 -32.31
C GLU J 160 -37.19 23.69 -32.37
N ASP J 161 -37.70 23.49 -33.58
CA ASP J 161 -38.89 22.68 -33.77
C ASP J 161 -38.66 21.20 -33.43
N VAL J 162 -37.48 20.68 -33.72
CA VAL J 162 -37.18 19.27 -33.46
C VAL J 162 -37.17 18.90 -31.98
N VAL J 163 -36.64 19.77 -31.14
CA VAL J 163 -36.56 19.48 -29.71
C VAL J 163 -37.85 19.87 -29.01
N VAL J 164 -38.28 21.10 -29.24
CA VAL J 164 -39.45 21.66 -28.59
C VAL J 164 -40.71 20.82 -28.80
N SER J 165 -40.83 20.22 -29.97
CA SER J 165 -42.02 19.43 -30.32
C SER J 165 -41.93 17.98 -29.86
N LYS J 166 -40.86 17.64 -29.17
CA LYS J 166 -40.74 16.30 -28.58
C LYS J 166 -40.77 16.36 -27.06
N VAL J 167 -40.04 17.30 -26.48
CA VAL J 167 -39.87 17.33 -25.03
C VAL J 167 -40.22 18.67 -24.39
N GLY J 168 -40.94 19.51 -25.12
CA GLY J 168 -41.44 20.76 -24.56
C GLY J 168 -40.41 21.86 -24.45
N ARG J 169 -40.83 22.98 -23.86
CA ARG J 169 -40.05 24.21 -23.83
C ARG J 169 -38.96 24.23 -22.77
N ASP J 170 -39.27 23.74 -21.57
CA ASP J 170 -38.32 23.79 -20.46
C ASP J 170 -37.10 22.92 -20.71
N LEU J 171 -37.33 21.66 -21.05
CA LEU J 171 -36.24 20.74 -21.37
C LEU J 171 -35.38 21.28 -22.50
N TYR J 172 -36.01 22.03 -23.41
CA TYR J 172 -35.29 22.65 -24.52
C TYR J 172 -34.39 23.77 -24.01
N ASN J 173 -34.93 24.59 -23.11
CA ASN J 173 -34.20 25.73 -22.56
C ASN J 173 -33.02 25.31 -21.69
N LYS J 174 -33.10 24.11 -21.12
CA LYS J 174 -32.10 23.65 -20.16
C LYS J 174 -30.95 22.88 -20.82
N PHE J 175 -31.23 22.18 -21.92
CA PHE J 175 -30.23 21.32 -22.52
C PHE J 175 -29.75 21.77 -23.89
N PHE J 176 -30.64 22.41 -24.66
CA PHE J 176 -30.35 22.67 -26.07
C PHE J 176 -30.09 24.14 -26.43
N ARG J 177 -30.98 25.04 -26.05
CA ARG J 177 -30.86 26.43 -26.50
C ARG J 177 -29.51 27.04 -26.14
N GLY J 178 -29.13 26.94 -24.86
CA GLY J 178 -27.85 27.44 -24.41
C GLY J 178 -26.68 26.84 -25.16
N TYR J 179 -26.60 25.51 -25.16
CA TYR J 179 -25.50 24.82 -25.82
C TYR J 179 -25.39 25.21 -27.29
N THR J 180 -26.52 25.17 -27.99
CA THR J 180 -26.57 25.45 -29.42
C THR J 180 -26.07 26.86 -29.74
N ARG J 181 -26.52 27.84 -28.97
CA ARG J 181 -26.07 29.22 -29.13
C ARG J 181 -24.56 29.31 -28.99
N LYS J 182 -24.07 28.83 -27.85
CA LYS J 182 -22.65 28.89 -27.54
C LYS J 182 -21.83 28.21 -28.63
N GLN J 183 -22.30 27.04 -29.07
CA GLN J 183 -21.60 26.27 -30.08
C GLN J 183 -21.64 26.91 -31.47
N TRP J 184 -22.81 27.39 -31.87
CA TRP J 184 -23.01 27.81 -33.26
C TRP J 184 -22.97 29.33 -33.47
N GLY J 185 -23.22 30.10 -32.41
CA GLY J 185 -23.32 31.54 -32.53
C GLY J 185 -24.69 31.96 -33.00
N LEU J 186 -25.54 30.96 -33.23
CA LEU J 186 -26.91 31.19 -33.69
C LEU J 186 -27.90 30.55 -32.72
N ASP J 187 -29.14 31.03 -32.74
CA ASP J 187 -30.20 30.40 -31.98
C ASP J 187 -30.65 29.15 -32.73
N PRO J 188 -31.09 28.12 -32.00
CA PRO J 188 -31.53 26.89 -32.67
C PRO J 188 -32.59 27.15 -33.74
N SER J 189 -33.31 28.25 -33.64
CA SER J 189 -34.36 28.56 -34.62
C SER J 189 -33.77 29.11 -35.92
N GLU J 190 -32.47 29.33 -35.94
CA GLU J 190 -31.79 29.81 -37.13
C GLU J 190 -30.99 28.68 -37.78
N LEU J 191 -31.18 27.47 -37.28
CA LEU J 191 -30.49 26.30 -37.81
C LEU J 191 -31.45 25.24 -38.35
N ASP J 192 -31.02 24.54 -39.40
CA ASP J 192 -31.80 23.43 -39.94
C ASP J 192 -32.09 22.42 -38.84
N ALA J 193 -33.30 21.89 -38.81
CA ALA J 193 -33.71 20.95 -37.76
C ALA J 193 -32.77 19.76 -37.62
N SER J 194 -31.97 19.50 -38.66
CA SER J 194 -31.08 18.35 -38.67
C SER J 194 -29.96 18.47 -37.62
N VAL J 195 -29.63 19.70 -37.25
CA VAL J 195 -28.54 19.91 -36.29
C VAL J 195 -28.85 19.27 -34.94
N THR J 196 -29.88 19.75 -34.27
CA THR J 196 -30.22 19.24 -32.94
C THR J 196 -30.81 17.84 -33.03
N ALA J 197 -31.37 17.52 -34.20
CA ALA J 197 -31.90 16.18 -34.43
C ALA J 197 -30.83 15.12 -34.17
N ARG J 198 -29.56 15.48 -34.29
CA ARG J 198 -28.45 14.56 -34.04
C ARG J 198 -28.51 13.96 -32.65
N VAL J 199 -29.18 14.65 -31.72
CA VAL J 199 -29.36 14.13 -30.37
C VAL J 199 -30.80 13.72 -30.13
N PRO J 200 -31.05 12.40 -30.12
CA PRO J 200 -32.40 11.86 -29.94
C PRO J 200 -32.92 12.14 -28.54
N THR J 201 -34.23 12.09 -28.37
CA THR J 201 -34.84 12.12 -27.05
C THR J 201 -35.42 10.74 -26.79
N ARG J 202 -35.33 10.26 -25.55
CA ARG J 202 -35.73 8.89 -25.25
C ARG J 202 -36.72 8.77 -24.09
N THR J 203 -37.45 7.65 -24.07
CA THR J 203 -38.32 7.34 -22.94
C THR J 203 -37.75 6.15 -22.19
N ASN J 204 -36.74 5.52 -22.77
CA ASN J 204 -36.03 4.43 -22.10
C ASN J 204 -34.95 4.96 -21.16
N ARG J 205 -34.20 4.06 -20.55
CA ARG J 205 -33.19 4.46 -19.58
C ARG J 205 -31.79 4.30 -20.12
N ASP J 206 -31.70 4.24 -21.44
CA ASP J 206 -30.41 4.17 -22.13
C ASP J 206 -29.67 5.50 -21.98
N ASN J 207 -28.48 5.46 -21.38
CA ASN J 207 -27.69 6.67 -21.22
C ASN J 207 -26.48 6.75 -22.16
N ARG J 208 -26.48 5.91 -23.19
CA ARG J 208 -25.43 5.96 -24.20
C ARG J 208 -25.66 7.15 -25.12
N TYR J 209 -24.58 7.77 -25.58
CA TYR J 209 -24.69 8.90 -26.48
C TYR J 209 -25.10 8.38 -27.85
N PHE J 210 -24.65 7.17 -28.15
CA PHE J 210 -24.98 6.48 -29.41
C PHE J 210 -25.65 5.14 -29.15
N ALA J 211 -26.56 4.75 -30.05
CA ALA J 211 -27.18 3.44 -29.95
C ALA J 211 -26.74 2.60 -31.13
N ASP J 212 -25.72 3.08 -31.84
CA ASP J 212 -25.21 2.41 -33.02
C ASP J 212 -24.81 0.96 -32.75
N THR J 213 -24.74 0.17 -33.81
CA THR J 213 -24.37 -1.24 -33.69
C THR J 213 -22.90 -1.43 -33.34
N TYR J 214 -22.04 -0.62 -33.97
CA TYR J 214 -20.60 -0.77 -33.78
C TYR J 214 -20.02 0.45 -33.09
N GLN J 215 -19.66 0.27 -31.83
CA GLN J 215 -19.04 1.34 -31.07
C GLN J 215 -17.70 0.87 -30.53
N ALA J 216 -16.63 1.31 -31.16
CA ALA J 216 -15.29 0.92 -30.74
C ALA J 216 -14.23 1.89 -31.26
N MET J 217 -13.13 1.97 -30.53
CA MET J 217 -12.01 2.85 -30.89
C MET J 217 -10.87 2.04 -31.47
N PRO J 218 -10.17 2.61 -32.47
CA PRO J 218 -8.98 1.94 -33.00
C PRO J 218 -8.05 1.68 -31.83
N LEU J 219 -7.68 0.42 -31.61
CA LEU J 219 -6.95 0.02 -30.42
C LEU J 219 -5.75 0.89 -30.11
N HIS J 220 -5.02 1.29 -31.14
CA HIS J 220 -3.80 2.08 -30.95
C HIS J 220 -3.93 3.48 -31.52
N GLY J 221 -5.16 3.98 -31.57
CA GLY J 221 -5.39 5.34 -32.03
C GLY J 221 -5.65 5.43 -33.53
N TYR J 222 -6.12 6.58 -33.98
CA TYR J 222 -6.48 6.79 -35.37
C TYR J 222 -5.26 6.91 -36.28
N THR J 223 -4.21 7.54 -35.78
CA THR J 223 -3.02 7.76 -36.58
C THR J 223 -2.42 6.44 -37.07
N ARG J 224 -2.32 5.47 -36.16
CA ARG J 224 -1.84 4.16 -36.51
C ARG J 224 -2.70 3.56 -37.62
N MET J 225 -4.01 3.65 -37.44
CA MET J 225 -4.95 3.22 -38.47
C MET J 225 -4.63 3.86 -39.82
N PHE J 226 -4.41 5.17 -39.81
CA PHE J 226 -4.12 5.91 -41.02
C PHE J 226 -2.78 5.51 -41.63
N GLN J 227 -1.76 5.37 -40.80
CA GLN J 227 -0.45 4.93 -41.26
C GLN J 227 -0.59 3.65 -42.06
N ASN J 228 -1.39 2.71 -41.56
CA ASN J 228 -1.65 1.47 -42.27
C ASN J 228 -2.44 1.72 -43.54
N MET J 229 -3.33 2.70 -43.48
CA MET J 229 -4.24 2.98 -44.59
C MET J 229 -3.51 3.61 -45.78
N LEU J 230 -2.31 4.13 -45.54
CA LEU J 230 -1.55 4.79 -46.60
C LEU J 230 -0.21 4.11 -46.84
N SER J 231 -0.09 2.86 -46.42
CA SER J 231 1.21 2.17 -46.45
C SER J 231 1.60 1.64 -47.82
N SER J 232 0.63 1.51 -48.72
CA SER J 232 0.90 1.00 -50.06
C SER J 232 2.01 1.79 -50.74
N PRO J 233 2.91 1.10 -51.45
CA PRO J 233 4.02 1.76 -52.15
C PRO J 233 3.51 2.68 -53.25
N ASN J 234 2.22 2.58 -53.57
CA ASN J 234 1.60 3.41 -54.59
C ASN J 234 1.13 4.76 -54.05
N ILE J 235 1.31 4.98 -52.75
CA ILE J 235 0.81 6.19 -52.12
C ILE J 235 1.93 7.10 -51.65
N LYS J 236 2.23 8.14 -52.43
CA LYS J 236 3.19 9.14 -52.01
C LYS J 236 2.47 10.15 -51.12
N VAL J 237 3.09 10.49 -50.01
CA VAL J 237 2.47 11.40 -49.04
C VAL J 237 3.28 12.68 -48.91
N MET J 238 2.61 13.81 -49.08
CA MET J 238 3.26 15.11 -48.97
C MET J 238 2.57 15.96 -47.91
N LEU J 239 3.34 16.43 -46.94
CA LEU J 239 2.78 17.20 -45.83
C LEU J 239 3.34 18.62 -45.78
N ASN J 240 2.70 19.47 -44.99
CA ASN J 240 3.08 20.87 -44.88
C ASN J 240 3.05 21.54 -46.25
N THR J 241 2.08 21.14 -47.06
CA THR J 241 2.02 21.54 -48.45
C THR J 241 0.60 21.86 -48.90
N ASP J 242 0.38 23.09 -49.33
CA ASP J 242 -0.89 23.45 -49.97
C ASP J 242 -0.83 22.96 -51.41
N TYR J 243 -1.90 22.33 -51.88
CA TYR J 243 -1.91 21.74 -53.21
C TYR J 243 -1.59 22.75 -54.30
N ARG J 244 -1.85 24.02 -54.01
CA ARG J 244 -1.60 25.08 -54.97
C ARG J 244 -0.11 25.32 -55.18
N GLU J 245 0.69 24.92 -54.20
CA GLU J 245 2.14 25.10 -54.27
C GLU J 245 2.79 24.12 -55.23
N ILE J 246 2.09 23.04 -55.56
CA ILE J 246 2.66 22.00 -56.40
C ILE J 246 1.77 21.63 -57.58
N ALA J 247 0.59 22.22 -57.66
CA ALA J 247 -0.38 21.88 -58.70
C ALA J 247 0.15 22.19 -60.10
N ASP J 248 1.00 23.20 -60.20
CA ASP J 248 1.46 23.70 -61.50
C ASP J 248 2.53 22.83 -62.15
N PHE J 249 3.35 22.14 -61.36
CA PHE J 249 4.48 21.40 -61.91
C PHE J 249 4.50 19.91 -61.60
N ILE J 250 3.39 19.38 -61.10
CA ILE J 250 3.30 17.94 -60.86
C ILE J 250 2.18 17.32 -61.69
N PRO J 251 2.53 16.31 -62.50
CA PRO J 251 1.64 15.67 -63.47
C PRO J 251 0.62 14.73 -62.82
N PHE J 252 -0.63 15.16 -62.73
CA PHE J 252 -1.70 14.31 -62.23
C PHE J 252 -2.88 14.26 -63.20
N GLN J 253 -3.44 13.07 -63.38
CA GLN J 253 -4.56 12.87 -64.28
C GLN J 253 -5.86 13.42 -63.70
N HIS J 254 -6.18 13.01 -62.48
CA HIS J 254 -7.42 13.40 -61.84
C HIS J 254 -7.14 13.94 -60.43
N MET J 255 -7.94 14.91 -60.00
CA MET J 255 -7.79 15.48 -58.67
C MET J 255 -8.98 15.19 -57.77
N ILE J 256 -8.71 14.56 -56.63
CA ILE J 256 -9.72 14.40 -55.59
C ILE J 256 -9.50 15.48 -54.53
N TYR J 257 -10.56 16.21 -54.22
CA TYR J 257 -10.44 17.37 -53.33
C TYR J 257 -11.36 17.28 -52.11
N THR J 258 -10.78 17.41 -50.92
CA THR J 258 -11.55 17.25 -49.69
C THR J 258 -11.46 18.47 -48.76
N GLY J 259 -11.02 19.60 -49.31
CA GLY J 259 -10.93 20.83 -48.52
C GLY J 259 -12.18 21.66 -48.63
N PRO J 260 -12.14 22.89 -48.10
CA PRO J 260 -13.29 23.80 -48.16
C PRO J 260 -13.67 24.12 -49.60
N VAL J 261 -14.96 24.04 -49.93
CA VAL J 261 -15.41 24.30 -51.29
C VAL J 261 -15.23 25.73 -51.76
N ASP J 262 -15.59 26.69 -50.92
CA ASP J 262 -15.46 28.10 -51.29
C ASP J 262 -14.01 28.44 -51.64
N ALA J 263 -13.09 28.04 -50.77
CA ALA J 263 -11.68 28.34 -50.95
C ALA J 263 -11.13 27.77 -52.26
N PHE J 264 -11.75 26.71 -52.76
CA PHE J 264 -11.31 26.07 -53.99
C PHE J 264 -11.57 26.98 -55.20
N PHE J 265 -12.76 27.55 -55.25
CA PHE J 265 -13.13 28.46 -56.33
C PHE J 265 -12.87 29.91 -55.96
N ASP J 266 -11.82 30.13 -55.17
CA ASP J 266 -11.38 31.49 -54.81
C ASP J 266 -12.46 32.37 -54.22
N PHE J 267 -13.44 31.75 -53.57
CA PHE J 267 -14.50 32.49 -52.92
C PHE J 267 -15.25 33.37 -53.93
N CYS J 268 -15.45 32.85 -55.14
CA CYS J 268 -16.07 33.65 -56.20
C CYS J 268 -17.48 34.12 -55.86
N TYR J 269 -18.21 33.32 -55.07
CA TYR J 269 -19.55 33.72 -54.63
C TYR J 269 -19.52 34.26 -53.21
N GLY J 270 -18.33 34.44 -52.65
CA GLY J 270 -18.19 34.92 -51.30
C GLY J 270 -17.92 33.81 -50.30
N LYS J 271 -17.75 34.17 -49.04
CA LYS J 271 -17.37 33.20 -48.00
C LYS J 271 -18.54 32.34 -47.56
N LEU J 272 -18.37 31.02 -47.67
CA LEU J 272 -19.35 30.08 -47.17
C LEU J 272 -19.08 29.92 -45.68
N PRO J 273 -20.09 30.17 -44.84
CA PRO J 273 -19.95 30.09 -43.38
C PRO J 273 -19.38 28.75 -42.89
N TYR J 274 -18.26 28.80 -42.19
CA TYR J 274 -17.70 27.61 -41.55
C TYR J 274 -17.41 27.89 -40.08
N ARG J 275 -18.02 27.11 -39.20
CA ARG J 275 -17.80 27.28 -37.77
C ARG J 275 -16.50 26.61 -37.36
N SER J 276 -15.80 27.20 -36.40
CA SER J 276 -14.50 26.69 -35.99
C SER J 276 -14.45 26.43 -34.48
N LEU J 277 -13.28 26.02 -34.00
CA LEU J 277 -13.09 25.75 -32.58
C LEU J 277 -11.68 26.08 -32.14
N GLU J 278 -11.54 26.47 -30.88
CA GLU J 278 -10.24 26.58 -30.26
C GLU J 278 -10.16 25.56 -29.14
N PHE J 279 -9.05 24.84 -29.07
CA PHE J 279 -8.89 23.81 -28.06
C PHE J 279 -7.86 24.21 -27.02
N ARG J 280 -8.16 23.93 -25.77
CA ARG J 280 -7.21 24.19 -24.70
C ARG J 280 -6.97 22.90 -23.92
N HIS J 281 -5.77 22.35 -24.11
CA HIS J 281 -5.41 21.08 -23.48
C HIS J 281 -4.73 21.28 -22.14
N GLU J 282 -5.02 20.38 -21.20
CA GLU J 282 -4.44 20.45 -19.87
C GLU J 282 -4.14 19.04 -19.34
N THR J 283 -3.09 18.94 -18.54
CA THR J 283 -2.76 17.69 -17.88
C THR J 283 -2.82 17.87 -16.38
N HIS J 284 -3.46 16.94 -15.68
CA HIS J 284 -3.58 17.03 -14.24
C HIS J 284 -2.92 15.83 -13.56
N ASP J 285 -2.28 16.08 -12.43
CA ASP J 285 -1.60 15.01 -11.69
C ASP J 285 -2.58 14.19 -10.84
N THR J 286 -3.62 13.68 -11.49
CA THR J 286 -4.53 12.72 -10.87
C THR J 286 -4.88 11.67 -11.92
N GLU J 287 -5.43 10.54 -11.47
CA GLU J 287 -5.75 9.45 -12.41
C GLU J 287 -7.00 9.74 -13.24
N GLN J 288 -8.02 10.28 -12.60
CA GLN J 288 -9.29 10.52 -13.29
C GLN J 288 -9.89 11.85 -12.85
N LEU J 289 -10.22 12.69 -13.83
CA LEU J 289 -10.73 14.02 -13.55
C LEU J 289 -12.24 14.10 -13.72
N LEU J 290 -12.80 13.22 -14.54
CA LEU J 290 -14.22 13.30 -14.88
C LEU J 290 -14.94 11.98 -14.61
N PRO J 291 -16.26 12.05 -14.41
CA PRO J 291 -17.08 10.86 -14.19
C PRO J 291 -17.31 10.07 -15.49
N THR J 292 -17.14 10.72 -16.64
CA THR J 292 -17.26 10.05 -17.94
C THR J 292 -16.31 10.67 -18.95
N GLY J 293 -16.49 10.30 -20.22
CA GLY J 293 -15.64 10.80 -21.28
C GLY J 293 -15.86 12.27 -21.54
N THR J 294 -17.10 12.72 -21.41
CA THR J 294 -17.43 14.09 -21.73
C THR J 294 -18.54 14.65 -20.84
N VAL J 295 -18.32 15.88 -20.35
CA VAL J 295 -19.35 16.63 -19.65
C VAL J 295 -19.68 17.84 -20.51
N ASN J 296 -20.96 18.04 -20.80
CA ASN J 296 -21.39 19.22 -21.54
C ASN J 296 -21.80 20.35 -20.61
N TYR J 297 -21.66 21.58 -21.10
CA TYR J 297 -22.04 22.75 -20.32
C TYR J 297 -22.99 23.64 -21.12
N PRO J 298 -24.28 23.29 -21.10
CA PRO J 298 -25.29 24.02 -21.87
C PRO J 298 -25.50 25.45 -21.38
N ASN J 299 -25.37 25.66 -20.07
CA ASN J 299 -25.78 26.93 -19.47
C ASN J 299 -24.70 27.66 -18.67
N ASP J 300 -23.46 27.19 -18.75
CA ASP J 300 -22.38 27.80 -17.99
C ASP J 300 -21.07 27.81 -18.77
N TYR J 301 -20.25 28.72 -18.58
CA TYR J 301 -18.87 28.88 -19.00
C TYR J 301 -18.73 29.33 -20.45
N ALA J 302 -17.65 29.50 -20.96
CA ALA J 302 -17.47 29.92 -22.33
C ALA J 302 -17.28 28.73 -23.24
N TYR J 303 -16.81 27.62 -22.67
CA TYR J 303 -16.61 26.40 -23.46
C TYR J 303 -17.87 25.56 -23.47
N THR J 304 -17.99 24.74 -24.50
CA THR J 304 -19.16 23.88 -24.65
C THR J 304 -19.04 22.60 -23.82
N ARG J 305 -17.83 22.06 -23.74
CA ARG J 305 -17.65 20.75 -23.10
C ARG J 305 -16.21 20.48 -22.71
N VAL J 306 -16.04 19.48 -21.85
CA VAL J 306 -14.72 18.97 -21.47
C VAL J 306 -14.66 17.49 -21.77
N SER J 307 -13.49 17.01 -22.20
CA SER J 307 -13.33 15.60 -22.47
C SER J 307 -12.06 15.04 -21.85
N GLU J 308 -12.11 13.79 -21.43
CA GLU J 308 -10.96 13.12 -20.83
C GLU J 308 -10.61 11.89 -21.66
N PHE J 309 -9.51 11.98 -22.40
CA PHE J 309 -9.19 11.00 -23.42
C PHE J 309 -8.98 9.59 -22.91
N LYS J 310 -8.47 9.45 -21.69
CA LYS J 310 -8.30 8.12 -21.12
C LYS J 310 -9.60 7.32 -21.08
N HIS J 311 -10.71 7.99 -20.77
CA HIS J 311 -12.02 7.34 -20.79
C HIS J 311 -12.28 6.70 -22.15
N ILE J 312 -11.76 7.33 -23.19
CA ILE J 312 -12.05 6.92 -24.57
C ILE J 312 -11.01 5.95 -25.13
N THR J 313 -9.75 6.13 -24.77
CA THR J 313 -8.69 5.24 -25.24
C THR J 313 -8.58 4.00 -24.35
N GLY J 314 -8.88 4.16 -23.07
CA GLY J 314 -8.70 3.09 -22.12
C GLY J 314 -7.25 2.94 -21.72
N GLN J 315 -6.49 4.03 -21.85
CA GLN J 315 -5.07 4.01 -21.53
C GLN J 315 -4.84 4.11 -20.03
N ARG J 316 -3.96 3.27 -19.51
CA ARG J 316 -3.54 3.39 -18.12
C ARG J 316 -2.41 4.40 -18.00
N HIS J 317 -2.49 5.24 -16.98
CA HIS J 317 -1.54 6.34 -16.82
C HIS J 317 -1.74 6.97 -15.46
N HIS J 318 -0.66 7.38 -14.82
CA HIS J 318 -0.74 7.93 -13.46
C HIS J 318 -1.31 9.34 -13.46
N GLN J 319 -1.22 10.02 -14.60
CA GLN J 319 -1.82 11.33 -14.76
C GLN J 319 -2.98 11.27 -15.75
N THR J 320 -3.49 12.44 -16.14
CA THR J 320 -4.58 12.50 -17.11
C THR J 320 -4.63 13.83 -17.86
N SER J 321 -4.98 13.76 -19.14
CA SER J 321 -5.08 14.96 -19.97
C SER J 321 -6.49 15.15 -20.50
N VAL J 322 -7.00 16.37 -20.39
CA VAL J 322 -8.35 16.69 -20.86
C VAL J 322 -8.30 17.82 -21.88
N VAL J 323 -9.45 18.13 -22.47
CA VAL J 323 -9.54 19.23 -23.43
C VAL J 323 -10.83 20.03 -23.32
N TYR J 324 -10.71 21.35 -23.37
CA TYR J 324 -11.87 22.24 -23.37
C TYR J 324 -12.03 22.85 -24.75
N GLU J 325 -13.27 22.87 -25.24
CA GLU J 325 -13.53 23.43 -26.57
C GLU J 325 -14.22 24.77 -26.49
N TYR J 326 -13.59 25.78 -27.08
CA TYR J 326 -14.19 27.12 -27.15
C TYR J 326 -14.63 27.42 -28.58
N PRO J 327 -15.95 27.46 -28.79
CA PRO J 327 -16.51 27.76 -30.11
C PRO J 327 -15.98 29.08 -30.67
N ARG J 328 -15.58 29.10 -31.94
CA ARG J 328 -15.03 30.30 -32.55
C ARG J 328 -15.65 30.55 -33.92
N ALA J 329 -15.81 31.83 -34.27
CA ALA J 329 -16.32 32.20 -35.58
C ALA J 329 -15.25 32.03 -36.65
N GLU J 330 -14.02 32.44 -36.32
CA GLU J 330 -12.90 32.34 -37.25
C GLU J 330 -11.98 31.17 -36.92
N GLY J 331 -11.20 30.74 -37.90
CA GLY J 331 -10.26 29.65 -37.74
C GLY J 331 -10.46 28.54 -38.75
N ASP J 332 -9.65 27.49 -38.65
CA ASP J 332 -9.77 26.36 -39.55
C ASP J 332 -11.20 25.81 -39.58
N PRO J 333 -11.72 25.54 -40.78
CA PRO J 333 -13.07 25.02 -40.99
C PRO J 333 -13.27 23.70 -40.26
N TYR J 334 -14.23 23.66 -39.34
CA TYR J 334 -14.56 22.42 -38.66
C TYR J 334 -16.01 22.02 -38.90
N TYR J 335 -16.91 23.01 -38.89
CA TYR J 335 -18.33 22.73 -39.03
C TYR J 335 -18.97 23.46 -40.20
N PRO J 336 -19.72 22.73 -41.04
CA PRO J 336 -20.65 23.40 -41.96
C PRO J 336 -21.78 23.98 -41.13
N VAL J 337 -22.37 25.10 -41.56
CA VAL J 337 -23.46 25.68 -40.80
C VAL J 337 -24.79 25.44 -41.52
N PRO J 338 -25.47 24.35 -41.15
CA PRO J 338 -26.69 23.92 -41.86
C PRO J 338 -27.84 24.87 -41.64
N ARG J 339 -28.16 25.66 -42.66
CA ARG J 339 -29.26 26.61 -42.59
C ARG J 339 -29.63 27.06 -44.01
N PRO J 340 -30.88 27.52 -44.20
CA PRO J 340 -31.43 27.80 -45.53
C PRO J 340 -30.50 28.64 -46.42
N GLU J 341 -30.06 29.79 -45.92
CA GLU J 341 -29.25 30.70 -46.73
C GLU J 341 -27.91 30.08 -47.11
N ASN J 342 -27.31 29.33 -46.20
CA ASN J 342 -26.02 28.69 -46.47
C ASN J 342 -26.18 27.52 -47.43
N ALA J 343 -27.30 26.83 -47.32
CA ALA J 343 -27.59 25.71 -48.22
C ALA J 343 -27.84 26.21 -49.64
N GLU J 344 -28.23 27.49 -49.74
CA GLU J 344 -28.45 28.12 -51.02
C GLU J 344 -27.11 28.62 -51.61
N LEU J 345 -26.24 29.10 -50.73
CA LEU J 345 -24.92 29.58 -51.14
C LEU J 345 -24.08 28.39 -51.57
N TYR J 346 -24.21 27.29 -50.84
CA TYR J 346 -23.43 26.10 -51.14
C TYR J 346 -23.68 25.59 -52.55
N LYS J 347 -24.96 25.50 -52.93
CA LYS J 347 -25.30 24.97 -54.25
C LYS J 347 -24.65 25.75 -55.39
N LYS J 348 -24.47 27.06 -55.19
CA LYS J 348 -23.77 27.87 -56.18
C LYS J 348 -22.41 27.25 -56.46
N TYR J 349 -21.71 26.84 -55.42
CA TYR J 349 -20.43 26.17 -55.56
C TYR J 349 -20.62 24.72 -56.01
N GLU J 350 -21.69 24.09 -55.51
CA GLU J 350 -21.99 22.72 -55.89
C GLU J 350 -22.10 22.62 -57.39
N ALA J 351 -22.57 23.69 -58.01
CA ALA J 351 -22.67 23.76 -59.45
C ALA J 351 -21.28 23.78 -60.08
N LEU J 352 -20.44 24.68 -59.59
CA LEU J 352 -19.08 24.81 -60.09
C LEU J 352 -18.29 23.52 -59.88
N ALA J 353 -18.60 22.81 -58.80
CA ALA J 353 -17.89 21.59 -58.45
C ALA J 353 -18.31 20.44 -59.36
N ASP J 354 -19.61 20.32 -59.62
CA ASP J 354 -20.12 19.28 -60.51
C ASP J 354 -19.63 19.52 -61.94
N ALA J 355 -19.45 20.79 -62.29
CA ALA J 355 -18.98 21.14 -63.62
C ALA J 355 -17.49 20.87 -63.76
N ALA J 356 -16.75 21.04 -62.66
CA ALA J 356 -15.31 20.77 -62.66
C ALA J 356 -15.04 19.39 -63.22
N GLN J 357 -14.39 19.34 -64.37
CA GLN J 357 -14.22 18.09 -65.12
C GLN J 357 -13.43 17.02 -64.36
N ASP J 358 -12.15 17.28 -64.17
CA ASP J 358 -11.24 16.29 -63.60
C ASP J 358 -11.02 16.52 -62.09
N VAL J 359 -12.07 16.92 -61.40
CA VAL J 359 -11.99 17.15 -59.96
C VAL J 359 -13.19 16.58 -59.23
N THR J 360 -12.96 15.51 -58.47
CA THR J 360 -14.03 14.89 -57.68
C THR J 360 -14.02 15.46 -56.26
N PHE J 361 -15.17 15.98 -55.83
CA PHE J 361 -15.29 16.56 -54.50
C PHE J 361 -15.87 15.55 -53.51
N VAL J 362 -15.21 15.40 -52.38
CA VAL J 362 -15.64 14.44 -51.37
C VAL J 362 -15.19 14.87 -49.97
N GLY J 363 -16.04 14.63 -48.97
CA GLY J 363 -15.69 14.91 -47.59
C GLY J 363 -16.57 15.93 -46.91
N ARG J 364 -16.52 15.98 -45.58
CA ARG J 364 -17.35 16.89 -44.78
C ARG J 364 -17.26 18.33 -45.25
N LEU J 365 -16.05 18.79 -45.54
CA LEU J 365 -15.82 20.17 -45.94
C LEU J 365 -16.10 20.38 -47.43
N ALA J 366 -15.60 19.47 -48.26
CA ALA J 366 -15.71 19.60 -49.71
C ALA J 366 -17.15 19.50 -50.20
N THR J 367 -17.96 18.73 -49.50
CA THR J 367 -19.36 18.57 -49.89
C THR J 367 -20.30 19.27 -48.91
N TYR J 368 -19.71 19.97 -47.94
CA TYR J 368 -20.48 20.79 -47.02
C TYR J 368 -21.53 19.98 -46.28
N ARG J 369 -21.12 18.90 -45.64
CA ARG J 369 -22.06 18.05 -44.92
C ARG J 369 -21.61 17.80 -43.49
N TYR J 370 -22.52 17.98 -42.55
CA TYR J 370 -22.27 17.68 -41.15
C TYR J 370 -22.16 16.16 -41.00
N TYR J 371 -21.04 15.61 -41.43
CA TYR J 371 -20.83 14.16 -41.47
C TYR J 371 -19.95 13.65 -40.33
N ASN J 372 -20.32 12.51 -39.78
CA ASN J 372 -19.48 11.82 -38.83
C ASN J 372 -18.42 10.98 -39.55
N MET J 373 -17.39 10.56 -38.82
CA MET J 373 -16.31 9.81 -39.42
C MET J 373 -16.78 8.67 -40.32
N ASP J 374 -17.69 7.85 -39.81
CA ASP J 374 -18.15 6.68 -40.56
C ASP J 374 -18.86 7.08 -41.86
N GLN J 375 -19.74 8.06 -41.78
CA GLN J 375 -20.48 8.55 -42.95
C GLN J 375 -19.54 9.03 -44.06
N VAL J 376 -18.46 9.71 -43.67
CA VAL J 376 -17.49 10.19 -44.64
C VAL J 376 -16.77 9.01 -45.31
N VAL J 377 -16.49 7.98 -44.53
CA VAL J 377 -15.85 6.78 -45.06
C VAL J 377 -16.73 6.12 -46.13
N ALA J 378 -17.99 5.90 -45.79
CA ALA J 378 -18.95 5.34 -46.74
C ALA J 378 -18.99 6.18 -48.01
N GLN J 379 -19.08 7.49 -47.84
CA GLN J 379 -19.14 8.40 -48.98
C GLN J 379 -17.90 8.26 -49.87
N ALA J 380 -16.74 8.12 -49.23
CA ALA J 380 -15.49 7.97 -49.96
C ALA J 380 -15.44 6.64 -50.69
N LEU J 381 -16.02 5.61 -50.08
CA LEU J 381 -16.08 4.28 -50.67
C LEU J 381 -17.04 4.24 -51.85
N ALA J 382 -18.13 5.00 -51.75
CA ALA J 382 -19.11 5.07 -52.83
C ALA J 382 -18.49 5.80 -54.02
N THR J 383 -17.79 6.89 -53.74
CA THR J 383 -17.10 7.66 -54.77
C THR J 383 -16.13 6.78 -55.53
N PHE J 384 -15.36 5.97 -54.80
CA PHE J 384 -14.39 5.08 -55.40
C PHE J 384 -15.03 4.17 -56.44
N ARG J 385 -16.15 3.56 -56.06
CA ARG J 385 -16.85 2.64 -56.96
C ARG J 385 -17.25 3.32 -58.26
N ARG J 386 -17.67 4.59 -58.17
CA ARG J 386 -18.01 5.36 -59.36
C ARG J 386 -16.78 5.62 -60.21
N LEU J 387 -15.65 5.91 -59.56
CA LEU J 387 -14.39 6.11 -60.27
C LEU J 387 -13.94 4.82 -60.95
N GLN J 388 -14.63 3.72 -60.68
CA GLN J 388 -14.32 2.43 -61.27
C GLN J 388 -15.42 2.01 -62.24
N1 GDU K . -27.79 33.24 5.85
C2 GDU K . -28.31 32.34 6.55
N3 GDU K . -28.16 31.09 6.69
C4 GDU K . -27.21 30.58 5.88
C5 GDU K . -26.50 31.49 4.99
C6 GDU K . -26.82 32.80 5.01
O2 GDU K . -29.32 32.84 7.43
O4 GDU K . -26.94 29.38 5.87
C1D GDU K . -28.14 34.65 5.91
C2D GDU K . -27.34 35.63 6.79
O2D GDU K . -28.05 36.83 7.06
C3D GDU K . -26.16 35.93 5.90
C4D GDU K . -26.88 36.11 4.55
O4D GDU K . -28.07 35.30 4.62
O3D GDU K . -25.53 37.14 6.33
C5D GDU K . -26.03 36.00 3.28
O5D GDU K . -25.25 34.79 3.43
PA GDU K . -23.78 34.74 2.84
O1A GDU K . -23.30 33.32 2.83
O2A GDU K . -23.92 35.22 1.43
O3A GDU K . -22.81 35.63 3.74
PB GDU K . -21.25 35.85 3.49
O1B GDU K . -20.69 35.74 4.87
O2B GDU K . -20.84 37.18 2.98
O3B GDU K . -20.53 34.73 2.61
C1' GDU K . -19.24 34.66 1.94
C2' GDU K . -19.37 34.88 0.41
C3' GDU K . -20.49 33.95 -0.09
C4' GDU K . -19.95 32.50 0.03
C5' GDU K . -19.46 32.28 1.49
C6' GDU K . -18.65 30.97 1.66
O2' GDU K . -19.56 36.26 0.03
O3' GDU K . -20.84 34.32 -1.45
O4' GDU K . -18.89 32.33 -0.92
O5' GDU K . -18.75 33.33 2.19
O6' GDU K . -19.50 29.81 1.54
PA FAD L . -10.85 45.12 0.82
O1A FAD L . -11.17 44.94 2.25
O2A FAD L . -10.59 43.83 0.13
O5B FAD L . -9.56 46.01 0.70
C5B FAD L . -9.53 47.21 1.40
C4B FAD L . -8.15 47.49 1.94
O4B FAD L . -8.10 48.81 2.38
C3B FAD L . -7.85 46.64 3.14
O3B FAD L . -6.78 45.82 2.81
C2B FAD L . -7.45 47.62 4.22
O2B FAD L . -6.32 47.20 4.93
C1B FAD L . -7.15 48.85 3.40
N9A FAD L . -7.27 50.09 4.16
C8A FAD L . -8.41 50.58 4.71
N7A FAD L . -8.11 51.75 5.31
C5A FAD L . -6.79 51.99 5.14
C6A FAD L . -5.98 53.03 5.53
N6A FAD L . -6.41 53.93 6.41
N1A FAD L . -4.65 53.01 5.20
C2A FAD L . -4.15 51.97 4.47
N3A FAD L . -4.98 50.95 4.09
C4A FAD L . -6.28 50.95 4.42
N1 FAD L . -16.77 37.64 -2.16
C2 FAD L . -17.01 36.71 -3.12
O2 FAD L . -17.25 37.08 -4.25
N3 FAD L . -16.99 35.38 -2.83
C4 FAD L . -16.71 34.99 -1.55
O4 FAD L . -16.68 33.82 -1.25
C4X FAD L . -16.46 35.92 -0.58
N5 FAD L . -16.19 35.49 0.68
C5X FAD L . -15.93 36.41 1.66
C6 FAD L . -15.65 35.96 2.94
C7 FAD L . -15.40 36.85 3.94
C7M FAD L . -15.09 36.38 5.32
C8 FAD L . -15.40 38.20 3.67
C8M FAD L . -15.12 39.13 4.81
C9 FAD L . -15.69 38.67 2.40
C9A FAD L . -15.95 37.76 1.38
N10 FAD L . -16.22 38.18 0.10
C10 FAD L . -16.49 37.25 -0.88
C1' FAD L . -16.29 39.63 -0.24
C2' FAD L . -14.99 40.14 -0.86
O2' FAD L . -13.96 39.96 0.06
C3' FAD L . -15.12 41.62 -1.17
O3' FAD L . -16.06 41.78 -2.19
C4' FAD L . -13.81 42.25 -1.61
O4' FAD L . -12.80 41.76 -0.77
C5' FAD L . -13.87 43.76 -1.51
O5' FAD L . -12.68 44.39 -1.94
P FAD L . -12.28 45.87 -1.47
O1P FAD L . -10.99 46.24 -2.10
O2P FAD L . -13.31 46.85 -1.88
O3P FAD L . -12.06 45.87 0.10
N1 GDU M . -35.10 -25.85 9.11
C2 GDU M . -35.38 -25.51 7.93
N3 GDU M . -34.98 -24.63 7.11
C4 GDU M . -34.01 -23.85 7.62
C5 GDU M . -33.55 -24.11 8.98
C6 GDU M . -34.11 -25.11 9.67
O2 GDU M . -36.42 -26.32 7.36
O4 GDU M . -33.48 -22.96 6.97
C1D GDU M . -35.67 -26.94 9.88
C2D GDU M . -34.98 -28.33 9.92
O2D GDU M . -35.90 -29.43 10.09
C3D GDU M . -34.02 -28.18 11.09
C4D GDU M . -34.86 -27.37 12.07
O4D GDU M . -35.76 -26.58 11.28
O3D GDU M . -33.65 -29.46 11.62
C5D GDU M . -34.11 -26.71 13.23
O5D GDU M . -33.03 -25.98 12.62
PA GDU M . -31.64 -25.76 13.37
O1A GDU M . -30.85 -24.73 12.63
O2A GDU M . -32.02 -25.22 14.70
O3A GDU M . -30.84 -27.14 13.41
PB GDU M . -29.39 -27.47 13.99
O1B GDU M . -28.90 -28.45 12.98
O2B GDU M . -29.30 -28.20 15.30
O3B GDU M . -28.30 -26.30 14.05
C1' GDU M . -27.30 -25.96 15.04
C2' GDU M . -27.88 -25.16 16.23
C3' GDU M . -28.81 -24.11 15.59
C4' GDU M . -27.90 -23.09 14.87
C5' GDU M . -26.95 -23.87 13.92
C6' GDU M . -25.80 -22.99 13.38
O2' GDU M . -28.50 -25.99 17.23
O3' GDU M . -29.62 -23.50 16.62
O4' GDU M . -27.15 -22.38 15.88
O5' GDU M . -26.36 -25.11 14.36
O6' GDU M . -26.29 -22.17 12.30
PA FDA N . -21.80 -34.39 23.65
O1A FDA N . -21.35 -32.97 23.36
O2A FDA N . -22.06 -35.00 22.45
O5B FDA N . -20.71 -35.15 24.45
C5B FDA N . -20.86 -36.46 24.73
C4B FDA N . -19.63 -37.33 24.80
O4B FDA N . -19.55 -38.55 25.51
C3B FDA N . -18.69 -37.49 23.80
O3B FDA N . -17.62 -36.67 23.56
C2B FDA N . -18.63 -38.87 23.58
O2B FDA N . -17.82 -39.44 22.62
C1B FDA N . -19.40 -39.51 24.56
N9A FDA N . -19.51 -40.92 24.77
C8A FDA N . -20.48 -41.68 24.35
N7A FDA N . -20.22 -42.95 24.73
C5A FDA N . -19.03 -42.97 25.37
C6A FDA N . -18.29 -43.96 25.93
N6A FDA N . -18.77 -45.31 25.95
N1A FDA N . -17.18 -43.69 26.53
C2A FDA N . -16.73 -42.45 26.55
N3A FDA N . -17.47 -41.47 26.04
C4A FDA N . -18.60 -41.73 25.42
N1 FDA N . -25.65 -26.06 20.12
C2 FDA N . -25.57 -24.78 20.29
O2 FDA N . -25.74 -24.26 21.55
N3 FDA N . -25.33 -23.98 19.25
C4 FDA N . -25.17 -24.51 18.03
O4 FDA N . -24.91 -23.70 16.98
C4X FDA N . -25.25 -25.82 17.82
N5 FDA N . -24.81 -26.24 16.69
C5X FDA N . -24.57 -27.63 16.59
C6 FDA N . -24.19 -28.10 15.37
C7 FDA N . -23.98 -29.44 15.23
C7M FDA N . -23.55 -29.97 13.89
C8 FDA N . -24.16 -30.30 16.27
C8M FDA N . -23.91 -31.78 16.06
C9 FDA N . -24.55 -29.81 17.48
C9A FDA N . -24.76 -28.47 17.64
N10 FDA N . -25.19 -27.99 18.80
C10 FDA N . -25.48 -26.61 18.87
C1' FDA N . -25.53 -28.83 19.94
C2' FDA N . -24.41 -29.22 20.89
O2' FDA N . -23.44 -29.89 20.21
C3' FDA N . -24.89 -29.97 22.10
O3' FDA N . -25.85 -29.33 22.82
C4' FDA N . -23.81 -30.51 23.01
O4' FDA N . -22.84 -31.27 22.39
C5' FDA N . -24.30 -31.18 24.28
O5' FDA N . -23.31 -31.71 25.08
P FDA N . -23.32 -33.18 25.59
O1P FDA N . -24.68 -33.46 26.27
O2P FDA N . -22.34 -33.30 26.59
O3P FDA N . -23.11 -34.22 24.46
PA FAD O . -18.53 -32.86 -29.15
O1A FAD O . -18.47 -31.80 -30.17
O2A FAD O . -18.22 -32.36 -27.79
O5B FAD O . -17.48 -33.98 -29.52
C5B FAD O . -17.50 -34.49 -30.81
C4B FAD O . -16.11 -34.77 -31.29
O4B FAD O . -16.19 -35.53 -32.46
C3B FAD O . -15.38 -33.51 -31.68
O3B FAD O . -14.30 -33.39 -30.83
C2B FAD O . -14.93 -33.74 -33.10
O2B FAD O . -13.61 -33.32 -33.31
C1B FAD O . -15.05 -35.23 -33.21
N9A FAD O . -15.21 -35.70 -34.58
C8A FAD O . -16.25 -35.44 -35.40
N7A FAD O . -16.02 -36.05 -36.57
C5A FAD O . -14.86 -36.71 -36.50
C6A FAD O . -14.16 -37.50 -37.40
N6A FAD O . -14.53 -37.54 -38.67
N1A FAD O . -12.98 -38.05 -37.03
C2A FAD O . -12.49 -37.82 -35.76
N3A FAD O . -13.18 -37.04 -34.90
C4A FAD O . -14.34 -36.50 -35.25
N1 FAD O . -23.56 -27.25 -22.60
C2 FAD O . -23.87 -27.03 -21.28
O2 FAD O . -24.43 -27.90 -20.65
N3 FAD O . -23.54 -25.86 -20.67
C4 FAD O . -22.91 -24.89 -21.40
O4 FAD O . -22.59 -23.83 -20.90
C4X FAD O . -22.60 -25.10 -22.72
N5 FAD O . -21.97 -24.11 -23.40
C5X FAD O . -21.66 -24.31 -24.73
C6 FAD O . -21.01 -23.30 -25.41
C7 FAD O . -20.70 -23.47 -26.74
C7M FAD O . -20.00 -22.40 -27.49
C8 FAD O . -21.01 -24.65 -27.38
C8M FAD O . -20.62 -24.77 -28.82
C9 FAD O . -21.65 -25.67 -26.70
C9A FAD O . -21.98 -25.50 -25.36
N10 FAD O . -22.62 -26.48 -24.64
C10 FAD O . -22.94 -26.29 -23.33
C1' FAD O . -23.01 -27.77 -25.29
C2' FAD O . -22.02 -28.89 -25.05
O2' FAD O . -20.79 -28.51 -25.56
C3' FAD O . -22.47 -30.16 -25.74
O3' FAD O . -23.63 -30.61 -25.11
C4' FAD O . -21.42 -31.27 -25.69
O4' FAD O . -20.18 -30.69 -25.96
C5' FAD O . -21.73 -32.34 -26.72
O5' FAD O . -20.81 -33.41 -26.69
P FAD O . -20.57 -34.37 -27.95
O1P FAD O . -19.55 -35.38 -27.59
O2P FAD O . -21.83 -35.06 -28.32
O3P FAD O . -19.99 -33.50 -29.15
N1 GDU P . -31.45 -15.92 -26.88
C2 GDU P . -31.71 -14.70 -27.01
N3 GDU P . -31.42 -13.63 -26.38
C4 GDU P . -30.62 -13.85 -25.32
C5 GDU P . -30.22 -15.23 -25.03
C6 GDU P . -30.65 -16.20 -25.83
O2 GDU P . -32.55 -14.38 -28.11
O4 GDU P . -30.25 -12.95 -24.59
C1D GDU P . -31.89 -17.02 -27.73
C2D GDU P . -31.17 -17.34 -29.07
O2D GDU P . -32.06 -17.47 -30.19
C3D GDU P . -30.40 -18.63 -28.82
C4D GDU P . -31.30 -19.32 -27.80
O4D GDU P . -31.89 -18.28 -27.01
O3D GDU P . -30.33 -19.38 -30.03
C5D GDU P . -30.78 -20.60 -27.12
O5D GDU P . -30.48 -20.29 -25.74
PA GDU P . -28.98 -20.35 -25.17
O1A GDU P . -28.71 -19.07 -24.46
O2A GDU P . -28.99 -21.44 -24.15
O3A GDU P . -27.92 -20.50 -26.35
PB GDU P . -26.49 -21.21 -26.29
O1B GDU P . -25.68 -20.38 -27.24
O2B GDU P . -26.34 -22.61 -26.80
O3B GDU P . -25.74 -21.14 -24.88
C1' GDU P . -24.53 -21.72 -24.38
C2' GDU P . -24.77 -22.81 -23.31
C3' GDU P . -25.84 -22.29 -22.32
C4' GDU P . -25.26 -21.04 -21.59
C5' GDU P . -24.61 -20.09 -22.63
C6' GDU P . -23.75 -18.99 -21.97
O2' GDU P . -25.13 -24.08 -23.88
O3' GDU P . -26.16 -23.35 -21.38
O4' GDU P . -24.32 -21.49 -20.59
O5' GDU P . -23.85 -20.61 -23.75
O6' GDU P . -24.29 -18.66 -20.68
N1 GDU Q . 33.01 -3.39 -29.09
C2 GDU Q . 33.23 -4.41 -28.38
N3 GDU Q . 32.82 -4.83 -27.26
C4 GDU Q . 31.93 -4.03 -26.68
C5 GDU Q . 31.55 -2.79 -27.37
C6 GDU Q . 32.11 -2.53 -28.56
O2 GDU Q . 34.16 -5.32 -28.96
O4 GDU Q . 31.41 -4.28 -25.61
C1D GDU Q . 33.55 -3.09 -30.40
C2D GDU Q . 32.79 -3.61 -31.67
O2D GDU Q . 33.65 -3.91 -32.77
C3D GDU Q . 31.85 -2.46 -31.95
C4D GDU Q . 32.78 -1.28 -31.72
O4D GDU Q . 33.64 -1.67 -30.63
O3D GDU Q . 31.36 -2.51 -33.30
C5D GDU Q . 32.13 0.12 -31.70
O5D GDU Q . 31.21 0.05 -30.60
PA GDU Q . 30.00 1.07 -30.44
O1A GDU Q . 29.80 1.33 -28.99
O2A GDU Q . 30.44 2.33 -31.10
O3A GDU Q . 28.65 0.44 -31.01
PB GDU Q . 27.57 1.12 -31.97
O1B GDU Q . 27.12 -0.03 -32.79
O2B GDU Q . 28.00 2.16 -32.96
O3B GDU Q . 26.25 1.64 -31.19
C1' GDU Q . 25.57 2.90 -31.09
C2' GDU Q . 26.48 4.10 -30.73
C3' GDU Q . 27.41 3.69 -29.55
C4' GDU Q . 26.54 3.33 -28.32
C5' GDU Q . 25.34 2.44 -28.75
C6' GDU Q . 24.25 2.32 -27.64
O2' GDU Q . 27.21 4.59 -31.88
O3' GDU Q . 28.27 4.82 -29.27
O4' GDU Q . 26.09 4.55 -27.69
O5' GDU Q . 24.65 2.72 -29.99
O6' GDU Q . 24.75 1.60 -26.49
PA FDA R . 20.08 8.41 -41.59
O1A FDA R . 19.34 8.61 -40.18
O2A FDA R . 20.07 7.00 -41.95
O5B FDA R . 19.30 9.25 -42.71
C5B FDA R . 19.42 8.86 -44.06
C4B FDA R . 18.15 8.70 -44.87
O4B FDA R . 17.95 9.12 -46.23
C3B FDA R . 17.09 7.81 -44.58
O3B FDA R . 16.66 7.44 -43.30
C2B FDA R . 16.47 7.47 -45.81
O2B FDA R . 15.46 6.51 -45.98
C1B FDA R . 17.16 8.14 -46.85
N9A FDA R . 17.31 7.67 -48.21
C8A FDA R . 18.23 6.80 -48.65
N7A FDA R . 18.02 6.62 -50.01
C5A FDA R . 16.95 7.40 -50.38
C6A FDA R . 16.35 7.58 -51.58
N6A FDA R . 16.83 6.88 -52.76
N1A FDA R . 15.32 8.41 -51.68
C2A FDA R . 14.86 9.07 -50.59
N3A FDA R . 15.47 8.88 -49.39
C4A FDA R . 16.51 8.04 -49.29
N1 FDA R . 24.63 8.09 -32.78
C2 FDA R . 24.76 8.77 -31.63
O2 FDA R . 25.16 10.11 -31.63
N3 FDA R . 24.47 8.14 -30.42
C4 FDA R . 24.06 6.82 -30.42
O4 FDA R . 23.77 6.19 -29.20
C4X FDA R . 23.93 6.12 -31.60
N5 FDA R . 23.62 4.86 -31.59
C5X FDA R . 23.16 4.28 -32.82
C6 FDA R . 22.58 3.02 -32.81
C7 FDA R . 22.28 2.38 -34.01
C7M FDA R . 21.63 1.00 -34.01
C8 FDA R . 22.58 2.99 -35.21
C8M FDA R . 22.27 2.29 -36.53
C9 FDA R . 23.18 4.25 -35.21
C9A FDA R . 23.46 4.88 -34.01
N10 FDA R . 24.18 6.01 -34.00
C10 FDA R . 24.22 6.75 -32.77
C1' FDA R . 24.45 6.71 -35.25
C2' FDA R . 23.26 7.48 -35.81
O2' FDA R . 22.10 6.70 -35.99
C3' FDA R . 23.62 8.34 -37.02
O3' FDA R . 24.60 9.29 -36.76
C4' FDA R . 22.40 8.90 -37.75
O4' FDA R . 21.63 7.93 -38.40
C5' FDA R . 22.72 10.11 -38.63
O5' FDA R . 21.71 10.59 -39.47
P FDA R . 21.87 10.44 -41.05
O1P FDA R . 23.36 10.86 -41.48
O2P FDA R . 20.91 11.33 -41.72
O3P FDA R . 21.59 8.93 -41.49
PA FAD S . 15.07 14.52 41.79
O1A FAD S . 15.45 15.79 41.15
O2A FAD S . 14.64 13.49 40.82
O5B FAD S . 13.85 14.81 42.77
C5B FAD S . 13.99 15.85 43.69
C4B FAD S . 12.68 16.57 43.86
O4B FAD S . 12.78 17.42 44.97
C3B FAD S . 12.38 17.48 42.69
O3B FAD S . 11.22 17.00 42.10
C2B FAD S . 12.14 18.84 43.30
O2B FAD S . 11.03 19.48 42.76
C1B FAD S . 11.91 18.48 44.75
N9A FAD S . 12.21 19.57 45.66
C8A FAD S . 13.40 20.14 45.88
N7A FAD S . 13.24 21.10 46.81
C5A FAD S . 11.96 21.14 47.18
C6A FAD S . 11.27 21.92 48.09
N6A FAD S . 11.85 22.99 48.63
N1A FAD S . 9.94 21.72 48.27
C2A FAD S . 9.30 20.74 47.54
N3A FAD S . 9.99 19.99 46.65
C4A FAD S . 11.30 20.18 46.48
N1 FAD S . 20.05 8.81 35.29
C2 FAD S . 20.14 7.59 34.70
O2 FAD S . 20.34 6.61 35.39
N3 FAD S . 20.01 7.44 33.35
C4 FAD S . 19.78 8.56 32.59
O4 FAD S . 19.66 8.48 31.39
C4X FAD S . 19.69 9.80 33.17
N5 FAD S . 19.45 10.87 32.38
C5X FAD S . 19.35 12.12 32.96
C6 FAD S . 19.12 13.21 32.13
C7 FAD S . 19.01 14.46 32.69
C7M FAD S . 18.76 15.64 31.82
C8 FAD S . 19.13 14.63 34.05
C8M FAD S . 19.00 16.03 34.58
C9 FAD S . 19.37 13.54 34.88
C9A FAD S . 19.48 12.28 34.32
N10 FAD S . 19.70 11.17 35.11
C10 FAD S . 19.81 9.93 34.53
C1' FAD S . 19.88 11.29 36.59
C2' FAD S . 18.61 10.99 37.36
O2' FAD S . 17.63 11.89 36.97
C3' FAD S . 18.85 11.15 38.85
O3' FAD S . 19.73 10.16 39.27
C4' FAD S . 17.58 11.05 39.67
O4' FAD S . 16.58 11.79 39.01
C5' FAD S . 17.79 11.63 41.07
O5' FAD S . 16.64 11.52 41.88
P FAD S . 16.40 12.46 43.15
O1P FAD S . 15.12 12.11 43.78
O2P FAD S . 17.50 12.30 44.14
O3P FAD S . 16.30 13.98 42.65
N1 GDU T . 31.17 14.03 27.70
C2 GDU T . 31.62 14.35 26.56
N3 GDU T . 31.34 14.07 25.36
C4 GDU T . 30.32 13.21 25.24
C5 GDU T . 29.66 12.73 26.47
C6 GDU T . 30.12 13.17 27.64
O2 GDU T . 32.72 15.27 26.64
O4 GDU T . 29.91 12.82 24.16
C1D GDU T . 31.65 14.48 28.98
C2D GDU T . 31.02 15.71 29.69
O2D GDU T . 31.88 16.28 30.68
C3D GDU T . 29.80 15.09 30.33
C4D GDU T . 30.42 13.79 30.88
O4D GDU T . 31.48 13.45 29.97
O3D GDU T . 29.30 15.93 31.36
C5D GDU T . 29.46 12.70 31.35
O5D GDU T . 28.54 12.45 30.27
PA GDU T . 27.06 11.95 30.56
O1A GDU T . 26.38 11.70 29.27
O2A GDU T . 27.18 10.66 31.28
O3A GDU T . 26.30 13.09 31.38
PB GDU T . 24.73 13.34 31.55
O1B GDU T . 24.59 14.72 31.02
O2B GDU T . 24.19 13.42 32.94
O3B GDU T . 23.77 12.39 30.69
C1' GDU T . 22.65 11.54 31.02
C2' GDU T . 23.03 10.10 31.47
C3' GDU T . 23.97 9.47 30.41
C4' GDU T . 23.18 9.30 29.10
C5' GDU T . 22.51 10.66 28.75
C6' GDU T . 21.52 10.55 27.57
O2' GDU T . 23.60 10.07 32.80
O3' GDU T . 24.46 8.22 30.93
O4' GDU T . 22.19 8.25 29.27
O5' GDU T . 21.87 11.44 29.80
O6' GDU T . 22.20 10.06 26.40
PA FAD U . 12.41 -39.30 -22.10
O1A FAD U . 12.44 -39.96 -20.78
O2A FAD U . 12.24 -37.83 -22.00
O5B FAD U . 11.20 -39.90 -22.93
C5B FAD U . 11.10 -41.28 -23.02
C4B FAD U . 9.65 -41.70 -23.00
O4B FAD U . 9.57 -43.04 -23.36
C3B FAD U . 9.08 -41.62 -21.59
O3B FAD U . 8.07 -40.69 -21.61
C2B FAD U . 8.53 -43.00 -21.33
O2B FAD U . 7.27 -42.97 -20.73
C1B FAD U . 8.45 -43.56 -22.73
N9A FAD U . 8.48 -45.02 -22.77
C8A FAD U . 9.50 -45.82 -22.39
N7A FAD U . 9.14 -47.09 -22.59
C5A FAD U . 7.90 -47.11 -23.10
C6A FAD U . 7.06 -48.13 -23.50
N6A FAD U . 7.36 -49.39 -23.21
N1A FAD U . 5.84 -47.84 -24.01
C2A FAD U . 5.44 -46.54 -24.11
N3A FAD U . 6.27 -45.54 -23.73
C4A FAD U . 7.48 -45.82 -23.23
N1 FAD U . 18.46 -31.86 -19.34
C2 FAD U . 18.85 -30.57 -19.55
O2 FAD U . 19.32 -30.27 -20.63
N3 FAD U . 18.71 -29.61 -18.59
C4 FAD U . 18.18 -29.97 -17.38
O4 FAD U . 18.03 -29.16 -16.50
C4X FAD U . 17.79 -31.25 -17.16
N5 FAD U . 17.25 -31.57 -15.94
C5X FAD U . 16.85 -32.85 -15.69
C6 FAD U . 16.31 -33.16 -14.45
C7 FAD U . 15.91 -34.44 -14.18
C7M FAD U . 15.33 -34.78 -12.86
C8 FAD U . 16.03 -35.42 -15.14
C8M FAD U . 15.56 -36.79 -14.77
C9 FAD U . 16.57 -35.13 -16.39
C9A FAD U . 16.98 -33.83 -16.66
N10 FAD U . 17.52 -33.50 -17.89
C10 FAD U . 17.93 -32.21 -18.12
C1' FAD U . 17.70 -34.53 -18.95
C2' FAD U . 16.59 -34.52 -19.98
O2' FAD U . 15.39 -34.81 -19.32
C3' FAD U . 16.83 -35.60 -21.01
O3' FAD U . 17.95 -35.24 -21.76
C4' FAD U . 15.65 -35.79 -21.96
O4' FAD U . 14.49 -35.77 -21.20
C5' FAD U . 15.76 -37.11 -22.70
O5' FAD U . 14.71 -37.32 -23.62
P FAD U . 14.29 -38.78 -24.12
O1P FAD U . 13.16 -38.65 -25.07
O2P FAD U . 15.42 -39.46 -24.80
O3P FAD U . 13.77 -39.62 -22.88
N1 GDU V . 27.55 -33.29 -8.12
C2 GDU V . 27.94 -33.00 -6.96
N3 GDU V . 27.76 -32.03 -6.16
C4 GDU V . 26.96 -31.07 -6.66
C5 GDU V . 26.43 -31.24 -8.01
C6 GDU V . 26.75 -32.35 -8.68
O2 GDU V . 28.78 -33.99 -6.36
O4 GDU V . 26.70 -30.06 -6.02
C1D GDU V . 27.87 -34.47 -8.89
C2D GDU V . 26.97 -35.74 -8.90
O2D GDU V . 27.71 -36.95 -9.08
C3D GDU V . 26.03 -35.46 -10.06
C4D GDU V . 27.01 -34.87 -11.07
O4D GDU V . 28.00 -34.16 -10.30
O3D GDU V . 25.42 -36.65 -10.54
C5D GDU V . 26.39 -34.18 -12.28
O5D GDU V . 25.49 -33.20 -11.72
PA GDU V . 24.24 -32.68 -12.57
O1A GDU V . 23.64 -31.51 -11.88
O2A GDU V . 24.79 -32.23 -13.87
O3A GDU V . 23.20 -33.89 -12.67
PB GDU V . 21.62 -33.83 -12.84
O1B GDU V . 21.17 -34.35 -11.51
O2B GDU V . 20.96 -34.74 -13.82
O3B GDU V . 20.95 -32.39 -12.99
C1' GDU V . 19.94 -31.89 -13.89
C2' GDU V . 20.49 -31.36 -15.24
C3' GDU V . 21.65 -30.36 -14.98
C4' GDU V . 21.10 -29.16 -14.16
C5' GDU V . 20.19 -29.66 -13.00
C6' GDU V . 19.34 -28.53 -12.39
O2' GDU V . 20.86 -32.42 -16.13
O3' GDU V . 22.17 -29.94 -16.26
O4' GDU V . 20.37 -28.30 -15.07
O5' GDU V . 19.31 -30.79 -13.19
O6' GDU V . 20.13 -27.78 -11.44
N1 GDU W . -32.58 5.13 28.85
C2 GDU W . -33.12 4.20 28.21
N3 GDU W . -32.90 3.62 27.12
C4 GDU W . -31.81 4.08 26.47
C5 GDU W . -31.05 5.17 27.09
C6 GDU W . -31.47 5.65 28.27
O2 GDU W . -34.28 3.65 28.83
O4 GDU W . -31.45 3.64 25.40
C1D GDU W . -32.96 5.67 30.14
C2D GDU W . -32.34 5.09 31.44
O2D GDU W . -33.26 5.06 32.53
C3D GDU W . -31.15 6.00 31.67
C4D GDU W . -31.79 7.34 31.35
O4D GDU W . -32.69 7.09 30.25
O3D GDU W . -30.69 5.92 33.02
C5D GDU W . -30.87 8.58 31.36
O5D GDU W . -30.16 8.62 30.10
PA GDU W . -28.59 8.88 30.01
O1A GDU W . -28.01 7.93 29.03
O2A GDU W . -28.48 10.25 29.44
O3A GDU W . -27.87 8.66 31.42
PB GDU W . -26.32 8.39 31.73
O1B GDU W . -26.30 6.91 31.95
O2B GDU W . -25.72 8.98 32.95
O3B GDU W . -25.29 8.67 30.54
C1' GDU W . -24.14 9.55 30.46
C2' GDU W . -24.49 11.02 30.10
C3' GDU W . -25.49 11.03 28.92
C4' GDU W . -24.78 10.41 27.69
C5' GDU W . -24.03 9.10 28.10
C6' GDU W . -23.04 8.61 27.01
O2' GDU W . -24.94 11.79 31.23
O3' GDU W . -25.93 12.38 28.69
O4' GDU W . -23.87 11.40 27.15
O5' GDU W . -23.34 9.02 29.38
O6' GDU W . -23.78 8.23 25.83
PA FDA X . -17.05 13.77 41.18
O1A FDA X . -16.12 13.83 39.95
O2A FDA X . -17.29 12.44 41.50
O5B FDA X . -16.34 14.43 42.37
C5B FDA X . -16.35 13.68 43.51
C4B FDA X . -15.03 13.40 44.17
O4B FDA X . -14.67 13.75 45.46
C3B FDA X . -14.19 12.38 43.83
O3B FDA X . -14.27 11.75 42.64
C2B FDA X . -13.74 11.80 45.01
O2B FDA X . -12.69 10.89 45.11
C1B FDA X . -14.21 12.60 46.06
N9A FDA X . -14.43 12.22 47.41
C8A FDA X . -15.50 11.60 47.79
N7A FDA X . -15.35 11.28 49.09
C5A FDA X . -14.15 11.73 49.49
C6A FDA X . -13.57 11.72 50.71
N6A FDA X . -14.27 11.08 51.80
N1A FDA X . -12.42 12.29 50.89
C2A FDA X . -11.79 12.82 49.84
N3A FDA X . -12.39 12.85 48.65
C4A FDA X . -13.58 12.32 48.48
N1 FDA X . -21.55 13.90 32.23
C2 FDA X . -21.64 14.45 31.05
O2 FDA X . -21.74 15.81 30.93
N3 FDA X . -21.62 13.73 29.92
C4 FDA X . -21.52 12.42 30.02
O4 FDA X . -21.51 11.66 28.89
C4X FDA X . -21.43 11.79 31.21
N5 FDA X . -21.34 10.52 31.25
C5X FDA X . -21.38 9.88 32.53
C6 FDA X . -21.13 8.52 32.58
C7 FDA X . -20.82 7.93 33.77
C7M FDA X . -20.51 6.46 33.87
C8 FDA X . -20.78 8.69 34.91
C8M FDA X . -20.43 8.07 36.23
C9 FDA X . -21.06 10.03 34.86
C9A FDA X . -21.38 10.63 33.66
N10 FDA X . -21.38 11.94 33.60
C10 FDA X . -21.45 12.54 32.33
C1' FDA X . -21.59 12.76 34.77
C2' FDA X . -20.35 13.37 35.41
O2' FDA X . -19.47 12.45 35.93
C3' FDA X . -20.66 14.40 36.47
O3' FDA X . -21.57 15.37 36.12
C4' FDA X . -19.40 14.91 37.13
O4' FDA X . -18.60 13.90 37.57
C5' FDA X . -19.61 15.90 38.24
O5' FDA X . -18.48 16.20 38.99
P FDA X . -18.53 16.03 40.55
O1P FDA X . -19.88 16.58 41.01
O2P FDA X . -17.44 16.71 41.09
O3P FDA X . -18.41 14.51 40.89
PA FAD Y . 9.64 -35.01 29.24
O1A FAD Y . 9.89 -33.98 30.26
O2A FAD Y . 9.46 -34.44 27.88
O5B FAD Y . 8.34 -35.81 29.63
C5B FAD Y . 8.24 -36.31 30.92
C4B FAD Y . 6.84 -36.21 31.44
O4B FAD Y . 6.74 -36.96 32.61
C3B FAD Y . 6.49 -34.80 31.83
O3B FAD Y . 5.46 -34.37 31.00
C2B FAD Y . 6.02 -34.89 33.26
O2B FAD Y . 4.87 -34.14 33.49
C1B FAD Y . 5.74 -36.37 33.38
N9A FAD Y . 5.80 -36.87 34.74
C8A FAD Y . 6.88 -36.90 35.54
N7A FAD Y . 6.51 -37.43 36.72
C5A FAD Y . 5.22 -37.74 36.68
C6A FAD Y . 4.36 -38.32 37.58
N6A FAD Y . 4.73 -38.47 38.85
N1A FAD Y . 3.05 -38.53 37.24
C2A FAD Y . 2.61 -38.18 35.99
N3A FAD Y . 3.48 -37.61 35.10
C4A FAD Y . 4.75 -37.39 35.43
N1 FAD Y . 15.87 -30.95 22.57
C2 FAD Y . 16.19 -30.81 21.25
O2 FAD Y . 16.48 -31.80 20.61
N3 FAD Y . 16.19 -29.59 20.65
C4 FAD Y . 15.85 -28.49 21.39
O4 FAD Y . 15.83 -27.39 20.89
C4X FAD Y . 15.53 -28.62 22.70
N5 FAD Y . 15.20 -27.50 23.41
C5X FAD Y . 14.87 -27.61 24.73
C6 FAD Y . 14.54 -26.46 25.44
C7 FAD Y . 14.21 -26.55 26.77
C7M FAD Y . 13.85 -25.32 27.53
C8 FAD Y . 14.21 -27.77 27.40
C8M FAD Y . 13.84 -27.78 28.84
C9 FAD Y . 14.54 -28.92 26.71
C9A FAD Y . 14.88 -28.85 25.37
N10 FAD Y . 15.20 -29.96 24.64
C10 FAD Y . 15.54 -29.85 23.31
C1' FAD Y . 15.25 -31.32 25.29
C2' FAD Y . 13.98 -32.12 25.05
O2' FAD Y . 12.92 -31.42 25.60
C3' FAD Y . 14.09 -33.47 25.74
O3' FAD Y . 15.07 -34.21 25.09
C4' FAD Y . 12.79 -34.25 25.71
O4' FAD Y . 11.76 -33.36 26.01
C5' FAD Y . 12.81 -35.37 26.75
O5' FAD Y . 11.63 -36.14 26.73
P FAD Y . 11.18 -37.01 28.00
O1P FAD Y . 9.91 -37.70 27.66
O2P FAD Y . 12.20 -38.02 28.34
O3P FAD Y . 10.88 -36.03 29.21
N1 GDU Z . 26.55 -22.33 26.52
C2 GDU Z . 26.97 -21.15 26.62
N3 GDU Z . 26.84 -20.08 25.98
C4 GDU Z . 26.02 -20.20 24.91
C5 GDU Z . 25.43 -21.51 24.64
C6 GDU Z . 25.72 -22.53 25.46
O2 GDU Z . 27.83 -20.95 27.76
O4 GDU Z . 25.77 -19.26 24.18
C1D GDU Z . 26.83 -23.45 27.39
C2D GDU Z . 25.97 -23.69 28.67
O2D GDU Z . 26.73 -24.16 29.78
C3D GDU Z . 24.90 -24.67 28.20
C4D GDU Z . 25.67 -25.51 27.19
O4D GDU Z . 26.76 -24.73 26.72
O3D GDU Z . 24.47 -25.43 29.32
C5D GDU Z . 24.81 -26.28 26.17
O5D GDU Z . 23.91 -25.32 25.59
PA GDU Z . 22.45 -25.74 25.09
O1A GDU Z . 21.99 -24.74 24.09
O2A GDU Z . 22.65 -27.05 24.40
O3A GDU Z . 21.44 -25.76 26.33
PB GDU Z . 19.85 -25.79 26.32
O1B GDU Z . 19.49 -24.77 27.34
O2B GDU Z . 19.17 -27.04 26.79
O3B GDU Z . 19.12 -25.33 24.97
C1' GDU Z . 18.15 -25.98 24.14
C2' GDU Z . 18.77 -27.01 23.16
C3' GDU Z . 19.94 -26.31 22.43
C4' GDU Z . 19.33 -25.22 21.50
C5' GDU Z . 18.39 -24.32 22.36
C6' GDU Z . 17.48 -23.42 21.48
O2' GDU Z . 19.17 -28.23 23.83
O3' GDU Z . 20.69 -27.32 21.70
O4' GDU Z . 18.62 -25.86 20.42
O5' GDU Z . 17.54 -24.91 23.37
O6' GDU Z . 18.25 -22.39 20.80
PA FAD AA . 20.90 41.35 -1.68
O1A FAD AA . 21.17 41.10 -3.11
O2A FAD AA . 20.37 40.15 -0.98
O5B FAD AA . 19.85 42.51 -1.56
C5B FAD AA . 20.08 43.69 -2.27
C4B FAD AA . 18.80 44.25 -2.80
O4B FAD AA . 19.04 45.55 -3.27
C3B FAD AA . 18.30 43.49 -4.00
O3B FAD AA . 17.08 42.92 -3.66
C2B FAD AA . 18.13 44.53 -5.08
O2B FAD AA . 16.93 44.37 -5.79
C1B FAD AA . 18.12 45.80 -4.27
N9A FAD AA . 18.52 46.97 -5.04
C8A FAD AA . 19.72 47.20 -5.60
N7A FAD AA . 19.68 48.40 -6.19
C5A FAD AA . 18.46 48.93 -6.03
C6A FAD AA . 17.90 50.12 -6.43
N6A FAD AA . 18.52 50.90 -7.31
N1A FAD AA . 16.61 50.40 -6.09
C2A FAD AA . 15.89 49.49 -5.35
N3A FAD AA . 16.47 48.33 -4.96
C4A FAD AA . 17.73 48.04 -5.29
N1 FAD AA . 25.01 32.75 1.31
C2 FAD AA . 25.05 31.78 2.28
O2 FAD AA . 25.37 32.09 3.41
N3 FAD AA . 24.72 30.49 2.00
C4 FAD AA . 24.36 30.16 0.72
O4 FAD AA . 24.06 29.03 0.43
C4X FAD AA . 24.32 31.12 -0.25
N5 FAD AA . 23.95 30.76 -1.51
C5X FAD AA . 23.89 31.71 -2.50
C6 FAD AA . 23.51 31.32 -3.78
C7 FAD AA . 23.46 32.26 -4.77
C7M FAD AA . 23.06 31.86 -6.15
C8 FAD AA . 23.78 33.57 -4.52
C8M FAD AA . 23.69 34.53 -5.66
C9 FAD AA . 24.16 33.97 -3.25
C9A FAD AA . 24.22 33.03 -2.23
N10 FAD AA . 24.58 33.38 -0.95
C10 FAD AA . 24.65 32.42 0.03
C1' FAD AA . 24.98 34.78 -0.61
C2' FAD AA . 23.84 35.57 0.00
O2' FAD AA . 22.79 35.62 -0.91
C3' FAD AA . 24.29 36.99 0.31
O3' FAD AA . 25.25 36.94 1.32
C4' FAD AA . 23.16 37.90 0.75
O4' FAD AA . 22.07 37.65 -0.08
C5' FAD AA . 23.56 39.36 0.64
O5' FAD AA . 22.55 40.24 1.07
P FAD AA . 22.48 41.77 0.59
O1P FAD AA . 21.30 42.41 1.23
O2P FAD AA . 23.70 42.50 0.99
O3P FAD AA . 22.26 41.81 -0.98
N1 GDU BA . 34.77 25.85 -6.82
C2 GDU BA . 35.06 24.87 -7.56
N3 GDU BA . 34.62 23.69 -7.70
C4 GDU BA . 33.61 23.40 -6.87
C5 GDU BA . 33.15 24.43 -5.93
C6 GDU BA . 33.75 25.61 -5.96
O2 GDU BA . 36.12 25.14 -8.47
O4 GDU BA . 33.07 22.30 -6.88
C1D GDU BA . 35.38 27.16 -6.84
C2D GDU BA . 34.78 28.25 -7.76
O2D GDU BA . 35.74 29.19 -8.24
C3D GDU BA . 33.72 28.87 -6.85
C4D GDU BA . 34.47 28.90 -5.52
O4D GDU BA . 35.39 27.79 -5.54
O3D GDU BA . 33.33 30.16 -7.31
C5D GDU BA . 33.65 29.16 -4.25
O5D GDU BA . 32.60 28.16 -4.20
PA GDU BA . 31.18 28.50 -3.57
O1A GDU BA . 30.36 27.26 -3.46
O2A GDU BA . 31.44 28.97 -2.18
O3A GDU BA . 30.45 29.56 -4.51
PB GDU BA . 28.91 29.95 -4.56
O1B GDU BA . 28.59 29.74 -6.00
O2B GDU BA . 28.52 31.36 -4.30
O3B GDU BA . 27.90 29.00 -3.73
C1' GDU BA . 26.77 29.30 -2.86
C2' GDU BA . 27.16 29.57 -1.38
C3' GDU BA . 28.05 28.42 -0.84
C4' GDU BA . 27.26 27.08 -0.91
C5' GDU BA . 26.51 26.96 -2.27
C6' GDU BA . 25.42 25.86 -2.27
O2' GDU BA . 27.79 30.85 -1.22
O3' GDU BA . 28.43 28.77 0.52
O4' GDU BA . 26.34 27.00 0.21
O5' GDU BA . 25.92 28.13 -2.90
O6' GDU BA . 25.93 24.61 -2.81
PA FAD CA . -10.93 16.39 -42.44
O1A FAD CA . -11.02 17.73 -41.84
O2A FAD CA . -10.76 15.32 -41.43
O5B FAD CA . -9.69 16.37 -43.42
C5B FAD CA . -9.58 17.38 -44.36
C4B FAD CA . -8.14 17.79 -44.55
O4B FAD CA . -8.04 18.60 -45.67
C3B FAD CA . -7.64 18.62 -43.40
O3B FAD CA . -6.61 17.92 -42.78
C2B FAD CA . -7.10 19.87 -44.04
O2B FAD CA . -5.87 20.27 -43.50
C1B FAD CA . -6.95 19.44 -45.48
N9A FAD CA . -6.99 20.54 -46.43
C8A FAD CA . -8.03 21.36 -46.67
N7A FAD CA . -7.65 22.23 -47.61
C5A FAD CA . -6.39 21.98 -47.97
C6A FAD CA . -5.55 22.54 -48.90
N6A FAD CA . -5.86 23.69 -49.48
N1A FAD CA . -4.29 22.04 -49.07
C2A FAD CA . -3.88 20.97 -48.31
N3A FAD CA . -4.74 20.41 -47.41
C4A FAD CA . -5.97 20.90 -47.24
N1 FAD CA . -17.09 12.15 -35.83
C2 FAD CA . -17.47 11.00 -35.20
O2 FAD CA . -17.89 10.08 -35.87
N3 FAD CA . -17.38 10.87 -33.86
C4 FAD CA . -16.91 11.92 -33.12
O4 FAD CA . -16.81 11.85 -31.93
C4X FAD CA . -16.53 13.07 -33.73
N5 FAD CA . -16.06 14.11 -32.97
C5X FAD CA . -15.67 15.27 -33.58
C6 FAD CA . -15.20 16.30 -32.78
C7 FAD CA . -14.81 17.48 -33.37
C7M FAD CA . -14.29 18.60 -32.53
C8 FAD CA . -14.88 17.64 -34.74
C8M FAD CA . -14.44 18.95 -35.30
C9 FAD CA . -15.35 16.61 -35.54
C9A FAD CA . -15.76 15.42 -34.95
N10 FAD CA . -16.23 14.37 -35.71
C10 FAD CA . -16.62 13.21 -35.10
C1' FAD CA . -16.37 14.49 -37.19
C2' FAD CA . -15.20 13.88 -37.94
O2' FAD CA . -14.04 14.56 -37.56
C3' FAD CA . -15.39 14.06 -39.43
O3' FAD CA . -16.47 13.27 -39.83
C4' FAD CA . -14.17 13.65 -40.26
O4' FAD CA . -13.05 14.15 -39.60
C5' FAD CA . -14.24 14.20 -41.66
O5' FAD CA . -13.15 13.83 -42.46
P FAD CA . -12.71 14.66 -43.75
O1P FAD CA . -11.53 14.00 -44.36
O2P FAD CA . -13.80 14.71 -44.74
O3P FAD CA . -12.25 16.11 -43.30
N1 GDU DA . -26.62 19.91 -28.45
C2 GDU DA . -27.02 20.43 -27.37
N3 GDU DA . -26.85 20.21 -26.15
C4 GDU DA . -26.05 19.16 -25.90
C5 GDU DA . -25.50 18.42 -27.04
C6 GDU DA . -25.81 18.83 -28.27
O2 GDU DA . -27.87 21.55 -27.59
O4 GDU DA . -25.78 18.81 -24.77
C1D GDU DA . -26.94 20.33 -29.80
C2D GDU DA . -26.03 21.33 -30.55
O2D GDU DA . -26.75 22.15 -31.48
C3D GDU DA . -25.02 20.41 -31.20
C4D GDU DA . -25.94 19.27 -31.66
O4D GDU DA . -27.01 19.21 -30.71
O3D GDU DA . -24.35 21.06 -32.27
C5D GDU DA . -25.26 17.97 -32.10
O5D GDU DA . -24.29 17.64 -31.08
PA GDU DA . -22.98 16.80 -31.43
O1A GDU DA . -22.34 16.36 -30.17
O2A GDU DA . -23.49 15.60 -32.16
O3A GDU DA . -21.97 17.70 -32.27
PB GDU DA . -20.38 17.65 -32.36
O1B GDU DA . -19.99 18.93 -31.72
O2B GDU DA . -19.72 17.67 -33.71
O3B GDU DA . -19.63 16.51 -31.52
C1' GDU DA . -18.75 15.44 -31.94
C2' GDU DA . -19.55 14.22 -32.43
C3' GDU DA . -20.66 13.96 -31.40
C4' GDU DA . -20.01 13.57 -30.04
C5' GDU DA . -18.86 14.57 -29.70
C6' GDU DA . -17.92 14.07 -28.57
O2' GDU DA . -20.03 14.41 -33.78
O3' GDU DA . -21.54 12.92 -31.92
O4' GDU DA . -19.52 12.22 -30.12
O5' GDU DA . -18.01 15.07 -30.76
O6' GDU DA . -18.64 13.90 -27.34
#